data_9HEK
#
_entry.id   9HEK
#
_cell.length_a   1.00
_cell.length_b   1.00
_cell.length_c   1.00
_cell.angle_alpha   90.00
_cell.angle_beta   90.00
_cell.angle_gamma   90.00
#
_symmetry.space_group_name_H-M   'P 1'
#
loop_
_entity.id
_entity.type
_entity.pdbx_description
1 polymer 'Scavenger receptor cysteine-rich type 1 protein M130'
2 polymer 'Hemoglobin subunit alpha'
3 polymer 'Hemoglobin subunit beta'
4 polymer 'Isoform 2 of Haptoglobin'
5 branched 2-acetamido-2-deoxy-beta-D-glucopyranose-(1-4)-2-acetamido-2-deoxy-beta-D-glucopyranose
6 branched beta-D-mannopyranose-(1-4)-2-acetamido-2-deoxy-beta-D-glucopyranose-(1-4)-2-acetamido-2-deoxy-beta-D-glucopyranose
7 non-polymer 2-acetamido-2-deoxy-beta-D-glucopyranose
8 non-polymer 'CALCIUM ION'
9 non-polymer 'PROTOPORPHYRIN IX CONTAINING FE'
10 non-polymer 'OXYGEN MOLECULE'
#
loop_
_entity_poly.entity_id
_entity_poly.type
_entity_poly.pdbx_seq_one_letter_code
_entity_poly.pdbx_strand_id
1 'polypeptide(L)'
;MSKLRMVLLEDSGSADFRRHFVNLSPFTITVVLLLSACFVTSSLGGTDKELRLVDGENKCSGRVEVKVQEEWGTVCNNGW
SMEAVSVICNQLGCPTAIKAPGWANSSAGSGRIWMDHVSCRGNESALWDCKHDGWGKHSNCTHQQDAGVTCSDGSNLEMR
LTRGGNMCSGRIEIKFQGRWGTVCDDNFNIDHASVICRQLECGSAVSFSGSSNFGEGSGPIWFDDLICNGNESALWNCKH
QGWGKHNCDHAEDAGVICSKGADLSLRLVDGVTECSGRLEVRFQGEWGTICDDGWDSYDAAVACKQLGCPTAVTAIGRVN
ASKGFGHIWLDSVSCQGHEPAIWQCKHHEWGKHYCNHNEDAGVTCSDGSDLELRLRGGGSRCAGTVEVEIQRLLGKVCDR
GWGLKEADVVCRQLGCGSALKTSYQVYSKIQATNTWLFLSSCNGNETSLWDCKNWQWGGLTCDHYEEAKITCSAHREPRL
VGGDIPCSGRVEVKHGDTWGSICDSDFSLEAASVLCRELQCGTVVSILGGAHFGEGNGQIWAEEFQCEGHESHLSLCPVA
PRPEGTCSHSRDVGVVCSRYTEIRLVNGKTPCEGRVELKTLGAWGSLCNSHWDIEDAHVLCQQLKCGVALSTPGGARFGK
GNGQIWRHMFHCTGTEQHMGDCPVTALGASLCPSEQVASVICSGNQSQTLSSCNSSSLGPTRPTIPEESAVACIESGQLR
LVNGGGRCAGRVEIYHEGSWGTICDDSWDLSDAHVVCRQLGCGEAINATGSAHFGEGTGPIWLDEMKCNGKESRIWQCHS
HGWGQQNCRHKEDAGVICSEFMSLRLTSEASREACAGRLEVFYNGAWGTVGKSSMSETTVGVVCRQLGCADKGKINPASL
DKAMSIPMWVDNVQCPKGPDTLWQCPSSPWEKRLASPSEETWITCDNKIRLQEGPTSCSGRVEIWHGGSWGTVCDDSWDL
DDAQVVCQQLGCGPALKAFKEAEFGQGTGPIWLNEVKCKGNESSLWDCPARRWGHSECGHKEDAAVNCTDISVQKTPQKA
TTGRSSRQSSFIAVGILGVVLLAIFVALFFLTKKRRQRQRLAVSSRGENLVHQIQYREMNSCLNADDLDLMNSSENSHES
ADFSAAELISVSKFLPISGMEKEAILSHTEKENGNL
;
A,C,B
2 'polypeptide(L)'
;MVLSPADKTNVKAAWGKVGAHAGEYGAEALERMFLSFPTTKTYFPHFDLSHGSAQVKGHGKKVADALTNAVAHVDDMPNA
LSALSDLHAHKLRVDPVNFKLLSHCLLVTLAAHLPAEFTPAVHASLDKFLASVSTVLTSKYR
;
D
3 'polypeptide(L)'
;MVHLTPEEKSAVTALWGKVNVDEVGGEALGRLLVVYPWTQRFFESFGDLSTPDAVMGNPKVKAHGKKVLGAFSDGLAHLD
NLKGTFATLSELHCDKLHVDPENFRLLGNVLVCVLAHHFGKEFTPPVQAAYQKVVAGVANALAHKYH
;
E
4 'polypeptide(L)'
;MSALGAVIALLLWGQLFAVDSGNDVTDIADDGCPKPPEIAHGYVEHSVRYQCKNYYKLRTEGDGVYTLNNEKQWINKAVG
DKLPECEAVCGKPKNPANPVQRILGGHLDAKGSFPWQAKMVSHHNLTTGATLINEQWLLTTAKNLFLNHSENATAKDIAP
TLTLYVGKKQLVEIEKVVLHPNYSQVDIGLIKLKQKVSVNERVMPICLPSKDYAEVGRVGYVSGWGRNANFKFTDHLKYV
MLPVADQDQCIRHYEGSTVPEKKTPKSPVGVQPILNEHTFCAGMSKYQEDTCYGDAGSAFAVHDLEEDTWYATGILSFDK
SCAVAEYGVYVKVTSIQDWVQKTIAEN
;
F
#
loop_
_chem_comp.id
_chem_comp.type
_chem_comp.name
_chem_comp.formula
BMA D-saccharide, beta linking beta-D-mannopyranose 'C6 H12 O6'
CA non-polymer 'CALCIUM ION' 'Ca 2'
HEM non-polymer 'PROTOPORPHYRIN IX CONTAINING FE' 'C34 H32 Fe N4 O4'
NAG D-saccharide, beta linking 2-acetamido-2-deoxy-beta-D-glucopyranose 'C8 H15 N O6'
OXY non-polymer 'OXYGEN MOLECULE' O2
#
# COMPACT_ATOMS: atom_id res chain seq x y z
N SER A 152 47.52 -57.54 -55.83
CA SER A 152 48.28 -56.68 -54.95
C SER A 152 48.46 -57.30 -53.57
N ASP A 153 49.71 -57.39 -53.12
CA ASP A 153 50.03 -57.95 -51.82
C ASP A 153 49.95 -56.93 -50.70
N GLY A 154 49.67 -55.67 -51.01
CA GLY A 154 49.58 -54.62 -50.02
C GLY A 154 50.83 -53.80 -49.83
N SER A 155 51.86 -54.03 -50.63
CA SER A 155 53.10 -53.26 -50.49
C SER A 155 52.95 -51.84 -51.02
N ASN A 156 52.20 -51.67 -52.11
CA ASN A 156 52.05 -50.35 -52.72
C ASN A 156 51.09 -49.45 -51.95
N LEU A 157 50.24 -50.01 -51.10
CA LEU A 157 49.28 -49.21 -50.35
C LEU A 157 50.01 -48.40 -49.27
N GLU A 158 49.48 -47.20 -49.02
CA GLU A 158 50.01 -46.33 -47.96
C GLU A 158 48.84 -45.68 -47.23
N MET A 159 49.09 -45.32 -45.97
CA MET A 159 48.05 -44.83 -45.09
C MET A 159 48.56 -43.61 -44.33
N ARG A 160 47.63 -42.71 -44.00
CA ARG A 160 47.99 -41.40 -43.49
C ARG A 160 46.90 -40.93 -42.52
N LEU A 161 47.29 -40.02 -41.63
CA LEU A 161 46.35 -39.33 -40.74
C LEU A 161 46.41 -37.85 -41.04
N THR A 162 45.25 -37.26 -41.33
CA THR A 162 45.17 -35.88 -41.79
C THR A 162 44.23 -35.08 -40.89
N ARG A 163 44.41 -33.76 -40.92
CA ARG A 163 43.53 -32.82 -40.23
C ARG A 163 43.43 -33.12 -38.74
N GLY A 164 44.56 -33.49 -38.13
CA GLY A 164 44.63 -33.77 -36.73
C GLY A 164 45.56 -32.80 -36.01
N GLY A 165 45.69 -33.01 -34.70
CA GLY A 165 46.60 -32.21 -33.91
C GLY A 165 48.06 -32.37 -34.32
N ASN A 166 48.45 -33.57 -34.71
CA ASN A 166 49.80 -33.86 -35.19
C ASN A 166 49.72 -35.12 -36.04
N MET A 167 50.87 -35.71 -36.33
CA MET A 167 50.92 -36.85 -37.24
C MET A 167 50.25 -38.09 -36.68
N CYS A 168 50.26 -38.29 -35.36
CA CYS A 168 49.72 -39.48 -34.74
C CYS A 168 48.25 -39.33 -34.36
N SER A 169 47.52 -38.45 -35.04
CA SER A 169 46.12 -38.20 -34.70
C SER A 169 45.42 -37.58 -35.89
N GLY A 170 44.18 -38.00 -36.13
CA GLY A 170 43.35 -37.36 -37.12
C GLY A 170 42.58 -38.36 -37.94
N ARG A 171 42.02 -37.86 -39.04
CA ARG A 171 41.24 -38.68 -39.97
C ARG A 171 42.13 -39.69 -40.68
N ILE A 172 41.60 -40.90 -40.86
CA ILE A 172 42.32 -41.97 -41.55
C ILE A 172 42.08 -41.85 -43.04
N GLU A 173 43.17 -41.89 -43.81
CA GLU A 173 43.09 -41.92 -45.27
C GLU A 173 44.05 -42.97 -45.79
N ILE A 174 43.70 -43.57 -46.93
CA ILE A 174 44.54 -44.57 -47.56
C ILE A 174 44.60 -44.28 -49.05
N LYS A 175 45.71 -44.66 -49.68
CA LYS A 175 45.89 -44.44 -51.10
C LYS A 175 45.78 -45.76 -51.86
N PHE A 176 44.92 -45.79 -52.88
CA PHE A 176 44.73 -46.96 -53.69
C PHE A 176 44.39 -46.51 -55.10
N GLN A 177 45.04 -47.12 -56.10
CA GLN A 177 44.88 -46.76 -57.49
C GLN A 177 45.20 -45.28 -57.74
N GLY A 178 46.11 -44.73 -56.96
CA GLY A 178 46.46 -43.33 -57.06
C GLY A 178 45.42 -42.38 -56.50
N ARG A 179 44.45 -42.88 -55.74
CA ARG A 179 43.39 -42.06 -55.19
C ARG A 179 43.40 -42.13 -53.67
N TRP A 180 43.23 -40.98 -53.03
CA TRP A 180 43.09 -40.90 -51.59
C TRP A 180 41.65 -41.21 -51.20
N GLY A 181 41.48 -41.85 -50.04
CA GLY A 181 40.15 -42.18 -49.57
C GLY A 181 40.09 -42.31 -48.07
N THR A 182 38.87 -42.42 -47.57
CA THR A 182 38.58 -42.54 -46.15
C THR A 182 37.94 -43.91 -45.86
N VAL A 183 37.81 -44.22 -44.58
CA VAL A 183 37.24 -45.47 -44.12
C VAL A 183 36.00 -45.16 -43.28
N CYS A 184 34.90 -45.84 -43.56
CA CYS A 184 33.69 -45.63 -42.79
C CYS A 184 33.85 -46.15 -41.37
N ASP A 185 33.07 -45.57 -40.45
CA ASP A 185 33.13 -45.92 -39.04
C ASP A 185 32.19 -47.06 -38.69
N ASP A 186 31.54 -47.68 -39.67
CA ASP A 186 30.68 -48.83 -39.38
C ASP A 186 31.51 -49.97 -38.81
N ASN A 187 31.05 -50.50 -37.67
CA ASN A 187 31.73 -51.57 -36.96
C ASN A 187 33.17 -51.20 -36.60
N PHE A 188 33.40 -49.92 -36.32
CA PHE A 188 34.70 -49.43 -35.90
C PHE A 188 34.78 -49.42 -34.39
N ASN A 189 35.86 -49.96 -33.84
CA ASN A 189 36.04 -50.05 -32.39
C ASN A 189 37.51 -49.84 -32.06
N ILE A 190 37.87 -50.14 -30.80
CA ILE A 190 39.24 -49.95 -30.36
C ILE A 190 40.19 -50.96 -30.98
N ASP A 191 39.67 -52.10 -31.45
CA ASP A 191 40.52 -53.04 -32.17
C ASP A 191 41.03 -52.45 -33.47
N HIS A 192 40.14 -51.78 -34.22
CA HIS A 192 40.58 -51.07 -35.41
C HIS A 192 41.59 -49.98 -35.06
N ALA A 193 41.36 -49.31 -33.92
CA ALA A 193 42.28 -48.26 -33.49
C ALA A 193 43.67 -48.81 -33.22
N SER A 194 43.75 -49.97 -32.57
CA SER A 194 45.06 -50.58 -32.30
C SER A 194 45.71 -51.05 -33.60
N VAL A 195 44.93 -51.66 -34.49
CA VAL A 195 45.48 -52.06 -35.78
C VAL A 195 46.07 -50.85 -36.50
N ILE A 196 45.38 -49.71 -36.41
CA ILE A 196 45.85 -48.51 -37.09
C ILE A 196 47.09 -47.94 -36.40
N CYS A 197 47.07 -47.80 -35.08
CA CYS A 197 48.27 -47.35 -34.39
C CYS A 197 49.14 -48.54 -34.02
N ARG A 198 49.26 -49.48 -34.95
CA ARG A 198 50.36 -50.42 -34.97
C ARG A 198 51.19 -50.22 -36.23
N GLN A 199 50.61 -49.60 -37.26
CA GLN A 199 51.25 -49.54 -38.57
C GLN A 199 51.91 -48.19 -38.84
N LEU A 200 51.55 -47.14 -38.11
CA LEU A 200 52.11 -45.81 -38.31
C LEU A 200 53.31 -45.52 -37.41
N GLU A 201 53.72 -46.50 -36.60
CA GLU A 201 54.78 -46.40 -35.59
C GLU A 201 54.33 -45.59 -34.39
N CYS A 202 53.15 -44.97 -34.43
CA CYS A 202 52.53 -44.42 -33.23
C CYS A 202 51.81 -45.56 -32.52
N GLY A 203 52.10 -45.77 -31.25
CA GLY A 203 51.60 -46.92 -30.53
C GLY A 203 50.53 -46.58 -29.50
N SER A 204 49.86 -47.64 -29.03
CA SER A 204 48.90 -47.56 -27.92
C SER A 204 47.78 -46.57 -28.24
N ALA A 205 46.99 -46.93 -29.25
CA ALA A 205 45.87 -46.13 -29.71
C ALA A 205 45.00 -45.65 -28.55
N VAL A 206 44.91 -44.33 -28.41
CA VAL A 206 44.16 -43.73 -27.30
C VAL A 206 42.66 -43.75 -27.56
N SER A 207 42.23 -43.25 -28.71
CA SER A 207 40.80 -43.11 -28.94
C SER A 207 40.48 -43.26 -30.42
N PHE A 208 39.23 -43.62 -30.68
CA PHE A 208 38.69 -43.70 -32.03
C PHE A 208 37.48 -42.79 -32.13
N SER A 209 37.20 -42.33 -33.35
CA SER A 209 36.18 -41.32 -33.58
C SER A 209 35.24 -41.77 -34.70
N GLY A 210 34.35 -40.87 -35.08
CA GLY A 210 33.41 -41.12 -36.16
C GLY A 210 32.74 -39.84 -36.58
N SER A 211 32.03 -39.92 -37.70
CA SER A 211 31.30 -38.80 -38.27
C SER A 211 32.16 -37.56 -38.45
N SER A 212 31.72 -36.42 -37.92
CA SER A 212 32.34 -35.12 -38.21
C SER A 212 33.33 -34.67 -37.15
N ASN A 213 34.07 -35.60 -36.55
CA ASN A 213 35.04 -35.21 -35.51
C ASN A 213 36.13 -34.33 -36.10
N PHE A 214 36.72 -34.74 -37.21
CA PHE A 214 37.83 -34.01 -37.82
C PHE A 214 37.44 -33.32 -39.12
N GLY A 215 36.16 -33.30 -39.44
CA GLY A 215 35.73 -32.67 -40.68
C GLY A 215 35.51 -33.67 -41.79
N GLU A 216 34.57 -33.35 -42.68
CA GLU A 216 34.25 -34.24 -43.78
C GLU A 216 35.40 -34.28 -44.79
N GLY A 217 35.68 -35.48 -45.29
CA GLY A 217 36.75 -35.69 -46.25
C GLY A 217 36.27 -35.63 -47.68
N SER A 218 37.14 -36.09 -48.58
CA SER A 218 36.83 -36.13 -50.00
C SER A 218 37.41 -37.40 -50.59
N GLY A 219 36.84 -37.84 -51.70
CA GLY A 219 37.31 -39.01 -52.41
C GLY A 219 36.44 -40.23 -52.18
N PRO A 220 36.84 -41.36 -52.73
CA PRO A 220 36.04 -42.59 -52.57
C PRO A 220 36.22 -43.19 -51.19
N ILE A 221 35.32 -44.11 -50.87
CA ILE A 221 35.33 -44.85 -49.60
C ILE A 221 35.66 -46.30 -49.93
N TRP A 222 36.66 -46.85 -49.23
CA TRP A 222 37.20 -48.16 -49.55
C TRP A 222 36.62 -49.27 -48.67
N PHE A 223 36.64 -49.09 -47.35
CA PHE A 223 36.25 -50.14 -46.42
C PHE A 223 34.98 -49.77 -45.67
N ASP A 224 34.26 -50.81 -45.23
CA ASP A 224 33.11 -50.63 -44.36
C ASP A 224 32.76 -51.96 -43.71
N ASP A 225 32.12 -51.89 -42.54
CA ASP A 225 31.64 -53.07 -41.82
C ASP A 225 32.76 -54.09 -41.60
N LEU A 226 33.96 -53.60 -41.25
CA LEU A 226 35.08 -54.50 -41.06
C LEU A 226 35.04 -55.14 -39.67
N ILE A 227 35.55 -56.36 -39.59
CA ILE A 227 35.77 -57.06 -38.33
C ILE A 227 37.27 -57.31 -38.20
N CYS A 228 37.86 -56.77 -37.13
CA CYS A 228 39.29 -56.87 -36.91
C CYS A 228 39.57 -57.33 -35.49
N ASN A 229 40.68 -58.03 -35.32
CA ASN A 229 41.15 -58.41 -34.00
C ASN A 229 42.03 -57.30 -33.42
N GLY A 230 42.42 -57.49 -32.16
CA GLY A 230 43.24 -56.50 -31.49
C GLY A 230 44.70 -56.49 -31.91
N ASN A 231 45.13 -57.49 -32.69
CA ASN A 231 46.53 -57.59 -33.12
C ASN A 231 46.54 -58.04 -34.58
N GLU A 232 46.97 -57.16 -35.47
CA GLU A 232 47.03 -57.46 -36.89
C GLU A 232 48.03 -56.52 -37.54
N SER A 233 48.69 -57.01 -38.60
CA SER A 233 49.74 -56.25 -39.26
C SER A 233 49.22 -54.94 -39.87
N ALA A 234 48.08 -54.99 -40.55
CA ALA A 234 47.58 -53.80 -41.23
C ALA A 234 46.06 -53.91 -41.37
N LEU A 235 45.44 -52.77 -41.66
CA LEU A 235 43.98 -52.69 -41.68
C LEU A 235 43.38 -53.45 -42.86
N TRP A 236 44.13 -53.62 -43.95
CA TRP A 236 43.57 -54.21 -45.16
C TRP A 236 43.58 -55.74 -45.14
N ASN A 237 44.08 -56.36 -44.07
CA ASN A 237 44.04 -57.81 -43.95
C ASN A 237 42.77 -58.32 -43.29
N CYS A 238 41.93 -57.42 -42.78
CA CYS A 238 40.71 -57.84 -42.10
C CYS A 238 39.67 -58.34 -43.11
N LYS A 239 38.71 -59.11 -42.60
CA LYS A 239 37.62 -59.61 -43.42
C LYS A 239 36.64 -58.49 -43.74
N HIS A 240 36.27 -58.39 -45.01
CA HIS A 240 35.37 -57.32 -45.45
C HIS A 240 34.58 -57.80 -46.65
N GLN A 241 33.47 -57.10 -46.92
CA GLN A 241 32.62 -57.45 -48.04
C GLN A 241 33.34 -57.28 -49.37
N GLY A 242 34.10 -56.19 -49.51
CA GLY A 242 34.84 -55.95 -50.74
C GLY A 242 35.39 -54.55 -50.86
N TRP A 243 36.45 -54.40 -51.64
CA TRP A 243 37.04 -53.08 -51.88
C TRP A 243 36.04 -52.18 -52.59
N GLY A 244 35.90 -50.96 -52.09
CA GLY A 244 35.01 -49.99 -52.72
C GLY A 244 33.54 -50.26 -52.56
N LYS A 245 33.16 -51.30 -51.82
CA LYS A 245 31.76 -51.63 -51.58
C LYS A 245 31.38 -51.09 -50.20
N HIS A 246 30.39 -50.20 -50.17
CA HIS A 246 29.99 -49.57 -48.91
C HIS A 246 28.58 -49.02 -49.07
N ASN A 247 27.96 -48.75 -47.93
CA ASN A 247 26.69 -48.03 -47.85
C ASN A 247 26.86 -46.80 -46.99
N CYS A 248 28.03 -46.16 -47.07
CA CYS A 248 28.40 -45.06 -46.21
C CYS A 248 28.58 -43.80 -47.04
N ASP A 249 28.50 -42.66 -46.36
CA ASP A 249 28.81 -41.37 -46.97
C ASP A 249 29.84 -40.66 -46.11
N HIS A 250 30.36 -39.55 -46.61
CA HIS A 250 31.50 -38.89 -45.98
C HIS A 250 31.16 -38.30 -44.61
N ALA A 251 29.92 -38.41 -44.15
CA ALA A 251 29.57 -38.07 -42.78
C ALA A 251 29.78 -39.23 -41.83
N GLU A 252 30.56 -40.24 -42.25
CA GLU A 252 30.85 -41.41 -41.43
C GLU A 252 32.34 -41.72 -41.46
N ASP A 253 33.17 -40.74 -41.79
CA ASP A 253 34.61 -40.96 -41.86
C ASP A 253 35.18 -41.30 -40.48
N ALA A 254 36.29 -42.02 -40.48
CA ALA A 254 36.88 -42.51 -39.24
C ALA A 254 38.18 -41.77 -38.93
N GLY A 255 38.42 -41.56 -37.64
CA GLY A 255 39.65 -40.93 -37.18
C GLY A 255 40.15 -41.63 -35.94
N VAL A 256 41.45 -41.48 -35.69
CA VAL A 256 42.12 -42.22 -34.62
C VAL A 256 43.15 -41.30 -33.98
N ILE A 257 43.28 -41.42 -32.65
CA ILE A 257 44.29 -40.71 -31.87
C ILE A 257 45.12 -41.75 -31.14
N CYS A 258 46.43 -41.76 -31.39
CA CYS A 258 47.36 -42.69 -30.78
C CYS A 258 48.04 -42.06 -29.57
N SER A 259 48.79 -42.88 -28.83
CA SER A 259 49.47 -42.39 -27.63
C SER A 259 50.77 -41.66 -27.95
N LYS A 260 51.40 -41.98 -29.09
CA LYS A 260 52.72 -41.43 -29.36
C LYS A 260 52.69 -39.91 -29.44
N GLY A 261 51.69 -39.35 -30.12
CA GLY A 261 51.51 -37.91 -30.14
C GLY A 261 50.82 -37.40 -28.90
N ALA A 262 50.05 -38.26 -28.25
CA ALA A 262 49.29 -37.89 -27.04
C ALA A 262 50.14 -38.19 -25.82
N ASP A 263 50.98 -37.22 -25.43
CA ASP A 263 51.79 -37.31 -24.22
C ASP A 263 50.90 -36.96 -23.01
N LEU A 264 50.02 -37.90 -22.67
CA LEU A 264 49.02 -37.67 -21.65
C LEU A 264 49.65 -37.53 -20.27
N SER A 265 49.13 -36.59 -19.49
CA SER A 265 49.55 -36.42 -18.10
C SER A 265 48.47 -35.67 -17.36
N LEU A 266 48.38 -35.93 -16.06
CA LEU A 266 47.37 -35.33 -15.19
C LEU A 266 48.06 -34.64 -14.03
N ARG A 267 47.56 -33.46 -13.65
CA ARG A 267 48.16 -32.74 -12.54
C ARG A 267 47.08 -31.92 -11.84
N LEU A 268 47.39 -31.52 -10.62
CA LEU A 268 46.59 -30.57 -9.86
C LEU A 268 47.37 -29.29 -9.62
N VAL A 269 46.67 -28.17 -9.63
CA VAL A 269 47.30 -26.86 -9.46
C VAL A 269 46.39 -25.98 -8.62
N ASP A 270 47.00 -24.92 -8.06
CA ASP A 270 46.28 -23.83 -7.41
C ASP A 270 45.34 -24.32 -6.31
N GLY A 271 45.89 -25.08 -5.36
CA GLY A 271 45.10 -25.61 -4.27
C GLY A 271 45.81 -25.52 -2.95
N VAL A 272 45.12 -25.97 -1.90
CA VAL A 272 45.64 -25.86 -0.54
C VAL A 272 46.80 -26.83 -0.32
N THR A 273 46.69 -28.03 -0.86
CA THR A 273 47.62 -29.11 -0.56
C THR A 273 48.13 -29.69 -1.87
N GLU A 274 49.20 -30.48 -1.79
CA GLU A 274 49.87 -31.02 -2.98
C GLU A 274 48.89 -31.65 -3.96
N CYS A 275 47.86 -32.33 -3.46
CA CYS A 275 46.92 -33.04 -4.31
C CYS A 275 45.48 -32.62 -3.98
N SER A 276 45.27 -31.32 -3.89
CA SER A 276 43.96 -30.71 -3.91
C SER A 276 43.97 -29.56 -4.89
N GLY A 277 42.90 -29.42 -5.67
CA GLY A 277 42.75 -28.24 -6.49
C GLY A 277 42.26 -28.52 -7.89
N ARG A 278 42.66 -27.66 -8.83
CA ARG A 278 42.17 -27.71 -10.20
C ARG A 278 42.92 -28.76 -10.99
N LEU A 279 42.18 -29.57 -11.74
CA LEU A 279 42.75 -30.61 -12.58
C LEU A 279 43.19 -30.03 -13.92
N GLU A 280 44.35 -30.48 -14.40
CA GLU A 280 44.87 -30.09 -15.69
C GLU A 280 45.33 -31.35 -16.42
N VAL A 281 44.93 -31.47 -17.69
CA VAL A 281 45.30 -32.59 -18.56
C VAL A 281 46.20 -32.07 -19.66
N ARG A 282 47.32 -32.75 -19.90
CA ARG A 282 48.19 -32.41 -21.02
C ARG A 282 47.85 -33.24 -22.24
N PHE A 283 47.58 -32.56 -23.36
CA PHE A 283 47.29 -33.23 -24.63
C PHE A 283 48.05 -32.53 -25.73
N GLN A 284 48.85 -33.30 -26.47
CA GLN A 284 49.68 -32.78 -27.57
C GLN A 284 50.47 -31.55 -27.15
N GLY A 285 51.03 -31.60 -25.95
CA GLY A 285 51.89 -30.54 -25.47
C GLY A 285 51.17 -29.33 -24.93
N GLU A 286 49.83 -29.35 -24.89
CA GLU A 286 49.05 -28.22 -24.38
C GLU A 286 48.24 -28.64 -23.17
N TRP A 287 48.27 -27.81 -22.13
CA TRP A 287 47.53 -28.06 -20.91
C TRP A 287 46.11 -27.52 -21.02
N GLY A 288 45.14 -28.28 -20.50
CA GLY A 288 43.77 -27.82 -20.48
C GLY A 288 43.07 -28.31 -19.23
N THR A 289 41.80 -27.97 -19.10
CA THR A 289 41.01 -28.35 -17.94
C THR A 289 39.92 -29.34 -18.35
N ILE A 290 39.05 -29.68 -17.39
CA ILE A 290 37.94 -30.60 -17.59
C ILE A 290 36.66 -29.90 -17.15
N CYS A 291 35.63 -29.94 -17.97
CA CYS A 291 34.34 -29.39 -17.57
C CYS A 291 33.73 -30.23 -16.45
N ASP A 292 33.07 -29.56 -15.51
CA ASP A 292 32.52 -30.23 -14.34
C ASP A 292 31.22 -30.95 -14.60
N ASP A 293 30.58 -30.72 -15.75
CA ASP A 293 29.36 -31.42 -16.09
C ASP A 293 29.60 -32.92 -16.07
N GLY A 294 28.84 -33.64 -15.23
CA GLY A 294 29.04 -35.06 -15.09
C GLY A 294 30.19 -35.45 -14.21
N TRP A 295 30.87 -34.49 -13.58
CA TRP A 295 31.97 -34.78 -12.67
C TRP A 295 31.39 -35.17 -11.32
N ASP A 296 31.70 -36.37 -10.85
CA ASP A 296 31.09 -36.91 -9.64
C ASP A 296 32.17 -37.60 -8.80
N SER A 297 31.74 -38.29 -7.74
CA SER A 297 32.70 -38.81 -6.78
C SER A 297 33.55 -39.93 -7.37
N TYR A 298 32.98 -40.74 -8.26
CA TYR A 298 33.74 -41.84 -8.85
C TYR A 298 34.89 -41.31 -9.70
N ASP A 299 34.61 -40.28 -10.50
CA ASP A 299 35.66 -39.65 -11.31
C ASP A 299 36.75 -39.07 -10.44
N ALA A 300 36.38 -38.43 -9.32
CA ALA A 300 37.37 -37.91 -8.40
C ALA A 300 38.20 -39.03 -7.80
N ALA A 301 37.57 -40.17 -7.50
CA ALA A 301 38.30 -41.33 -7.00
C ALA A 301 39.33 -41.80 -8.01
N VAL A 302 38.91 -41.90 -9.28
CA VAL A 302 39.84 -42.33 -10.32
C VAL A 302 41.01 -41.37 -10.45
N ALA A 303 40.73 -40.07 -10.43
CA ALA A 303 41.81 -39.08 -10.56
C ALA A 303 42.76 -39.15 -9.36
N CYS A 304 42.19 -39.24 -8.15
CA CYS A 304 43.02 -39.29 -6.95
C CYS A 304 43.92 -40.52 -6.97
N LYS A 305 43.38 -41.67 -7.37
CA LYS A 305 44.20 -42.87 -7.50
C LYS A 305 45.26 -42.68 -8.56
N GLN A 306 44.91 -42.03 -9.67
CA GLN A 306 45.89 -41.81 -10.74
C GLN A 306 47.08 -41.01 -10.25
N LEU A 307 46.84 -39.94 -9.48
CA LEU A 307 47.96 -39.13 -9.03
C LEU A 307 48.74 -39.77 -7.88
N GLY A 308 48.13 -40.68 -7.13
CA GLY A 308 48.82 -41.35 -6.06
C GLY A 308 48.87 -40.60 -4.74
N CYS A 309 47.70 -40.25 -4.21
CA CYS A 309 47.57 -39.73 -2.85
C CYS A 309 46.29 -40.32 -2.27
N PRO A 310 45.96 -40.13 -0.99
CA PRO A 310 44.95 -40.98 -0.35
C PRO A 310 43.63 -40.97 -1.10
N THR A 311 43.01 -42.16 -1.17
CA THR A 311 41.72 -42.36 -1.82
C THR A 311 40.59 -42.48 -0.79
N ALA A 312 40.90 -42.25 0.50
CA ALA A 312 39.89 -42.39 1.55
C ALA A 312 38.69 -41.50 1.29
N VAL A 313 38.90 -40.19 1.28
CA VAL A 313 37.84 -39.23 0.94
C VAL A 313 38.27 -38.49 -0.31
N THR A 314 37.47 -38.60 -1.37
CA THR A 314 37.77 -38.01 -2.67
C THR A 314 36.57 -37.19 -3.12
N ALA A 315 36.65 -35.88 -2.95
CA ALA A 315 35.56 -34.98 -3.27
C ALA A 315 35.85 -34.22 -4.56
N ILE A 316 34.79 -33.68 -5.14
CA ILE A 316 34.89 -32.88 -6.34
C ILE A 316 34.92 -31.41 -5.95
N GLY A 317 35.44 -30.57 -6.84
CA GLY A 317 35.49 -29.15 -6.58
C GLY A 317 36.90 -28.59 -6.56
N ARG A 318 37.09 -27.43 -7.21
CA ARG A 318 38.39 -26.78 -7.25
C ARG A 318 38.46 -25.78 -6.08
N VAL A 319 38.99 -26.27 -4.97
CA VAL A 319 39.06 -25.46 -3.75
C VAL A 319 40.07 -24.34 -3.93
N ASN A 320 39.64 -23.10 -3.68
CA ASN A 320 40.53 -21.96 -3.61
C ASN A 320 41.21 -21.67 -4.97
N ALA A 321 40.84 -22.42 -6.01
CA ALA A 321 41.47 -22.26 -7.31
C ALA A 321 40.67 -21.29 -8.19
N SER A 322 41.39 -20.55 -9.01
CA SER A 322 40.80 -19.61 -9.94
C SER A 322 40.49 -20.30 -11.27
N LYS A 323 39.73 -19.60 -12.11
CA LYS A 323 39.40 -20.12 -13.43
C LYS A 323 40.66 -20.33 -14.26
N GLY A 324 40.68 -21.44 -15.01
CA GLY A 324 41.80 -21.73 -15.88
C GLY A 324 41.73 -20.96 -17.19
N PHE A 325 42.79 -21.08 -17.97
CA PHE A 325 42.83 -20.51 -19.31
C PHE A 325 43.32 -21.57 -20.27
N GLY A 326 42.84 -21.49 -21.52
CA GLY A 326 43.24 -22.47 -22.51
C GLY A 326 42.11 -23.36 -22.97
N HIS A 327 42.42 -24.63 -23.24
CA HIS A 327 41.47 -25.56 -23.80
C HIS A 327 40.67 -26.26 -22.70
N ILE A 328 39.47 -26.70 -23.07
CA ILE A 328 38.69 -27.63 -22.25
C ILE A 328 38.74 -28.98 -22.94
N TRP A 329 39.71 -29.82 -22.56
CA TRP A 329 39.98 -31.02 -23.34
C TRP A 329 38.91 -32.08 -23.12
N LEU A 330 38.40 -32.21 -21.89
CA LEU A 330 37.55 -33.32 -21.52
C LEU A 330 36.20 -32.80 -21.06
N ASP A 331 35.17 -33.62 -21.23
CA ASP A 331 33.83 -33.25 -20.77
C ASP A 331 33.02 -34.54 -20.65
N SER A 332 32.06 -34.53 -19.73
CA SER A 332 31.12 -35.65 -19.55
C SER A 332 31.83 -36.97 -19.28
N VAL A 333 32.91 -36.91 -18.49
CA VAL A 333 33.62 -38.13 -18.12
C VAL A 333 32.66 -39.06 -17.37
N SER A 334 32.75 -40.35 -17.67
CA SER A 334 31.80 -41.34 -17.15
C SER A 334 32.52 -42.56 -16.63
N CYS A 335 33.56 -42.34 -15.82
CA CYS A 335 34.26 -43.44 -15.18
C CYS A 335 33.33 -44.21 -14.24
N GLN A 336 33.54 -45.52 -14.17
CA GLN A 336 32.83 -46.37 -13.23
C GLN A 336 33.52 -46.45 -11.87
N GLY A 337 34.75 -45.96 -11.75
CA GLY A 337 35.44 -45.90 -10.48
C GLY A 337 36.63 -46.82 -10.32
N HIS A 338 36.98 -47.61 -11.33
CA HIS A 338 38.12 -48.53 -11.22
C HIS A 338 39.12 -48.42 -12.36
N GLU A 339 38.97 -47.44 -13.25
CA GLU A 339 39.89 -47.31 -14.36
C GLU A 339 41.23 -46.76 -13.88
N PRO A 340 42.33 -47.08 -14.59
CA PRO A 340 43.66 -46.63 -14.14
C PRO A 340 43.95 -45.18 -14.43
N ALA A 341 43.25 -44.57 -15.38
CA ALA A 341 43.44 -43.16 -15.70
C ALA A 341 42.11 -42.60 -16.20
N ILE A 342 41.95 -41.28 -16.06
CA ILE A 342 40.68 -40.64 -16.36
C ILE A 342 40.30 -40.76 -17.84
N TRP A 343 41.27 -40.96 -18.73
CA TRP A 343 40.99 -40.97 -20.15
C TRP A 343 40.77 -42.37 -20.71
N GLN A 344 40.82 -43.40 -19.86
CA GLN A 344 40.38 -44.73 -20.25
C GLN A 344 38.87 -44.91 -20.11
N CYS A 345 38.17 -43.95 -19.52
CA CYS A 345 36.73 -44.00 -19.38
C CYS A 345 36.07 -43.48 -20.65
N LYS A 346 34.74 -43.62 -20.70
CA LYS A 346 33.97 -43.08 -21.82
C LYS A 346 33.72 -41.60 -21.59
N HIS A 347 33.82 -40.82 -22.66
CA HIS A 347 33.68 -39.38 -22.53
C HIS A 347 33.39 -38.77 -23.90
N HIS A 348 32.77 -37.60 -23.87
CA HIS A 348 32.41 -36.87 -25.08
C HIS A 348 33.67 -36.55 -25.87
N GLU A 349 33.49 -36.22 -27.14
CA GLU A 349 34.68 -35.99 -27.97
C GLU A 349 35.48 -34.82 -27.40
N TRP A 350 36.70 -34.69 -27.92
CA TRP A 350 37.62 -33.65 -27.47
C TRP A 350 37.39 -32.29 -28.10
N GLY A 351 36.53 -32.18 -29.12
CA GLY A 351 36.37 -30.92 -29.81
C GLY A 351 35.28 -29.99 -29.34
N LYS A 352 34.03 -30.45 -29.35
CA LYS A 352 32.86 -29.57 -29.28
C LYS A 352 32.35 -29.51 -27.85
N HIS A 353 32.87 -28.56 -27.07
CA HIS A 353 32.38 -28.30 -25.73
C HIS A 353 31.82 -26.89 -25.66
N TYR A 354 30.70 -26.73 -24.96
CA TYR A 354 30.08 -25.44 -24.74
C TYR A 354 30.29 -24.93 -23.32
N CYS A 355 31.19 -25.55 -22.56
CA CYS A 355 31.48 -25.08 -21.22
C CYS A 355 32.30 -23.79 -21.29
N ASN A 356 32.43 -23.12 -20.16
CA ASN A 356 33.29 -21.96 -20.03
C ASN A 356 34.18 -22.15 -18.81
N HIS A 357 35.15 -21.24 -18.67
CA HIS A 357 36.20 -21.45 -17.68
C HIS A 357 35.74 -21.23 -16.25
N ASN A 358 34.51 -20.77 -16.03
CA ASN A 358 33.95 -20.80 -14.69
C ASN A 358 33.59 -22.21 -14.25
N GLU A 359 33.64 -23.18 -15.16
CA GLU A 359 33.18 -24.54 -14.92
C GLU A 359 34.30 -25.57 -14.80
N ASP A 360 35.54 -25.13 -14.57
CA ASP A 360 36.64 -26.08 -14.50
C ASP A 360 36.42 -27.09 -13.38
N ALA A 361 36.82 -28.33 -13.63
CA ALA A 361 36.69 -29.37 -12.62
C ALA A 361 37.93 -29.40 -11.72
N GLY A 362 37.81 -30.14 -10.63
CA GLY A 362 38.90 -30.28 -9.69
C GLY A 362 38.59 -31.42 -8.74
N VAL A 363 39.55 -31.71 -7.85
CA VAL A 363 39.36 -32.77 -6.86
C VAL A 363 40.08 -32.41 -5.57
N THR A 364 39.61 -33.01 -4.48
CA THR A 364 40.24 -32.89 -3.17
C THR A 364 40.35 -34.29 -2.57
N CYS A 365 41.58 -34.79 -2.43
CA CYS A 365 41.83 -36.11 -1.89
C CYS A 365 42.40 -36.00 -0.49
N SER A 366 41.92 -36.83 0.43
CA SER A 366 42.37 -36.76 1.81
C SER A 366 42.22 -38.13 2.46
N ASP A 367 43.00 -38.33 3.54
CA ASP A 367 42.93 -39.56 4.31
C ASP A 367 41.69 -39.61 5.20
N GLY A 368 41.06 -38.48 5.47
CA GLY A 368 39.93 -38.41 6.37
C GLY A 368 40.23 -37.84 7.73
N SER A 369 41.50 -37.58 8.03
CA SER A 369 41.91 -37.04 9.32
C SER A 369 42.04 -35.52 9.33
N ASP A 370 41.67 -34.86 8.24
CA ASP A 370 41.90 -33.43 8.09
C ASP A 370 40.62 -32.67 7.75
N LEU A 371 39.46 -33.30 7.89
CA LEU A 371 38.17 -32.67 7.68
C LEU A 371 37.48 -32.48 9.02
N GLU A 372 37.14 -31.25 9.34
CA GLU A 372 36.49 -30.92 10.60
C GLU A 372 35.27 -30.05 10.32
N LEU A 373 34.30 -30.12 11.21
CA LEU A 373 33.03 -29.44 11.02
C LEU A 373 32.59 -28.86 12.35
N ARG A 374 32.15 -27.61 12.36
CA ARG A 374 31.87 -26.91 13.60
C ARG A 374 30.70 -25.96 13.40
N LEU A 375 30.13 -25.52 14.53
CA LEU A 375 29.14 -24.44 14.55
C LEU A 375 29.76 -23.24 15.23
N ARG A 376 29.74 -22.11 14.55
CA ARG A 376 30.37 -20.89 15.03
C ARG A 376 29.33 -19.78 15.06
N GLY A 377 29.37 -18.99 16.15
CA GLY A 377 28.40 -17.94 16.33
C GLY A 377 27.21 -18.45 17.11
N GLY A 378 27.05 -18.01 18.35
CA GLY A 378 26.01 -18.52 19.20
C GLY A 378 26.52 -18.87 20.59
N GLY A 379 25.58 -19.25 21.45
CA GLY A 379 25.91 -19.47 22.84
C GLY A 379 26.46 -20.85 23.15
N SER A 380 26.48 -21.75 22.18
CA SER A 380 26.82 -23.13 22.44
C SER A 380 27.45 -23.73 21.20
N ARG A 381 28.08 -24.89 21.38
CA ARG A 381 28.62 -25.67 20.28
C ARG A 381 27.55 -26.24 19.36
N CYS A 382 26.27 -26.20 19.76
CA CYS A 382 25.21 -26.90 19.05
C CYS A 382 24.27 -25.95 18.30
N ALA A 383 24.72 -24.74 17.99
CA ALA A 383 23.86 -23.79 17.29
C ALA A 383 24.72 -22.68 16.70
N GLY A 384 24.42 -22.30 15.47
CA GLY A 384 25.16 -21.25 14.82
C GLY A 384 25.26 -21.51 13.32
N THR A 385 26.14 -20.72 12.69
CA THR A 385 26.45 -20.94 11.29
C THR A 385 27.44 -22.08 11.17
N VAL A 386 27.19 -22.97 10.22
CA VAL A 386 27.99 -24.18 10.02
C VAL A 386 29.25 -23.83 9.23
N GLU A 387 30.40 -24.14 9.81
CA GLU A 387 31.69 -23.91 9.17
C GLU A 387 32.46 -25.20 9.02
N VAL A 388 33.23 -25.29 7.93
CA VAL A 388 33.97 -26.46 7.52
C VAL A 388 35.45 -26.11 7.43
N GLU A 389 36.30 -26.92 8.05
CA GLU A 389 37.75 -26.77 7.97
C GLU A 389 38.29 -28.01 7.28
N ILE A 390 38.57 -27.90 5.97
CA ILE A 390 39.07 -29.02 5.18
C ILE A 390 40.51 -28.71 4.79
N GLN A 391 41.39 -29.69 4.96
CA GLN A 391 42.83 -29.39 5.01
C GLN A 391 42.98 -28.33 6.10
N ARG A 392 43.64 -27.20 5.83
CA ARG A 392 43.64 -26.09 6.77
C ARG A 392 42.85 -24.89 6.26
N LEU A 393 41.90 -25.12 5.35
CA LEU A 393 41.12 -24.04 4.77
C LEU A 393 39.73 -23.99 5.39
N LEU A 394 39.32 -22.79 5.81
CA LEU A 394 38.02 -22.56 6.44
C LEU A 394 37.00 -22.07 5.42
N GLY A 395 35.75 -22.49 5.57
CA GLY A 395 34.70 -22.07 4.66
C GLY A 395 33.33 -22.36 5.24
N LYS A 396 32.30 -21.96 4.50
CA LYS A 396 30.92 -22.11 4.92
C LYS A 396 30.17 -23.05 3.98
N VAL A 397 28.89 -23.31 4.29
CA VAL A 397 28.02 -24.10 3.43
C VAL A 397 26.95 -23.20 2.79
N CYS A 398 26.76 -23.36 1.48
CA CYS A 398 25.73 -22.65 0.72
C CYS A 398 24.39 -23.37 0.85
N ASP A 399 23.30 -22.59 0.95
CA ASP A 399 21.97 -23.15 1.18
C ASP A 399 21.18 -23.35 -0.11
N ARG A 400 21.85 -23.72 -1.21
CA ARG A 400 21.14 -23.96 -2.46
C ARG A 400 19.99 -24.94 -2.24
N GLY A 401 20.20 -25.96 -1.43
CA GLY A 401 19.16 -26.93 -1.16
C GLY A 401 19.12 -27.29 0.31
N TRP A 402 19.52 -26.34 1.15
CA TRP A 402 19.60 -26.58 2.58
C TRP A 402 18.19 -26.75 3.15
N GLY A 403 18.01 -27.81 3.91
CA GLY A 403 16.73 -28.09 4.52
C GLY A 403 16.99 -28.84 5.81
N LEU A 404 15.90 -29.09 6.54
CA LEU A 404 16.03 -29.80 7.81
C LEU A 404 16.57 -31.20 7.61
N LYS A 405 16.40 -31.78 6.43
CA LYS A 405 16.87 -33.15 6.18
C LYS A 405 18.38 -33.26 6.32
N GLU A 406 19.12 -32.27 5.82
CA GLU A 406 20.57 -32.32 5.96
C GLU A 406 21.03 -31.73 7.28
N ALA A 407 20.24 -30.81 7.86
CA ALA A 407 20.53 -30.36 9.21
C ALA A 407 20.47 -31.48 10.25
N ASP A 408 19.61 -32.50 10.05
CA ASP A 408 19.66 -33.63 10.98
C ASP A 408 20.98 -34.38 10.86
N VAL A 409 21.46 -34.60 9.64
CA VAL A 409 22.75 -35.27 9.48
C VAL A 409 23.86 -34.46 10.15
N VAL A 410 23.86 -33.14 9.94
CA VAL A 410 24.94 -32.34 10.51
C VAL A 410 24.86 -32.32 12.05
N CYS A 411 23.67 -32.12 12.62
CA CYS A 411 23.51 -32.14 14.07
C CYS A 411 23.91 -33.48 14.65
N ARG A 412 23.50 -34.56 13.97
CA ARG A 412 23.88 -35.91 14.39
C ARG A 412 25.38 -36.09 14.38
N GLN A 413 26.05 -35.56 13.35
CA GLN A 413 27.49 -35.68 13.26
C GLN A 413 28.14 -35.01 14.46
N LEU A 414 27.70 -33.79 14.77
CA LEU A 414 28.32 -33.09 15.90
C LEU A 414 27.88 -33.68 17.24
N GLY A 415 26.91 -34.59 17.26
CA GLY A 415 26.42 -35.15 18.50
C GLY A 415 25.54 -34.21 19.29
N CYS A 416 24.84 -33.31 18.61
CA CYS A 416 24.01 -32.29 19.26
C CYS A 416 22.52 -32.60 19.17
N GLY A 417 22.15 -33.81 18.77
CA GLY A 417 20.75 -34.21 18.74
C GLY A 417 20.07 -34.14 17.40
N SER A 418 19.00 -33.34 17.31
CA SER A 418 18.19 -33.25 16.10
C SER A 418 17.98 -31.79 15.75
N ALA A 419 17.83 -31.54 14.45
CA ALA A 419 17.73 -30.18 13.95
C ALA A 419 16.32 -29.62 14.09
N LEU A 420 16.24 -28.38 14.56
CA LEU A 420 14.97 -27.73 14.85
C LEU A 420 14.73 -26.52 13.96
N LYS A 421 15.64 -25.57 13.92
CA LYS A 421 15.47 -24.30 13.22
C LYS A 421 16.69 -23.97 12.39
N THR A 422 16.46 -23.38 11.23
CA THR A 422 17.53 -23.03 10.30
C THR A 422 17.97 -21.58 10.52
N SER A 423 18.30 -21.28 11.78
CA SER A 423 18.74 -19.95 12.18
C SER A 423 19.24 -20.05 13.61
N TYR A 424 19.89 -19.00 14.08
CA TYR A 424 20.51 -19.00 15.41
C TYR A 424 20.56 -17.59 15.92
N GLN A 425 20.31 -17.42 17.22
CA GLN A 425 20.46 -16.10 17.84
C GLN A 425 21.87 -15.60 17.56
N VAL A 426 22.00 -14.30 17.32
CA VAL A 426 23.30 -13.71 16.97
C VAL A 426 24.11 -13.35 18.21
N TYR A 427 24.65 -14.36 18.90
CA TYR A 427 25.39 -14.08 20.13
C TYR A 427 26.69 -13.36 19.81
N SER A 428 27.57 -13.99 19.03
CA SER A 428 28.89 -13.46 18.72
C SER A 428 28.97 -13.11 17.23
N LYS A 429 30.16 -12.70 16.80
CA LYS A 429 30.42 -12.36 15.40
C LYS A 429 31.40 -13.37 14.80
N ILE A 430 31.18 -13.72 13.53
CA ILE A 430 32.02 -14.70 12.83
C ILE A 430 32.74 -14.02 11.68
N GLN A 431 33.98 -14.44 11.44
CA GLN A 431 34.81 -13.85 10.40
C GLN A 431 34.32 -14.27 9.02
N ALA A 432 34.77 -13.54 8.01
CA ALA A 432 34.41 -13.78 6.61
C ALA A 432 35.38 -14.74 5.95
N THR A 433 34.86 -15.53 5.00
CA THR A 433 35.67 -16.48 4.25
C THR A 433 35.15 -16.53 2.81
N ASN A 434 36.03 -16.94 1.89
CA ASN A 434 35.69 -16.91 0.48
C ASN A 434 35.46 -18.28 -0.16
N THR A 435 35.83 -19.37 0.50
CA THR A 435 35.59 -20.68 -0.08
C THR A 435 34.36 -21.26 0.60
N TRP A 436 33.52 -21.94 -0.17
CA TRP A 436 32.27 -22.47 0.36
C TRP A 436 32.11 -23.93 -0.05
N LEU A 437 31.21 -24.62 0.65
CA LEU A 437 30.82 -25.99 0.35
C LEU A 437 29.35 -26.08 -0.06
N PHE A 438 29.08 -26.89 -1.09
CA PHE A 438 27.76 -27.04 -1.67
C PHE A 438 27.31 -28.50 -1.58
N LEU A 439 26.05 -28.71 -1.17
CA LEU A 439 25.49 -30.05 -0.96
C LEU A 439 24.35 -30.32 -1.93
N SER A 440 24.05 -31.61 -2.11
CA SER A 440 23.00 -32.04 -3.05
C SER A 440 22.15 -33.13 -2.42
N SER A 441 21.07 -32.72 -1.76
CA SER A 441 19.95 -33.57 -1.38
C SER A 441 20.38 -34.82 -0.61
N CYS A 442 20.97 -34.61 0.55
CA CYS A 442 21.21 -35.70 1.48
C CYS A 442 19.92 -36.42 1.85
N ASN A 443 19.98 -37.75 1.92
CA ASN A 443 18.79 -38.53 2.22
C ASN A 443 18.25 -38.21 3.60
N GLY A 444 19.12 -38.07 4.59
CA GLY A 444 18.75 -37.71 5.95
C GLY A 444 19.23 -38.67 7.01
N ASN A 445 19.53 -39.92 6.65
CA ASN A 445 19.96 -40.93 7.60
C ASN A 445 21.46 -41.18 7.58
N GLU A 446 22.23 -40.34 6.88
CA GLU A 446 23.67 -40.50 6.82
C GLU A 446 24.29 -40.24 8.19
N THR A 447 25.35 -40.98 8.50
CA THR A 447 26.05 -40.81 9.77
C THR A 447 27.01 -39.63 9.78
N SER A 448 27.26 -39.00 8.63
CA SER A 448 28.14 -37.85 8.58
C SER A 448 27.82 -37.09 7.31
N LEU A 449 28.19 -35.81 7.31
CA LEU A 449 28.00 -34.99 6.11
C LEU A 449 28.96 -35.37 5.00
N TRP A 450 30.07 -36.05 5.34
CA TRP A 450 31.04 -36.46 4.32
C TRP A 450 30.52 -37.61 3.47
N ASP A 451 29.66 -38.46 4.04
CA ASP A 451 29.10 -39.56 3.30
C ASP A 451 28.02 -39.12 2.33
N CYS A 452 27.66 -37.84 2.34
CA CYS A 452 26.57 -37.36 1.52
C CYS A 452 27.00 -37.33 0.06
N LYS A 453 26.10 -37.77 -0.83
CA LYS A 453 26.48 -37.98 -2.22
C LYS A 453 26.85 -36.68 -2.92
N ASN A 454 27.94 -36.74 -3.68
CA ASN A 454 28.39 -35.66 -4.56
C ASN A 454 28.28 -34.28 -3.90
N TRP A 455 29.06 -34.10 -2.84
CA TRP A 455 29.25 -32.79 -2.26
C TRP A 455 30.45 -32.12 -2.89
N GLN A 456 30.32 -30.83 -3.16
CA GLN A 456 31.31 -30.06 -3.90
C GLN A 456 32.01 -29.10 -2.94
N TRP A 457 33.34 -29.02 -3.04
CA TRP A 457 34.15 -28.18 -2.16
C TRP A 457 34.72 -27.04 -2.99
N GLY A 458 33.94 -25.97 -3.13
CA GLY A 458 34.38 -24.82 -3.91
C GLY A 458 34.03 -24.94 -5.38
N GLY A 459 34.34 -23.88 -6.12
CA GLY A 459 34.15 -23.86 -7.54
C GLY A 459 32.83 -23.30 -8.04
N LEU A 460 32.05 -22.64 -7.18
CA LEU A 460 30.79 -22.03 -7.57
C LEU A 460 30.58 -20.80 -6.69
N THR A 461 29.47 -20.10 -6.92
CA THR A 461 29.14 -18.91 -6.16
C THR A 461 27.78 -19.02 -5.51
N CYS A 462 27.63 -18.34 -4.38
CA CYS A 462 26.39 -18.25 -3.62
C CYS A 462 25.76 -16.85 -3.70
N ASP A 463 25.84 -16.23 -4.88
CA ASP A 463 25.32 -14.88 -5.06
C ASP A 463 23.82 -14.84 -4.80
N HIS A 464 23.37 -13.80 -4.08
CA HIS A 464 21.98 -13.60 -3.68
C HIS A 464 21.50 -14.63 -2.67
N TYR A 465 22.36 -15.57 -2.29
CA TYR A 465 22.12 -16.55 -1.24
C TYR A 465 22.92 -16.15 -0.02
N GLU A 466 22.62 -16.82 1.10
CA GLU A 466 23.20 -16.51 2.39
C GLU A 466 23.88 -17.73 3.00
N GLU A 467 24.39 -17.55 4.20
CA GLU A 467 25.14 -18.59 4.91
C GLU A 467 24.17 -19.62 5.49
N ALA A 468 24.67 -20.86 5.62
CA ALA A 468 23.88 -21.90 6.26
C ALA A 468 23.98 -21.76 7.78
N LYS A 469 22.84 -21.97 8.47
CA LYS A 469 22.78 -21.81 9.91
C LYS A 469 21.73 -22.78 10.48
N ILE A 470 21.94 -23.20 11.73
CA ILE A 470 21.10 -24.22 12.35
C ILE A 470 21.08 -24.03 13.87
N THR A 471 20.05 -24.57 14.51
CA THR A 471 20.03 -24.79 15.94
C THR A 471 19.69 -26.25 16.20
N CYS A 472 20.53 -26.92 17.00
CA CYS A 472 20.28 -28.32 17.33
C CYS A 472 19.42 -28.40 18.59
N SER A 473 18.92 -29.60 18.88
CA SER A 473 18.09 -29.79 20.07
C SER A 473 18.87 -29.59 21.36
N ALA A 474 20.17 -29.78 21.35
CA ALA A 474 20.99 -29.69 22.55
C ALA A 474 21.46 -28.28 22.86
N HIS A 475 21.00 -27.29 22.10
CA HIS A 475 21.40 -25.90 22.37
C HIS A 475 21.03 -25.50 23.80
N ARG A 476 19.77 -25.71 24.18
CA ARG A 476 19.30 -25.44 25.55
C ARG A 476 18.34 -26.57 25.93
N GLU A 477 18.88 -27.61 26.55
CA GLU A 477 18.10 -28.81 26.82
C GLU A 477 17.53 -28.76 28.24
N PRO A 478 16.22 -28.65 28.41
CA PRO A 478 15.66 -28.56 29.76
C PRO A 478 15.66 -29.90 30.47
N ARG A 479 15.43 -29.85 31.77
CA ARG A 479 15.35 -31.04 32.61
C ARG A 479 14.76 -30.64 33.96
N LEU A 480 14.02 -31.57 34.56
CA LEU A 480 13.44 -31.42 35.88
C LEU A 480 14.12 -32.38 36.84
N VAL A 481 14.59 -31.86 37.97
CA VAL A 481 15.32 -32.67 38.94
C VAL A 481 14.82 -32.37 40.34
N GLY A 482 14.77 -33.40 41.18
CA GLY A 482 14.51 -33.27 42.59
C GLY A 482 13.07 -33.44 43.02
N GLY A 483 12.12 -33.49 42.09
CA GLY A 483 10.73 -33.58 42.46
C GLY A 483 10.38 -34.93 43.06
N ASP A 484 9.36 -34.92 43.93
CA ASP A 484 8.86 -36.16 44.53
C ASP A 484 7.85 -36.87 43.63
N ILE A 485 7.21 -36.14 42.71
CA ILE A 485 6.20 -36.73 41.84
C ILE A 485 6.62 -36.48 40.40
N PRO A 486 6.05 -37.21 39.45
CA PRO A 486 6.43 -37.01 38.05
C PRO A 486 6.09 -35.61 37.58
N CYS A 487 6.87 -35.13 36.61
CA CYS A 487 6.67 -33.83 35.98
C CYS A 487 6.66 -32.70 37.00
N SER A 488 7.56 -32.78 37.98
CA SER A 488 7.70 -31.75 38.99
C SER A 488 9.15 -31.70 39.44
N GLY A 489 9.65 -30.50 39.65
CA GLY A 489 10.95 -30.35 40.27
C GLY A 489 11.65 -29.08 39.85
N ARG A 490 12.84 -28.87 40.41
CA ARG A 490 13.65 -27.73 40.06
C ARG A 490 14.08 -27.82 38.60
N VAL A 491 14.12 -26.68 37.94
CA VAL A 491 14.38 -26.60 36.51
C VAL A 491 15.87 -26.40 36.29
N GLU A 492 16.44 -27.22 35.42
CA GLU A 492 17.82 -27.06 34.98
C GLU A 492 17.84 -27.06 33.46
N VAL A 493 18.84 -26.40 32.89
CA VAL A 493 19.02 -26.35 31.45
C VAL A 493 20.46 -26.67 31.12
N LYS A 494 20.66 -27.53 30.13
CA LYS A 494 21.98 -27.87 29.63
C LYS A 494 22.31 -26.89 28.51
N HIS A 495 23.41 -26.16 28.69
CA HIS A 495 24.01 -25.31 27.67
C HIS A 495 25.25 -26.03 27.15
N GLY A 496 25.23 -26.39 25.88
CA GLY A 496 26.33 -27.13 25.30
C GLY A 496 26.52 -28.46 26.01
N ASP A 497 27.59 -28.57 26.80
CA ASP A 497 27.87 -29.78 27.55
C ASP A 497 27.97 -29.49 29.05
N THR A 498 27.28 -28.45 29.52
CA THR A 498 27.29 -28.07 30.93
C THR A 498 25.86 -27.87 31.41
N TRP A 499 25.66 -28.06 32.72
CA TRP A 499 24.34 -27.97 33.33
C TRP A 499 24.25 -26.72 34.20
N GLY A 500 23.14 -26.00 34.10
CA GLY A 500 22.93 -24.81 34.88
C GLY A 500 21.51 -24.73 35.40
N SER A 501 21.30 -23.80 36.33
CA SER A 501 19.99 -23.56 36.91
C SER A 501 19.50 -22.18 36.51
N ILE A 502 18.18 -22.05 36.35
CA ILE A 502 17.55 -20.81 35.93
C ILE A 502 16.85 -20.17 37.13
N CYS A 503 17.09 -18.87 37.33
CA CYS A 503 16.58 -18.16 38.49
C CYS A 503 15.10 -17.84 38.34
N ASP A 504 14.49 -17.42 39.45
CA ASP A 504 13.06 -17.12 39.44
C ASP A 504 12.73 -15.91 38.56
N SER A 505 13.55 -14.86 38.64
CA SER A 505 13.22 -13.60 37.96
C SER A 505 13.15 -13.75 36.45
N ASP A 506 13.90 -14.69 35.88
CA ASP A 506 14.05 -14.82 34.44
C ASP A 506 13.35 -16.07 33.91
N PHE A 507 12.18 -16.37 34.46
CA PHE A 507 11.33 -17.45 33.99
C PHE A 507 9.89 -16.98 33.98
N SER A 508 9.10 -17.55 33.08
CA SER A 508 7.74 -17.07 32.85
C SER A 508 6.80 -18.27 32.72
N LEU A 509 5.50 -17.99 32.83
CA LEU A 509 4.50 -19.03 32.59
C LEU A 509 4.60 -19.59 31.19
N GLU A 510 4.89 -18.75 30.19
CA GLU A 510 5.11 -19.26 28.85
C GLU A 510 6.35 -20.14 28.76
N ALA A 511 7.42 -19.75 29.42
CA ALA A 511 8.63 -20.57 29.42
C ALA A 511 8.35 -21.92 30.07
N ALA A 512 7.62 -21.93 31.19
CA ALA A 512 7.26 -23.18 31.83
C ALA A 512 6.38 -24.02 30.91
N SER A 513 5.46 -23.37 30.18
CA SER A 513 4.61 -24.09 29.25
C SER A 513 5.42 -24.75 28.14
N VAL A 514 6.37 -24.01 27.57
CA VAL A 514 7.23 -24.56 26.52
C VAL A 514 8.06 -25.72 27.07
N LEU A 515 8.57 -25.56 28.29
CA LEU A 515 9.35 -26.62 28.92
C LEU A 515 8.52 -27.88 29.09
N CYS A 516 7.31 -27.74 29.67
CA CYS A 516 6.47 -28.91 29.90
C CYS A 516 6.05 -29.56 28.59
N ARG A 517 5.77 -28.74 27.57
CA ARG A 517 5.36 -29.29 26.27
C ARG A 517 6.50 -30.08 25.64
N GLU A 518 7.72 -29.52 25.64
CA GLU A 518 8.84 -30.20 25.02
C GLU A 518 9.18 -31.49 25.76
N LEU A 519 9.06 -31.49 27.09
CA LEU A 519 9.29 -32.68 27.89
C LEU A 519 8.10 -33.63 27.88
N GLN A 520 7.04 -33.31 27.13
CA GLN A 520 5.84 -34.15 27.05
C GLN A 520 5.19 -34.34 28.41
N CYS A 521 5.33 -33.35 29.31
CA CYS A 521 4.65 -33.34 30.58
C CYS A 521 3.34 -32.56 30.56
N GLY A 522 2.93 -32.08 29.40
CA GLY A 522 1.65 -31.41 29.28
C GLY A 522 1.70 -29.91 29.50
N THR A 523 0.64 -29.34 30.05
CA THR A 523 0.58 -27.92 30.34
C THR A 523 1.10 -27.66 31.75
N VAL A 524 1.53 -26.42 31.99
CA VAL A 524 2.05 -26.04 33.31
C VAL A 524 0.89 -25.80 34.26
N VAL A 525 1.04 -26.26 35.50
CA VAL A 525 0.05 -25.99 36.53
C VAL A 525 0.58 -25.14 37.67
N SER A 526 1.90 -25.10 37.91
CA SER A 526 2.39 -24.23 38.96
C SER A 526 3.86 -23.92 38.75
N ILE A 527 4.25 -22.72 39.16
CA ILE A 527 5.64 -22.27 39.14
C ILE A 527 6.06 -22.04 40.58
N LEU A 528 6.90 -22.92 41.11
CA LEU A 528 7.32 -22.86 42.51
C LEU A 528 8.68 -22.17 42.56
N GLY A 529 8.64 -20.85 42.58
CA GLY A 529 9.84 -20.07 42.78
C GLY A 529 10.29 -20.10 44.23
N GLY A 530 11.51 -19.64 44.46
CA GLY A 530 12.03 -19.58 45.81
C GLY A 530 12.80 -20.80 46.26
N ALA A 531 13.22 -21.66 45.34
CA ALA A 531 14.04 -22.83 45.65
C ALA A 531 13.30 -23.79 46.57
N HIS A 532 12.09 -24.17 46.16
CA HIS A 532 11.27 -25.07 46.95
C HIS A 532 11.88 -26.47 46.99
N PHE A 533 12.32 -26.98 45.85
CA PHE A 533 12.87 -28.33 45.76
C PHE A 533 14.35 -28.35 46.11
N GLY A 534 14.71 -27.84 47.28
CA GLY A 534 16.10 -27.73 47.65
C GLY A 534 16.75 -26.51 47.02
N GLU A 535 17.98 -26.68 46.53
CA GLU A 535 18.69 -25.57 45.91
C GLU A 535 19.65 -26.12 44.87
N GLY A 536 20.01 -25.26 43.92
CA GLY A 536 20.98 -25.61 42.89
C GLY A 536 22.40 -25.43 43.36
N ASN A 537 22.89 -26.37 44.18
CA ASN A 537 24.21 -26.24 44.76
C ASN A 537 25.33 -26.38 43.72
N GLY A 538 25.02 -26.90 42.54
CA GLY A 538 26.01 -27.07 41.50
C GLY A 538 26.24 -25.80 40.71
N GLN A 539 26.76 -25.99 39.50
CA GLN A 539 27.01 -24.85 38.62
C GLN A 539 25.70 -24.12 38.35
N ILE A 540 25.77 -22.79 38.31
CA ILE A 540 24.56 -21.98 38.21
C ILE A 540 24.17 -21.66 36.76
N TRP A 541 25.05 -20.98 36.04
CA TRP A 541 24.80 -20.57 34.64
C TRP A 541 23.46 -19.85 34.50
N ALA A 542 23.17 -18.95 35.43
CA ALA A 542 21.89 -18.25 35.41
C ALA A 542 21.96 -17.14 34.37
N GLU A 543 21.25 -17.32 33.27
CA GLU A 543 21.18 -16.35 32.18
C GLU A 543 19.77 -15.79 32.08
N GLU A 544 19.61 -14.79 31.22
CA GLU A 544 18.29 -14.21 31.01
C GLU A 544 17.47 -15.14 30.11
N PHE A 545 16.17 -14.86 30.02
CA PHE A 545 15.31 -15.68 29.19
C PHE A 545 14.06 -14.91 28.81
N GLN A 546 13.43 -15.37 27.72
CA GLN A 546 12.21 -14.80 27.16
C GLN A 546 11.56 -15.88 26.30
N CYS A 547 10.27 -15.71 26.05
CA CYS A 547 9.54 -16.63 25.21
C CYS A 547 8.31 -15.91 24.65
N GLU A 548 7.81 -16.43 23.54
CA GLU A 548 6.61 -15.90 22.88
C GLU A 548 5.57 -17.01 22.84
N GLY A 549 4.51 -16.79 22.06
CA GLY A 549 3.41 -17.74 22.05
C GLY A 549 3.75 -19.03 21.31
N HIS A 550 3.40 -20.17 21.93
CA HIS A 550 3.36 -21.48 21.27
C HIS A 550 4.65 -21.78 20.51
N GLU A 551 5.73 -21.93 21.28
CA GLU A 551 7.00 -22.42 20.74
C GLU A 551 7.22 -23.87 21.12
N SER A 552 7.82 -24.63 20.20
CA SER A 552 7.87 -26.09 20.31
C SER A 552 8.93 -26.56 21.29
N HIS A 553 10.13 -25.97 21.24
CA HIS A 553 11.23 -26.33 22.13
C HIS A 553 11.75 -25.08 22.81
N LEU A 554 12.44 -25.30 23.93
CA LEU A 554 13.02 -24.20 24.69
C LEU A 554 14.18 -23.56 23.95
N SER A 555 14.69 -24.19 22.90
CA SER A 555 15.79 -23.65 22.10
C SER A 555 15.32 -22.79 20.95
N LEU A 556 14.02 -22.61 20.78
CA LEU A 556 13.48 -21.72 19.75
C LEU A 556 13.23 -20.31 20.26
N CYS A 557 12.96 -20.16 21.55
CA CYS A 557 12.61 -18.85 22.08
C CYS A 557 13.79 -17.90 21.98
N PRO A 558 13.55 -16.61 21.72
CA PRO A 558 14.62 -15.62 21.82
C PRO A 558 15.13 -15.51 23.24
N VAL A 559 16.26 -14.82 23.39
CA VAL A 559 16.89 -14.59 24.68
C VAL A 559 17.59 -13.23 24.62
N ALA A 560 17.77 -12.61 25.78
CA ALA A 560 18.48 -11.33 25.92
C ALA A 560 19.57 -11.52 26.96
N PRO A 561 20.70 -12.10 26.57
CA PRO A 561 21.69 -12.53 27.56
C PRO A 561 22.22 -11.36 28.40
N ARG A 562 22.55 -11.67 29.65
CA ARG A 562 23.17 -10.75 30.58
C ARG A 562 24.32 -11.46 31.28
N PRO A 563 25.27 -10.70 31.85
CA PRO A 563 26.45 -11.33 32.47
C PRO A 563 26.12 -12.40 33.50
N GLU A 564 25.36 -12.04 34.53
CA GLU A 564 25.00 -13.01 35.57
C GLU A 564 23.83 -12.46 36.37
N GLY A 565 23.20 -13.35 37.13
CA GLY A 565 22.10 -13.00 38.00
C GLY A 565 22.53 -12.89 39.45
N THR A 566 21.88 -11.97 40.18
CA THR A 566 22.23 -11.75 41.58
C THR A 566 21.75 -12.90 42.46
N CYS A 567 20.69 -13.59 42.03
CA CYS A 567 20.13 -14.70 42.81
C CYS A 567 21.00 -15.93 42.62
N SER A 568 21.76 -16.30 43.65
CA SER A 568 22.66 -17.43 43.53
C SER A 568 21.93 -18.76 43.75
N HIS A 569 21.40 -18.97 44.95
CA HIS A 569 20.72 -20.21 45.30
C HIS A 569 19.31 -20.01 45.82
N SER A 570 18.98 -18.83 46.32
CA SER A 570 17.72 -18.63 47.03
C SER A 570 16.51 -18.55 46.11
N ARG A 571 16.71 -18.29 44.82
CA ARG A 571 15.58 -18.01 43.94
C ARG A 571 15.69 -18.77 42.62
N ASP A 572 16.20 -20.00 42.67
CA ASP A 572 16.11 -20.88 41.51
C ASP A 572 14.71 -21.49 41.41
N VAL A 573 14.21 -21.59 40.20
CA VAL A 573 12.78 -21.87 39.98
C VAL A 573 12.54 -23.37 39.86
N GLY A 574 11.39 -23.80 40.37
CA GLY A 574 10.89 -25.14 40.11
C GLY A 574 9.58 -25.06 39.37
N VAL A 575 9.18 -26.14 38.70
CA VAL A 575 7.92 -26.15 37.95
C VAL A 575 7.19 -27.46 38.23
N VAL A 576 5.86 -27.40 38.13
CA VAL A 576 4.99 -28.57 38.20
C VAL A 576 4.03 -28.49 37.01
N CYS A 577 4.05 -29.53 36.18
CA CYS A 577 3.20 -29.63 34.99
C CYS A 577 1.97 -30.48 35.30
N SER A 578 1.14 -30.69 34.27
CA SER A 578 -0.20 -31.23 34.44
C SER A 578 -0.25 -32.75 34.55
N ARG A 579 0.81 -33.46 34.19
CA ARG A 579 0.78 -34.91 34.03
C ARG A 579 1.43 -35.63 35.20
N TYR A 580 1.17 -35.17 36.41
CA TYR A 580 1.73 -35.75 37.62
C TYR A 580 0.97 -36.97 38.14
N THR A 581 -0.13 -37.35 37.49
CA THR A 581 -0.97 -38.42 38.02
C THR A 581 -0.35 -39.78 37.74
N GLU A 582 -0.32 -40.63 38.77
CA GLU A 582 0.24 -41.97 38.67
C GLU A 582 -0.90 -42.99 38.73
N ILE A 583 -1.01 -43.81 37.68
CA ILE A 583 -2.05 -44.83 37.58
C ILE A 583 -1.46 -46.09 36.97
N ARG A 584 -2.14 -47.20 37.23
CA ARG A 584 -1.69 -48.50 36.75
C ARG A 584 -2.90 -49.41 36.55
N LEU A 585 -2.68 -50.49 35.81
CA LEU A 585 -3.63 -51.58 35.69
C LEU A 585 -3.03 -52.82 36.34
N VAL A 586 -3.83 -53.50 37.16
CA VAL A 586 -3.36 -54.62 37.96
C VAL A 586 -4.33 -55.79 37.82
N ASN A 587 -3.84 -56.98 38.19
CA ASN A 587 -4.67 -58.19 38.30
C ASN A 587 -5.39 -58.52 36.99
N GLY A 588 -4.72 -58.28 35.88
CA GLY A 588 -5.18 -58.70 34.57
C GLY A 588 -4.32 -59.80 33.99
N LYS A 589 -4.92 -60.62 33.10
CA LYS A 589 -4.14 -61.65 32.42
C LYS A 589 -3.07 -61.03 31.54
N THR A 590 -3.32 -59.84 31.01
CA THR A 590 -2.31 -59.15 30.24
C THR A 590 -2.20 -57.77 30.85
N PRO A 591 -1.03 -57.13 30.75
CA PRO A 591 -0.86 -55.84 31.41
C PRO A 591 -1.68 -54.70 30.83
N CYS A 592 -2.36 -54.89 29.70
CA CYS A 592 -3.06 -53.79 29.07
C CYS A 592 -4.59 -53.88 29.29
N GLU A 593 -5.01 -54.55 30.36
CA GLU A 593 -6.42 -54.68 30.74
C GLU A 593 -6.45 -55.23 32.17
N GLY A 594 -7.33 -54.66 32.98
CA GLY A 594 -7.48 -55.10 34.35
C GLY A 594 -8.00 -53.97 35.21
N ARG A 595 -7.75 -54.09 36.51
CA ARG A 595 -8.25 -53.14 37.50
C ARG A 595 -7.43 -51.85 37.47
N VAL A 596 -8.13 -50.73 37.66
CA VAL A 596 -7.50 -49.41 37.68
C VAL A 596 -7.08 -49.07 39.10
N GLU A 597 -5.84 -48.62 39.25
CA GLU A 597 -5.30 -48.14 40.51
C GLU A 597 -4.66 -46.77 40.31
N LEU A 598 -4.74 -45.97 41.38
CA LEU A 598 -4.26 -44.60 41.43
C LEU A 598 -3.40 -44.41 42.67
N LYS A 599 -2.33 -43.64 42.52
CA LYS A 599 -1.44 -43.33 43.64
C LYS A 599 -1.64 -41.88 44.04
N THR A 600 -1.88 -41.67 45.33
CA THR A 600 -2.10 -40.32 45.84
C THR A 600 -1.59 -40.30 47.27
N LEU A 601 -1.18 -39.11 47.73
CA LEU A 601 -0.40 -38.98 48.97
C LEU A 601 0.81 -39.90 48.81
N GLY A 602 1.04 -40.85 49.70
CA GLY A 602 2.09 -41.83 49.51
C GLY A 602 1.58 -43.23 49.28
N ALA A 603 0.30 -43.38 48.97
CA ALA A 603 -0.34 -44.69 48.96
C ALA A 603 -1.05 -44.96 47.65
N TRP A 604 -1.05 -46.23 47.26
CA TRP A 604 -1.83 -46.73 46.14
C TRP A 604 -3.23 -47.11 46.59
N GLY A 605 -4.16 -47.11 45.63
CA GLY A 605 -5.53 -47.48 45.94
C GLY A 605 -6.31 -47.75 44.67
N SER A 606 -7.51 -48.28 44.86
CA SER A 606 -8.41 -48.62 43.77
C SER A 606 -9.39 -47.49 43.51
N LEU A 607 -9.59 -47.18 42.23
CA LEU A 607 -10.46 -46.07 41.86
C LEU A 607 -11.92 -46.50 41.82
N CYS A 608 -12.79 -45.68 42.40
CA CYS A 608 -14.22 -45.92 42.35
C CYS A 608 -14.80 -45.52 41.00
N ASN A 609 -15.73 -46.33 40.49
CA ASN A 609 -16.28 -46.16 39.16
C ASN A 609 -17.66 -45.51 39.15
N SER A 610 -17.94 -44.59 40.07
CA SER A 610 -19.22 -43.91 40.06
C SER A 610 -19.45 -43.18 38.74
N HIS A 611 -18.47 -42.38 38.32
CA HIS A 611 -18.53 -41.67 37.05
C HIS A 611 -17.48 -42.17 36.06
N TRP A 612 -17.13 -43.45 36.13
CA TRP A 612 -16.28 -44.05 35.11
C TRP A 612 -17.09 -44.25 33.84
N ASP A 613 -16.46 -44.00 32.70
CA ASP A 613 -17.14 -44.16 31.42
C ASP A 613 -16.11 -44.44 30.33
N ILE A 614 -16.61 -44.71 29.13
CA ILE A 614 -15.75 -45.16 28.04
C ILE A 614 -14.73 -44.09 27.67
N GLU A 615 -15.02 -42.81 27.92
CA GLU A 615 -14.06 -41.78 27.56
C GLU A 615 -12.86 -41.83 28.49
N ASP A 616 -13.10 -42.00 29.80
CA ASP A 616 -12.00 -42.12 30.75
C ASP A 616 -11.16 -43.37 30.45
N ALA A 617 -11.83 -44.47 30.12
CA ALA A 617 -11.12 -45.68 29.74
C ALA A 617 -10.26 -45.44 28.51
N HIS A 618 -10.80 -44.73 27.52
CA HIS A 618 -10.05 -44.44 26.30
C HIS A 618 -8.80 -43.62 26.62
N VAL A 619 -8.94 -42.59 27.45
CA VAL A 619 -7.80 -41.76 27.81
C VAL A 619 -6.76 -42.59 28.55
N LEU A 620 -7.21 -43.38 29.53
CA LEU A 620 -6.29 -44.19 30.31
C LEU A 620 -5.51 -45.15 29.42
N CYS A 621 -6.21 -45.83 28.51
CA CYS A 621 -5.53 -46.81 27.67
C CYS A 621 -4.62 -46.15 26.65
N GLN A 622 -5.04 -45.02 26.08
CA GLN A 622 -4.16 -44.32 25.14
C GLN A 622 -2.89 -43.86 25.83
N GLN A 623 -3.01 -43.40 27.09
CA GLN A 623 -1.81 -43.08 27.86
C GLN A 623 -0.98 -44.32 28.09
N LEU A 624 -1.66 -45.43 28.39
CA LEU A 624 -1.06 -46.65 28.88
C LEU A 624 -0.72 -47.62 27.75
N LYS A 625 -0.41 -47.06 26.56
CA LYS A 625 0.08 -47.85 25.42
C LYS A 625 -0.91 -48.89 24.94
N CYS A 626 -2.20 -48.53 24.87
CA CYS A 626 -3.17 -49.53 24.44
C CYS A 626 -4.12 -49.00 23.38
N GLY A 627 -3.80 -47.86 22.73
CA GLY A 627 -4.70 -47.57 21.62
C GLY A 627 -6.10 -47.31 22.13
N VAL A 628 -7.07 -47.49 21.23
CA VAL A 628 -8.45 -47.22 21.57
C VAL A 628 -8.91 -48.22 22.64
N ALA A 629 -10.00 -47.87 23.33
CA ALA A 629 -10.59 -48.66 24.41
C ALA A 629 -11.82 -49.38 23.90
N LEU A 630 -12.15 -50.52 24.51
CA LEU A 630 -13.25 -51.34 24.04
C LEU A 630 -14.49 -51.24 24.92
N SER A 631 -14.38 -51.55 26.22
CA SER A 631 -15.55 -51.53 27.08
C SER A 631 -15.08 -51.40 28.53
N THR A 632 -16.04 -51.10 29.41
CA THR A 632 -15.74 -50.90 30.83
C THR A 632 -16.31 -52.06 31.64
N PRO A 633 -15.49 -52.99 32.11
CA PRO A 633 -16.01 -54.13 32.88
C PRO A 633 -16.36 -53.72 34.30
N GLY A 634 -17.65 -53.77 34.62
CA GLY A 634 -18.12 -53.44 35.94
C GLY A 634 -17.92 -54.57 36.94
N GLY A 635 -18.36 -54.30 38.17
CA GLY A 635 -18.29 -55.29 39.22
C GLY A 635 -16.86 -55.56 39.68
N ALA A 636 -16.68 -56.75 40.25
CA ALA A 636 -15.40 -57.18 40.81
C ALA A 636 -14.64 -58.11 39.87
N ARG A 637 -14.72 -57.83 38.56
CA ARG A 637 -14.20 -58.73 37.54
C ARG A 637 -12.72 -59.07 37.73
N PHE A 638 -11.97 -58.24 38.46
CA PHE A 638 -10.54 -58.45 38.62
C PHE A 638 -10.12 -58.43 40.08
N GLY A 639 -11.05 -58.78 40.98
CA GLY A 639 -10.74 -58.87 42.39
C GLY A 639 -11.24 -57.67 43.18
N LYS A 640 -11.83 -57.93 44.35
CA LYS A 640 -12.29 -56.87 45.21
C LYS A 640 -11.12 -56.08 45.78
N GLY A 641 -11.40 -54.84 46.16
CA GLY A 641 -10.35 -53.99 46.70
C GLY A 641 -9.78 -54.55 47.99
N ASN A 642 -8.49 -54.27 48.21
CA ASN A 642 -7.78 -54.74 49.39
C ASN A 642 -6.95 -53.61 50.00
N GLY A 643 -7.48 -52.39 49.95
CA GLY A 643 -6.80 -51.25 50.51
C GLY A 643 -7.60 -49.98 50.39
N GLN A 644 -6.92 -48.85 50.19
CA GLN A 644 -7.58 -47.57 50.05
C GLN A 644 -8.40 -47.54 48.76
N ILE A 645 -9.50 -46.79 48.80
CA ILE A 645 -10.35 -46.56 47.64
C ILE A 645 -10.33 -45.07 47.35
N TRP A 646 -9.92 -44.70 46.14
CA TRP A 646 -9.85 -43.31 45.72
C TRP A 646 -11.12 -42.95 44.96
N ARG A 647 -11.70 -41.82 45.30
CA ARG A 647 -13.03 -41.44 44.82
C ARG A 647 -12.99 -40.37 43.74
N HIS A 648 -11.86 -40.24 43.03
CA HIS A 648 -11.74 -39.18 42.05
C HIS A 648 -12.77 -39.36 40.93
N MET A 649 -13.29 -38.23 40.46
CA MET A 649 -14.24 -38.20 39.36
C MET A 649 -13.57 -37.54 38.15
N PHE A 650 -13.05 -38.36 37.25
CA PHE A 650 -12.49 -37.84 36.02
C PHE A 650 -13.60 -37.45 35.06
N HIS A 651 -13.38 -36.36 34.34
CA HIS A 651 -14.37 -35.81 33.41
C HIS A 651 -13.76 -35.67 32.03
N CYS A 652 -13.08 -36.72 31.57
CA CYS A 652 -12.41 -36.68 30.29
C CYS A 652 -13.41 -36.48 29.16
N THR A 653 -12.99 -35.73 28.14
CA THR A 653 -13.79 -35.59 26.94
C THR A 653 -13.45 -36.65 25.89
N GLY A 654 -12.24 -37.21 25.95
CA GLY A 654 -11.79 -38.21 25.01
C GLY A 654 -10.57 -37.83 24.20
N THR A 655 -10.31 -36.54 24.04
CA THR A 655 -9.17 -36.06 23.26
C THR A 655 -7.90 -35.91 24.09
N GLU A 656 -7.94 -36.26 25.38
CA GLU A 656 -6.81 -36.04 26.27
C GLU A 656 -5.84 -37.21 26.17
N GLN A 657 -4.56 -36.90 25.98
CA GLN A 657 -3.53 -37.93 25.88
C GLN A 657 -3.13 -38.50 27.23
N HIS A 658 -3.41 -37.79 28.32
CA HIS A 658 -3.02 -38.23 29.66
C HIS A 658 -4.13 -37.88 30.64
N MET A 659 -4.38 -38.77 31.59
CA MET A 659 -5.43 -38.56 32.57
C MET A 659 -5.25 -37.28 33.34
N GLY A 660 -4.00 -36.81 33.48
CA GLY A 660 -3.76 -35.55 34.16
C GLY A 660 -4.24 -34.35 33.38
N ASP A 661 -4.45 -34.49 32.07
CA ASP A 661 -4.99 -33.40 31.28
C ASP A 661 -6.49 -33.23 31.44
N CYS A 662 -7.20 -34.27 31.91
CA CYS A 662 -8.63 -34.15 32.13
C CYS A 662 -8.91 -33.41 33.44
N PRO A 663 -10.07 -32.74 33.53
CA PRO A 663 -10.48 -32.20 34.84
C PRO A 663 -10.71 -33.34 35.83
N VAL A 664 -10.36 -33.08 37.09
CA VAL A 664 -10.50 -34.05 38.16
C VAL A 664 -11.08 -33.35 39.38
N THR A 665 -12.01 -34.02 40.05
CA THR A 665 -12.59 -33.52 41.29
C THR A 665 -12.59 -34.64 42.31
N ALA A 666 -12.15 -34.34 43.53
CA ALA A 666 -12.14 -35.30 44.61
C ALA A 666 -12.68 -34.75 45.92
N LEU A 667 -12.89 -33.45 46.03
CA LEU A 667 -13.32 -32.84 47.28
C LEU A 667 -14.78 -33.20 47.55
N GLY A 668 -15.03 -33.96 48.60
CA GLY A 668 -16.38 -34.30 49.00
C GLY A 668 -17.01 -35.43 48.23
N ALA A 669 -16.24 -36.17 47.43
CA ALA A 669 -16.81 -37.26 46.64
C ALA A 669 -17.43 -38.32 47.55
N SER A 670 -18.54 -38.88 47.09
CA SER A 670 -19.27 -39.85 47.89
C SER A 670 -18.50 -41.16 48.02
N LEU A 671 -18.72 -41.85 49.13
CA LEU A 671 -18.05 -43.10 49.39
C LEU A 671 -18.57 -44.19 48.45
N CYS A 672 -17.81 -45.28 48.35
CA CYS A 672 -18.16 -46.36 47.44
C CYS A 672 -18.03 -47.70 48.16
N PRO A 673 -18.87 -48.67 47.81
CA PRO A 673 -18.73 -50.00 48.41
C PRO A 673 -17.44 -50.69 47.98
N SER A 674 -16.88 -51.48 48.89
CA SER A 674 -15.61 -52.12 48.63
C SER A 674 -15.68 -53.11 47.47
N GLU A 675 -16.82 -53.78 47.32
CA GLU A 675 -16.95 -54.79 46.26
C GLU A 675 -17.02 -54.17 44.87
N GLN A 676 -17.18 -52.85 44.77
CA GLN A 676 -17.35 -52.18 43.49
C GLN A 676 -16.12 -51.31 43.23
N VAL A 677 -15.49 -51.50 42.06
CA VAL A 677 -14.23 -50.87 41.72
C VAL A 677 -14.16 -50.76 40.20
N ALA A 678 -13.38 -49.80 39.70
CA ALA A 678 -13.27 -49.58 38.27
C ALA A 678 -12.31 -50.58 37.66
N SER A 679 -12.38 -50.71 36.33
CA SER A 679 -11.51 -51.59 35.56
C SER A 679 -11.74 -51.30 34.09
N VAL A 680 -10.79 -51.72 33.25
CA VAL A 680 -10.88 -51.47 31.82
C VAL A 680 -10.36 -52.68 31.05
N ILE A 681 -10.77 -52.75 29.78
CA ILE A 681 -10.21 -53.67 28.78
C ILE A 681 -10.00 -52.89 27.49
N CYS A 682 -8.89 -53.15 26.82
CA CYS A 682 -8.54 -52.40 25.63
C CYS A 682 -7.84 -53.30 24.62
N SER A 683 -7.85 -52.84 23.36
CA SER A 683 -7.37 -53.66 22.25
C SER A 683 -5.92 -54.08 22.43
N GLY A 684 -5.03 -53.12 22.68
CA GLY A 684 -3.64 -53.43 22.89
C GLY A 684 -2.70 -53.17 21.73
N ASN A 685 -3.16 -52.53 20.66
CA ASN A 685 -2.30 -52.18 19.54
C ASN A 685 -2.12 -50.67 19.49
N GLN A 686 -0.87 -50.22 19.55
CA GLN A 686 -0.59 -48.80 19.73
C GLN A 686 -1.02 -47.99 18.51
N SER A 687 -0.88 -48.54 17.31
CA SER A 687 -1.15 -47.78 16.09
C SER A 687 -2.61 -47.38 15.95
N GLN A 688 -3.51 -48.01 16.71
CA GLN A 688 -4.92 -47.66 16.62
C GLN A 688 -5.17 -46.24 17.13
N THR A 689 -6.04 -45.52 16.44
CA THR A 689 -6.37 -44.15 16.79
C THR A 689 -7.88 -43.96 16.94
N GLY A 717 -20.49 -31.53 17.67
CA GLY A 717 -21.42 -31.85 18.74
C GLY A 717 -20.80 -31.74 20.12
N GLN A 718 -20.50 -30.51 20.53
CA GLN A 718 -19.88 -30.26 21.83
C GLN A 718 -20.59 -29.11 22.52
N LEU A 719 -20.65 -29.17 23.84
CA LEU A 719 -21.25 -28.13 24.67
C LEU A 719 -20.23 -27.69 25.71
N ARG A 720 -20.17 -26.38 25.94
CA ARG A 720 -19.13 -25.80 26.78
C ARG A 720 -19.71 -24.66 27.61
N LEU A 721 -19.08 -24.41 28.75
CA LEU A 721 -19.37 -23.26 29.58
C LEU A 721 -18.13 -22.41 29.72
N VAL A 722 -18.28 -21.10 29.57
CA VAL A 722 -17.15 -20.18 29.53
C VAL A 722 -17.40 -19.01 30.47
N ASN A 723 -16.33 -18.53 31.10
CA ASN A 723 -16.23 -17.29 31.87
C ASN A 723 -16.86 -17.42 33.25
N GLY A 724 -17.21 -18.62 33.68
CA GLY A 724 -17.92 -18.76 34.94
C GLY A 724 -17.07 -19.02 36.16
N GLY A 725 -15.75 -19.00 36.03
CA GLY A 725 -14.90 -19.35 37.14
C GLY A 725 -14.79 -20.83 37.43
N GLY A 726 -15.29 -21.67 36.54
CA GLY A 726 -15.24 -23.12 36.73
C GLY A 726 -15.89 -23.80 35.54
N ARG A 727 -15.73 -25.11 35.51
CA ARG A 727 -16.30 -25.89 34.40
C ARG A 727 -17.79 -26.14 34.55
N CYS A 728 -18.37 -25.89 35.71
CA CYS A 728 -19.78 -26.16 35.97
C CYS A 728 -20.57 -24.87 36.18
N ALA A 729 -20.21 -23.82 35.45
CA ALA A 729 -20.89 -22.53 35.54
C ALA A 729 -20.37 -21.63 34.43
N GLY A 730 -21.26 -20.83 33.88
CA GLY A 730 -20.88 -19.80 32.94
C GLY A 730 -21.82 -19.75 31.76
N ARG A 731 -21.39 -19.00 30.74
CA ARG A 731 -22.15 -18.87 29.51
C ARG A 731 -22.12 -20.17 28.74
N VAL A 732 -23.27 -20.53 28.17
CA VAL A 732 -23.45 -21.76 27.42
C VAL A 732 -23.07 -21.53 25.96
N GLU A 733 -22.26 -22.42 25.41
CA GLU A 733 -21.87 -22.37 24.00
C GLU A 733 -21.98 -23.76 23.40
N ILE A 734 -22.43 -23.81 22.15
CA ILE A 734 -22.63 -25.04 21.41
C ILE A 734 -21.76 -24.97 20.16
N TYR A 735 -21.03 -26.05 19.89
CA TYR A 735 -20.21 -26.15 18.68
C TYR A 735 -21.04 -26.79 17.58
N HIS A 736 -21.31 -26.03 16.53
CA HIS A 736 -22.05 -26.54 15.39
C HIS A 736 -21.69 -25.74 14.15
N GLU A 737 -21.94 -26.34 12.99
CA GLU A 737 -21.63 -25.72 11.70
C GLU A 737 -20.20 -25.21 11.64
N GLY A 738 -19.32 -25.82 12.43
CA GLY A 738 -17.91 -25.48 12.42
C GLY A 738 -17.52 -24.30 13.28
N SER A 739 -18.40 -23.84 14.16
CA SER A 739 -18.08 -22.70 15.02
C SER A 739 -18.85 -22.81 16.33
N TRP A 740 -18.35 -22.11 17.34
CA TRP A 740 -19.06 -21.97 18.60
C TRP A 740 -20.12 -20.89 18.50
N GLY A 741 -21.26 -21.13 19.15
CA GLY A 741 -22.34 -20.17 19.19
C GLY A 741 -23.07 -20.23 20.50
N THR A 742 -24.01 -19.31 20.69
CA THR A 742 -24.68 -19.15 21.97
C THR A 742 -26.15 -19.55 21.87
N ILE A 743 -26.84 -19.49 23.01
CA ILE A 743 -28.26 -19.77 23.14
C ILE A 743 -28.92 -18.53 23.75
N CYS A 744 -30.04 -18.10 23.15
CA CYS A 744 -30.75 -16.94 23.66
C CYS A 744 -31.45 -17.24 24.98
N ASP A 745 -31.66 -16.18 25.75
CA ASP A 745 -32.21 -16.31 27.08
C ASP A 745 -33.73 -16.25 27.08
N ASP A 746 -34.33 -16.11 25.90
CA ASP A 746 -35.78 -16.10 25.76
C ASP A 746 -36.34 -17.46 26.16
N SER A 747 -37.17 -17.48 27.20
CA SER A 747 -37.76 -18.69 27.75
C SER A 747 -36.71 -19.58 28.41
N TRP A 748 -35.52 -19.06 28.65
CA TRP A 748 -34.46 -19.82 29.30
C TRP A 748 -34.81 -20.00 30.77
N ASP A 749 -35.16 -21.22 31.15
CA ASP A 749 -35.65 -21.52 32.49
C ASP A 749 -34.78 -22.61 33.11
N LEU A 750 -35.20 -23.08 34.28
CA LEU A 750 -34.37 -23.98 35.07
C LEU A 750 -34.25 -25.35 34.41
N SER A 751 -35.23 -25.74 33.60
CA SER A 751 -35.21 -27.06 32.97
C SER A 751 -34.13 -27.17 31.91
N ASP A 752 -33.98 -26.14 31.08
CA ASP A 752 -32.91 -26.16 30.08
C ASP A 752 -31.54 -26.18 30.75
N ALA A 753 -31.39 -25.40 31.83
CA ALA A 753 -30.16 -25.45 32.61
C ALA A 753 -29.94 -26.83 33.20
N HIS A 754 -31.03 -27.50 33.62
CA HIS A 754 -30.92 -28.87 34.11
C HIS A 754 -30.39 -29.79 33.03
N VAL A 755 -30.86 -29.63 31.81
CA VAL A 755 -30.37 -30.44 30.69
C VAL A 755 -28.89 -30.18 30.45
N VAL A 756 -28.48 -28.91 30.50
CA VAL A 756 -27.06 -28.60 30.30
C VAL A 756 -26.20 -29.24 31.39
N CYS A 757 -26.62 -29.10 32.64
CA CYS A 757 -25.85 -29.66 33.75
C CYS A 757 -25.77 -31.18 33.64
N ARG A 758 -26.88 -31.82 33.28
CA ARG A 758 -26.86 -33.27 33.07
C ARG A 758 -25.88 -33.66 31.97
N GLN A 759 -25.89 -32.91 30.86
CA GLN A 759 -25.00 -33.24 29.76
C GLN A 759 -23.54 -33.15 30.19
N LEU A 760 -23.19 -32.11 30.95
CA LEU A 760 -21.81 -31.94 31.37
C LEU A 760 -21.47 -32.70 32.65
N GLY A 761 -22.41 -33.46 33.21
CA GLY A 761 -22.10 -34.21 34.41
C GLY A 761 -21.90 -33.36 35.64
N CYS A 762 -22.49 -32.16 35.65
CA CYS A 762 -22.34 -31.23 36.76
C CYS A 762 -23.49 -31.30 37.75
N GLY A 763 -24.37 -32.29 37.62
CA GLY A 763 -25.46 -32.44 38.56
C GLY A 763 -26.74 -31.71 38.16
N GLU A 764 -27.45 -31.18 39.14
CA GLU A 764 -28.72 -30.50 38.91
C GLU A 764 -28.52 -28.99 38.87
N ALA A 765 -29.27 -28.33 38.00
CA ALA A 765 -29.15 -26.89 37.84
C ALA A 765 -29.63 -26.15 39.08
N ILE A 766 -28.96 -25.03 39.40
CA ILE A 766 -29.30 -24.23 40.56
C ILE A 766 -29.68 -22.81 40.16
N ASN A 767 -28.96 -22.21 39.21
CA ASN A 767 -29.38 -20.95 38.60
C ASN A 767 -29.40 -21.09 37.09
N ALA A 768 -30.43 -20.54 36.46
CA ALA A 768 -30.44 -20.30 35.02
C ALA A 768 -30.39 -18.80 34.81
N THR A 769 -29.33 -18.32 34.16
CA THR A 769 -29.06 -16.89 34.08
C THR A 769 -29.19 -16.40 32.65
N GLY A 770 -29.54 -15.13 32.51
CA GLY A 770 -29.63 -14.50 31.21
C GLY A 770 -29.04 -13.11 31.23
N SER A 771 -29.33 -12.32 30.20
CA SER A 771 -28.85 -10.94 30.10
C SER A 771 -27.33 -10.87 30.12
N ALA A 772 -26.67 -11.91 29.60
CA ALA A 772 -25.21 -11.97 29.50
C ALA A 772 -24.55 -11.75 30.86
N HIS A 773 -25.04 -12.48 31.86
CA HIS A 773 -24.49 -12.36 33.21
C HIS A 773 -23.00 -12.67 33.25
N PHE A 774 -22.55 -13.60 32.42
CA PHE A 774 -21.15 -13.99 32.37
C PHE A 774 -20.38 -13.32 31.24
N GLY A 775 -20.98 -12.34 30.59
CA GLY A 775 -20.30 -11.57 29.57
C GLY A 775 -20.84 -11.85 28.18
N GLU A 776 -20.91 -10.79 27.37
CA GLU A 776 -21.38 -10.93 25.99
C GLU A 776 -20.48 -11.90 25.23
N GLY A 777 -21.10 -12.80 24.48
CA GLY A 777 -20.37 -13.75 23.67
C GLY A 777 -20.03 -13.19 22.31
N THR A 778 -19.38 -14.04 21.51
CA THR A 778 -19.08 -13.72 20.12
C THR A 778 -19.41 -14.92 19.25
N GLY A 779 -19.66 -14.63 17.98
CA GLY A 779 -20.07 -15.66 17.04
C GLY A 779 -21.58 -15.67 16.87
N PRO A 780 -22.06 -16.61 16.05
CA PRO A 780 -23.50 -16.66 15.77
C PRO A 780 -24.30 -17.19 16.95
N ILE A 781 -25.57 -16.80 16.99
CA ILE A 781 -26.53 -17.40 17.91
C ILE A 781 -27.21 -18.55 17.20
N TRP A 782 -27.21 -19.72 17.82
CA TRP A 782 -27.68 -20.94 17.17
C TRP A 782 -29.10 -21.33 17.54
N LEU A 783 -29.52 -21.14 18.79
CA LEU A 783 -30.83 -21.63 19.20
C LEU A 783 -31.56 -20.62 20.08
N ASP A 784 -32.81 -20.34 19.74
CA ASP A 784 -33.68 -19.50 20.53
C ASP A 784 -34.90 -20.31 20.95
N GLU A 785 -35.63 -19.83 21.95
CA GLU A 785 -36.89 -20.44 22.37
C GLU A 785 -36.70 -21.91 22.74
N MET A 786 -35.88 -22.15 23.76
CA MET A 786 -35.69 -23.51 24.26
C MET A 786 -36.82 -23.91 25.18
N LYS A 787 -37.41 -25.08 24.93
CA LYS A 787 -38.56 -25.59 25.67
C LYS A 787 -38.29 -27.02 26.16
N CYS A 788 -37.12 -27.24 26.74
CA CYS A 788 -36.79 -28.56 27.28
C CYS A 788 -37.76 -28.92 28.40
N ASN A 789 -38.12 -30.20 28.47
CA ASN A 789 -38.99 -30.68 29.53
C ASN A 789 -38.24 -31.06 30.80
N GLY A 790 -36.91 -31.10 30.76
CA GLY A 790 -36.10 -31.36 31.92
C GLY A 790 -35.53 -32.76 32.01
N LYS A 791 -36.02 -33.70 31.21
CA LYS A 791 -35.57 -35.09 31.23
C LYS A 791 -34.73 -35.47 30.03
N GLU A 792 -34.52 -34.55 29.08
CA GLU A 792 -33.72 -34.87 27.91
C GLU A 792 -32.27 -35.17 28.31
N SER A 793 -31.62 -36.01 27.50
CA SER A 793 -30.22 -36.34 27.72
C SER A 793 -29.26 -35.34 27.10
N ARG A 794 -29.53 -34.92 25.87
CA ARG A 794 -28.70 -33.94 25.17
C ARG A 794 -29.50 -32.69 24.86
N ILE A 795 -28.80 -31.55 24.84
CA ILE A 795 -29.49 -30.27 24.70
C ILE A 795 -30.17 -30.15 23.33
N TRP A 796 -29.49 -30.59 22.27
CA TRP A 796 -30.07 -30.47 20.93
C TRP A 796 -31.33 -31.31 20.75
N GLN A 797 -31.58 -32.26 21.65
CA GLN A 797 -32.83 -33.02 21.61
C GLN A 797 -34.06 -32.20 21.95
N CYS A 798 -33.90 -31.00 22.52
CA CYS A 798 -35.06 -30.22 22.92
C CYS A 798 -35.75 -29.62 21.70
N HIS A 799 -36.94 -29.07 21.93
CA HIS A 799 -37.65 -28.35 20.89
C HIS A 799 -37.12 -26.92 20.80
N SER A 800 -36.96 -26.43 19.57
CA SER A 800 -36.44 -25.09 19.36
C SER A 800 -36.75 -24.68 17.92
N HIS A 801 -36.48 -23.41 17.62
CA HIS A 801 -36.80 -22.86 16.31
C HIS A 801 -35.86 -23.34 15.22
N GLY A 802 -34.78 -24.04 15.56
CA GLY A 802 -33.84 -24.52 14.57
C GLY A 802 -32.54 -23.73 14.58
N TRP A 803 -31.51 -24.35 14.01
CA TRP A 803 -30.17 -23.77 13.99
C TRP A 803 -30.17 -22.47 13.19
N GLY A 804 -29.81 -21.38 13.86
CA GLY A 804 -29.71 -20.08 13.21
C GLY A 804 -30.97 -19.26 13.23
N GLN A 805 -32.10 -19.83 13.63
CA GLN A 805 -33.37 -19.12 13.71
C GLN A 805 -33.42 -18.36 15.02
N GLN A 806 -33.12 -17.06 14.97
CA GLN A 806 -33.01 -16.26 16.17
C GLN A 806 -33.38 -14.82 15.84
N ASN A 807 -33.76 -14.08 16.89
CA ASN A 807 -34.07 -12.66 16.83
C ASN A 807 -33.45 -11.94 18.03
N CYS A 808 -32.22 -12.32 18.37
CA CYS A 808 -31.57 -11.86 19.59
C CYS A 808 -30.30 -11.09 19.26
N ARG A 809 -29.69 -10.59 20.33
CA ARG A 809 -28.43 -9.87 20.29
C ARG A 809 -27.56 -10.44 21.40
N HIS A 810 -26.25 -10.15 21.30
CA HIS A 810 -25.29 -10.77 22.21
C HIS A 810 -25.55 -10.44 23.68
N LYS A 811 -26.28 -9.35 23.96
CA LYS A 811 -26.65 -9.00 25.33
C LYS A 811 -27.66 -9.96 25.96
N GLU A 812 -28.08 -11.00 25.24
CA GLU A 812 -29.07 -11.96 25.74
C GLU A 812 -28.49 -13.36 25.80
N ASP A 813 -27.17 -13.48 25.93
CA ASP A 813 -26.53 -14.78 25.98
C ASP A 813 -26.91 -15.51 27.26
N ALA A 814 -27.19 -16.80 27.13
CA ALA A 814 -27.63 -17.59 28.27
C ALA A 814 -26.45 -18.07 29.11
N GLY A 815 -26.78 -18.52 30.32
CA GLY A 815 -25.77 -19.06 31.22
C GLY A 815 -26.42 -19.95 32.27
N VAL A 816 -25.56 -20.70 32.97
CA VAL A 816 -26.05 -21.64 33.97
C VAL A 816 -25.06 -21.70 35.13
N ILE A 817 -25.60 -21.88 36.34
CA ILE A 817 -24.81 -22.25 37.52
C ILE A 817 -25.36 -23.57 38.02
N CYS A 818 -24.55 -24.61 37.96
CA CYS A 818 -24.94 -25.97 38.32
C CYS A 818 -24.53 -26.29 39.75
N SER A 819 -24.96 -27.47 40.20
CA SER A 819 -24.74 -27.87 41.59
C SER A 819 -23.26 -28.04 41.89
N GLU A 820 -22.52 -28.69 40.99
CA GLU A 820 -21.12 -29.00 41.23
C GLU A 820 -20.20 -27.80 41.14
N PHE A 821 -20.72 -26.60 40.91
CA PHE A 821 -19.87 -25.41 40.91
C PHE A 821 -19.43 -25.10 42.33
N MET A 822 -18.14 -24.86 42.51
CA MET A 822 -17.56 -24.62 43.82
C MET A 822 -16.73 -23.35 43.79
N SER A 823 -16.77 -22.60 44.88
CA SER A 823 -15.94 -21.40 45.00
C SER A 823 -15.34 -21.34 46.41
N LEU A 824 -14.38 -20.44 46.59
CA LEU A 824 -13.67 -20.34 47.86
C LEU A 824 -13.51 -18.87 48.23
N ARG A 825 -13.50 -18.59 49.53
CA ARG A 825 -13.25 -17.22 49.98
C ARG A 825 -12.83 -17.23 51.44
N LEU A 826 -12.25 -16.11 51.87
CA LEU A 826 -11.96 -15.82 53.27
C LEU A 826 -12.73 -14.57 53.70
N THR A 827 -13.29 -14.60 54.91
CA THR A 827 -14.21 -13.56 55.36
C THR A 827 -13.79 -12.97 56.70
N SER A 828 -14.13 -11.69 56.87
CA SER A 828 -13.97 -10.91 58.10
C SER A 828 -15.00 -9.77 58.07
N GLU A 829 -15.20 -9.11 59.22
CA GLU A 829 -16.17 -8.02 59.29
C GLU A 829 -15.81 -6.92 58.29
N ALA A 830 -16.82 -6.48 57.55
CA ALA A 830 -16.70 -5.35 56.61
C ALA A 830 -15.48 -5.48 55.71
N SER A 831 -15.03 -6.72 55.50
CA SER A 831 -13.87 -6.98 54.66
C SER A 831 -14.07 -8.38 54.07
N ARG A 832 -14.60 -8.43 52.87
CA ARG A 832 -14.89 -9.68 52.18
C ARG A 832 -14.00 -9.75 50.95
N GLU A 833 -13.69 -10.98 50.53
CA GLU A 833 -12.69 -11.27 49.52
C GLU A 833 -11.28 -10.94 50.00
N ALA A 834 -11.13 -10.65 51.29
CA ALA A 834 -9.81 -10.47 51.87
C ALA A 834 -9.33 -11.82 52.42
N CYS A 835 -8.03 -11.92 52.63
CA CYS A 835 -7.44 -13.22 52.94
C CYS A 835 -6.75 -13.27 54.30
N ALA A 836 -7.46 -12.85 55.33
CA ALA A 836 -7.12 -13.19 56.71
C ALA A 836 -8.45 -13.36 57.43
N GLY A 837 -8.80 -14.59 57.76
CA GLY A 837 -10.07 -14.79 58.42
C GLY A 837 -10.59 -16.19 58.15
N ARG A 838 -11.92 -16.29 58.07
CA ARG A 838 -12.58 -17.59 58.02
C ARG A 838 -12.70 -18.11 56.59
N LEU A 839 -12.46 -19.42 56.43
CA LEU A 839 -12.53 -20.07 55.13
C LEU A 839 -13.96 -20.51 54.85
N GLU A 840 -14.47 -20.17 53.67
CA GLU A 840 -15.81 -20.55 53.26
C GLU A 840 -15.76 -21.12 51.84
N VAL A 841 -16.51 -22.20 51.64
CA VAL A 841 -16.58 -22.90 50.36
C VAL A 841 -18.03 -22.86 49.89
N PHE A 842 -18.21 -22.52 48.62
CA PHE A 842 -19.51 -22.50 47.95
C PHE A 842 -19.69 -23.80 47.20
N TYR A 843 -20.78 -24.51 47.49
CA TYR A 843 -21.12 -25.76 46.84
C TYR A 843 -22.64 -25.96 46.92
N ASN A 844 -23.19 -26.56 45.87
CA ASN A 844 -24.62 -26.87 45.79
C ASN A 844 -25.47 -25.63 46.05
N GLY A 845 -24.98 -24.48 45.60
CA GLY A 845 -25.73 -23.25 45.72
C GLY A 845 -25.70 -22.62 47.10
N ALA A 846 -24.90 -23.17 48.02
CA ALA A 846 -24.85 -22.67 49.39
C ALA A 846 -23.41 -22.54 49.86
N TRP A 847 -23.14 -21.52 50.66
CA TRP A 847 -21.85 -21.36 51.30
C TRP A 847 -21.81 -22.16 52.60
N GLY A 848 -20.60 -22.51 53.02
CA GLY A 848 -20.41 -23.19 54.29
C GLY A 848 -18.97 -23.11 54.69
N THR A 849 -18.68 -23.60 55.89
CA THR A 849 -17.32 -23.56 56.40
C THR A 849 -16.63 -24.91 56.20
N VAL A 850 -15.30 -24.88 56.22
CA VAL A 850 -14.47 -26.06 56.02
C VAL A 850 -13.94 -26.50 57.38
N GLY A 851 -13.72 -27.80 57.52
CA GLY A 851 -13.26 -28.33 58.77
C GLY A 851 -11.79 -28.05 59.05
N LYS A 852 -11.43 -28.18 60.32
CA LYS A 852 -10.06 -27.95 60.78
C LYS A 852 -9.25 -29.24 60.90
N SER A 853 -9.92 -30.38 61.01
CA SER A 853 -9.22 -31.65 61.27
C SER A 853 -8.28 -31.99 60.12
N SER A 854 -7.12 -32.55 60.49
CA SER A 854 -6.15 -33.06 59.52
C SER A 854 -5.68 -32.00 58.53
N MET A 855 -5.62 -30.75 58.99
CA MET A 855 -5.05 -29.68 58.19
C MET A 855 -3.54 -29.73 58.22
N SER A 856 -2.93 -29.44 57.08
CA SER A 856 -1.48 -29.52 56.91
C SER A 856 -0.98 -28.25 56.23
N GLU A 857 0.34 -28.13 56.16
CA GLU A 857 0.94 -26.93 55.60
C GLU A 857 0.61 -26.81 54.11
N THR A 858 0.65 -27.93 53.39
CA THR A 858 0.40 -27.90 51.95
C THR A 858 -1.02 -27.49 51.63
N THR A 859 -2.00 -27.93 52.43
CA THR A 859 -3.39 -27.53 52.18
C THR A 859 -3.57 -26.02 52.31
N VAL A 860 -3.01 -25.43 53.37
CA VAL A 860 -3.13 -23.99 53.54
C VAL A 860 -2.39 -23.26 52.43
N GLY A 861 -1.25 -23.79 52.00
CA GLY A 861 -0.55 -23.20 50.89
C GLY A 861 -1.37 -23.20 49.61
N VAL A 862 -2.03 -24.32 49.32
CA VAL A 862 -2.91 -24.40 48.15
C VAL A 862 -4.04 -23.39 48.27
N VAL A 863 -4.63 -23.28 49.45
CA VAL A 863 -5.73 -22.34 49.65
C VAL A 863 -5.27 -20.92 49.36
N CYS A 864 -4.15 -20.52 49.98
CA CYS A 864 -3.66 -19.15 49.83
C CYS A 864 -3.30 -18.88 48.36
N ARG A 865 -2.63 -19.82 47.70
CA ARG A 865 -2.27 -19.61 46.30
C ARG A 865 -3.53 -19.47 45.43
N GLN A 866 -4.54 -20.28 45.69
CA GLN A 866 -5.79 -20.18 44.93
C GLN A 866 -6.45 -18.82 45.14
N LEU A 867 -6.46 -18.33 46.37
CA LEU A 867 -7.10 -17.06 46.69
C LEU A 867 -6.26 -15.85 46.28
N GLY A 868 -5.04 -16.06 45.79
CA GLY A 868 -4.24 -14.99 45.25
C GLY A 868 -3.72 -13.93 46.20
N CYS A 869 -3.15 -14.36 47.32
CA CYS A 869 -2.43 -13.44 48.21
C CYS A 869 -1.03 -13.91 48.54
N ALA A 870 -0.81 -15.21 48.71
CA ALA A 870 0.49 -15.66 49.16
C ALA A 870 0.74 -17.09 48.69
N ASP A 871 2.00 -17.47 48.75
CA ASP A 871 2.44 -18.83 48.48
C ASP A 871 2.49 -19.68 49.74
N LYS A 872 2.05 -19.14 50.86
CA LYS A 872 2.05 -19.85 52.13
C LYS A 872 1.03 -19.17 53.04
N GLY A 873 0.75 -19.82 54.16
CA GLY A 873 -0.22 -19.31 55.12
C GLY A 873 -0.09 -20.06 56.42
N LYS A 874 -0.89 -19.66 57.41
CA LYS A 874 -0.85 -20.31 58.70
C LYS A 874 -2.24 -20.44 59.30
N ILE A 875 -2.44 -21.53 60.02
CA ILE A 875 -3.68 -21.81 60.72
C ILE A 875 -3.56 -21.25 62.13
N ASN A 876 -4.58 -20.52 62.57
CA ASN A 876 -4.56 -19.85 63.85
C ASN A 876 -5.86 -20.11 64.59
N PRO A 877 -5.85 -20.00 65.92
CA PRO A 877 -7.10 -20.20 66.68
C PRO A 877 -8.18 -19.24 66.20
N ALA A 878 -9.40 -19.48 66.68
CA ALA A 878 -10.53 -18.73 66.18
C ALA A 878 -10.41 -17.26 66.60
N SER A 879 -11.38 -16.47 66.18
CA SER A 879 -11.43 -15.06 66.50
C SER A 879 -12.88 -14.63 66.65
N LEU A 880 -13.06 -13.36 66.99
CA LEU A 880 -14.39 -12.78 67.17
C LEU A 880 -14.92 -12.28 65.84
N ASP A 881 -14.17 -12.53 64.76
CA ASP A 881 -14.56 -12.10 63.43
C ASP A 881 -15.75 -12.86 62.87
N LYS A 882 -16.09 -14.02 63.42
CA LYS A 882 -17.24 -14.75 62.88
C LYS A 882 -18.53 -14.04 63.27
N ALA A 883 -19.47 -14.00 62.32
CA ALA A 883 -20.76 -13.38 62.57
C ALA A 883 -21.94 -14.19 62.07
N MET A 884 -21.73 -15.20 61.25
CA MET A 884 -22.80 -16.03 60.70
C MET A 884 -22.76 -17.41 61.32
N SER A 885 -23.94 -18.01 61.50
CA SER A 885 -24.05 -19.36 62.02
C SER A 885 -24.06 -20.40 60.91
N ILE A 886 -23.39 -20.09 59.81
CA ILE A 886 -23.40 -20.91 58.59
C ILE A 886 -22.86 -22.31 58.91
N PRO A 887 -23.41 -23.38 58.34
CA PRO A 887 -22.98 -24.72 58.74
C PRO A 887 -21.71 -25.15 58.01
N MET A 888 -21.20 -26.30 58.45
CA MET A 888 -20.01 -26.89 57.85
C MET A 888 -20.37 -27.68 56.59
N TRP A 889 -19.41 -27.79 55.68
CA TRP A 889 -19.54 -28.57 54.46
C TRP A 889 -18.64 -29.79 54.43
N VAL A 890 -17.34 -29.61 54.62
CA VAL A 890 -16.37 -30.65 54.37
C VAL A 890 -15.39 -30.73 55.53
N ASP A 891 -14.72 -31.88 55.64
CA ASP A 891 -13.76 -32.14 56.70
C ASP A 891 -12.73 -33.14 56.21
N ASN A 892 -11.61 -33.19 56.92
CA ASN A 892 -10.50 -34.09 56.60
C ASN A 892 -10.00 -33.86 55.17
N VAL A 893 -9.64 -32.61 54.89
CA VAL A 893 -9.21 -32.22 53.56
C VAL A 893 -7.69 -32.39 53.48
N GLN A 894 -7.24 -33.39 52.71
CA GLN A 894 -5.84 -33.66 52.54
C GLN A 894 -5.43 -33.38 51.10
N CYS A 895 -4.40 -32.55 50.93
CA CYS A 895 -3.97 -32.16 49.60
C CYS A 895 -2.62 -32.77 49.30
N PRO A 896 -2.48 -33.49 48.19
CA PRO A 896 -1.16 -33.93 47.76
C PRO A 896 -0.42 -32.79 47.09
N LYS A 897 0.78 -33.08 46.61
CA LYS A 897 1.56 -32.10 45.87
C LYS A 897 1.22 -32.21 44.40
N GLY A 898 1.06 -31.06 43.75
CA GLY A 898 0.76 -31.00 42.35
C GLY A 898 -0.49 -30.21 41.98
N PRO A 899 -1.58 -30.32 42.75
CA PRO A 899 -2.79 -29.58 42.39
C PRO A 899 -2.67 -28.11 42.77
N ASP A 900 -3.33 -27.26 41.97
CA ASP A 900 -3.37 -25.84 42.22
C ASP A 900 -4.67 -25.38 42.86
N THR A 901 -5.68 -26.24 42.92
CA THR A 901 -6.98 -25.89 43.45
C THR A 901 -7.36 -26.88 44.54
N LEU A 902 -8.25 -26.43 45.43
CA LEU A 902 -8.71 -27.28 46.53
C LEU A 902 -9.68 -28.36 46.06
N TRP A 903 -10.21 -28.24 44.85
CA TRP A 903 -11.22 -29.20 44.38
C TRP A 903 -10.62 -30.57 44.13
N GLN A 904 -9.34 -30.63 43.82
CA GLN A 904 -8.69 -31.88 43.47
C GLN A 904 -8.08 -32.59 44.66
N CYS A 905 -8.42 -32.18 45.87
CA CYS A 905 -7.84 -32.76 47.07
C CYS A 905 -8.81 -33.76 47.68
N PRO A 906 -8.33 -34.95 48.06
CA PRO A 906 -9.22 -35.91 48.73
C PRO A 906 -9.76 -35.33 50.03
N SER A 907 -10.97 -35.78 50.38
CA SER A 907 -11.60 -35.36 51.63
C SER A 907 -12.79 -36.26 51.89
N SER A 908 -13.36 -36.11 53.09
CA SER A 908 -14.58 -36.82 53.43
C SER A 908 -15.76 -36.23 52.66
N PRO A 909 -16.83 -37.01 52.46
CA PRO A 909 -17.92 -36.56 51.59
C PRO A 909 -18.67 -35.37 52.16
N TRP A 910 -19.37 -34.67 51.29
CA TRP A 910 -20.15 -33.51 51.68
C TRP A 910 -21.17 -33.86 52.75
N GLU A 911 -21.34 -32.95 53.71
CA GLU A 911 -22.34 -33.12 54.77
C GLU A 911 -22.59 -31.75 55.39
N LYS A 912 -23.83 -31.28 55.33
CA LYS A 912 -24.17 -29.95 55.82
C LYS A 912 -24.43 -29.95 57.32
N ARG A 913 -23.49 -30.50 58.09
CA ARG A 913 -23.65 -30.58 59.53
C ARG A 913 -23.35 -29.23 60.19
N LEU A 914 -23.98 -29.00 61.34
CA LEU A 914 -23.70 -27.80 62.11
C LEU A 914 -22.33 -27.89 62.76
N ALA A 915 -21.68 -26.74 62.90
CA ALA A 915 -20.30 -26.69 63.38
C ALA A 915 -20.20 -25.72 64.55
N SER A 916 -19.46 -26.14 65.58
CA SER A 916 -19.11 -25.21 66.64
C SER A 916 -17.91 -24.38 66.20
N PRO A 917 -17.77 -23.16 66.72
CA PRO A 917 -16.59 -22.34 66.40
C PRO A 917 -15.27 -23.06 66.54
N SER A 918 -15.15 -24.01 67.46
CA SER A 918 -13.86 -24.68 67.68
C SER A 918 -13.47 -25.57 66.51
N GLU A 919 -14.44 -26.02 65.71
CA GLU A 919 -14.16 -26.91 64.58
C GLU A 919 -13.97 -26.16 63.29
N GLU A 920 -14.44 -24.93 63.24
CA GLU A 920 -14.30 -24.06 62.08
C GLU A 920 -12.83 -23.72 61.84
N THR A 921 -12.48 -23.48 60.59
CA THR A 921 -11.09 -23.19 60.20
C THR A 921 -10.86 -21.71 59.92
N TRP A 922 -9.88 -21.14 60.60
CA TRP A 922 -9.46 -19.76 60.40
C TRP A 922 -8.01 -19.75 59.92
N ILE A 923 -7.74 -19.07 58.81
CA ILE A 923 -6.38 -19.03 58.28
C ILE A 923 -5.98 -17.60 57.96
N THR A 924 -4.68 -17.33 58.08
CA THR A 924 -4.09 -16.04 57.74
C THR A 924 -2.92 -16.29 56.81
N CYS A 925 -3.01 -15.76 55.59
CA CYS A 925 -1.92 -15.94 54.63
C CYS A 925 -0.71 -15.09 55.03
N ASP A 926 0.43 -15.40 54.43
CA ASP A 926 1.63 -14.61 54.65
C ASP A 926 1.47 -13.21 54.07
N ASN A 927 2.16 -12.26 54.70
CA ASN A 927 2.01 -10.85 54.34
C ASN A 927 2.51 -10.58 52.92
N LYS A 928 1.84 -9.63 52.26
CA LYS A 928 2.17 -9.30 50.87
C LYS A 928 3.39 -8.42 50.75
N ILE A 929 3.82 -7.79 51.84
CA ILE A 929 4.96 -6.87 51.85
C ILE A 929 6.00 -7.41 52.81
N ARG A 930 7.27 -7.40 52.40
CA ARG A 930 8.35 -7.79 53.29
C ARG A 930 9.53 -6.86 53.08
N LEU A 931 10.44 -6.87 54.05
CA LEU A 931 11.68 -6.09 53.99
C LEU A 931 12.86 -7.05 53.98
N GLN A 932 13.78 -6.85 53.04
CA GLN A 932 14.89 -7.77 52.85
C GLN A 932 16.20 -7.01 52.74
N GLU A 933 17.28 -7.73 53.06
CA GLU A 933 18.68 -7.34 52.91
C GLU A 933 19.15 -6.35 53.97
N GLY A 934 18.26 -5.90 54.87
CA GLY A 934 18.67 -4.98 55.91
C GLY A 934 19.47 -5.66 57.00
N PRO A 935 20.18 -4.87 57.81
CA PRO A 935 20.94 -5.47 58.93
C PRO A 935 20.07 -6.24 59.91
N THR A 936 18.84 -5.76 60.15
CA THR A 936 17.91 -6.38 61.07
C THR A 936 16.51 -6.31 60.47
N SER A 937 15.55 -6.88 61.18
CA SER A 937 14.15 -6.74 60.78
C SER A 937 13.69 -5.30 60.90
N CYS A 938 12.66 -4.96 60.11
CA CYS A 938 12.07 -3.63 60.05
C CYS A 938 12.99 -2.61 59.38
N SER A 939 13.77 -3.04 58.39
CA SER A 939 14.63 -2.14 57.64
C SER A 939 15.17 -2.88 56.43
N GLY A 940 15.17 -2.19 55.28
CA GLY A 940 15.78 -2.72 54.09
C GLY A 940 14.92 -2.45 52.87
N ARG A 941 15.21 -3.18 51.80
CA ARG A 941 14.46 -3.04 50.56
C ARG A 941 13.06 -3.62 50.70
N VAL A 942 12.10 -2.97 50.07
CA VAL A 942 10.69 -3.32 50.17
C VAL A 942 10.32 -4.24 49.01
N GLU A 943 9.79 -5.41 49.32
CA GLU A 943 9.33 -6.38 48.35
C GLU A 943 7.81 -6.53 48.47
N ILE A 944 7.14 -6.63 47.33
CA ILE A 944 5.70 -6.72 47.26
C ILE A 944 5.31 -7.97 46.48
N TRP A 945 4.35 -8.73 46.99
CA TRP A 945 3.90 -9.95 46.35
C TRP A 945 2.69 -9.66 45.47
N HIS A 946 2.70 -10.21 44.26
CA HIS A 946 1.58 -10.03 43.33
C HIS A 946 1.80 -10.94 42.14
N GLY A 947 0.70 -11.39 41.55
CA GLY A 947 0.76 -12.23 40.36
C GLY A 947 1.60 -13.47 40.56
N GLY A 948 1.65 -14.00 41.76
CA GLY A 948 2.43 -15.19 42.02
C GLY A 948 3.91 -14.96 42.15
N SER A 949 4.36 -13.72 42.24
CA SER A 949 5.78 -13.42 42.22
C SER A 949 6.09 -12.28 43.20
N TRP A 950 7.36 -12.23 43.60
CA TRP A 950 7.91 -11.17 44.43
C TRP A 950 8.55 -10.12 43.54
N GLY A 951 8.14 -8.85 43.72
CA GLY A 951 8.72 -7.76 42.99
C GLY A 951 9.14 -6.63 43.92
N THR A 952 9.61 -5.54 43.31
CA THR A 952 10.15 -4.41 44.06
C THR A 952 9.45 -3.13 43.60
N VAL A 953 9.57 -2.09 44.42
CA VAL A 953 8.91 -0.81 44.22
C VAL A 953 9.93 0.23 43.77
N CYS A 954 9.63 0.94 42.70
CA CYS A 954 10.50 2.03 42.24
C CYS A 954 10.48 3.18 43.23
N ASP A 955 11.55 3.96 43.24
CA ASP A 955 11.77 4.98 44.26
C ASP A 955 11.37 6.39 43.82
N ASP A 956 10.74 6.53 42.64
CA ASP A 956 10.22 7.82 42.24
C ASP A 956 9.13 8.26 43.22
N SER A 957 9.24 9.50 43.69
CA SER A 957 8.29 10.08 44.64
C SER A 957 8.23 9.31 45.96
N TRP A 958 9.26 8.51 46.24
CA TRP A 958 9.31 7.72 47.47
C TRP A 958 9.79 8.61 48.61
N ASP A 959 8.95 8.77 49.64
CA ASP A 959 9.25 9.63 50.77
C ASP A 959 8.64 9.02 52.03
N LEU A 960 8.65 9.80 53.11
CA LEU A 960 8.28 9.27 54.43
C LEU A 960 6.82 8.85 54.50
N ASP A 961 5.92 9.59 53.82
CA ASP A 961 4.51 9.25 53.89
C ASP A 961 4.21 7.87 53.33
N ASP A 962 5.13 7.29 52.56
CA ASP A 962 4.99 5.91 52.10
C ASP A 962 5.70 4.93 53.03
N ALA A 963 6.86 5.31 53.54
CA ALA A 963 7.60 4.43 54.45
C ALA A 963 6.82 4.16 55.72
N GLN A 964 6.07 5.17 56.20
CA GLN A 964 5.25 4.96 57.38
C GLN A 964 4.15 3.94 57.11
N VAL A 965 3.51 4.03 55.94
CA VAL A 965 2.54 3.04 55.52
C VAL A 965 3.16 1.65 55.50
N VAL A 966 4.33 1.54 54.88
CA VAL A 966 4.97 0.23 54.73
C VAL A 966 5.27 -0.36 56.11
N CYS A 967 5.82 0.44 57.01
CA CYS A 967 6.27 -0.10 58.29
C CYS A 967 5.12 -0.36 59.25
N GLN A 968 4.02 0.39 59.13
CA GLN A 968 2.84 0.03 59.91
C GLN A 968 2.12 -1.17 59.32
N GLN A 969 2.30 -1.43 58.02
CA GLN A 969 1.75 -2.64 57.43
C GLN A 969 2.39 -3.88 58.04
N LEU A 970 3.71 -3.86 58.20
CA LEU A 970 4.40 -4.92 58.93
C LEU A 970 4.10 -4.91 60.42
N GLY A 971 3.50 -3.85 60.93
CA GLY A 971 3.18 -3.77 62.35
C GLY A 971 4.38 -3.59 63.25
N CYS A 972 5.48 -3.06 62.74
CA CYS A 972 6.71 -2.94 63.51
C CYS A 972 6.75 -1.63 64.29
N GLY A 973 6.59 -0.50 63.61
CA GLY A 973 6.63 0.79 64.26
C GLY A 973 6.71 1.94 63.28
N PRO A 974 7.00 3.13 63.79
CA PRO A 974 7.05 4.31 62.92
C PRO A 974 8.29 4.32 62.05
N ALA A 975 8.22 5.12 60.98
CA ALA A 975 9.31 5.23 60.03
C ALA A 975 10.11 6.50 60.29
N LEU A 976 11.39 6.46 59.91
CA LEU A 976 12.28 7.59 60.14
C LEU A 976 13.12 7.98 58.93
N LYS A 977 13.08 7.22 57.84
CA LYS A 977 13.81 7.61 56.63
C LYS A 977 13.35 6.77 55.44
N ALA A 978 13.14 7.43 54.30
CA ALA A 978 12.75 6.78 53.05
C ALA A 978 13.97 6.77 52.14
N PHE A 979 14.66 5.64 52.09
CA PHE A 979 15.90 5.56 51.34
C PHE A 979 15.59 5.56 49.84
N LYS A 980 16.64 5.75 49.04
CA LYS A 980 16.51 5.79 47.59
C LYS A 980 17.77 5.27 46.94
N GLU A 981 17.70 5.04 45.63
CA GLU A 981 18.82 4.58 44.82
C GLU A 981 19.30 3.18 45.20
N ALA A 982 18.45 2.40 45.86
CA ALA A 982 18.75 1.02 46.26
C ALA A 982 19.99 0.98 47.15
N GLU A 983 19.86 1.61 48.32
CA GLU A 983 20.98 1.69 49.25
C GLU A 983 21.36 0.32 49.79
N PHE A 984 20.36 -0.51 50.11
CA PHE A 984 20.62 -1.79 50.74
C PHE A 984 20.95 -2.89 49.74
N GLY A 985 20.83 -2.62 48.46
CA GLY A 985 21.14 -3.58 47.42
C GLY A 985 20.16 -3.45 46.27
N GLN A 986 20.58 -3.91 45.10
CA GLN A 986 19.75 -3.91 43.91
C GLN A 986 18.92 -5.18 43.86
N GLY A 987 17.61 -5.03 43.78
CA GLY A 987 16.72 -6.16 43.84
C GLY A 987 16.45 -6.77 42.48
N THR A 988 15.94 -8.00 42.48
CA THR A 988 15.64 -8.73 41.26
C THR A 988 14.15 -9.01 41.20
N GLY A 989 13.65 -9.20 39.98
CA GLY A 989 12.25 -9.46 39.77
C GLY A 989 11.57 -8.36 39.00
N PRO A 990 10.24 -8.41 38.92
CA PRO A 990 9.50 -7.35 38.22
C PRO A 990 9.27 -6.15 39.13
N ILE A 991 9.08 -5.00 38.49
CA ILE A 991 8.79 -3.75 39.19
C ILE A 991 7.29 -3.50 39.07
N TRP A 992 6.60 -3.40 40.21
CA TRP A 992 5.15 -3.36 40.22
C TRP A 992 4.57 -1.96 40.36
N LEU A 993 5.10 -1.17 41.29
CA LEU A 993 4.57 0.17 41.56
C LEU A 993 5.64 1.23 41.37
N ASN A 994 5.19 2.45 41.06
CA ASN A 994 6.08 3.59 40.93
C ASN A 994 5.29 4.87 41.19
N GLU A 995 6.00 5.90 41.64
CA GLU A 995 5.43 7.17 42.14
C GLU A 995 4.15 6.93 42.92
N VAL A 996 4.29 6.22 44.05
CA VAL A 996 3.19 6.08 44.99
C VAL A 996 3.02 7.39 45.75
N LYS A 997 1.77 7.74 46.03
CA LYS A 997 1.41 9.05 46.59
C LYS A 997 0.59 8.90 47.86
N CYS A 998 1.09 8.08 48.79
CA CYS A 998 0.38 7.84 50.04
C CYS A 998 0.14 9.16 50.78
N LYS A 999 -1.04 9.28 51.39
CA LYS A 999 -1.34 10.41 52.25
C LYS A 999 -0.71 10.29 53.63
N GLY A 1000 -0.22 9.10 53.98
CA GLY A 1000 0.43 8.85 55.24
C GLY A 1000 -0.44 8.19 56.29
N ASN A 1001 -1.76 8.25 56.12
CA ASN A 1001 -2.69 7.65 57.07
C ASN A 1001 -3.48 6.50 56.47
N GLU A 1002 -3.02 5.93 55.37
CA GLU A 1002 -3.70 4.79 54.77
C GLU A 1002 -3.51 3.53 55.62
N SER A 1003 -4.52 2.66 55.59
CA SER A 1003 -4.42 1.40 56.31
C SER A 1003 -3.52 0.39 55.61
N SER A 1004 -3.43 0.43 54.28
CA SER A 1004 -2.61 -0.51 53.53
C SER A 1004 -1.95 0.20 52.35
N LEU A 1005 -0.85 -0.38 51.87
CA LEU A 1005 -0.09 0.25 50.78
C LEU A 1005 -0.90 0.31 49.48
N TRP A 1006 -1.66 -0.73 49.16
CA TRP A 1006 -2.44 -0.71 47.92
C TRP A 1006 -3.47 0.41 47.91
N ASP A 1007 -3.90 0.87 49.09
CA ASP A 1007 -4.86 1.96 49.17
C ASP A 1007 -4.31 3.22 48.50
N CYS A 1008 -3.01 3.46 48.62
CA CYS A 1008 -2.44 4.68 48.09
C CYS A 1008 -2.60 4.72 46.58
N PRO A 1009 -2.86 5.88 45.98
CA PRO A 1009 -2.85 5.97 44.52
C PRO A 1009 -1.44 5.84 43.97
N ALA A 1010 -1.37 5.27 42.77
CA ALA A 1010 -0.10 5.07 42.09
C ALA A 1010 -0.38 4.86 40.61
N ARG A 1011 0.69 4.92 39.81
CA ARG A 1011 0.57 4.66 38.39
C ARG A 1011 0.04 3.25 38.14
N ARG A 1012 -0.33 3.00 36.89
CA ARG A 1012 -0.97 1.73 36.53
C ARG A 1012 -0.10 0.55 36.95
N TRP A 1013 -0.74 -0.44 37.57
CA TRP A 1013 -0.03 -1.61 38.07
C TRP A 1013 0.71 -2.31 36.95
N GLY A 1014 1.97 -2.65 37.20
CA GLY A 1014 2.76 -3.43 36.26
C GLY A 1014 3.50 -2.62 35.22
N HIS A 1015 3.35 -1.31 35.20
CA HIS A 1015 4.05 -0.46 34.22
C HIS A 1015 5.47 -0.21 34.72
N SER A 1016 6.41 -1.01 34.23
CA SER A 1016 7.80 -0.96 34.67
C SER A 1016 8.53 0.09 33.83
N GLU A 1017 8.45 1.35 34.25
CA GLU A 1017 9.20 2.43 33.63
C GLU A 1017 10.47 2.77 34.39
N CYS A 1018 10.81 1.98 35.40
CA CYS A 1018 12.02 2.17 36.19
C CYS A 1018 12.99 1.01 35.95
N GLY A 1019 14.23 1.21 36.41
CA GLY A 1019 15.21 0.16 36.44
C GLY A 1019 15.40 -0.40 37.85
N HIS A 1020 16.28 -1.38 37.95
CA HIS A 1020 16.50 -2.03 39.24
C HIS A 1020 17.45 -1.26 40.14
N LYS A 1021 18.18 -0.28 39.61
CA LYS A 1021 18.98 0.58 40.47
C LYS A 1021 18.12 1.52 41.31
N GLU A 1022 16.84 1.69 40.96
CA GLU A 1022 15.95 2.61 41.64
C GLU A 1022 15.10 1.92 42.70
N ASP A 1023 15.56 0.80 43.23
CA ASP A 1023 14.76 0.05 44.20
C ASP A 1023 14.63 0.83 45.49
N ALA A 1024 13.41 0.91 46.01
CA ALA A 1024 13.14 1.66 47.22
C ALA A 1024 13.60 0.87 48.45
N ALA A 1025 13.57 1.54 49.59
CA ALA A 1025 13.94 0.93 50.85
C ALA A 1025 13.26 1.72 51.97
N VAL A 1026 13.38 1.22 53.19
CA VAL A 1026 12.79 1.88 54.36
C VAL A 1026 13.68 1.62 55.57
N ASN A 1027 13.69 2.57 56.50
CA ASN A 1027 14.36 2.47 57.78
C ASN A 1027 13.36 2.73 58.90
N CYS A 1028 13.25 1.79 59.84
CA CYS A 1028 12.25 1.88 60.89
C CYS A 1028 12.75 1.24 62.18
N THR A 1029 12.09 1.59 63.29
CA THR A 1029 12.48 1.17 64.62
C THR A 1029 11.80 -0.14 64.99
N ASP A 1030 12.56 -1.05 65.58
CA ASP A 1030 12.07 -2.35 66.02
C ASP A 1030 10.85 -2.15 66.91
N LEU B 266 -23.73 -43.58 -35.66
CA LEU B 266 -23.80 -42.66 -34.53
C LEU B 266 -24.72 -43.22 -33.46
N ARG B 267 -24.31 -43.13 -32.20
CA ARG B 267 -25.15 -43.64 -31.12
C ARG B 267 -24.95 -42.80 -29.86
N LEU B 268 -25.95 -42.85 -28.98
CA LEU B 268 -25.85 -42.22 -27.67
C LEU B 268 -25.95 -43.29 -26.59
N VAL B 269 -25.01 -43.26 -25.65
CA VAL B 269 -24.87 -44.31 -24.65
C VAL B 269 -24.77 -43.65 -23.27
N ASP B 270 -25.10 -44.44 -22.25
CA ASP B 270 -24.95 -44.04 -20.86
C ASP B 270 -25.61 -42.69 -20.58
N GLY B 271 -26.90 -42.59 -20.92
CA GLY B 271 -27.64 -41.36 -20.70
C GLY B 271 -29.00 -41.63 -20.12
N VAL B 272 -29.67 -40.54 -19.74
CA VAL B 272 -30.96 -40.65 -19.06
C VAL B 272 -32.00 -41.30 -19.97
N THR B 273 -32.03 -40.89 -21.22
CA THR B 273 -33.01 -41.44 -22.17
C THR B 273 -32.30 -41.96 -23.40
N GLU B 274 -33.07 -42.32 -24.42
CA GLU B 274 -32.53 -42.66 -25.73
C GLU B 274 -32.12 -41.43 -26.51
N CYS B 275 -32.36 -40.24 -25.97
CA CYS B 275 -32.14 -38.98 -26.67
C CYS B 275 -31.02 -38.15 -26.04
N SER B 276 -30.32 -38.68 -25.04
CA SER B 276 -29.27 -37.92 -24.38
C SER B 276 -28.21 -38.88 -23.85
N GLY B 277 -26.96 -38.46 -23.92
CA GLY B 277 -25.86 -39.25 -23.41
C GLY B 277 -24.60 -38.98 -24.21
N ARG B 278 -23.57 -39.79 -23.92
CA ARG B 278 -22.32 -39.68 -24.63
C ARG B 278 -22.48 -40.13 -26.08
N LEU B 279 -21.86 -39.40 -27.00
CA LEU B 279 -22.01 -39.64 -28.41
C LEU B 279 -20.86 -40.48 -28.93
N GLU B 280 -21.17 -41.49 -29.74
CA GLU B 280 -20.19 -42.42 -30.28
C GLU B 280 -20.35 -42.48 -31.79
N VAL B 281 -19.24 -42.77 -32.47
CA VAL B 281 -19.20 -42.89 -33.92
C VAL B 281 -18.48 -44.18 -34.28
N ARG B 282 -18.83 -44.75 -35.42
CA ARG B 282 -18.25 -46.02 -35.87
C ARG B 282 -17.34 -45.80 -37.06
N PHE B 283 -16.22 -46.51 -37.08
CA PHE B 283 -15.34 -46.53 -38.22
C PHE B 283 -14.58 -47.84 -38.25
N GLN B 284 -14.38 -48.38 -39.46
CA GLN B 284 -13.58 -49.58 -39.70
C GLN B 284 -14.17 -50.80 -39.01
N GLY B 285 -15.31 -50.64 -38.35
CA GLY B 285 -15.92 -51.73 -37.60
C GLY B 285 -15.93 -51.57 -36.11
N GLU B 286 -15.46 -50.44 -35.56
CA GLU B 286 -15.45 -50.25 -34.12
C GLU B 286 -15.96 -48.86 -33.77
N TRP B 287 -16.50 -48.74 -32.57
CA TRP B 287 -17.03 -47.49 -32.05
C TRP B 287 -15.98 -46.73 -31.26
N GLY B 288 -16.14 -45.41 -31.21
CA GLY B 288 -15.20 -44.55 -30.50
C GLY B 288 -15.85 -43.24 -30.15
N THR B 289 -15.15 -42.47 -29.30
CA THR B 289 -15.70 -41.25 -28.72
C THR B 289 -15.31 -40.02 -29.52
N ILE B 290 -15.85 -38.88 -29.11
CA ILE B 290 -15.61 -37.58 -29.74
C ILE B 290 -15.21 -36.56 -28.68
N CYS B 291 -14.22 -35.75 -29.00
CA CYS B 291 -13.73 -34.70 -28.10
C CYS B 291 -14.63 -33.48 -28.08
N ASP B 292 -14.81 -32.92 -26.89
CA ASP B 292 -15.80 -31.86 -26.70
C ASP B 292 -15.29 -30.52 -27.21
N ASP B 293 -13.99 -30.39 -27.45
CA ASP B 293 -13.44 -29.13 -27.90
C ASP B 293 -13.93 -28.84 -29.31
N GLY B 294 -14.43 -27.62 -29.53
CA GLY B 294 -15.01 -27.29 -30.79
C GLY B 294 -16.41 -27.82 -31.00
N TRP B 295 -16.95 -28.54 -30.01
CA TRP B 295 -18.28 -29.11 -30.10
C TRP B 295 -19.28 -28.07 -29.60
N ASP B 296 -20.02 -27.47 -30.52
CA ASP B 296 -20.93 -26.39 -30.23
C ASP B 296 -22.38 -26.84 -30.42
N SER B 297 -23.29 -25.89 -30.26
CA SER B 297 -24.72 -26.23 -30.26
C SER B 297 -25.18 -26.69 -31.63
N TYR B 298 -24.55 -26.18 -32.70
CA TYR B 298 -24.92 -26.62 -34.05
C TYR B 298 -24.53 -28.08 -34.26
N ASP B 299 -23.38 -28.50 -33.73
CA ASP B 299 -22.99 -29.90 -33.81
C ASP B 299 -24.01 -30.80 -33.11
N ALA B 300 -24.44 -30.40 -31.91
CA ALA B 300 -25.47 -31.19 -31.23
C ALA B 300 -26.77 -31.16 -32.02
N ALA B 301 -27.08 -30.05 -32.66
CA ALA B 301 -28.31 -29.95 -33.45
C ALA B 301 -28.28 -30.95 -34.60
N VAL B 302 -27.16 -31.00 -35.33
CA VAL B 302 -27.07 -31.96 -36.42
C VAL B 302 -27.05 -33.39 -35.91
N ALA B 303 -26.40 -33.64 -34.77
CA ALA B 303 -26.41 -34.97 -34.20
C ALA B 303 -27.83 -35.41 -33.83
N CYS B 304 -28.61 -34.53 -33.21
CA CYS B 304 -29.99 -34.84 -32.90
C CYS B 304 -30.81 -35.04 -34.17
N LYS B 305 -30.62 -34.18 -35.17
CA LYS B 305 -31.39 -34.29 -36.41
C LYS B 305 -31.13 -35.61 -37.11
N GLN B 306 -29.87 -36.03 -37.17
CA GLN B 306 -29.54 -37.29 -37.83
C GLN B 306 -30.31 -38.46 -37.23
N LEU B 307 -30.24 -38.60 -35.92
CA LEU B 307 -30.98 -39.65 -35.24
C LEU B 307 -32.48 -39.34 -35.22
N GLY B 308 -33.28 -40.36 -34.97
CA GLY B 308 -34.71 -40.19 -34.91
C GLY B 308 -35.19 -39.72 -33.56
N CYS B 309 -34.86 -38.47 -33.22
CA CYS B 309 -35.10 -37.89 -31.91
C CYS B 309 -35.56 -36.45 -32.11
N PRO B 310 -36.37 -35.92 -31.19
CA PRO B 310 -36.80 -34.53 -31.30
C PRO B 310 -35.61 -33.57 -31.31
N THR B 311 -35.77 -32.49 -32.07
CA THR B 311 -34.68 -31.54 -32.31
C THR B 311 -35.04 -30.13 -31.90
N ALA B 312 -36.14 -29.95 -31.16
CA ALA B 312 -36.56 -28.61 -30.74
C ALA B 312 -35.51 -27.94 -29.87
N VAL B 313 -34.94 -28.67 -28.91
CA VAL B 313 -33.87 -28.16 -28.06
C VAL B 313 -32.69 -29.12 -28.12
N THR B 314 -31.50 -28.58 -28.32
CA THR B 314 -30.26 -29.35 -28.44
C THR B 314 -29.20 -28.75 -27.53
N ALA B 315 -28.62 -29.58 -26.66
CA ALA B 315 -27.67 -29.13 -25.67
C ALA B 315 -26.41 -29.99 -25.73
N ILE B 316 -25.34 -29.45 -25.15
CA ILE B 316 -24.02 -30.06 -25.19
C ILE B 316 -23.83 -30.82 -23.88
N GLY B 317 -22.91 -31.75 -23.87
CA GLY B 317 -22.54 -32.39 -22.63
C GLY B 317 -23.09 -33.81 -22.54
N ARG B 318 -22.37 -34.64 -21.79
CA ARG B 318 -22.78 -36.02 -21.52
C ARG B 318 -23.37 -36.08 -20.11
N VAL B 319 -24.60 -36.59 -20.02
CA VAL B 319 -25.39 -36.52 -18.79
C VAL B 319 -25.15 -37.77 -17.95
N ASN B 320 -24.51 -37.59 -16.79
CA ASN B 320 -24.29 -38.63 -15.78
C ASN B 320 -23.59 -39.86 -16.36
N ALA B 321 -23.02 -39.72 -17.55
CA ALA B 321 -22.27 -40.78 -18.22
C ALA B 321 -20.87 -40.90 -17.65
N SER B 322 -20.24 -42.04 -17.94
CA SER B 322 -18.93 -42.36 -17.42
C SER B 322 -17.86 -41.97 -18.44
N LYS B 323 -16.59 -42.19 -18.07
CA LYS B 323 -15.48 -41.87 -18.94
C LYS B 323 -15.47 -42.81 -20.15
N GLY B 324 -14.74 -42.39 -21.19
CA GLY B 324 -14.66 -43.17 -22.41
C GLY B 324 -13.67 -44.32 -22.30
N PHE B 325 -13.70 -45.17 -23.34
CA PHE B 325 -12.80 -46.31 -23.44
C PHE B 325 -12.34 -46.45 -24.87
N GLY B 326 -11.09 -46.90 -25.03
CA GLY B 326 -10.52 -47.10 -26.35
C GLY B 326 -10.01 -45.85 -27.01
N HIS B 327 -10.22 -45.73 -28.32
CA HIS B 327 -9.67 -44.64 -29.11
C HIS B 327 -10.69 -43.52 -29.27
N ILE B 328 -10.19 -42.30 -29.42
CA ILE B 328 -10.99 -41.14 -29.74
C ILE B 328 -10.90 -40.90 -31.24
N TRP B 329 -12.02 -41.04 -31.94
CA TRP B 329 -12.02 -41.13 -33.39
C TRP B 329 -12.47 -39.84 -34.07
N LEU B 330 -12.47 -38.71 -33.36
CA LEU B 330 -12.80 -37.43 -33.97
C LEU B 330 -12.53 -36.31 -32.96
N ASP B 331 -12.34 -35.10 -33.50
CA ASP B 331 -12.06 -33.93 -32.69
C ASP B 331 -12.25 -32.66 -33.50
N SER B 332 -12.65 -31.59 -32.80
CA SER B 332 -12.79 -30.24 -33.35
C SER B 332 -13.55 -30.25 -34.69
N VAL B 333 -14.80 -30.65 -34.62
CA VAL B 333 -15.68 -30.63 -35.78
C VAL B 333 -16.38 -29.28 -35.86
N SER B 334 -16.93 -28.97 -37.03
CA SER B 334 -17.65 -27.71 -37.24
C SER B 334 -18.66 -27.96 -38.35
N CYS B 335 -19.93 -28.13 -37.96
CA CYS B 335 -20.98 -28.50 -38.90
C CYS B 335 -21.79 -27.33 -39.43
N GLN B 336 -21.93 -26.27 -38.64
CA GLN B 336 -22.61 -25.03 -39.05
C GLN B 336 -24.12 -25.22 -39.14
N GLY B 337 -24.58 -26.46 -38.97
CA GLY B 337 -26.00 -26.75 -38.89
C GLY B 337 -26.68 -27.14 -40.18
N HIS B 338 -25.99 -27.04 -41.32
CA HIS B 338 -26.62 -27.36 -42.60
C HIS B 338 -26.43 -28.81 -43.02
N GLU B 339 -25.27 -29.39 -42.72
CA GLU B 339 -24.94 -30.73 -43.20
C GLU B 339 -25.85 -31.76 -42.54
N PRO B 340 -26.59 -32.57 -43.30
CA PRO B 340 -27.49 -33.55 -42.67
C PRO B 340 -26.82 -34.50 -41.69
N ALA B 341 -25.59 -34.94 -41.96
CA ALA B 341 -24.92 -35.93 -41.13
C ALA B 341 -23.58 -35.40 -40.63
N ILE B 342 -23.11 -36.02 -39.55
CA ILE B 342 -21.92 -35.51 -38.86
C ILE B 342 -20.69 -35.59 -39.75
N TRP B 343 -20.48 -36.72 -40.43
CA TRP B 343 -19.25 -36.93 -41.16
C TRP B 343 -19.17 -36.09 -42.44
N GLN B 344 -20.27 -35.46 -42.85
CA GLN B 344 -20.24 -34.50 -43.94
C GLN B 344 -19.66 -33.16 -43.54
N CYS B 345 -19.44 -32.93 -42.24
CA CYS B 345 -18.90 -31.67 -41.76
C CYS B 345 -17.38 -31.65 -41.92
N LYS B 346 -16.80 -30.47 -41.69
CA LYS B 346 -15.35 -30.37 -41.64
C LYS B 346 -14.84 -30.97 -40.34
N HIS B 347 -13.83 -31.83 -40.44
CA HIS B 347 -13.27 -32.50 -39.27
C HIS B 347 -11.79 -32.76 -39.49
N HIS B 348 -11.12 -33.11 -38.40
CA HIS B 348 -9.67 -33.32 -38.39
C HIS B 348 -9.33 -34.78 -38.68
N GLU B 349 -8.04 -35.07 -38.66
CA GLU B 349 -7.55 -36.42 -38.94
C GLU B 349 -8.14 -37.42 -37.95
N TRP B 350 -8.56 -38.57 -38.49
CA TRP B 350 -9.19 -39.60 -37.68
C TRP B 350 -8.18 -40.23 -36.73
N GLY B 351 -8.56 -40.35 -35.46
CA GLY B 351 -7.72 -41.03 -34.49
C GLY B 351 -6.50 -40.27 -34.01
N LYS B 352 -6.07 -39.26 -34.77
CA LYS B 352 -4.84 -38.52 -34.47
C LYS B 352 -5.21 -37.21 -33.76
N HIS B 353 -5.50 -37.34 -32.47
CA HIS B 353 -5.73 -36.21 -31.58
C HIS B 353 -5.41 -36.64 -30.16
N TYR B 354 -5.26 -35.64 -29.29
CA TYR B 354 -4.57 -35.77 -28.01
C TYR B 354 -5.49 -35.62 -26.81
N CYS B 355 -6.81 -35.54 -27.02
CA CYS B 355 -7.74 -35.47 -25.91
C CYS B 355 -7.73 -36.73 -25.05
N ASN B 356 -7.77 -36.52 -23.73
CA ASN B 356 -7.81 -37.64 -22.80
C ASN B 356 -9.27 -37.99 -22.56
N HIS B 357 -9.51 -39.13 -21.91
CA HIS B 357 -10.84 -39.69 -21.73
C HIS B 357 -11.70 -38.93 -20.74
N ASN B 358 -11.23 -37.79 -20.20
CA ASN B 358 -12.04 -36.93 -19.36
C ASN B 358 -12.69 -35.80 -20.15
N GLU B 359 -12.54 -35.77 -21.47
CA GLU B 359 -13.03 -34.69 -22.30
C GLU B 359 -13.98 -35.17 -23.39
N ASP B 360 -14.61 -36.33 -23.18
CA ASP B 360 -15.51 -36.90 -24.18
C ASP B 360 -16.79 -36.09 -24.32
N ALA B 361 -17.29 -36.00 -25.55
CA ALA B 361 -18.44 -35.19 -25.88
C ALA B 361 -19.74 -35.92 -25.56
N GLY B 362 -20.85 -35.23 -25.74
CA GLY B 362 -22.16 -35.80 -25.50
C GLY B 362 -23.21 -34.84 -26.03
N VAL B 363 -24.45 -35.33 -26.09
CA VAL B 363 -25.54 -34.54 -26.64
C VAL B 363 -26.80 -34.78 -25.81
N THR B 364 -27.66 -33.76 -25.74
CA THR B 364 -28.93 -33.86 -25.01
C THR B 364 -30.02 -33.20 -25.84
N CYS B 365 -30.87 -34.02 -26.45
CA CYS B 365 -31.95 -33.53 -27.29
C CYS B 365 -33.27 -33.62 -26.53
N SER B 366 -34.14 -32.63 -26.72
CA SER B 366 -35.40 -32.61 -26.00
C SER B 366 -36.45 -31.84 -26.80
N ASP B 367 -37.72 -32.10 -26.48
CA ASP B 367 -38.83 -31.44 -27.14
C ASP B 367 -38.96 -29.99 -26.69
N GLY B 368 -38.44 -29.67 -25.51
CA GLY B 368 -38.55 -28.34 -24.94
C GLY B 368 -39.66 -28.17 -23.93
N SER B 369 -40.59 -29.12 -23.85
CA SER B 369 -41.64 -29.10 -22.84
C SER B 369 -41.26 -29.87 -21.58
N ASP B 370 -40.06 -30.46 -21.54
CA ASP B 370 -39.63 -31.28 -20.42
C ASP B 370 -38.48 -30.63 -19.65
N LEU B 371 -38.19 -29.35 -19.93
CA LEU B 371 -37.12 -28.61 -19.27
C LEU B 371 -37.75 -27.64 -18.28
N GLU B 372 -37.28 -27.66 -17.03
CA GLU B 372 -37.86 -26.80 -16.02
C GLU B 372 -36.83 -26.48 -14.95
N LEU B 373 -36.69 -25.22 -14.59
CA LEU B 373 -35.75 -24.83 -13.56
C LEU B 373 -36.48 -24.07 -12.47
N ARG B 374 -36.05 -24.29 -11.24
CA ARG B 374 -36.66 -23.75 -10.04
C ARG B 374 -35.58 -23.10 -9.18
N LEU B 375 -36.05 -22.38 -8.16
CA LEU B 375 -35.19 -21.84 -7.13
C LEU B 375 -35.55 -22.50 -5.80
N ARG B 376 -34.56 -23.03 -5.10
CA ARG B 376 -34.82 -23.77 -3.88
C ARG B 376 -33.89 -23.31 -2.76
N GLY B 377 -34.35 -23.48 -1.53
CA GLY B 377 -33.59 -23.13 -0.36
C GLY B 377 -33.90 -21.76 0.23
N GLY B 378 -34.74 -20.96 -0.43
CA GLY B 378 -35.03 -19.62 0.00
C GLY B 378 -36.39 -19.48 0.65
N GLY B 379 -36.89 -18.24 0.64
CA GLY B 379 -38.13 -17.92 1.33
C GLY B 379 -39.34 -17.84 0.43
N SER B 380 -39.15 -17.93 -0.88
CA SER B 380 -40.27 -17.87 -1.81
C SER B 380 -39.85 -18.56 -3.11
N ARG B 381 -40.73 -18.48 -4.12
CA ARG B 381 -40.41 -19.00 -5.44
C ARG B 381 -39.21 -18.31 -6.05
N CYS B 382 -38.93 -17.07 -5.64
CA CYS B 382 -38.00 -16.23 -6.37
C CYS B 382 -36.81 -15.81 -5.50
N ALA B 383 -36.26 -16.79 -4.79
CA ALA B 383 -34.99 -16.62 -4.08
C ALA B 383 -34.47 -17.98 -3.68
N GLY B 384 -33.24 -18.29 -4.06
CA GLY B 384 -32.65 -19.56 -3.71
C GLY B 384 -31.51 -19.92 -4.65
N THR B 385 -31.06 -21.16 -4.52
CA THR B 385 -30.13 -21.74 -5.47
C THR B 385 -30.89 -22.21 -6.70
N VAL B 386 -30.24 -22.13 -7.85
CA VAL B 386 -30.87 -22.41 -9.13
C VAL B 386 -30.75 -23.91 -9.39
N GLU B 387 -31.85 -24.62 -9.19
CA GLU B 387 -31.91 -26.05 -9.46
C GLU B 387 -32.53 -26.26 -10.83
N VAL B 388 -32.04 -27.26 -11.56
CA VAL B 388 -32.45 -27.49 -12.94
C VAL B 388 -32.95 -28.91 -13.04
N GLU B 389 -34.03 -29.09 -13.80
CA GLU B 389 -34.62 -30.39 -14.09
C GLU B 389 -34.61 -30.53 -15.61
N ILE B 390 -33.77 -31.43 -16.12
CA ILE B 390 -33.73 -31.80 -17.53
C ILE B 390 -33.89 -33.31 -17.60
N GLN B 391 -35.03 -33.76 -18.15
CA GLN B 391 -35.35 -35.17 -18.29
C GLN B 391 -35.22 -35.89 -16.97
N ARG B 392 -35.86 -35.32 -15.95
CA ARG B 392 -36.04 -35.97 -14.65
C ARG B 392 -34.71 -36.27 -13.97
N LEU B 393 -33.69 -35.47 -14.26
CA LEU B 393 -32.39 -35.56 -13.59
C LEU B 393 -32.08 -34.22 -12.92
N LEU B 394 -31.71 -34.28 -11.65
CA LEU B 394 -31.41 -33.07 -10.90
C LEU B 394 -30.11 -32.43 -11.37
N GLY B 395 -29.85 -31.21 -10.90
CA GLY B 395 -28.64 -30.52 -11.27
C GLY B 395 -28.56 -29.15 -10.62
N LYS B 396 -27.47 -28.45 -10.95
CA LYS B 396 -27.22 -27.10 -10.47
C LYS B 396 -26.45 -26.34 -11.53
N VAL B 397 -26.49 -25.01 -11.42
CA VAL B 397 -25.81 -24.12 -12.37
C VAL B 397 -24.52 -23.63 -11.75
N CYS B 398 -23.47 -23.55 -12.57
CA CYS B 398 -22.13 -23.23 -12.11
C CYS B 398 -21.96 -21.73 -11.87
N ASP B 399 -21.23 -21.39 -10.81
CA ASP B 399 -20.95 -19.98 -10.51
C ASP B 399 -20.12 -19.36 -11.64
N ARG B 400 -19.19 -20.13 -12.21
CA ARG B 400 -18.37 -19.64 -13.31
C ARG B 400 -19.22 -18.95 -14.36
N GLY B 401 -19.00 -17.66 -14.55
CA GLY B 401 -19.77 -16.86 -15.48
C GLY B 401 -21.12 -16.39 -14.99
N TRP B 402 -21.45 -16.62 -13.72
CA TRP B 402 -22.75 -16.25 -13.17
C TRP B 402 -22.75 -14.77 -12.78
N GLY B 403 -23.66 -14.01 -13.37
CA GLY B 403 -23.76 -12.58 -13.08
C GLY B 403 -25.20 -12.14 -13.15
N LEU B 404 -25.43 -10.89 -12.70
CA LEU B 404 -26.80 -10.36 -12.67
C LEU B 404 -27.46 -10.35 -14.04
N LYS B 405 -26.67 -10.25 -15.12
CA LYS B 405 -27.23 -10.22 -16.46
C LYS B 405 -27.87 -11.54 -16.85
N GLU B 406 -27.31 -12.67 -16.37
CA GLU B 406 -27.92 -13.98 -16.60
C GLU B 406 -29.04 -14.23 -15.59
N ALA B 407 -28.82 -13.81 -14.34
CA ALA B 407 -29.86 -13.94 -13.33
C ALA B 407 -31.13 -13.21 -13.77
N ASP B 408 -30.98 -12.15 -14.57
CA ASP B 408 -32.15 -11.41 -15.03
C ASP B 408 -33.03 -12.29 -15.92
N VAL B 409 -32.43 -13.06 -16.85
CA VAL B 409 -33.25 -13.93 -17.67
C VAL B 409 -33.81 -15.08 -16.84
N VAL B 410 -33.03 -15.57 -15.87
CA VAL B 410 -33.52 -16.66 -15.03
C VAL B 410 -34.78 -16.23 -14.28
N CYS B 411 -34.78 -15.04 -13.69
CA CYS B 411 -35.96 -14.57 -12.98
C CYS B 411 -37.00 -13.91 -13.88
N ARG B 412 -36.68 -13.67 -15.15
CA ARG B 412 -37.74 -13.31 -16.08
C ARG B 412 -38.54 -14.53 -16.51
N GLN B 413 -37.89 -15.68 -16.65
CA GLN B 413 -38.62 -16.85 -17.09
C GLN B 413 -39.59 -17.35 -16.02
N LEU B 414 -39.18 -17.27 -14.75
CA LEU B 414 -40.00 -17.74 -13.65
C LEU B 414 -41.20 -16.85 -13.37
N GLY B 415 -41.27 -15.67 -13.98
CA GLY B 415 -42.37 -14.75 -13.77
C GLY B 415 -42.14 -13.67 -12.74
N CYS B 416 -40.92 -13.48 -12.27
CA CYS B 416 -40.62 -12.46 -11.29
C CYS B 416 -39.91 -11.27 -11.94
N GLY B 417 -39.52 -10.31 -11.12
CA GLY B 417 -38.91 -9.09 -11.59
C GLY B 417 -37.43 -9.22 -11.87
N SER B 418 -36.75 -8.08 -11.88
CA SER B 418 -35.32 -8.06 -12.14
C SER B 418 -34.57 -8.68 -10.97
N ALA B 419 -33.48 -9.38 -11.30
CA ALA B 419 -32.61 -9.93 -10.28
C ALA B 419 -31.89 -8.82 -9.53
N LEU B 420 -31.68 -9.03 -8.24
CA LEU B 420 -31.11 -8.02 -7.37
C LEU B 420 -29.85 -8.45 -6.65
N LYS B 421 -29.69 -9.74 -6.37
CA LYS B 421 -28.54 -10.21 -5.60
C LYS B 421 -28.23 -11.64 -5.99
N THR B 422 -26.98 -12.04 -5.75
CA THR B 422 -26.49 -13.39 -6.06
C THR B 422 -26.35 -14.16 -4.74
N SER B 423 -27.29 -13.95 -3.83
CA SER B 423 -27.31 -14.65 -2.56
C SER B 423 -28.76 -14.78 -2.10
N TYR B 424 -28.94 -15.34 -0.91
CA TYR B 424 -30.28 -15.52 -0.35
C TYR B 424 -30.15 -15.81 1.13
N GLN B 425 -31.28 -15.76 1.82
CA GLN B 425 -31.36 -16.24 3.20
C GLN B 425 -31.62 -17.73 3.21
N VAL B 426 -30.93 -18.45 4.09
CA VAL B 426 -31.04 -19.90 4.12
C VAL B 426 -32.27 -20.30 4.93
N TYR B 427 -33.42 -20.40 4.26
CA TYR B 427 -34.64 -20.82 4.93
C TYR B 427 -34.66 -22.33 5.13
N SER B 428 -34.12 -23.10 4.18
CA SER B 428 -34.11 -24.54 4.29
C SER B 428 -32.85 -25.09 3.62
N LYS B 429 -32.44 -26.28 4.06
CA LYS B 429 -31.29 -26.94 3.49
C LYS B 429 -31.63 -27.53 2.11
N ILE B 430 -30.60 -27.71 1.29
CA ILE B 430 -30.76 -28.23 -0.06
C ILE B 430 -29.91 -29.49 -0.23
N GLN B 431 -30.50 -30.49 -0.87
CA GLN B 431 -29.85 -31.78 -1.08
C GLN B 431 -28.71 -31.65 -2.08
N ALA B 432 -27.80 -32.63 -2.03
CA ALA B 432 -26.64 -32.64 -2.92
C ALA B 432 -27.00 -33.25 -4.28
N THR B 433 -26.23 -32.86 -5.29
CA THR B 433 -26.41 -33.36 -6.65
C THR B 433 -25.04 -33.43 -7.31
N ASN B 434 -24.94 -34.27 -8.35
CA ASN B 434 -23.68 -34.52 -9.03
C ASN B 434 -23.54 -33.75 -10.35
N THR B 435 -24.55 -33.80 -11.22
CA THR B 435 -24.47 -33.10 -12.49
C THR B 435 -24.34 -31.60 -12.27
N TRP B 436 -23.96 -30.89 -13.34
CA TRP B 436 -23.83 -29.44 -13.27
C TRP B 436 -24.22 -28.88 -14.63
N LEU B 437 -24.68 -27.64 -14.64
CA LEU B 437 -25.01 -26.94 -15.89
C LEU B 437 -24.09 -25.74 -16.03
N PHE B 438 -23.36 -25.68 -17.14
CA PHE B 438 -22.42 -24.61 -17.40
C PHE B 438 -23.02 -23.67 -18.44
N LEU B 439 -23.07 -22.39 -18.12
CA LEU B 439 -23.78 -21.40 -18.92
C LEU B 439 -22.77 -20.44 -19.53
N SER B 440 -22.93 -20.15 -20.81
CA SER B 440 -22.12 -19.16 -21.49
C SER B 440 -22.74 -17.78 -21.25
N SER B 441 -22.22 -16.76 -21.93
CA SER B 441 -22.78 -15.43 -21.78
C SER B 441 -24.15 -15.38 -22.43
N CYS B 442 -25.12 -14.83 -21.70
CA CYS B 442 -26.47 -14.65 -22.19
C CYS B 442 -26.69 -13.20 -22.55
N ASN B 443 -27.40 -12.96 -23.67
CA ASN B 443 -27.53 -11.61 -24.18
C ASN B 443 -28.32 -10.69 -23.25
N GLY B 444 -29.17 -11.24 -22.38
CA GLY B 444 -29.86 -10.46 -21.38
C GLY B 444 -31.27 -10.04 -21.75
N ASN B 445 -31.76 -10.43 -22.92
CA ASN B 445 -33.12 -10.08 -23.34
C ASN B 445 -33.99 -11.25 -23.75
N GLU B 446 -33.41 -12.44 -23.95
CA GLU B 446 -34.20 -13.61 -24.28
C GLU B 446 -35.07 -14.02 -23.09
N THR B 447 -36.17 -14.72 -23.40
CA THR B 447 -37.23 -14.97 -22.43
C THR B 447 -37.11 -16.33 -21.76
N SER B 448 -35.95 -16.98 -21.85
CA SER B 448 -35.74 -18.25 -21.17
C SER B 448 -34.26 -18.58 -21.15
N LEU B 449 -33.83 -19.24 -20.07
CA LEU B 449 -32.43 -19.67 -19.97
C LEU B 449 -32.09 -20.66 -21.06
N TRP B 450 -33.06 -21.46 -21.50
CA TRP B 450 -32.83 -22.43 -22.56
C TRP B 450 -32.45 -21.77 -23.87
N ASP B 451 -32.84 -20.51 -24.06
CA ASP B 451 -32.51 -19.80 -25.29
C ASP B 451 -31.10 -19.24 -25.30
N CYS B 452 -30.39 -19.28 -24.17
CA CYS B 452 -29.00 -18.85 -24.15
C CYS B 452 -28.15 -19.73 -25.08
N LYS B 453 -27.18 -19.11 -25.73
CA LYS B 453 -26.35 -19.83 -26.69
C LYS B 453 -25.36 -20.73 -25.97
N ASN B 454 -25.21 -21.96 -26.46
CA ASN B 454 -24.12 -22.85 -26.08
C ASN B 454 -24.05 -23.05 -24.57
N TRP B 455 -25.08 -23.66 -24.02
CA TRP B 455 -25.11 -24.05 -22.62
C TRP B 455 -24.91 -25.56 -22.51
N GLN B 456 -24.01 -25.96 -21.63
CA GLN B 456 -23.61 -27.36 -21.49
C GLN B 456 -24.30 -28.00 -20.30
N TRP B 457 -24.85 -29.19 -20.50
CA TRP B 457 -25.49 -29.97 -19.45
C TRP B 457 -24.63 -31.19 -19.17
N GLY B 458 -24.01 -31.22 -17.99
CA GLY B 458 -23.19 -32.35 -17.60
C GLY B 458 -21.73 -32.18 -17.99
N GLY B 459 -21.02 -33.32 -18.00
CA GLY B 459 -19.64 -33.33 -18.40
C GLY B 459 -18.68 -32.69 -17.41
N LEU B 460 -18.20 -31.50 -17.74
CA LEU B 460 -17.22 -30.79 -16.93
C LEU B 460 -17.66 -30.72 -15.47
N THR B 461 -16.68 -30.69 -14.57
CA THR B 461 -16.96 -30.52 -13.15
C THR B 461 -16.74 -29.08 -12.73
N CYS B 462 -17.54 -28.63 -11.75
CA CYS B 462 -17.39 -27.30 -11.15
C CYS B 462 -16.45 -27.35 -9.96
N ASP B 463 -15.18 -27.62 -10.26
CA ASP B 463 -14.15 -27.54 -9.24
C ASP B 463 -13.67 -26.09 -9.09
N HIS B 464 -13.48 -25.66 -7.84
CA HIS B 464 -13.09 -24.29 -7.52
C HIS B 464 -14.19 -23.29 -7.83
N TYR B 465 -15.44 -23.71 -7.70
CA TYR B 465 -16.58 -22.84 -7.96
C TYR B 465 -17.74 -23.28 -7.09
N GLU B 466 -18.69 -22.36 -6.89
CA GLU B 466 -19.84 -22.57 -6.02
C GLU B 466 -21.11 -22.71 -6.86
N GLU B 467 -22.22 -22.94 -6.17
CA GLU B 467 -23.50 -23.10 -6.84
C GLU B 467 -24.11 -21.73 -7.14
N ALA B 468 -24.93 -21.68 -8.18
CA ALA B 468 -25.57 -20.43 -8.57
C ALA B 468 -26.71 -20.10 -7.62
N LYS B 469 -26.67 -18.89 -7.06
CA LYS B 469 -27.68 -18.38 -6.14
C LYS B 469 -28.29 -17.12 -6.75
N ILE B 470 -29.50 -16.78 -6.31
CA ILE B 470 -30.20 -15.65 -6.92
C ILE B 470 -31.31 -15.20 -5.98
N THR B 471 -31.50 -13.88 -5.91
CA THR B 471 -32.65 -13.26 -5.24
C THR B 471 -33.19 -12.15 -6.12
N CYS B 472 -34.53 -12.09 -6.27
CA CYS B 472 -35.15 -11.19 -7.23
C CYS B 472 -36.28 -10.40 -6.57
N SER B 473 -36.89 -9.51 -7.35
CA SER B 473 -37.67 -8.41 -6.79
C SER B 473 -38.91 -8.90 -6.06
N ALA B 474 -39.64 -9.85 -6.65
CA ALA B 474 -40.92 -10.25 -6.06
C ALA B 474 -40.76 -11.12 -4.82
N HIS B 475 -39.56 -11.24 -4.26
CA HIS B 475 -39.39 -11.98 -3.02
C HIS B 475 -40.25 -11.39 -1.91
N ARG B 476 -40.16 -10.08 -1.70
CA ARG B 476 -40.86 -9.39 -0.62
C ARG B 476 -41.49 -8.11 -1.13
N GLU B 477 -42.23 -8.19 -2.23
CA GLU B 477 -42.66 -6.97 -2.92
C GLU B 477 -43.66 -6.18 -2.07
N PRO B 478 -43.44 -4.89 -1.86
CA PRO B 478 -44.32 -4.10 -0.99
C PRO B 478 -45.45 -3.42 -1.78
N ARG B 479 -46.39 -2.86 -1.04
CA ARG B 479 -47.54 -2.18 -1.60
C ARG B 479 -48.23 -1.41 -0.50
N LEU B 480 -48.91 -0.34 -0.87
CA LEU B 480 -49.67 0.48 0.06
C LEU B 480 -51.11 0.58 -0.45
N VAL B 481 -52.07 0.31 0.43
CA VAL B 481 -53.49 0.30 0.04
C VAL B 481 -54.32 0.96 1.13
N GLY B 482 -55.39 1.65 0.71
CA GLY B 482 -56.37 2.16 1.63
C GLY B 482 -56.31 3.65 1.90
N GLY B 483 -55.25 4.33 1.51
CA GLY B 483 -55.13 5.74 1.82
C GLY B 483 -55.90 6.63 0.88
N ASP B 484 -56.13 7.87 1.33
CA ASP B 484 -56.82 8.87 0.53
C ASP B 484 -55.87 9.81 -0.20
N ILE B 485 -54.57 9.64 -0.03
CA ILE B 485 -53.57 10.48 -0.69
C ILE B 485 -52.53 9.55 -1.31
N PRO B 486 -51.79 10.03 -2.30
CA PRO B 486 -50.97 9.11 -3.12
C PRO B 486 -50.01 8.22 -2.36
N CYS B 487 -49.32 8.72 -1.33
CA CYS B 487 -48.24 7.94 -0.74
C CYS B 487 -48.47 7.60 0.72
N SER B 488 -49.68 7.15 1.07
CA SER B 488 -49.96 6.74 2.43
C SER B 488 -50.96 5.59 2.38
N GLY B 489 -50.82 4.67 3.32
CA GLY B 489 -51.81 3.61 3.44
C GLY B 489 -51.28 2.45 4.27
N ARG B 490 -52.13 1.45 4.39
CA ARG B 490 -51.77 0.20 5.03
C ARG B 490 -50.75 -0.55 4.19
N VAL B 491 -49.74 -1.09 4.88
CA VAL B 491 -48.62 -1.77 4.24
C VAL B 491 -48.98 -3.24 4.01
N GLU B 492 -48.71 -3.72 2.81
CA GLU B 492 -48.88 -5.12 2.48
C GLU B 492 -47.65 -5.57 1.70
N VAL B 493 -47.33 -6.85 1.82
CA VAL B 493 -46.16 -7.42 1.16
C VAL B 493 -46.55 -8.74 0.53
N LYS B 494 -45.91 -9.03 -0.60
CA LYS B 494 -46.12 -10.26 -1.36
C LYS B 494 -44.89 -11.13 -1.24
N HIS B 495 -45.10 -12.38 -0.80
CA HIS B 495 -44.05 -13.39 -0.73
C HIS B 495 -44.07 -14.24 -2.00
N GLY B 496 -43.80 -13.59 -3.13
CA GLY B 496 -43.80 -14.29 -4.40
C GLY B 496 -45.16 -14.32 -5.08
N ASP B 497 -46.17 -14.89 -4.42
CA ASP B 497 -47.47 -15.07 -5.03
C ASP B 497 -48.62 -14.55 -4.15
N THR B 498 -48.43 -14.55 -2.84
CA THR B 498 -49.52 -14.28 -1.90
C THR B 498 -49.25 -12.99 -1.13
N TRP B 499 -50.31 -12.21 -0.93
CA TRP B 499 -50.23 -10.94 -0.22
C TRP B 499 -50.53 -11.13 1.26
N GLY B 500 -49.98 -10.25 2.07
CA GLY B 500 -50.22 -10.29 3.50
C GLY B 500 -49.87 -8.98 4.17
N SER B 501 -50.60 -8.67 5.24
CA SER B 501 -50.35 -7.45 6.01
C SER B 501 -49.14 -7.65 6.91
N ILE B 502 -48.79 -6.60 7.65
CA ILE B 502 -47.63 -6.62 8.53
C ILE B 502 -48.04 -6.09 9.90
N CYS B 503 -47.58 -6.78 10.95
CA CYS B 503 -47.77 -6.29 12.31
C CYS B 503 -47.00 -5.00 12.53
N ASP B 504 -47.58 -4.08 13.29
CA ASP B 504 -46.88 -2.85 13.62
C ASP B 504 -45.66 -3.10 14.49
N SER B 505 -45.60 -4.25 15.16
CA SER B 505 -44.47 -4.63 15.99
C SER B 505 -43.34 -5.28 15.19
N ASP B 506 -43.54 -5.52 13.90
CA ASP B 506 -42.53 -6.11 13.05
C ASP B 506 -41.92 -5.14 12.05
N PHE B 507 -42.29 -3.87 12.11
CA PHE B 507 -41.87 -2.88 11.12
C PHE B 507 -41.16 -1.75 11.83
N SER B 508 -40.02 -1.33 11.30
CA SER B 508 -39.18 -0.32 11.92
C SER B 508 -39.11 0.91 11.02
N LEU B 509 -38.48 1.96 11.53
CA LEU B 509 -38.34 3.19 10.75
C LEU B 509 -37.44 2.97 9.53
N GLU B 510 -36.37 2.21 9.69
CA GLU B 510 -35.50 1.90 8.56
C GLU B 510 -36.23 1.07 7.51
N ALA B 511 -37.04 0.10 7.95
CA ALA B 511 -37.85 -0.67 7.02
C ALA B 511 -38.83 0.21 6.28
N ALA B 512 -39.43 1.18 6.99
CA ALA B 512 -40.34 2.12 6.34
C ALA B 512 -39.60 2.96 5.30
N SER B 513 -38.39 3.39 5.62
CA SER B 513 -37.60 4.16 4.67
C SER B 513 -37.31 3.35 3.42
N VAL B 514 -36.90 2.09 3.59
CA VAL B 514 -36.65 1.24 2.44
C VAL B 514 -37.92 1.03 1.62
N LEU B 515 -39.05 0.80 2.30
CA LEU B 515 -40.31 0.57 1.61
C LEU B 515 -40.69 1.77 0.76
N CYS B 516 -40.59 2.98 1.32
CA CYS B 516 -40.98 4.17 0.57
C CYS B 516 -39.91 4.61 -0.41
N ARG B 517 -38.70 4.09 -0.30
CA ARG B 517 -37.72 4.28 -1.37
C ARG B 517 -38.02 3.39 -2.56
N GLU B 518 -38.42 2.14 -2.33
CA GLU B 518 -38.71 1.26 -3.45
C GLU B 518 -39.90 1.73 -4.25
N LEU B 519 -40.94 2.20 -3.55
CA LEU B 519 -42.18 2.60 -4.21
C LEU B 519 -42.13 4.00 -4.82
N GLN B 520 -41.01 4.71 -4.69
CA GLN B 520 -40.84 6.05 -5.25
C GLN B 520 -41.73 7.06 -4.53
N CYS B 521 -41.82 6.94 -3.20
CA CYS B 521 -42.63 7.84 -2.41
C CYS B 521 -41.79 8.76 -1.52
N GLY B 522 -40.47 8.72 -1.66
CA GLY B 522 -39.62 9.64 -0.94
C GLY B 522 -39.34 9.20 0.49
N THR B 523 -39.09 10.18 1.34
CA THR B 523 -38.73 9.92 2.73
C THR B 523 -39.97 9.61 3.55
N VAL B 524 -39.76 8.88 4.65
CA VAL B 524 -40.86 8.48 5.52
C VAL B 524 -41.26 9.65 6.39
N VAL B 525 -42.56 9.91 6.48
CA VAL B 525 -43.10 10.94 7.37
C VAL B 525 -43.57 10.35 8.69
N SER B 526 -44.26 9.22 8.65
CA SER B 526 -44.76 8.64 9.89
C SER B 526 -45.13 7.17 9.69
N ILE B 527 -44.94 6.40 10.77
CA ILE B 527 -45.45 5.05 10.89
C ILE B 527 -46.67 5.11 11.80
N LEU B 528 -47.78 4.51 11.37
CA LEU B 528 -49.02 4.54 12.13
C LEU B 528 -49.47 3.13 12.46
N GLY B 529 -49.72 2.87 13.74
CA GLY B 529 -50.10 1.56 14.21
C GLY B 529 -51.60 1.34 14.13
N GLY B 530 -52.09 0.45 14.97
CA GLY B 530 -53.51 0.13 14.99
C GLY B 530 -53.98 -0.34 13.63
N ALA B 531 -55.09 0.23 13.17
CA ALA B 531 -55.63 -0.02 11.85
C ALA B 531 -56.04 1.30 11.20
N HIS B 532 -55.11 2.27 11.24
CA HIS B 532 -55.42 3.64 10.87
C HIS B 532 -56.11 3.74 9.52
N PHE B 533 -55.67 2.94 8.56
CA PHE B 533 -56.22 2.94 7.21
C PHE B 533 -57.18 1.79 6.96
N GLY B 534 -57.77 1.23 8.01
CA GLY B 534 -58.76 0.18 7.84
C GLY B 534 -58.16 -1.21 8.04
N GLU B 535 -58.91 -2.07 8.72
CA GLU B 535 -58.45 -3.44 8.91
C GLU B 535 -58.41 -4.19 7.59
N GLY B 536 -57.37 -5.01 7.41
CA GLY B 536 -57.24 -5.82 6.22
C GLY B 536 -57.82 -7.21 6.41
N ASN B 537 -57.69 -8.02 5.36
CA ASN B 537 -58.12 -9.40 5.40
C ASN B 537 -57.05 -10.27 4.76
N GLY B 538 -56.87 -11.48 5.30
CA GLY B 538 -55.90 -12.41 4.79
C GLY B 538 -54.79 -12.70 5.76
N GLN B 539 -53.66 -13.14 5.21
CA GLN B 539 -52.53 -13.58 6.03
C GLN B 539 -51.82 -12.39 6.67
N ILE B 540 -51.31 -12.61 7.87
CA ILE B 540 -50.44 -11.66 8.56
C ILE B 540 -49.08 -12.33 8.70
N TRP B 541 -48.04 -11.69 8.20
CA TRP B 541 -46.71 -12.28 8.22
C TRP B 541 -46.08 -12.18 9.60
N ALA B 542 -45.15 -13.09 9.88
CA ALA B 542 -44.49 -13.20 11.17
C ALA B 542 -42.99 -12.95 11.03
N GLU B 543 -42.60 -12.11 10.07
CA GLU B 543 -41.18 -11.83 9.82
C GLU B 543 -40.84 -10.46 10.38
N GLU B 544 -39.84 -10.41 11.25
CA GLU B 544 -39.32 -9.16 11.78
C GLU B 544 -38.22 -8.66 10.84
N PHE B 545 -38.42 -7.48 10.26
CA PHE B 545 -37.42 -6.91 9.37
C PHE B 545 -36.23 -6.41 10.17
N GLN B 546 -35.05 -6.47 9.56
CA GLN B 546 -33.82 -5.99 10.17
C GLN B 546 -33.02 -5.16 9.18
N CYS B 547 -33.70 -4.30 8.44
CA CYS B 547 -33.03 -3.44 7.48
C CYS B 547 -32.03 -2.52 8.16
N GLU B 548 -30.88 -2.33 7.52
CA GLU B 548 -29.92 -1.34 8.01
C GLU B 548 -30.25 0.07 7.55
N GLY B 549 -31.17 0.23 6.61
CA GLY B 549 -31.67 1.54 6.19
C GLY B 549 -31.26 1.93 4.78
N HIS B 550 -30.11 1.43 4.30
CA HIS B 550 -29.54 1.86 3.04
C HIS B 550 -29.94 0.97 1.87
N GLU B 551 -30.72 -0.09 2.10
CA GLU B 551 -31.10 -0.99 1.03
C GLU B 551 -32.00 -0.27 0.02
N SER B 552 -32.13 -0.88 -1.16
CA SER B 552 -32.94 -0.34 -2.23
C SER B 552 -34.26 -1.08 -2.40
N HIS B 553 -34.30 -2.35 -2.02
CA HIS B 553 -35.52 -3.14 -2.06
C HIS B 553 -35.71 -3.89 -0.76
N LEU B 554 -36.97 -4.09 -0.36
CA LEU B 554 -37.26 -4.88 0.81
C LEU B 554 -36.71 -6.29 0.69
N SER B 555 -36.59 -6.79 -0.54
CA SER B 555 -36.10 -8.14 -0.76
C SER B 555 -34.68 -8.32 -0.25
N LEU B 556 -33.87 -7.27 -0.29
CA LEU B 556 -32.48 -7.37 0.12
C LEU B 556 -32.30 -7.34 1.63
N CYS B 557 -33.34 -6.98 2.37
CA CYS B 557 -33.20 -6.88 3.81
C CYS B 557 -33.15 -8.25 4.46
N PRO B 558 -32.39 -8.40 5.54
CA PRO B 558 -32.52 -9.60 6.36
C PRO B 558 -33.83 -9.59 7.12
N VAL B 559 -34.33 -10.79 7.43
CA VAL B 559 -35.59 -10.95 8.15
C VAL B 559 -35.47 -12.13 9.11
N ALA B 560 -36.22 -12.06 10.20
CA ALA B 560 -36.28 -13.12 11.19
C ALA B 560 -37.69 -13.68 11.25
N PRO B 561 -37.95 -14.86 10.71
CA PRO B 561 -39.29 -15.44 10.80
C PRO B 561 -39.57 -16.00 12.19
N ARG B 562 -40.86 -16.19 12.47
CA ARG B 562 -41.30 -16.81 13.71
C ARG B 562 -42.30 -17.90 13.39
N PRO B 563 -42.08 -19.12 13.87
CA PRO B 563 -43.08 -20.19 13.65
C PRO B 563 -44.36 -20.00 14.45
N GLU B 564 -44.36 -19.17 15.48
CA GLU B 564 -45.51 -19.01 16.35
C GLU B 564 -46.56 -18.15 15.65
N GLY B 565 -47.61 -17.77 16.39
CA GLY B 565 -48.70 -17.01 15.82
C GLY B 565 -48.34 -15.55 15.57
N THR B 566 -49.31 -14.83 15.01
CA THR B 566 -49.17 -13.44 14.67
C THR B 566 -50.16 -12.60 15.45
N CYS B 567 -50.16 -11.30 15.17
CA CYS B 567 -51.04 -10.37 15.86
C CYS B 567 -52.47 -10.54 15.35
N SER B 568 -53.36 -9.69 15.81
CA SER B 568 -54.69 -9.56 15.23
C SER B 568 -54.65 -8.55 14.09
N HIS B 569 -55.75 -8.48 13.35
CA HIS B 569 -55.81 -7.52 12.24
C HIS B 569 -55.98 -6.09 12.72
N SER B 570 -56.19 -5.87 14.01
CA SER B 570 -56.22 -4.53 14.56
C SER B 570 -54.82 -3.97 14.84
N ARG B 571 -53.78 -4.60 14.30
CA ARG B 571 -52.41 -4.16 14.49
C ARG B 571 -51.65 -4.11 13.16
N ASP B 572 -52.36 -3.92 12.07
CA ASP B 572 -51.70 -3.79 10.76
C ASP B 572 -51.01 -2.44 10.65
N VAL B 573 -49.76 -2.45 10.21
CA VAL B 573 -48.98 -1.23 10.14
C VAL B 573 -49.35 -0.43 8.89
N GLY B 574 -49.37 0.88 9.04
CA GLY B 574 -49.54 1.80 7.93
C GLY B 574 -48.42 2.82 7.87
N VAL B 575 -48.23 3.45 6.72
CA VAL B 575 -47.13 4.38 6.52
C VAL B 575 -47.66 5.61 5.79
N VAL B 576 -47.15 6.78 6.18
CA VAL B 576 -47.37 8.03 5.46
C VAL B 576 -46.01 8.58 5.06
N CYS B 577 -45.86 8.93 3.77
CA CYS B 577 -44.59 9.36 3.23
C CYS B 577 -44.73 10.70 2.52
N SER B 578 -43.58 11.28 2.18
CA SER B 578 -43.50 12.70 1.86
C SER B 578 -44.25 13.03 0.57
N ARG B 579 -44.09 12.24 -0.48
CA ARG B 579 -44.59 12.60 -1.80
C ARG B 579 -46.10 12.44 -1.83
N TYR B 580 -46.78 13.40 -1.20
CA TYR B 580 -48.23 13.38 -1.13
C TYR B 580 -48.87 14.27 -2.18
N THR B 581 -48.09 14.91 -3.03
CA THR B 581 -48.64 15.83 -4.01
C THR B 581 -49.18 15.05 -5.21
N GLU B 582 -50.41 15.32 -5.57
CA GLU B 582 -51.07 14.69 -6.72
C GLU B 582 -51.23 15.78 -7.78
N ILE B 583 -50.36 15.76 -8.78
CA ILE B 583 -50.30 16.81 -9.79
C ILE B 583 -50.32 16.16 -11.17
N ARG B 584 -50.98 16.82 -12.12
CA ARG B 584 -51.12 16.26 -13.45
C ARG B 584 -51.33 17.37 -14.47
N LEU B 585 -51.15 17.00 -15.74
CA LEU B 585 -51.52 17.84 -16.86
C LEU B 585 -52.76 17.23 -17.49
N VAL B 586 -53.78 18.05 -17.72
CA VAL B 586 -55.12 17.58 -18.04
C VAL B 586 -55.48 17.86 -19.49
N ASN B 587 -55.56 19.13 -19.87
CA ASN B 587 -56.10 19.53 -21.17
C ASN B 587 -54.95 19.94 -22.08
N GLY B 588 -54.83 19.28 -23.22
CA GLY B 588 -53.77 19.60 -24.16
C GLY B 588 -53.78 18.63 -25.32
N LYS B 589 -53.05 19.03 -26.36
CA LYS B 589 -52.98 18.20 -27.57
C LYS B 589 -52.25 16.89 -27.32
N THR B 590 -51.27 16.89 -26.42
CA THR B 590 -50.40 15.77 -26.16
C THR B 590 -50.36 15.52 -24.65
N PRO B 591 -50.19 14.26 -24.22
CA PRO B 591 -50.17 13.98 -22.77
C PRO B 591 -49.00 14.59 -22.03
N CYS B 592 -48.06 15.27 -22.69
CA CYS B 592 -46.97 15.95 -22.00
C CYS B 592 -46.97 17.45 -22.28
N GLU B 593 -48.14 18.07 -22.25
CA GLU B 593 -48.31 19.50 -22.39
C GLU B 593 -49.76 19.84 -22.08
N GLY B 594 -49.97 20.91 -21.31
CA GLY B 594 -51.30 21.36 -21.03
C GLY B 594 -51.38 22.16 -19.75
N ARG B 595 -52.62 22.37 -19.32
CA ARG B 595 -52.89 23.01 -18.04
C ARG B 595 -52.44 22.11 -16.89
N VAL B 596 -52.08 22.74 -15.77
CA VAL B 596 -51.57 22.03 -14.60
C VAL B 596 -52.67 22.03 -13.54
N GLU B 597 -52.99 20.85 -13.01
CA GLU B 597 -53.96 20.76 -11.93
C GLU B 597 -53.43 19.89 -10.81
N LEU B 598 -53.88 20.19 -9.60
CA LEU B 598 -53.57 19.38 -8.43
C LEU B 598 -54.79 19.34 -7.53
N LYS B 599 -54.91 18.25 -6.76
CA LYS B 599 -56.03 18.07 -5.86
C LYS B 599 -55.54 18.21 -4.42
N THR B 600 -56.28 19.00 -3.64
CA THR B 600 -56.08 19.10 -2.20
C THR B 600 -57.44 19.36 -1.57
N LEU B 601 -57.53 19.02 -0.28
CA LEU B 601 -58.79 19.11 0.45
C LEU B 601 -59.89 18.36 -0.27
N GLY B 602 -59.51 17.34 -1.04
CA GLY B 602 -60.45 16.50 -1.74
C GLY B 602 -61.00 17.09 -3.02
N ALA B 603 -60.41 18.17 -3.52
CA ALA B 603 -60.90 18.80 -4.75
C ALA B 603 -59.76 19.12 -5.69
N TRP B 604 -60.05 19.05 -6.99
CA TRP B 604 -59.09 19.41 -8.03
C TRP B 604 -59.15 20.91 -8.28
N GLY B 605 -58.00 21.46 -8.66
CA GLY B 605 -57.94 22.86 -9.00
C GLY B 605 -56.66 23.19 -9.75
N SER B 606 -56.72 24.26 -10.52
CA SER B 606 -55.58 24.74 -11.28
C SER B 606 -54.68 25.58 -10.39
N LEU B 607 -53.39 25.59 -10.72
CA LEU B 607 -52.41 26.32 -9.93
C LEU B 607 -52.43 27.81 -10.29
N CYS B 608 -51.62 28.58 -9.58
CA CYS B 608 -51.46 30.01 -9.84
C CYS B 608 -50.15 30.26 -10.56
N ASN B 609 -50.20 31.07 -11.62
CA ASN B 609 -49.02 31.39 -12.41
C ASN B 609 -48.10 32.39 -11.71
N SER B 610 -48.62 33.14 -10.74
CA SER B 610 -47.93 34.33 -10.23
C SER B 610 -46.49 34.04 -9.83
N HIS B 611 -46.24 32.86 -9.27
CA HIS B 611 -44.91 32.50 -8.82
C HIS B 611 -44.54 31.12 -9.35
N TRP B 612 -44.92 30.87 -10.60
CA TRP B 612 -44.67 29.61 -11.29
C TRP B 612 -43.70 29.90 -12.42
N ASP B 613 -42.58 29.18 -12.44
CA ASP B 613 -41.50 29.47 -13.37
C ASP B 613 -41.03 28.21 -14.07
N ILE B 614 -39.99 28.35 -14.89
CA ILE B 614 -39.56 27.25 -15.76
C ILE B 614 -38.94 26.12 -14.92
N GLU B 615 -38.21 26.46 -13.85
CA GLU B 615 -37.58 25.41 -13.04
C GLU B 615 -38.63 24.50 -12.41
N ASP B 616 -39.83 25.02 -12.19
CA ASP B 616 -40.93 24.19 -11.69
C ASP B 616 -41.46 23.26 -12.77
N ALA B 617 -41.54 23.76 -14.02
CA ALA B 617 -42.01 22.92 -15.11
C ALA B 617 -41.04 21.76 -15.33
N HIS B 618 -39.74 22.02 -15.19
CA HIS B 618 -38.75 20.94 -15.30
C HIS B 618 -39.12 19.77 -14.40
N VAL B 619 -39.42 20.05 -13.13
CA VAL B 619 -39.75 18.96 -12.22
C VAL B 619 -41.15 18.43 -12.48
N LEU B 620 -42.05 19.25 -13.00
CA LEU B 620 -43.38 18.75 -13.36
C LEU B 620 -43.29 17.66 -14.42
N CYS B 621 -42.53 17.90 -15.48
CA CYS B 621 -42.43 16.88 -16.53
C CYS B 621 -41.25 15.96 -16.37
N GLN B 622 -40.41 16.15 -15.36
CA GLN B 622 -39.53 15.06 -14.94
C GLN B 622 -40.27 14.05 -14.07
N GLN B 623 -41.25 14.53 -13.30
CA GLN B 623 -42.11 13.61 -12.55
C GLN B 623 -42.87 12.70 -13.50
N LEU B 624 -43.40 13.27 -14.58
CA LEU B 624 -44.16 12.50 -15.57
C LEU B 624 -43.28 11.74 -16.55
N LYS B 625 -41.95 11.82 -16.42
CA LYS B 625 -41.02 11.04 -17.23
C LYS B 625 -41.20 11.33 -18.72
N CYS B 626 -41.12 12.61 -19.10
CA CYS B 626 -41.07 12.97 -20.51
C CYS B 626 -40.38 14.32 -20.68
N GLY B 627 -39.10 14.28 -21.01
CA GLY B 627 -38.38 15.46 -21.48
C GLY B 627 -38.21 16.54 -20.43
N VAL B 628 -37.96 17.75 -20.93
CA VAL B 628 -37.80 18.93 -20.09
C VAL B 628 -38.64 20.05 -20.68
N ALA B 629 -38.91 21.04 -19.83
CA ALA B 629 -39.82 22.12 -20.18
C ALA B 629 -39.22 23.07 -21.20
N LEU B 630 -40.05 23.52 -22.15
CA LEU B 630 -39.65 24.51 -23.14
C LEU B 630 -40.13 25.92 -22.81
N SER B 631 -41.39 26.08 -22.40
CA SER B 631 -41.93 27.38 -22.03
C SER B 631 -43.13 27.18 -21.14
N THR B 632 -43.62 28.29 -20.58
CA THR B 632 -44.74 28.29 -19.63
C THR B 632 -45.82 29.21 -20.16
N PRO B 633 -46.72 28.69 -21.01
CA PRO B 633 -47.76 29.55 -21.58
C PRO B 633 -48.63 30.19 -20.51
N GLY B 634 -49.00 31.45 -20.75
CA GLY B 634 -49.77 32.22 -19.79
C GLY B 634 -51.22 32.42 -20.20
N GLY B 635 -52.06 32.80 -19.24
CA GLY B 635 -53.44 33.08 -19.55
C GLY B 635 -54.24 31.82 -19.85
N ALA B 636 -55.36 32.03 -20.54
CA ALA B 636 -56.29 30.96 -20.89
C ALA B 636 -55.89 30.23 -22.17
N ARG B 637 -54.62 30.30 -22.56
CA ARG B 637 -54.16 29.70 -23.81
C ARG B 637 -54.45 28.20 -23.85
N PHE B 638 -54.49 27.54 -22.69
CA PHE B 638 -54.68 26.10 -22.63
C PHE B 638 -55.92 25.72 -21.85
N GLY B 639 -56.87 26.63 -21.71
CA GLY B 639 -58.05 26.32 -20.92
C GLY B 639 -58.10 27.14 -19.64
N LYS B 640 -59.33 27.39 -19.18
CA LYS B 640 -59.58 28.07 -17.92
C LYS B 640 -59.81 27.05 -16.81
N GLY B 641 -59.67 27.51 -15.57
CA GLY B 641 -59.92 26.64 -14.44
C GLY B 641 -61.39 26.23 -14.35
N ASN B 642 -61.60 25.01 -13.84
CA ASN B 642 -62.95 24.50 -13.65
C ASN B 642 -63.67 25.14 -12.47
N GLY B 643 -62.98 25.97 -11.69
CA GLY B 643 -63.58 26.58 -10.53
C GLY B 643 -62.53 27.27 -9.68
N GLN B 644 -62.52 26.98 -8.38
CA GLN B 644 -61.58 27.62 -7.48
C GLN B 644 -60.15 27.29 -7.88
N ILE B 645 -59.27 28.26 -7.70
CA ILE B 645 -57.86 28.16 -8.09
C ILE B 645 -57.05 27.94 -6.82
N TRP B 646 -56.12 26.98 -6.88
CA TRP B 646 -55.21 26.76 -5.77
C TRP B 646 -54.01 27.68 -5.87
N ARG B 647 -53.61 28.22 -4.72
CA ARG B 647 -52.60 29.27 -4.61
C ARG B 647 -51.25 28.74 -4.15
N HIS B 648 -51.02 27.44 -4.31
CA HIS B 648 -49.72 26.87 -3.94
C HIS B 648 -48.60 27.48 -4.79
N MET B 649 -47.44 27.64 -4.17
CA MET B 649 -46.27 28.23 -4.82
C MET B 649 -45.06 27.34 -4.57
N PHE B 650 -44.64 26.60 -5.59
CA PHE B 650 -43.47 25.77 -5.44
C PHE B 650 -42.21 26.59 -5.67
N HIS B 651 -41.10 26.14 -5.07
CA HIS B 651 -39.81 26.80 -5.20
C HIS B 651 -38.76 25.79 -5.64
N CYS B 652 -39.08 25.02 -6.67
CA CYS B 652 -38.19 23.95 -7.12
C CYS B 652 -36.86 24.50 -7.61
N THR B 653 -35.79 23.77 -7.32
CA THR B 653 -34.46 24.13 -7.80
C THR B 653 -34.11 23.46 -9.13
N GLY B 654 -35.01 22.65 -9.68
CA GLY B 654 -34.82 22.05 -10.98
C GLY B 654 -34.07 20.73 -11.03
N THR B 655 -33.51 20.27 -9.91
CA THR B 655 -32.71 19.06 -9.91
C THR B 655 -33.42 17.85 -9.30
N GLU B 656 -34.65 18.01 -8.84
CA GLU B 656 -35.38 16.94 -8.18
C GLU B 656 -36.37 16.29 -9.14
N GLN B 657 -36.62 15.00 -8.94
CA GLN B 657 -37.38 14.17 -9.87
C GLN B 657 -38.87 14.17 -9.59
N HIS B 658 -39.35 14.88 -8.57
CA HIS B 658 -40.75 14.86 -8.22
C HIS B 658 -41.12 16.15 -7.48
N MET B 659 -42.36 16.58 -7.68
CA MET B 659 -42.83 17.82 -7.06
C MET B 659 -42.88 17.73 -5.54
N GLY B 660 -43.12 16.54 -5.00
CA GLY B 660 -43.16 16.40 -3.55
C GLY B 660 -41.82 16.61 -2.86
N ASP B 661 -40.73 16.66 -3.63
CA ASP B 661 -39.42 16.99 -3.08
C ASP B 661 -39.14 18.48 -3.04
N CYS B 662 -39.94 19.30 -3.73
CA CYS B 662 -39.72 20.74 -3.72
C CYS B 662 -40.26 21.37 -2.45
N PRO B 663 -39.68 22.48 -2.01
CA PRO B 663 -40.35 23.28 -0.97
C PRO B 663 -41.66 23.83 -1.49
N VAL B 664 -42.66 23.87 -0.62
CA VAL B 664 -44.00 24.31 -0.99
C VAL B 664 -44.47 25.30 0.07
N THR B 665 -45.38 26.17 -0.33
CA THR B 665 -45.98 27.12 0.61
C THR B 665 -47.36 27.49 0.09
N ALA B 666 -48.37 27.34 0.95
CA ALA B 666 -49.71 27.81 0.65
C ALA B 666 -50.31 28.64 1.77
N LEU B 667 -49.61 28.81 2.89
CA LEU B 667 -50.15 29.56 4.03
C LEU B 667 -50.06 31.04 3.74
N GLY B 668 -51.21 31.71 3.69
CA GLY B 668 -51.22 33.15 3.51
C GLY B 668 -50.91 33.61 2.10
N ALA B 669 -50.92 32.70 1.12
CA ALA B 669 -50.63 33.08 -0.25
C ALA B 669 -51.68 34.07 -0.75
N SER B 670 -51.23 35.06 -1.51
CA SER B 670 -52.15 36.10 -1.98
C SER B 670 -53.10 35.54 -3.02
N LEU B 671 -54.31 36.06 -3.02
CA LEU B 671 -55.32 35.60 -3.95
C LEU B 671 -54.91 35.94 -5.38
N CYS B 672 -55.19 35.03 -6.30
CA CYS B 672 -54.77 35.19 -7.68
C CYS B 672 -55.71 36.13 -8.42
N PRO B 673 -55.26 36.70 -9.53
CA PRO B 673 -56.18 37.46 -10.38
C PRO B 673 -57.17 36.55 -11.09
N SER B 674 -58.00 37.13 -11.96
CA SER B 674 -59.13 36.42 -12.53
C SER B 674 -58.70 35.16 -13.28
N GLU B 675 -57.77 35.29 -14.22
CA GLU B 675 -57.51 34.22 -15.17
C GLU B 675 -56.01 34.03 -15.40
N GLN B 676 -55.24 34.00 -14.32
CA GLN B 676 -53.82 33.65 -14.38
C GLN B 676 -53.68 32.22 -13.91
N VAL B 677 -53.64 31.28 -14.86
CA VAL B 677 -53.58 29.86 -14.55
C VAL B 677 -52.32 29.28 -15.15
N ALA B 678 -51.73 28.31 -14.45
CA ALA B 678 -50.46 27.74 -14.87
C ALA B 678 -50.64 26.73 -15.99
N SER B 679 -49.62 26.63 -16.83
CA SER B 679 -49.61 25.69 -17.94
C SER B 679 -48.16 25.34 -18.24
N VAL B 680 -47.96 24.21 -18.92
CA VAL B 680 -46.60 23.72 -19.17
C VAL B 680 -46.58 22.98 -20.51
N ILE B 681 -45.45 23.09 -21.21
CA ILE B 681 -45.16 22.29 -22.38
C ILE B 681 -43.75 21.73 -22.25
N CYS B 682 -43.59 20.44 -22.52
CA CYS B 682 -42.29 19.79 -22.43
C CYS B 682 -42.12 18.82 -23.59
N SER B 683 -40.86 18.57 -23.92
CA SER B 683 -40.50 17.68 -25.01
C SER B 683 -40.79 16.23 -24.63
N GLY B 684 -40.64 15.34 -25.60
CA GLY B 684 -40.90 13.94 -25.38
C GLY B 684 -39.68 13.12 -25.04
N ASN B 685 -38.50 13.57 -25.47
CA ASN B 685 -37.28 12.79 -25.32
C ASN B 685 -36.93 12.69 -23.83
N GLN B 686 -37.24 11.54 -23.22
CA GLN B 686 -36.94 11.34 -21.81
C GLN B 686 -35.46 11.39 -21.51
N SER B 687 -34.59 11.20 -22.52
CA SER B 687 -33.15 11.18 -22.29
C SER B 687 -32.60 12.54 -21.91
N GLN B 688 -33.35 13.62 -22.14
CA GLN B 688 -32.86 14.96 -21.84
C GLN B 688 -32.71 15.14 -20.33
N THR B 689 -31.59 15.73 -19.93
CA THR B 689 -31.30 15.96 -18.51
C THR B 689 -30.85 17.40 -18.28
N GLN B 718 -25.53 29.85 -8.14
CA GLN B 718 -26.70 29.52 -7.34
C GLN B 718 -26.47 29.83 -5.87
N LEU B 719 -27.53 30.28 -5.20
CA LEU B 719 -27.51 30.63 -3.78
C LEU B 719 -28.27 29.59 -2.98
N ARG B 720 -27.78 29.30 -1.78
CA ARG B 720 -28.47 28.44 -0.84
C ARG B 720 -28.25 28.99 0.57
N LEU B 721 -29.31 28.94 1.37
CA LEU B 721 -29.29 29.42 2.74
C LEU B 721 -29.31 28.24 3.69
N VAL B 722 -28.33 28.17 4.58
CA VAL B 722 -28.14 27.00 5.43
C VAL B 722 -28.15 27.41 6.90
N ASN B 723 -28.53 26.45 7.75
CA ASN B 723 -28.42 26.55 9.20
C ASN B 723 -29.32 27.61 9.80
N GLY B 724 -30.29 28.12 9.04
CA GLY B 724 -31.17 29.14 9.55
C GLY B 724 -32.47 28.65 10.14
N GLY B 725 -32.67 27.34 10.21
CA GLY B 725 -33.94 26.82 10.67
C GLY B 725 -35.06 26.93 9.66
N GLY B 726 -34.72 27.21 8.40
CA GLY B 726 -35.73 27.37 7.38
C GLY B 726 -35.09 27.48 6.02
N ARG B 727 -35.93 27.79 5.02
CA ARG B 727 -35.45 27.93 3.65
C ARG B 727 -35.05 29.36 3.32
N CYS B 728 -35.77 30.35 3.84
CA CYS B 728 -35.53 31.76 3.52
C CYS B 728 -34.77 32.48 4.62
N ALA B 729 -33.86 31.79 5.28
CA ALA B 729 -33.01 32.40 6.29
C ALA B 729 -31.82 31.50 6.57
N GLY B 730 -30.66 32.11 6.69
CA GLY B 730 -29.47 31.39 7.10
C GLY B 730 -28.23 31.98 6.45
N ARG B 731 -27.12 31.26 6.64
CA ARG B 731 -25.87 31.62 6.00
C ARG B 731 -25.98 31.44 4.49
N VAL B 732 -25.45 32.42 3.76
CA VAL B 732 -25.49 32.46 2.30
C VAL B 732 -24.30 31.71 1.74
N GLU B 733 -24.56 30.76 0.83
CA GLU B 733 -23.51 30.02 0.15
C GLU B 733 -23.78 30.07 -1.34
N ILE B 734 -22.72 30.23 -2.12
CA ILE B 734 -22.80 30.45 -3.55
C ILE B 734 -21.98 29.38 -4.27
N TYR B 735 -22.56 28.84 -5.35
CA TYR B 735 -21.95 27.73 -6.09
C TYR B 735 -21.46 28.26 -7.43
N HIS B 736 -20.14 28.49 -7.53
CA HIS B 736 -19.57 29.03 -8.76
C HIS B 736 -18.62 28.06 -9.45
N GLU B 737 -17.54 27.65 -8.79
CA GLU B 737 -16.52 26.79 -9.42
C GLU B 737 -16.68 25.35 -8.95
N GLY B 738 -17.84 24.77 -9.25
CA GLY B 738 -18.11 23.40 -8.85
C GLY B 738 -18.03 23.16 -7.37
N SER B 739 -18.14 24.21 -6.56
CA SER B 739 -18.07 24.09 -5.12
C SER B 739 -18.85 25.23 -4.50
N TRP B 740 -19.30 25.02 -3.27
CA TRP B 740 -20.08 26.02 -2.55
C TRP B 740 -19.18 26.88 -1.68
N GLY B 741 -19.39 28.20 -1.73
CA GLY B 741 -18.61 29.12 -0.93
C GLY B 741 -19.48 30.22 -0.39
N THR B 742 -18.91 31.00 0.53
CA THR B 742 -19.62 32.02 1.26
C THR B 742 -19.27 33.42 0.76
N ILE B 743 -19.80 34.42 1.44
CA ILE B 743 -19.59 35.83 1.11
C ILE B 743 -19.18 36.56 2.38
N CYS B 744 -18.21 37.48 2.24
CA CYS B 744 -17.74 38.28 3.37
C CYS B 744 -18.82 39.24 3.85
N ASP B 745 -18.77 39.57 5.13
CA ASP B 745 -19.70 40.52 5.70
C ASP B 745 -19.23 41.96 5.59
N ASP B 746 -18.06 42.19 5.01
CA ASP B 746 -17.59 43.56 4.80
C ASP B 746 -18.46 44.23 3.75
N SER B 747 -18.96 45.42 4.07
CA SER B 747 -19.87 46.17 3.20
C SER B 747 -21.18 45.44 2.98
N TRP B 748 -21.52 44.52 3.87
CA TRP B 748 -22.74 43.71 3.77
C TRP B 748 -23.87 44.41 4.52
N ASP B 749 -24.91 44.81 3.79
CA ASP B 749 -26.03 45.54 4.37
C ASP B 749 -27.31 45.05 3.72
N LEU B 750 -28.43 45.68 4.10
CA LEU B 750 -29.73 45.25 3.59
C LEU B 750 -29.83 45.38 2.08
N SER B 751 -29.04 46.27 1.49
CA SER B 751 -29.12 46.48 0.05
C SER B 751 -28.74 45.21 -0.72
N ASP B 752 -27.73 44.49 -0.26
CA ASP B 752 -27.37 43.23 -0.91
C ASP B 752 -28.29 42.09 -0.50
N ALA B 753 -28.76 42.10 0.76
CA ALA B 753 -29.71 41.10 1.20
C ALA B 753 -31.01 41.17 0.42
N HIS B 754 -31.39 42.35 -0.06
CA HIS B 754 -32.55 42.45 -0.93
C HIS B 754 -32.35 41.65 -2.21
N VAL B 755 -31.17 41.76 -2.82
CA VAL B 755 -30.89 40.98 -4.02
C VAL B 755 -30.91 39.49 -3.70
N VAL B 756 -30.32 39.10 -2.57
CA VAL B 756 -30.29 37.68 -2.20
C VAL B 756 -31.71 37.14 -2.04
N CYS B 757 -32.55 37.88 -1.32
CA CYS B 757 -33.92 37.44 -1.09
C CYS B 757 -34.81 37.63 -2.30
N ARG B 758 -34.33 38.34 -3.33
CA ARG B 758 -35.07 38.49 -4.57
C ARG B 758 -34.76 37.38 -5.57
N GLN B 759 -33.51 36.90 -5.59
CA GLN B 759 -33.16 35.88 -6.56
C GLN B 759 -33.71 34.52 -6.13
N LEU B 760 -33.78 34.25 -4.84
CA LEU B 760 -34.16 32.94 -4.33
C LEU B 760 -35.67 32.75 -4.28
N GLY B 761 -36.44 33.83 -4.27
CA GLY B 761 -37.88 33.70 -4.15
C GLY B 761 -38.31 33.73 -2.70
N CYS B 762 -37.96 34.82 -2.01
CA CYS B 762 -38.25 34.93 -0.58
C CYS B 762 -38.72 36.33 -0.20
N GLY B 763 -38.99 37.19 -1.16
CA GLY B 763 -39.58 38.49 -0.89
C GLY B 763 -38.52 39.58 -0.71
N GLU B 764 -38.50 40.19 0.46
CA GLU B 764 -37.57 41.26 0.80
C GLU B 764 -36.66 40.78 1.92
N ALA B 765 -35.77 41.66 2.35
CA ALA B 765 -34.80 41.38 3.40
C ALA B 765 -35.21 42.06 4.69
N ILE B 766 -35.17 41.32 5.79
CA ILE B 766 -35.46 41.86 7.11
C ILE B 766 -34.19 42.01 7.94
N ASN B 767 -33.25 41.06 7.83
CA ASN B 767 -31.97 41.17 8.51
C ASN B 767 -30.86 40.77 7.56
N ALA B 768 -29.77 41.52 7.59
CA ALA B 768 -28.54 41.22 6.85
C ALA B 768 -27.44 40.97 7.88
N THR B 769 -27.31 39.73 8.32
CA THR B 769 -26.43 39.41 9.43
C THR B 769 -25.04 39.03 8.95
N GLY B 770 -24.06 39.19 9.84
CA GLY B 770 -22.70 38.80 9.59
C GLY B 770 -22.06 38.18 10.81
N SER B 771 -20.72 38.13 10.83
CA SER B 771 -19.97 37.58 11.96
C SER B 771 -20.36 36.13 12.23
N ALA B 772 -20.65 35.39 11.16
CA ALA B 772 -21.00 33.97 11.23
C ALA B 772 -22.13 33.71 12.22
N HIS B 773 -23.24 34.42 12.01
CA HIS B 773 -24.40 34.28 12.89
C HIS B 773 -24.94 32.86 12.85
N PHE B 774 -25.04 32.29 11.65
CA PHE B 774 -25.57 30.94 11.44
C PHE B 774 -24.47 29.90 11.33
N GLY B 775 -23.35 30.12 11.99
CA GLY B 775 -22.28 29.12 11.99
C GLY B 775 -21.25 29.37 10.90
N GLU B 776 -20.04 28.90 11.17
CA GLU B 776 -18.94 29.06 10.22
C GLU B 776 -19.15 28.16 9.02
N GLY B 777 -18.80 28.66 7.84
CA GLY B 777 -18.82 27.84 6.64
C GLY B 777 -17.49 27.17 6.35
N THR B 778 -17.51 26.30 5.35
CA THR B 778 -16.32 25.62 4.87
C THR B 778 -16.27 25.75 3.34
N GLY B 779 -15.07 25.99 2.82
CA GLY B 779 -14.90 26.17 1.40
C GLY B 779 -14.37 27.53 1.02
N PRO B 780 -14.45 27.85 -0.28
CA PRO B 780 -13.92 29.12 -0.76
C PRO B 780 -14.69 30.30 -0.20
N ILE B 781 -13.99 31.43 -0.06
CA ILE B 781 -14.61 32.72 0.18
C ILE B 781 -14.63 33.45 -1.16
N TRP B 782 -15.80 33.48 -1.79
CA TRP B 782 -15.85 33.87 -3.21
C TRP B 782 -15.91 35.39 -3.40
N LEU B 783 -16.64 36.11 -2.55
CA LEU B 783 -16.92 37.51 -2.80
C LEU B 783 -16.56 38.37 -1.60
N ASP B 784 -16.30 39.65 -1.88
CA ASP B 784 -16.00 40.64 -0.87
C ASP B 784 -16.36 42.01 -1.43
N GLU B 785 -16.56 42.97 -0.54
CA GLU B 785 -16.88 44.37 -0.88
C GLU B 785 -18.07 44.43 -1.84
N MET B 786 -19.19 43.87 -1.39
CA MET B 786 -20.40 43.86 -2.20
C MET B 786 -21.04 45.24 -2.18
N LYS B 787 -21.35 45.78 -3.35
CA LYS B 787 -21.96 47.11 -3.46
C LYS B 787 -23.18 47.08 -4.37
N CYS B 788 -24.07 46.12 -4.13
CA CYS B 788 -25.34 46.10 -4.84
C CYS B 788 -26.17 47.33 -4.49
N ASN B 789 -26.95 47.80 -5.46
CA ASN B 789 -27.82 48.95 -5.25
C ASN B 789 -29.21 48.58 -4.78
N GLY B 790 -29.51 47.29 -4.70
CA GLY B 790 -30.77 46.79 -4.21
C GLY B 790 -31.77 46.39 -5.27
N LYS B 791 -31.62 46.89 -6.49
CA LYS B 791 -32.53 46.58 -7.58
C LYS B 791 -31.99 45.50 -8.51
N GLU B 792 -30.82 44.95 -8.22
CA GLU B 792 -30.24 43.90 -9.04
C GLU B 792 -31.09 42.64 -8.95
N SER B 793 -30.99 41.79 -9.96
CA SER B 793 -31.74 40.55 -9.97
C SER B 793 -30.92 39.34 -9.54
N ARG B 794 -29.60 39.40 -9.63
CA ARG B 794 -28.73 38.30 -9.22
C ARG B 794 -27.56 38.87 -8.43
N ILE B 795 -26.96 38.00 -7.61
CA ILE B 795 -25.94 38.46 -6.67
C ILE B 795 -24.68 38.91 -7.41
N TRP B 796 -24.29 38.19 -8.47
CA TRP B 796 -23.02 38.48 -9.12
C TRP B 796 -23.02 39.78 -9.91
N GLN B 797 -24.18 40.41 -10.09
CA GLN B 797 -24.26 41.69 -10.79
C GLN B 797 -23.80 42.87 -9.95
N CYS B 798 -23.23 42.61 -8.78
CA CYS B 798 -22.75 43.66 -7.91
C CYS B 798 -21.27 43.94 -8.15
N HIS B 799 -20.85 45.15 -7.78
CA HIS B 799 -19.48 45.61 -8.03
C HIS B 799 -18.52 45.06 -6.98
N SER B 800 -18.51 43.74 -6.85
CA SER B 800 -17.61 43.09 -5.92
C SER B 800 -16.16 43.20 -6.40
N HIS B 801 -15.23 42.86 -5.51
CA HIS B 801 -13.81 42.93 -5.85
C HIS B 801 -13.38 41.86 -6.83
N GLY B 802 -14.23 40.89 -7.11
CA GLY B 802 -13.87 39.83 -8.03
C GLY B 802 -13.70 38.49 -7.32
N TRP B 803 -13.95 37.42 -8.05
CA TRP B 803 -13.94 36.08 -7.47
C TRP B 803 -12.60 35.78 -6.82
N GLY B 804 -12.64 35.33 -5.57
CA GLY B 804 -11.44 34.99 -4.84
C GLY B 804 -10.67 36.17 -4.30
N GLN B 805 -11.08 37.40 -4.62
CA GLN B 805 -10.41 38.60 -4.13
C GLN B 805 -11.00 38.93 -2.77
N GLN B 806 -10.39 38.38 -1.73
CA GLN B 806 -10.92 38.51 -0.37
C GLN B 806 -9.78 38.55 0.62
N ASN B 807 -10.06 39.14 1.77
CA ASN B 807 -9.15 39.13 2.92
C ASN B 807 -9.89 38.72 4.18
N CYS B 808 -10.72 37.69 4.08
CA CYS B 808 -11.61 37.30 5.17
C CYS B 808 -11.27 35.91 5.68
N ARG B 809 -11.83 35.60 6.83
CA ARG B 809 -11.82 34.27 7.41
C ARG B 809 -13.25 33.76 7.50
N HIS B 810 -13.39 32.48 7.87
CA HIS B 810 -14.72 31.90 7.95
C HIS B 810 -15.53 32.44 9.12
N LYS B 811 -14.92 33.18 10.04
CA LYS B 811 -15.68 33.81 11.11
C LYS B 811 -16.39 35.07 10.66
N GLU B 812 -16.31 35.42 9.38
CA GLU B 812 -16.93 36.62 8.82
C GLU B 812 -17.91 36.26 7.72
N ASP B 813 -18.46 35.05 7.76
CA ASP B 813 -19.40 34.60 6.74
C ASP B 813 -20.71 35.36 6.86
N ALA B 814 -21.30 35.70 5.72
CA ALA B 814 -22.52 36.49 5.69
C ALA B 814 -23.76 35.61 5.75
N GLY B 815 -24.88 36.21 6.16
CA GLY B 815 -26.15 35.53 6.21
C GLY B 815 -27.29 36.52 6.10
N VAL B 816 -28.49 35.98 5.85
CA VAL B 816 -29.68 36.82 5.65
C VAL B 816 -30.88 36.19 6.35
N ILE B 817 -31.85 37.04 6.66
CA ILE B 817 -33.19 36.64 7.07
C ILE B 817 -34.17 37.44 6.24
N CYS B 818 -35.00 36.75 5.46
CA CYS B 818 -35.91 37.38 4.52
C CYS B 818 -37.33 37.44 5.08
N SER B 819 -38.22 38.08 4.33
CA SER B 819 -39.57 38.32 4.80
C SER B 819 -40.40 37.04 4.84
N GLU B 820 -40.14 36.10 3.92
CA GLU B 820 -40.90 34.87 3.87
C GLU B 820 -40.44 33.84 4.89
N PHE B 821 -39.53 34.19 5.78
CA PHE B 821 -39.17 33.29 6.87
C PHE B 821 -40.38 33.08 7.77
N MET B 822 -40.56 31.85 8.24
CA MET B 822 -41.71 31.51 9.05
C MET B 822 -41.29 30.68 10.24
N SER B 823 -41.91 30.94 11.38
CA SER B 823 -41.73 30.14 12.58
C SER B 823 -43.04 30.08 13.34
N LEU B 824 -43.20 29.02 14.12
CA LEU B 824 -44.42 28.76 14.87
C LEU B 824 -44.06 28.66 16.35
N ARG B 825 -44.96 29.11 17.21
CA ARG B 825 -44.66 29.16 18.63
C ARG B 825 -45.94 29.02 19.44
N LEU B 826 -45.83 28.37 20.58
CA LEU B 826 -46.86 28.39 21.61
C LEU B 826 -46.33 29.09 22.84
N THR B 827 -46.97 30.20 23.22
CA THR B 827 -46.50 31.07 24.28
C THR B 827 -47.34 30.90 25.54
N SER B 828 -46.66 30.84 26.68
CA SER B 828 -47.27 30.83 28.00
C SER B 828 -46.35 31.56 28.97
N GLU B 829 -46.91 31.91 30.13
CA GLU B 829 -46.12 32.64 31.13
C GLU B 829 -44.98 31.79 31.67
N ALA B 830 -45.21 30.49 31.86
CA ALA B 830 -44.15 29.62 32.38
C ALA B 830 -42.96 29.55 31.43
N SER B 831 -43.23 29.46 30.13
CA SER B 831 -42.17 29.39 29.14
C SER B 831 -42.70 29.91 27.81
N ARG B 832 -41.78 30.44 26.99
CA ARG B 832 -42.14 30.99 25.70
C ARG B 832 -42.17 29.94 24.59
N GLU B 833 -41.76 28.72 24.88
CA GLU B 833 -41.77 27.62 23.91
C GLU B 833 -42.44 26.39 24.51
N ALA B 834 -43.50 26.59 25.28
CA ALA B 834 -44.16 25.50 25.97
C ALA B 834 -44.96 24.65 24.99
N CYS B 835 -45.59 23.61 25.51
CA CYS B 835 -46.42 22.70 24.72
C CYS B 835 -47.90 22.99 24.86
N ALA B 836 -48.27 24.11 25.49
CA ALA B 836 -49.66 24.51 25.64
C ALA B 836 -49.71 26.02 25.86
N GLY B 837 -50.48 26.70 25.03
CA GLY B 837 -50.57 28.14 25.16
C GLY B 837 -51.13 28.77 23.89
N ARG B 838 -50.79 30.05 23.71
CA ARG B 838 -51.30 30.83 22.59
C ARG B 838 -50.43 30.62 21.36
N LEU B 839 -51.08 30.41 20.22
CA LEU B 839 -50.37 30.13 18.97
C LEU B 839 -49.96 31.43 18.29
N GLU B 840 -48.72 31.45 17.80
CA GLU B 840 -48.17 32.62 17.15
C GLU B 840 -47.34 32.17 15.95
N VAL B 841 -47.32 33.03 14.93
CA VAL B 841 -46.61 32.78 13.69
C VAL B 841 -45.70 33.97 13.41
N PHE B 842 -44.51 33.69 12.87
CA PHE B 842 -43.55 34.73 12.54
C PHE B 842 -43.57 34.96 11.04
N TYR B 843 -43.77 36.21 10.64
CA TYR B 843 -43.78 36.55 9.22
C TYR B 843 -43.48 38.03 9.07
N ASN B 844 -42.81 38.37 7.97
CA ASN B 844 -42.43 39.75 7.66
C ASN B 844 -41.68 40.39 8.81
N GLY B 845 -40.95 39.57 9.57
CA GLY B 845 -40.13 40.07 10.65
C GLY B 845 -40.87 40.33 11.94
N ALA B 846 -42.17 40.03 11.99
CA ALA B 846 -42.98 40.30 13.17
C ALA B 846 -43.75 39.06 13.57
N TRP B 847 -44.05 38.96 14.87
CA TRP B 847 -44.89 37.91 15.40
C TRP B 847 -46.35 38.33 15.35
N GLY B 848 -47.23 37.37 15.12
CA GLY B 848 -48.65 37.64 15.14
C GLY B 848 -49.40 36.36 15.50
N THR B 849 -50.72 36.46 15.54
CA THR B 849 -51.55 35.35 15.95
C THR B 849 -52.37 34.82 14.78
N VAL B 850 -52.90 33.61 14.98
CA VAL B 850 -53.66 32.89 13.96
C VAL B 850 -55.09 32.73 14.44
N GLY B 851 -56.05 33.11 13.60
CA GLY B 851 -57.44 33.02 14.00
C GLY B 851 -57.91 31.58 14.12
N LYS B 852 -58.92 31.38 14.96
CA LYS B 852 -59.46 30.05 15.23
C LYS B 852 -60.60 29.67 14.31
N SER B 853 -60.98 30.53 13.37
CA SER B 853 -62.12 30.26 12.50
C SER B 853 -61.89 28.96 11.73
N SER B 854 -62.83 28.03 11.88
CA SER B 854 -62.81 26.77 11.14
C SER B 854 -61.47 26.05 11.32
N MET B 855 -61.02 25.97 12.57
CA MET B 855 -59.80 25.23 12.89
C MET B 855 -60.18 23.78 13.14
N SER B 856 -59.72 22.89 12.26
CA SER B 856 -60.09 21.48 12.31
C SER B 856 -59.12 20.68 13.18
N GLU B 857 -59.47 19.42 13.39
CA GLU B 857 -58.63 18.53 14.18
C GLU B 857 -57.30 18.28 13.47
N THR B 858 -57.33 18.14 12.15
CA THR B 858 -56.09 17.89 11.42
C THR B 858 -55.13 19.06 11.54
N THR B 859 -55.65 20.29 11.52
CA THR B 859 -54.79 21.47 11.64
C THR B 859 -54.09 21.52 12.98
N VAL B 860 -54.82 21.26 14.08
CA VAL B 860 -54.19 21.24 15.39
C VAL B 860 -53.19 20.10 15.47
N GLY B 861 -53.49 18.98 14.82
CA GLY B 861 -52.51 17.90 14.76
C GLY B 861 -51.22 18.33 14.08
N VAL B 862 -51.34 19.04 12.95
CA VAL B 862 -50.15 19.52 12.25
C VAL B 862 -49.37 20.48 13.13
N VAL B 863 -50.07 21.37 13.83
CA VAL B 863 -49.39 22.33 14.70
C VAL B 863 -48.60 21.60 15.78
N CYS B 864 -49.27 20.66 16.47
CA CYS B 864 -48.59 19.94 17.56
C CYS B 864 -47.42 19.12 17.03
N ARG B 865 -47.60 18.46 15.89
CA ARG B 865 -46.52 17.65 15.32
C ARG B 865 -45.35 18.52 14.90
N GLN B 866 -45.62 19.69 14.33
CA GLN B 866 -44.54 20.59 13.92
C GLN B 866 -43.77 21.09 15.12
N LEU B 867 -44.47 21.47 16.20
CA LEU B 867 -43.78 21.92 17.39
C LEU B 867 -43.09 20.79 18.14
N GLY B 868 -43.37 19.54 17.78
CA GLY B 868 -42.77 18.40 18.45
C GLY B 868 -43.41 18.03 19.77
N CYS B 869 -44.67 18.37 19.97
CA CYS B 869 -45.33 18.10 21.24
C CYS B 869 -46.02 16.74 21.23
N ALA B 870 -46.92 16.52 20.29
CA ALA B 870 -47.69 15.28 20.21
C ALA B 870 -48.39 15.23 18.87
N ASP B 871 -49.16 14.16 18.67
CA ASP B 871 -49.85 13.92 17.41
C ASP B 871 -51.15 14.70 17.25
N LYS B 872 -51.75 15.16 18.35
CA LYS B 872 -53.00 15.93 18.26
C LYS B 872 -53.15 16.77 19.51
N GLY B 873 -54.04 17.76 19.43
CA GLY B 873 -54.26 18.69 20.50
C GLY B 873 -55.67 19.23 20.48
N LYS B 874 -56.00 20.04 21.48
CA LYS B 874 -57.34 20.57 21.65
C LYS B 874 -57.28 22.09 21.78
N ILE B 875 -58.31 22.75 21.24
CA ILE B 875 -58.44 24.19 21.41
C ILE B 875 -59.06 24.49 22.77
N ASN B 876 -58.67 25.62 23.35
CA ASN B 876 -59.13 26.05 24.66
C ASN B 876 -59.71 27.45 24.57
N PRO B 877 -60.59 27.81 25.50
CA PRO B 877 -60.88 29.23 25.71
C PRO B 877 -59.65 29.94 26.23
N ALA B 878 -59.56 31.23 25.91
CA ALA B 878 -58.36 31.99 26.25
C ALA B 878 -58.12 31.98 27.76
N SER B 879 -56.85 31.86 28.14
CA SER B 879 -56.48 32.01 29.54
C SER B 879 -56.57 33.47 29.95
N LEU B 880 -56.36 33.72 31.25
CA LEU B 880 -56.48 35.06 31.80
C LEU B 880 -55.21 35.56 32.48
N ASP B 881 -54.11 34.82 32.38
CA ASP B 881 -52.88 35.22 33.07
C ASP B 881 -52.38 36.58 32.58
N LYS B 882 -52.03 36.67 31.30
CA LYS B 882 -51.51 37.91 30.72
C LYS B 882 -51.45 37.79 29.20
N ALA B 883 -52.11 38.71 28.50
CA ALA B 883 -52.21 38.69 27.04
C ALA B 883 -51.51 39.90 26.45
N MET B 884 -50.39 39.68 25.77
CA MET B 884 -49.76 40.76 25.03
C MET B 884 -50.62 41.12 23.82
N SER B 885 -50.44 42.35 23.33
CA SER B 885 -51.32 42.93 22.32
C SER B 885 -50.79 42.78 20.89
N ILE B 886 -50.10 41.68 20.60
CA ILE B 886 -49.57 41.46 19.25
C ILE B 886 -50.73 41.27 18.28
N PRO B 887 -50.59 41.68 17.01
CA PRO B 887 -51.74 41.59 16.09
C PRO B 887 -52.00 40.16 15.66
N MET B 888 -52.94 39.97 14.72
CA MET B 888 -53.21 38.67 14.11
C MET B 888 -52.69 38.66 12.68
N TRP B 889 -52.05 37.57 12.29
CA TRP B 889 -51.41 37.47 10.98
C TRP B 889 -52.30 36.80 9.94
N VAL B 890 -52.90 35.65 10.26
CA VAL B 890 -53.65 34.87 9.28
C VAL B 890 -54.80 34.17 10.00
N ASP B 891 -55.78 33.70 9.23
CA ASP B 891 -56.92 32.99 9.77
C ASP B 891 -57.49 32.09 8.68
N ASN B 892 -58.40 31.21 9.09
CA ASN B 892 -59.03 30.23 8.19
C ASN B 892 -57.99 29.28 7.59
N VAL B 893 -57.29 28.59 8.48
CA VAL B 893 -56.25 27.64 8.09
C VAL B 893 -56.86 26.26 7.99
N GLN B 894 -56.83 25.67 6.79
CA GLN B 894 -57.30 24.31 6.56
C GLN B 894 -56.13 23.45 6.09
N CYS B 895 -55.87 22.36 6.81
CA CYS B 895 -54.76 21.48 6.49
C CYS B 895 -55.28 20.18 5.92
N PRO B 896 -54.69 19.69 4.82
CA PRO B 896 -55.00 18.35 4.34
C PRO B 896 -54.27 17.29 5.16
N LYS B 897 -54.41 16.04 4.75
CA LYS B 897 -53.90 14.91 5.52
C LYS B 897 -52.44 14.59 5.22
N GLY B 898 -51.83 15.23 4.23
CA GLY B 898 -50.48 14.91 3.82
C GLY B 898 -49.38 15.62 4.59
N PRO B 899 -49.39 16.95 4.61
CA PRO B 899 -48.20 17.69 5.08
C PRO B 899 -48.02 17.58 6.58
N ASP B 900 -46.77 17.73 7.01
CA ASP B 900 -46.42 17.76 8.42
C ASP B 900 -45.96 19.13 8.92
N THR B 901 -46.12 20.18 8.11
CA THR B 901 -45.83 21.55 8.52
C THR B 901 -46.99 22.45 8.14
N LEU B 902 -47.24 23.46 8.97
CA LEU B 902 -48.34 24.38 8.76
C LEU B 902 -48.12 25.30 7.56
N TRP B 903 -46.89 25.40 7.06
CA TRP B 903 -46.63 26.26 5.91
C TRP B 903 -47.28 25.74 4.63
N GLN B 904 -47.62 24.46 4.58
CA GLN B 904 -48.19 23.83 3.39
C GLN B 904 -49.70 23.75 3.42
N CYS B 905 -50.35 24.34 4.43
CA CYS B 905 -51.81 24.32 4.53
C CYS B 905 -52.39 25.58 3.89
N PRO B 906 -53.32 25.44 2.95
CA PRO B 906 -53.95 26.63 2.36
C PRO B 906 -54.73 27.42 3.40
N SER B 907 -54.80 28.73 3.17
CA SER B 907 -55.42 29.65 4.11
C SER B 907 -55.70 30.95 3.40
N SER B 908 -56.38 31.86 4.11
CA SER B 908 -56.62 33.19 3.59
C SER B 908 -55.31 34.01 3.61
N PRO B 909 -55.22 35.05 2.77
CA PRO B 909 -53.96 35.80 2.67
C PRO B 909 -53.60 36.49 3.97
N TRP B 910 -52.30 36.74 4.13
CA TRP B 910 -51.81 37.48 5.29
C TRP B 910 -52.47 38.85 5.41
N GLU B 911 -52.87 39.21 6.62
CA GLU B 911 -53.52 40.50 6.86
C GLU B 911 -53.40 40.85 8.33
N LYS B 912 -52.62 41.88 8.65
CA LYS B 912 -52.44 42.28 10.04
C LYS B 912 -53.62 43.10 10.53
N ARG B 913 -54.32 42.62 11.57
CA ARG B 913 -55.49 43.32 12.07
C ARG B 913 -55.40 43.26 13.59
N LEU B 914 -56.17 44.11 14.25
CA LEU B 914 -56.35 44.01 15.69
C LEU B 914 -57.71 43.39 15.98
N ALA B 915 -57.70 42.27 16.69
CA ALA B 915 -58.87 41.46 16.98
C ALA B 915 -58.93 41.16 18.47
N SER B 916 -60.13 40.87 18.95
CA SER B 916 -60.35 40.63 20.37
C SER B 916 -59.63 39.36 20.82
N PRO B 917 -59.28 39.28 22.10
CA PRO B 917 -58.65 38.05 22.62
C PRO B 917 -59.53 36.82 22.51
N SER B 918 -60.84 36.98 22.31
CA SER B 918 -61.70 35.81 22.13
C SER B 918 -61.44 35.13 20.79
N GLU B 919 -60.96 35.88 19.80
CA GLU B 919 -60.66 35.36 18.48
C GLU B 919 -59.26 34.76 18.40
N GLU B 920 -58.55 34.66 19.51
CA GLU B 920 -57.21 34.11 19.52
C GLU B 920 -57.27 32.58 19.48
N THR B 921 -56.17 31.97 19.05
CA THR B 921 -56.07 30.51 19.02
C THR B 921 -55.20 30.04 20.17
N TRP B 922 -55.76 29.21 21.05
CA TRP B 922 -55.04 28.61 22.16
C TRP B 922 -55.12 27.11 22.02
N ILE B 923 -53.99 26.43 22.20
CA ILE B 923 -53.90 25.00 21.94
C ILE B 923 -53.20 24.33 23.11
N THR B 924 -53.74 23.19 23.54
CA THR B 924 -53.06 22.30 24.47
C THR B 924 -52.82 20.97 23.75
N CYS B 925 -51.55 20.63 23.56
CA CYS B 925 -51.20 19.41 22.86
C CYS B 925 -51.29 18.22 23.81
N ASP B 926 -51.79 17.10 23.29
CA ASP B 926 -51.94 15.89 24.08
C ASP B 926 -50.61 15.46 24.68
N ASN B 927 -50.69 14.60 25.70
CA ASN B 927 -49.48 14.17 26.39
C ASN B 927 -48.54 13.44 25.44
N LYS B 928 -47.24 13.67 25.65
CA LYS B 928 -46.21 13.05 24.83
C LYS B 928 -45.91 11.62 25.27
N ILE B 929 -46.53 11.16 26.35
CA ILE B 929 -46.34 9.79 26.85
C ILE B 929 -47.69 9.20 27.18
N ARG B 930 -47.88 7.94 26.80
CA ARG B 930 -49.14 7.26 27.08
C ARG B 930 -48.85 5.85 27.54
N LEU B 931 -49.80 5.29 28.27
CA LEU B 931 -49.80 3.88 28.68
C LEU B 931 -50.95 3.15 28.02
N GLN B 932 -50.66 2.03 27.37
CA GLN B 932 -51.63 1.35 26.54
C GLN B 932 -51.73 -0.11 26.94
N GLU B 933 -52.89 -0.69 26.64
CA GLU B 933 -53.23 -2.11 26.78
C GLU B 933 -53.36 -2.55 28.23
N GLY B 934 -53.20 -1.66 29.20
CA GLY B 934 -53.35 -2.02 30.58
C GLY B 934 -54.80 -2.11 30.99
N PRO B 935 -55.04 -2.65 32.19
CA PRO B 935 -56.42 -2.81 32.66
C PRO B 935 -57.07 -1.53 33.16
N THR B 936 -56.29 -0.48 33.44
CA THR B 936 -56.82 0.76 33.97
C THR B 936 -56.31 1.92 33.13
N SER B 937 -56.64 3.14 33.55
CA SER B 937 -56.29 4.31 32.75
C SER B 937 -54.80 4.54 32.69
N CYS B 938 -54.11 4.42 33.84
CA CYS B 938 -52.71 4.80 33.91
C CYS B 938 -51.83 3.66 34.41
N SER B 939 -52.04 2.47 33.84
CA SER B 939 -51.11 1.35 33.95
C SER B 939 -51.04 0.68 32.58
N GLY B 940 -49.86 0.21 32.21
CA GLY B 940 -49.70 -0.51 30.98
C GLY B 940 -48.38 -0.17 30.31
N ARG B 941 -48.29 -0.44 29.02
CA ARG B 941 -47.04 -0.26 28.29
C ARG B 941 -46.81 1.20 27.94
N VAL B 942 -45.56 1.64 28.08
CA VAL B 942 -45.19 3.04 27.89
C VAL B 942 -44.88 3.28 26.43
N GLU B 943 -45.49 4.33 25.87
CA GLU B 943 -45.24 4.76 24.50
C GLU B 943 -44.97 6.26 24.47
N ILE B 944 -44.10 6.65 23.54
CA ILE B 944 -43.60 8.02 23.41
C ILE B 944 -43.70 8.48 21.97
N TRP B 945 -44.02 9.75 21.80
CA TRP B 945 -44.19 10.34 20.48
C TRP B 945 -42.94 11.14 20.14
N HIS B 946 -42.42 10.94 18.92
CA HIS B 946 -41.26 11.70 18.49
C HIS B 946 -41.05 11.45 17.00
N GLY B 947 -40.48 12.43 16.32
CA GLY B 947 -40.14 12.28 14.92
C GLY B 947 -41.32 11.89 14.06
N GLY B 948 -42.53 12.31 14.44
CA GLY B 948 -43.71 12.01 13.67
C GLY B 948 -44.33 10.66 13.93
N SER B 949 -43.79 9.88 14.87
CA SER B 949 -44.28 8.53 15.09
C SER B 949 -44.33 8.20 16.57
N TRP B 950 -45.29 7.35 16.94
CA TRP B 950 -45.29 6.70 18.24
C TRP B 950 -44.29 5.55 18.27
N GLY B 951 -43.68 5.36 19.44
CA GLY B 951 -42.73 4.29 19.65
C GLY B 951 -42.71 3.87 21.10
N THR B 952 -41.75 3.04 21.49
CA THR B 952 -41.73 2.46 22.84
C THR B 952 -40.36 2.65 23.46
N VAL B 953 -40.24 2.23 24.71
CA VAL B 953 -39.01 2.36 25.50
C VAL B 953 -38.47 0.97 25.80
N CYS B 954 -37.22 0.73 25.44
CA CYS B 954 -36.58 -0.52 25.78
C CYS B 954 -36.34 -0.61 27.29
N ASP B 955 -36.24 -1.84 27.77
CA ASP B 955 -36.18 -2.13 29.21
C ASP B 955 -34.80 -2.57 29.68
N ASP B 956 -33.73 -2.14 29.00
CA ASP B 956 -32.39 -2.55 29.39
C ASP B 956 -32.01 -2.01 30.76
N SER B 957 -32.49 -0.82 31.12
CA SER B 957 -32.21 -0.25 32.43
C SER B 957 -33.48 0.32 33.06
N TRP B 958 -34.63 -0.27 32.71
CA TRP B 958 -35.90 0.19 33.24
C TRP B 958 -36.04 -0.21 34.71
N ASP B 959 -36.43 0.76 35.55
CA ASP B 959 -36.51 0.53 36.99
C ASP B 959 -37.62 1.39 37.57
N LEU B 960 -37.75 1.33 38.90
CA LEU B 960 -38.84 2.04 39.56
C LEU B 960 -38.63 3.55 39.54
N ASP B 961 -37.38 4.00 39.58
CA ASP B 961 -37.10 5.42 39.54
C ASP B 961 -37.64 6.07 38.27
N ASP B 962 -37.62 5.34 37.15
CA ASP B 962 -38.21 5.86 35.91
C ASP B 962 -39.72 5.76 35.92
N ALA B 963 -40.25 4.69 36.53
CA ALA B 963 -41.71 4.58 36.67
C ALA B 963 -42.28 5.73 37.48
N GLN B 964 -41.53 6.20 38.48
CA GLN B 964 -41.97 7.36 39.24
C GLN B 964 -42.13 8.57 38.33
N VAL B 965 -41.15 8.81 37.46
CA VAL B 965 -41.22 9.93 36.52
C VAL B 965 -42.43 9.77 35.61
N VAL B 966 -42.64 8.57 35.07
CA VAL B 966 -43.76 8.36 34.15
C VAL B 966 -45.09 8.64 34.84
N CYS B 967 -45.29 8.03 36.02
CA CYS B 967 -46.57 8.19 36.72
C CYS B 967 -46.79 9.64 37.12
N GLN B 968 -45.74 10.32 37.57
CA GLN B 968 -45.86 11.74 37.91
C GLN B 968 -46.23 12.56 36.69
N GLN B 969 -45.59 12.28 35.55
CA GLN B 969 -45.87 13.04 34.33
C GLN B 969 -47.33 12.89 33.94
N LEU B 970 -47.83 11.66 33.95
CA LEU B 970 -49.26 11.45 33.65
C LEU B 970 -50.17 12.04 34.72
N GLY B 971 -49.63 12.49 35.84
CA GLY B 971 -50.44 13.01 36.92
C GLY B 971 -51.10 11.92 37.73
N CYS B 972 -50.40 10.80 37.95
CA CYS B 972 -50.90 9.65 38.66
C CYS B 972 -50.03 9.40 39.89
N GLY B 973 -50.60 8.65 40.84
CA GLY B 973 -49.99 8.43 42.13
C GLY B 973 -48.63 7.77 42.04
N PRO B 974 -47.98 7.58 43.20
CA PRO B 974 -46.64 6.98 43.22
C PRO B 974 -46.59 5.66 42.47
N ALA B 975 -45.47 5.43 41.79
CA ALA B 975 -45.27 4.20 41.04
C ALA B 975 -45.20 3.00 41.96
N LEU B 976 -45.77 1.88 41.52
CA LEU B 976 -45.66 0.62 42.24
C LEU B 976 -44.74 -0.38 41.57
N LYS B 977 -44.91 -0.63 40.28
CA LYS B 977 -44.07 -1.64 39.62
C LYS B 977 -43.59 -1.15 38.27
N ALA B 978 -42.35 -1.51 37.93
CA ALA B 978 -41.77 -1.27 36.61
C ALA B 978 -41.47 -2.61 35.98
N PHE B 979 -42.16 -2.93 34.88
CA PHE B 979 -42.07 -4.25 34.29
C PHE B 979 -41.01 -4.28 33.19
N LYS B 980 -40.81 -5.46 32.60
CA LYS B 980 -39.81 -5.68 31.57
C LYS B 980 -40.30 -6.81 30.66
N GLU B 981 -39.65 -6.93 29.50
CA GLU B 981 -39.92 -8.00 28.55
C GLU B 981 -41.36 -7.97 28.06
N ALA B 982 -41.89 -6.76 27.88
CA ALA B 982 -43.19 -6.53 27.24
C ALA B 982 -44.29 -7.35 27.91
N GLU B 983 -44.54 -7.02 29.18
CA GLU B 983 -45.56 -7.74 29.93
C GLU B 983 -46.94 -7.52 29.34
N PHE B 984 -47.24 -6.29 28.93
CA PHE B 984 -48.55 -5.92 28.41
C PHE B 984 -48.59 -5.96 26.88
N GLY B 985 -47.80 -6.82 26.26
CA GLY B 985 -47.81 -6.99 24.82
C GLY B 985 -46.74 -6.15 24.13
N GLN B 986 -46.43 -6.53 22.90
CA GLN B 986 -45.43 -5.82 22.12
C GLN B 986 -45.97 -4.47 21.64
N GLY B 987 -45.04 -3.56 21.36
CA GLY B 987 -45.35 -2.18 21.07
C GLY B 987 -45.59 -1.92 19.59
N THR B 988 -45.47 -0.64 19.24
CA THR B 988 -45.65 -0.17 17.87
C THR B 988 -44.54 0.80 17.51
N GLY B 989 -44.23 0.88 16.23
CA GLY B 989 -43.27 1.83 15.72
C GLY B 989 -41.85 1.56 16.17
N PRO B 990 -40.99 2.56 16.07
CA PRO B 990 -39.59 2.39 16.42
C PRO B 990 -39.37 2.41 17.93
N ILE B 991 -38.17 2.00 18.33
CA ILE B 991 -37.73 2.08 19.72
C ILE B 991 -37.04 3.43 19.90
N TRP B 992 -37.76 4.39 20.49
CA TRP B 992 -37.25 5.75 20.59
C TRP B 992 -36.26 5.92 21.75
N LEU B 993 -36.37 5.11 22.79
CA LEU B 993 -35.56 5.29 23.99
C LEU B 993 -34.96 3.95 24.43
N ASN B 994 -33.88 4.06 25.18
CA ASN B 994 -33.22 2.90 25.77
C ASN B 994 -32.34 3.41 26.91
N GLU B 995 -32.13 2.55 27.90
CA GLU B 995 -31.29 2.87 29.07
C GLU B 995 -31.52 4.29 29.59
N VAL B 996 -32.75 4.53 30.02
CA VAL B 996 -33.08 5.81 30.64
C VAL B 996 -32.52 5.82 32.06
N LYS B 997 -32.09 6.99 32.51
CA LYS B 997 -31.42 7.13 33.80
C LYS B 997 -32.09 8.18 34.67
N CYS B 998 -33.41 8.13 34.78
CA CYS B 998 -34.11 9.04 35.69
C CYS B 998 -33.64 8.83 37.12
N LYS B 999 -33.37 9.93 37.82
CA LYS B 999 -33.00 9.86 39.22
C LYS B 999 -34.19 9.68 40.15
N GLY B 1000 -35.40 9.89 39.66
CA GLY B 1000 -36.61 9.68 40.43
C GLY B 1000 -37.36 10.95 40.77
N ASN B 1001 -36.80 12.12 40.46
CA ASN B 1001 -37.45 13.39 40.76
C ASN B 1001 -37.52 14.31 39.55
N GLU B 1002 -37.25 13.82 38.34
CA GLU B 1002 -37.34 14.66 37.16
C GLU B 1002 -38.79 14.92 36.79
N SER B 1003 -39.03 16.04 36.11
CA SER B 1003 -40.37 16.44 35.73
C SER B 1003 -40.85 15.79 34.44
N SER B 1004 -39.96 15.17 33.68
CA SER B 1004 -40.32 14.51 32.42
C SER B 1004 -39.21 13.57 32.03
N LEU B 1005 -39.53 12.66 31.10
CA LEU B 1005 -38.55 11.66 30.68
C LEU B 1005 -37.38 12.29 29.93
N TRP B 1006 -37.61 13.41 29.25
CA TRP B 1006 -36.52 14.06 28.50
C TRP B 1006 -35.65 14.93 29.39
N ASP B 1007 -36.09 15.22 30.61
CA ASP B 1007 -35.17 15.77 31.59
C ASP B 1007 -34.21 14.71 32.11
N CYS B 1008 -34.62 13.45 32.09
CA CYS B 1008 -33.73 12.38 32.49
C CYS B 1008 -32.61 12.21 31.47
N PRO B 1009 -31.45 11.73 31.91
CA PRO B 1009 -30.40 11.37 30.96
C PRO B 1009 -30.69 10.03 30.30
N ALA B 1010 -30.21 9.88 29.08
CA ALA B 1010 -30.38 8.63 28.34
C ALA B 1010 -29.27 8.54 27.32
N ARG B 1011 -28.37 7.57 27.49
CA ARG B 1011 -27.26 7.40 26.57
C ARG B 1011 -27.73 7.12 25.15
N ARG B 1012 -28.99 6.71 24.99
CA ARG B 1012 -29.60 6.47 23.68
C ARG B 1012 -30.82 7.35 23.52
N TRP B 1013 -30.95 7.95 22.34
CA TRP B 1013 -32.14 8.74 21.99
C TRP B 1013 -32.25 8.79 20.48
N GLY B 1014 -33.29 8.15 19.94
CA GLY B 1014 -33.49 8.07 18.51
C GLY B 1014 -33.01 6.79 17.88
N HIS B 1015 -32.28 5.96 18.61
CA HIS B 1015 -31.72 4.72 18.06
C HIS B 1015 -31.44 3.77 19.21
N SER B 1016 -31.74 2.49 19.01
CA SER B 1016 -31.62 1.51 20.06
C SER B 1016 -31.32 0.15 19.46
N GLU B 1017 -30.46 -0.60 20.15
CA GLU B 1017 -30.17 -1.98 19.77
C GLU B 1017 -31.10 -2.93 20.51
N CYS B 1018 -32.40 -2.68 20.38
CA CYS B 1018 -33.42 -3.41 21.11
C CYS B 1018 -34.49 -3.91 20.16
N GLY B 1019 -35.22 -4.93 20.60
CA GLY B 1019 -36.38 -5.44 19.90
C GLY B 1019 -37.67 -5.10 20.64
N HIS B 1020 -38.78 -5.28 19.93
CA HIS B 1020 -40.07 -5.00 20.53
C HIS B 1020 -40.48 -6.01 21.59
N LYS B 1021 -39.75 -7.12 21.72
CA LYS B 1021 -40.03 -8.10 22.76
C LYS B 1021 -39.56 -7.67 24.14
N GLU B 1022 -38.96 -6.48 24.27
CA GLU B 1022 -38.45 -5.98 25.54
C GLU B 1022 -38.91 -4.54 25.76
N ASP B 1023 -40.21 -4.31 25.56
CA ASP B 1023 -40.81 -3.01 25.83
C ASP B 1023 -41.13 -2.84 27.30
N ALA B 1024 -40.94 -1.63 27.80
CA ALA B 1024 -41.14 -1.32 29.21
C ALA B 1024 -42.59 -0.96 29.49
N ALA B 1025 -43.03 -1.26 30.71
CA ALA B 1025 -44.38 -0.98 31.16
C ALA B 1025 -44.34 -0.59 32.62
N VAL B 1026 -45.41 0.07 33.08
CA VAL B 1026 -45.47 0.55 34.45
C VAL B 1026 -46.86 0.33 35.04
N ASN B 1027 -46.89 0.12 36.36
CA ASN B 1027 -48.12 0.05 37.14
C ASN B 1027 -48.04 1.05 38.27
N CYS B 1028 -48.96 2.01 38.28
CA CYS B 1028 -49.00 3.12 39.22
C CYS B 1028 -50.30 3.07 40.00
N THR B 1029 -50.35 3.82 41.10
CA THR B 1029 -51.57 3.91 41.89
C THR B 1029 -52.61 4.77 41.18
N ASP B 1030 -53.83 4.28 41.11
CA ASP B 1030 -54.91 5.00 40.44
C ASP B 1030 -55.36 6.20 41.26
N LEU C 264 29.54 27.42 -58.13
CA LEU C 264 29.31 27.50 -56.69
C LEU C 264 29.29 28.95 -56.21
N SER C 265 28.23 29.32 -55.49
CA SER C 265 28.12 30.66 -54.93
C SER C 265 27.30 30.60 -53.66
N LEU C 266 27.52 31.58 -52.80
CA LEU C 266 26.80 31.73 -51.54
C LEU C 266 25.78 32.85 -51.66
N ARG C 267 24.70 32.73 -50.89
CA ARG C 267 23.66 33.75 -50.88
C ARG C 267 22.95 33.72 -49.53
N LEU C 268 22.44 34.87 -49.12
CA LEU C 268 21.52 34.98 -48.01
C LEU C 268 20.20 35.50 -48.53
N VAL C 269 19.09 35.01 -47.99
CA VAL C 269 17.80 35.37 -48.56
C VAL C 269 16.75 35.47 -47.46
N ASP C 270 15.74 36.33 -47.71
CA ASP C 270 14.56 36.49 -46.86
C ASP C 270 14.91 36.65 -45.38
N GLY C 271 15.89 37.52 -45.13
CA GLY C 271 16.21 37.97 -43.80
C GLY C 271 15.84 39.43 -43.59
N VAL C 272 15.97 39.86 -42.32
CA VAL C 272 15.69 41.25 -41.99
C VAL C 272 16.74 42.18 -42.60
N THR C 273 18.00 41.79 -42.53
CA THR C 273 19.10 42.57 -43.09
C THR C 273 19.96 41.67 -43.96
N GLU C 274 20.68 42.30 -44.89
CA GLU C 274 21.40 41.55 -45.92
C GLU C 274 22.35 40.51 -45.31
N CYS C 275 22.90 40.81 -44.13
CA CYS C 275 23.82 39.90 -43.45
C CYS C 275 23.12 38.91 -42.54
N SER C 276 21.84 38.63 -42.79
CA SER C 276 21.10 37.66 -42.00
C SER C 276 20.01 37.05 -42.87
N GLY C 277 19.69 35.80 -42.61
CA GLY C 277 18.63 35.13 -43.32
C GLY C 277 19.00 33.69 -43.60
N ARG C 278 18.27 33.09 -44.55
CA ARG C 278 18.46 31.69 -44.88
C ARG C 278 19.65 31.56 -45.83
N LEU C 279 20.53 30.61 -45.52
CA LEU C 279 21.76 30.37 -46.26
C LEU C 279 21.46 29.51 -47.48
N GLU C 280 21.93 29.96 -48.65
CA GLU C 280 21.66 29.30 -49.91
C GLU C 280 22.97 29.11 -50.65
N VAL C 281 23.15 27.94 -51.25
CA VAL C 281 24.35 27.61 -52.01
C VAL C 281 23.94 27.17 -53.40
N ARG C 282 24.70 27.61 -54.40
CA ARG C 282 24.37 27.31 -55.79
C ARG C 282 25.23 26.15 -56.30
N PHE C 283 24.56 25.12 -56.82
CA PHE C 283 25.25 24.02 -57.49
C PHE C 283 24.48 23.68 -58.75
N GLN C 284 25.21 23.43 -59.84
CA GLN C 284 24.63 23.09 -61.14
C GLN C 284 23.64 24.15 -61.60
N GLY C 285 23.86 25.41 -61.19
CA GLY C 285 22.97 26.49 -61.55
C GLY C 285 21.69 26.57 -60.76
N GLU C 286 21.52 25.73 -59.74
CA GLU C 286 20.32 25.71 -58.92
C GLU C 286 20.69 25.96 -57.47
N TRP C 287 19.86 26.75 -56.79
CA TRP C 287 20.10 27.08 -55.40
C TRP C 287 19.56 25.99 -54.47
N GLY C 288 20.16 25.90 -53.29
CA GLY C 288 19.74 24.94 -52.29
C GLY C 288 20.17 25.36 -50.91
N THR C 289 19.90 24.51 -49.94
CA THR C 289 20.18 24.81 -48.54
C THR C 289 20.99 23.69 -47.89
N ILE C 290 21.70 24.06 -46.84
CA ILE C 290 22.47 23.13 -46.03
C ILE C 290 21.57 22.61 -44.91
N CYS C 291 21.89 21.40 -44.42
CA CYS C 291 21.16 20.80 -43.31
C CYS C 291 21.74 21.27 -41.99
N ASP C 292 20.88 21.72 -41.08
CA ASP C 292 21.35 22.25 -39.81
C ASP C 292 22.04 21.18 -38.96
N ASP C 293 21.78 19.90 -39.22
CA ASP C 293 22.44 18.84 -38.48
C ASP C 293 23.95 18.97 -38.62
N GLY C 294 24.66 18.88 -37.50
CA GLY C 294 26.09 19.04 -37.48
C GLY C 294 26.59 20.45 -37.70
N TRP C 295 25.71 21.38 -38.05
CA TRP C 295 26.12 22.78 -38.21
C TRP C 295 26.51 23.35 -36.86
N ASP C 296 27.61 24.10 -36.82
CA ASP C 296 28.17 24.63 -35.59
C ASP C 296 28.54 26.08 -35.79
N SER C 297 28.76 26.79 -34.67
CA SER C 297 29.12 28.20 -34.73
C SER C 297 30.36 28.42 -35.58
N TYR C 298 31.29 27.46 -35.60
CA TYR C 298 32.48 27.59 -36.43
C TYR C 298 32.11 27.60 -37.91
N ASP C 299 31.17 26.73 -38.31
CA ASP C 299 30.76 26.70 -39.71
C ASP C 299 30.09 28.00 -40.12
N ALA C 300 29.20 28.53 -39.27
CA ALA C 300 28.58 29.81 -39.56
C ALA C 300 29.62 30.92 -39.63
N ALA C 301 30.62 30.87 -38.74
CA ALA C 301 31.68 31.87 -38.76
C ALA C 301 32.43 31.82 -40.09
N VAL C 302 32.78 30.62 -40.54
CA VAL C 302 33.50 30.48 -41.81
C VAL C 302 32.63 30.99 -42.96
N ALA C 303 31.35 30.61 -42.97
CA ALA C 303 30.46 31.03 -44.04
C ALA C 303 30.33 32.54 -44.09
N CYS C 304 30.19 33.18 -42.92
CA CYS C 304 30.12 34.63 -42.88
C CYS C 304 31.44 35.26 -43.32
N LYS C 305 32.57 34.66 -42.95
CA LYS C 305 33.85 35.21 -43.34
C LYS C 305 34.01 35.19 -44.86
N GLN C 306 33.58 34.10 -45.49
CA GLN C 306 33.67 34.01 -46.95
C GLN C 306 32.88 35.12 -47.62
N LEU C 307 31.65 35.36 -47.15
CA LEU C 307 30.82 36.46 -47.64
C LEU C 307 31.28 37.78 -47.04
N GLY C 308 30.93 38.87 -47.71
CA GLY C 308 31.31 40.19 -47.22
C GLY C 308 30.41 40.73 -46.12
N CYS C 309 30.48 40.15 -44.94
CA CYS C 309 29.73 40.58 -43.77
C CYS C 309 30.64 40.70 -42.57
N PRO C 310 30.25 41.48 -41.56
CA PRO C 310 31.09 41.63 -40.37
C PRO C 310 31.33 40.29 -39.70
N THR C 311 32.55 40.11 -39.19
CA THR C 311 32.94 38.88 -38.52
C THR C 311 32.86 38.98 -37.01
N ALA C 312 32.39 40.11 -36.48
CA ALA C 312 32.37 40.29 -35.03
C ALA C 312 31.46 39.26 -34.37
N VAL C 313 30.21 39.16 -34.83
CA VAL C 313 29.26 38.18 -34.30
C VAL C 313 28.63 37.44 -35.48
N THR C 314 28.77 36.12 -35.48
CA THR C 314 28.19 35.26 -36.52
C THR C 314 27.44 34.13 -35.83
N ALA C 315 26.13 34.06 -36.04
CA ALA C 315 25.29 33.07 -35.38
C ALA C 315 24.52 32.25 -36.41
N ILE C 316 24.13 31.04 -36.02
CA ILE C 316 23.38 30.15 -36.87
C ILE C 316 21.90 30.39 -36.64
N GLY C 317 21.08 30.01 -37.60
CA GLY C 317 19.64 30.09 -37.46
C GLY C 317 18.99 30.70 -38.68
N ARG C 318 17.65 30.82 -38.60
CA ARG C 318 16.84 31.35 -39.69
C ARG C 318 15.89 32.41 -39.14
N VAL C 319 16.38 33.65 -39.08
CA VAL C 319 15.61 34.75 -38.53
C VAL C 319 14.59 35.21 -39.57
N ASN C 320 13.31 35.22 -39.19
CA ASN C 320 12.24 35.79 -40.01
C ASN C 320 12.04 35.01 -41.30
N ALA C 321 12.80 33.93 -41.49
CA ALA C 321 12.76 33.17 -42.73
C ALA C 321 11.54 32.26 -42.77
N SER C 322 11.23 31.82 -43.99
CA SER C 322 10.13 30.90 -44.25
C SER C 322 10.66 29.48 -44.43
N LYS C 323 9.75 28.54 -44.63
CA LYS C 323 10.14 27.15 -44.81
C LYS C 323 10.95 27.00 -46.09
N GLY C 324 11.93 26.10 -46.05
CA GLY C 324 12.80 25.90 -47.19
C GLY C 324 12.12 25.11 -48.29
N PHE C 325 12.58 25.35 -49.52
CA PHE C 325 12.05 24.64 -50.68
C PHE C 325 13.14 24.51 -51.73
N GLY C 326 12.95 23.55 -52.63
CA GLY C 326 13.92 23.28 -53.68
C GLY C 326 14.68 21.98 -53.47
N HIS C 327 16.00 22.05 -53.53
CA HIS C 327 16.85 20.87 -53.39
C HIS C 327 17.86 21.13 -52.27
N ILE C 328 18.02 20.16 -51.39
CA ILE C 328 19.03 20.24 -50.34
C ILE C 328 20.34 19.69 -50.88
N TRP C 329 21.43 20.42 -50.65
CA TRP C 329 22.71 20.12 -51.27
C TRP C 329 23.73 19.50 -50.33
N LEU C 330 23.79 19.90 -49.06
CA LEU C 330 24.87 19.47 -48.19
C LEU C 330 24.35 19.14 -46.80
N ASP C 331 25.12 18.33 -46.08
CA ASP C 331 24.77 17.94 -44.73
C ASP C 331 26.06 17.59 -43.97
N SER C 332 25.99 17.73 -42.64
CA SER C 332 27.09 17.42 -41.73
C SER C 332 28.37 18.17 -42.05
N VAL C 333 28.28 19.29 -42.77
CA VAL C 333 29.46 20.10 -43.08
C VAL C 333 30.15 20.49 -41.78
N SER C 334 31.48 20.32 -41.74
CA SER C 334 32.27 20.56 -40.55
C SER C 334 33.50 21.38 -40.91
N CYS C 335 33.55 22.62 -40.41
CA CYS C 335 34.69 23.50 -40.60
C CYS C 335 35.29 23.87 -39.24
N GLN C 336 36.60 23.71 -39.11
CA GLN C 336 37.30 24.05 -37.88
C GLN C 336 37.86 25.46 -37.89
N GLY C 337 37.27 26.37 -38.69
CA GLY C 337 37.76 27.73 -38.76
C GLY C 337 39.18 27.87 -39.27
N HIS C 338 39.66 26.90 -40.05
CA HIS C 338 41.04 26.89 -40.51
C HIS C 338 41.18 27.26 -41.98
N GLU C 339 40.09 27.51 -42.69
CA GLU C 339 40.15 27.76 -44.12
C GLU C 339 39.07 28.78 -44.48
N PRO C 340 39.14 29.38 -45.67
CA PRO C 340 38.27 30.52 -45.97
C PRO C 340 36.98 30.21 -46.71
N ALA C 341 36.73 28.97 -47.13
CA ALA C 341 35.55 28.66 -47.94
C ALA C 341 34.78 27.52 -47.33
N ILE C 342 33.45 27.62 -47.41
CA ILE C 342 32.56 26.63 -46.81
C ILE C 342 32.68 25.28 -47.51
N TRP C 343 32.63 25.25 -48.84
CA TRP C 343 32.60 23.97 -49.54
C TRP C 343 33.97 23.30 -49.61
N GLN C 344 35.04 23.95 -49.16
CA GLN C 344 36.30 23.26 -48.96
C GLN C 344 36.34 22.44 -47.68
N CYS C 345 35.31 22.50 -46.85
CA CYS C 345 35.29 21.73 -45.61
C CYS C 345 35.01 20.26 -45.91
N LYS C 346 34.95 19.46 -44.86
CA LYS C 346 34.69 18.04 -44.99
C LYS C 346 33.18 17.81 -45.02
N HIS C 347 32.71 17.16 -46.06
CA HIS C 347 31.31 16.81 -46.19
C HIS C 347 31.19 15.49 -46.93
N HIS C 348 30.08 14.80 -46.72
CA HIS C 348 30.00 13.41 -47.15
C HIS C 348 29.62 13.28 -48.63
N GLU C 349 28.54 13.94 -49.06
CA GLU C 349 28.02 13.71 -50.41
C GLU C 349 26.91 14.73 -50.65
N TRP C 350 26.53 14.88 -51.92
CA TRP C 350 25.52 15.85 -52.34
C TRP C 350 24.17 15.17 -52.48
N GLY C 351 23.18 15.70 -51.77
CA GLY C 351 21.79 15.30 -51.93
C GLY C 351 21.38 14.01 -51.26
N LYS C 352 22.31 13.05 -51.14
CA LYS C 352 21.99 11.73 -50.60
C LYS C 352 22.00 11.77 -49.07
N HIS C 353 21.05 12.53 -48.52
CA HIS C 353 20.85 12.64 -47.08
C HIS C 353 19.36 12.67 -46.80
N TYR C 354 19.02 12.44 -45.53
CA TYR C 354 17.63 12.29 -45.12
C TYR C 354 17.13 13.46 -44.29
N CYS C 355 17.77 14.64 -44.45
CA CYS C 355 17.28 15.84 -43.80
C CYS C 355 15.99 16.31 -44.47
N ASN C 356 15.40 17.35 -43.91
CA ASN C 356 14.16 17.91 -44.45
C ASN C 356 14.25 19.43 -44.41
N HIS C 357 13.32 20.07 -45.12
CA HIS C 357 13.35 21.52 -45.28
C HIS C 357 12.98 22.29 -44.01
N ASN C 358 12.48 21.61 -42.98
CA ASN C 358 12.19 22.28 -41.72
C ASN C 358 13.42 22.40 -40.84
N GLU C 359 14.55 21.83 -41.28
CA GLU C 359 15.81 21.86 -40.54
C GLU C 359 16.95 22.30 -41.44
N ASP C 360 16.69 23.31 -42.27
CA ASP C 360 17.70 23.91 -43.13
C ASP C 360 18.57 24.88 -42.33
N ALA C 361 19.69 25.30 -42.93
CA ALA C 361 20.62 26.17 -42.24
C ALA C 361 20.34 27.64 -42.58
N GLY C 362 21.14 28.51 -41.98
CA GLY C 362 21.03 29.95 -42.18
C GLY C 362 22.05 30.63 -41.29
N VAL C 363 22.18 31.95 -41.46
CA VAL C 363 23.21 32.68 -40.72
C VAL C 363 22.72 34.10 -40.47
N THR C 364 23.14 34.65 -39.33
CA THR C 364 22.90 36.04 -38.95
C THR C 364 24.22 36.65 -38.50
N CYS C 365 24.61 37.77 -39.13
CA CYS C 365 25.90 38.38 -38.86
C CYS C 365 25.72 39.84 -38.46
N SER C 366 26.58 40.30 -37.57
CA SER C 366 26.53 41.69 -37.13
C SER C 366 27.89 42.10 -36.59
N ASP C 367 28.12 43.43 -36.58
CA ASP C 367 29.33 44.01 -36.02
C ASP C 367 29.30 44.07 -34.50
N GLY C 368 28.16 43.86 -33.86
CA GLY C 368 28.07 43.86 -32.42
C GLY C 368 27.50 45.12 -31.79
N SER C 369 27.06 46.08 -32.60
CA SER C 369 26.56 47.34 -32.07
C SER C 369 25.04 47.38 -31.97
N ASP C 370 24.36 46.28 -32.30
CA ASP C 370 22.90 46.26 -32.33
C ASP C 370 22.34 44.97 -31.74
N LEU C 371 23.06 44.37 -30.79
CA LEU C 371 22.57 43.22 -30.03
C LEU C 371 22.05 43.70 -28.68
N GLU C 372 20.74 43.56 -28.44
CA GLU C 372 20.13 44.04 -27.21
C GLU C 372 19.37 42.90 -26.54
N LEU C 373 19.51 42.81 -25.22
CA LEU C 373 18.77 41.82 -24.44
C LEU C 373 18.16 42.57 -23.28
N ARG C 374 16.93 42.21 -22.92
CA ARG C 374 16.25 42.92 -21.85
C ARG C 374 15.17 42.03 -21.25
N LEU C 375 14.56 42.51 -20.17
CA LEU C 375 13.41 41.87 -19.55
C LEU C 375 12.21 42.81 -19.62
N ARG C 376 11.05 42.24 -19.93
CA ARG C 376 9.83 43.02 -20.07
C ARG C 376 8.68 42.28 -19.40
N GLY C 377 7.68 43.06 -18.98
CA GLY C 377 6.49 42.48 -18.38
C GLY C 377 6.70 42.11 -16.93
N GLY C 378 7.19 43.04 -16.12
CA GLY C 378 7.46 42.74 -14.73
C GLY C 378 7.56 43.99 -13.89
N GLY C 379 7.96 43.79 -12.63
CA GLY C 379 8.02 44.88 -11.69
C GLY C 379 9.01 45.96 -12.09
N SER C 380 10.15 45.56 -12.64
CA SER C 380 11.20 46.50 -12.99
C SER C 380 12.05 45.88 -14.09
N ARG C 381 13.09 46.62 -14.50
CA ARG C 381 13.94 46.18 -15.60
C ARG C 381 14.62 44.84 -15.31
N CYS C 382 14.88 44.54 -14.04
CA CYS C 382 15.61 43.32 -13.66
C CYS C 382 14.68 42.14 -13.42
N ALA C 383 13.49 42.11 -14.01
CA ALA C 383 12.59 40.99 -13.86
C ALA C 383 11.61 40.97 -15.02
N GLY C 384 11.10 39.77 -15.33
CA GLY C 384 10.13 39.60 -16.38
C GLY C 384 10.56 38.57 -17.39
N THR C 385 9.82 38.49 -18.49
CA THR C 385 10.18 37.61 -19.59
C THR C 385 11.35 38.19 -20.38
N VAL C 386 12.20 37.30 -20.88
CA VAL C 386 13.38 37.72 -21.62
C VAL C 386 12.97 38.11 -23.05
N GLU C 387 13.38 39.31 -23.45
CA GLU C 387 13.07 39.87 -24.75
C GLU C 387 14.39 40.16 -25.46
N VAL C 388 14.55 39.62 -26.66
CA VAL C 388 15.75 39.81 -27.46
C VAL C 388 15.45 40.81 -28.56
N GLU C 389 16.47 41.57 -28.96
CA GLU C 389 16.39 42.51 -30.07
C GLU C 389 17.66 42.44 -30.89
N ILE C 390 17.49 42.19 -32.18
CA ILE C 390 18.58 42.17 -33.13
C ILE C 390 18.10 42.76 -34.44
N GLN C 391 18.84 43.75 -34.95
CA GLN C 391 18.61 44.29 -36.28
C GLN C 391 17.14 44.62 -36.51
N ARG C 392 16.52 45.25 -35.52
CA ARG C 392 15.17 45.83 -35.58
C ARG C 392 14.07 44.78 -35.40
N LEU C 393 14.41 43.49 -35.24
CA LEU C 393 13.42 42.45 -34.96
C LEU C 393 13.58 41.96 -33.52
N LEU C 394 12.44 41.94 -32.79
CA LEU C 394 12.42 41.60 -31.37
C LEU C 394 11.60 40.35 -31.12
N GLY C 395 12.21 39.37 -30.44
CA GLY C 395 11.53 38.13 -30.16
C GLY C 395 11.81 37.59 -28.77
N LYS C 396 11.52 36.32 -28.55
CA LYS C 396 11.56 35.70 -27.24
C LYS C 396 12.61 34.60 -27.21
N VAL C 397 12.67 33.85 -26.10
CA VAL C 397 13.61 32.68 -26.03
C VAL C 397 12.78 31.43 -25.68
N CYS C 398 13.40 30.24 -25.69
CA CYS C 398 12.58 29.00 -25.47
C CYS C 398 13.19 28.18 -24.34
N ASP C 399 12.36 27.70 -23.40
CA ASP C 399 12.91 26.95 -22.25
C ASP C 399 13.40 25.58 -22.71
N ARG C 400 14.72 25.43 -22.90
CA ARG C 400 15.27 24.13 -23.26
C ARG C 400 16.51 23.89 -22.40
N GLY C 401 16.35 24.10 -21.09
CA GLY C 401 17.48 24.02 -20.18
C GLY C 401 17.71 25.33 -19.44
N TRP C 402 16.66 26.11 -19.26
CA TRP C 402 16.75 27.43 -18.65
C TRP C 402 16.90 27.30 -17.13
N GLY C 403 18.01 26.68 -16.70
CA GLY C 403 18.28 26.59 -15.29
C GLY C 403 18.89 27.86 -14.74
N LEU C 404 18.90 27.94 -13.40
CA LEU C 404 19.46 29.10 -12.72
C LEU C 404 20.89 29.37 -13.13
N LYS C 405 21.70 28.31 -13.25
CA LYS C 405 23.10 28.46 -13.63
C LYS C 405 23.25 29.07 -15.01
N GLU C 406 22.43 28.65 -15.96
CA GLU C 406 22.47 29.24 -17.29
C GLU C 406 21.83 30.62 -17.27
N ALA C 407 20.81 30.80 -16.42
CA ALA C 407 20.07 32.06 -16.36
C ALA C 407 20.87 33.18 -15.71
N ASP C 408 21.95 32.85 -15.00
CA ASP C 408 22.72 33.89 -14.32
C ASP C 408 23.30 34.86 -15.34
N VAL C 409 23.57 34.38 -16.56
CA VAL C 409 24.23 35.18 -17.58
C VAL C 409 23.37 36.37 -17.98
N VAL C 410 22.06 36.16 -18.12
CA VAL C 410 21.17 37.25 -18.55
C VAL C 410 21.23 38.38 -17.53
N CYS C 411 21.14 38.04 -16.25
CA CYS C 411 21.24 39.02 -15.19
C CYS C 411 22.61 39.67 -15.20
N ARG C 412 23.66 38.88 -15.42
CA ARG C 412 25.02 39.38 -15.43
C ARG C 412 25.24 40.41 -16.52
N GLN C 413 24.54 40.28 -17.65
CA GLN C 413 24.75 41.24 -18.73
C GLN C 413 24.14 42.59 -18.41
N LEU C 414 22.95 42.60 -17.80
CA LEU C 414 22.20 43.83 -17.58
C LEU C 414 22.63 44.60 -16.34
N GLY C 415 23.59 44.09 -15.56
CA GLY C 415 23.99 44.77 -14.35
C GLY C 415 23.22 44.37 -13.10
N CYS C 416 22.20 43.53 -13.22
CA CYS C 416 21.47 43.03 -12.06
C CYS C 416 22.38 42.04 -11.31
N GLY C 417 21.83 41.42 -10.27
CA GLY C 417 22.60 40.45 -9.52
C GLY C 417 22.61 39.07 -10.16
N SER C 418 22.37 38.04 -9.36
CA SER C 418 22.28 36.68 -9.88
C SER C 418 20.83 36.39 -10.26
N ALA C 419 20.57 35.16 -10.68
CA ALA C 419 19.22 34.71 -11.01
C ALA C 419 18.67 33.87 -9.87
N LEU C 420 17.41 34.12 -9.51
CA LEU C 420 16.79 33.45 -8.37
C LEU C 420 15.66 32.50 -8.78
N LYS C 421 14.68 32.99 -9.51
CA LYS C 421 13.53 32.17 -9.90
C LYS C 421 13.16 32.50 -11.34
N THR C 422 12.02 31.96 -11.81
CA THR C 422 11.52 32.16 -13.16
C THR C 422 10.03 32.52 -13.07
N SER C 423 9.74 33.77 -12.69
CA SER C 423 8.35 34.25 -12.65
C SER C 423 8.25 35.76 -12.51
N TYR C 424 7.07 36.24 -12.15
CA TYR C 424 6.81 37.66 -11.92
C TYR C 424 5.67 37.84 -10.92
N GLN C 425 5.46 39.11 -10.53
CA GLN C 425 4.40 39.46 -9.58
C GLN C 425 3.59 40.69 -9.97
N VAL C 426 4.19 41.71 -10.60
CA VAL C 426 3.57 43.03 -10.65
C VAL C 426 2.75 43.29 -11.92
N TYR C 427 3.42 43.29 -13.07
CA TYR C 427 2.83 43.78 -14.31
C TYR C 427 2.71 42.66 -15.34
N SER C 428 1.88 42.89 -16.35
CA SER C 428 1.55 41.83 -17.30
C SER C 428 1.34 42.46 -18.68
N LYS C 429 0.68 41.70 -19.57
CA LYS C 429 0.25 42.17 -20.88
C LYS C 429 1.43 42.69 -21.71
N ILE C 430 2.31 41.76 -22.06
CA ILE C 430 3.44 42.05 -22.94
C ILE C 430 3.04 41.73 -24.38
N GLN C 431 3.77 42.28 -25.33
CA GLN C 431 3.50 42.04 -26.74
C GLN C 431 3.92 40.62 -27.12
N ALA C 432 3.31 40.12 -28.20
CA ALA C 432 3.55 38.77 -28.69
C ALA C 432 4.26 38.82 -30.03
N THR C 433 5.27 37.96 -30.19
CA THR C 433 6.01 37.86 -31.44
C THR C 433 6.23 36.39 -31.79
N ASN C 434 6.11 36.07 -33.07
CA ASN C 434 6.29 34.70 -33.56
C ASN C 434 7.71 34.46 -34.08
N THR C 435 8.68 34.67 -33.20
CA THR C 435 10.07 34.39 -33.51
C THR C 435 10.75 33.95 -32.23
N TRP C 436 11.65 32.96 -32.33
CA TRP C 436 12.21 32.36 -31.12
C TRP C 436 13.71 32.20 -31.27
N LEU C 437 14.38 32.11 -30.12
CA LEU C 437 15.82 31.89 -30.02
C LEU C 437 16.10 30.67 -29.16
N PHE C 438 17.07 29.87 -29.57
CA PHE C 438 17.39 28.61 -28.91
C PHE C 438 18.82 28.64 -28.40
N LEU C 439 19.02 28.14 -27.18
CA LEU C 439 20.33 28.02 -26.57
C LEU C 439 20.46 26.62 -26.00
N SER C 440 21.60 25.97 -26.26
CA SER C 440 21.82 24.60 -25.79
C SER C 440 22.34 24.54 -24.36
N SER C 441 23.51 25.12 -24.11
CA SER C 441 24.09 25.07 -22.77
C SER C 441 25.18 26.12 -22.66
N CYS C 442 25.33 26.66 -21.46
CA CYS C 442 26.36 27.65 -21.17
C CYS C 442 26.88 27.41 -19.76
N ASN C 443 28.19 27.53 -19.58
CA ASN C 443 28.81 27.19 -18.31
C ASN C 443 28.66 28.27 -17.25
N GLY C 444 28.17 29.45 -17.62
CA GLY C 444 27.71 30.43 -16.66
C GLY C 444 28.65 31.58 -16.39
N ASN C 445 29.92 31.46 -16.74
CA ASN C 445 30.87 32.53 -16.48
C ASN C 445 31.18 33.40 -17.69
N GLU C 446 30.39 33.31 -18.75
CA GLU C 446 30.53 34.19 -19.89
C GLU C 446 29.62 35.40 -19.72
N THR C 447 30.19 36.59 -19.88
CA THR C 447 29.55 37.81 -19.40
C THR C 447 28.40 38.28 -20.28
N SER C 448 28.23 37.71 -21.47
CA SER C 448 27.17 38.13 -22.37
C SER C 448 26.56 36.91 -23.03
N LEU C 449 25.24 36.95 -23.23
CA LEU C 449 24.54 35.84 -23.87
C LEU C 449 25.02 35.59 -25.29
N TRP C 450 25.56 36.60 -25.95
CA TRP C 450 26.06 36.44 -27.31
C TRP C 450 27.31 35.58 -27.39
N ASP C 451 27.95 35.30 -26.26
CA ASP C 451 29.17 34.50 -26.25
C ASP C 451 28.92 33.04 -25.91
N CYS C 452 27.70 32.67 -25.52
CA CYS C 452 27.40 31.29 -25.19
C CYS C 452 27.48 30.43 -26.45
N LYS C 453 27.88 29.18 -26.28
CA LYS C 453 28.20 28.33 -27.42
C LYS C 453 26.93 27.96 -28.20
N ASN C 454 26.99 28.17 -29.52
CA ASN C 454 25.96 27.70 -30.45
C ASN C 454 24.57 28.22 -30.08
N TRP C 455 24.43 29.53 -29.99
CA TRP C 455 23.12 30.13 -29.77
C TRP C 455 22.48 30.38 -31.13
N GLN C 456 21.30 29.80 -31.34
CA GLN C 456 20.62 29.84 -32.63
C GLN C 456 19.49 30.86 -32.61
N TRP C 457 19.42 31.67 -33.66
CA TRP C 457 18.37 32.67 -33.82
C TRP C 457 17.43 32.19 -34.93
N GLY C 458 16.22 31.81 -34.55
CA GLY C 458 15.17 31.46 -35.50
C GLY C 458 15.39 30.21 -36.34
N GLY C 459 14.29 29.68 -36.88
CA GLY C 459 14.29 28.50 -37.72
C GLY C 459 13.49 27.31 -37.22
N LEU C 460 13.16 27.25 -35.93
CA LEU C 460 12.35 26.16 -35.39
C LEU C 460 11.29 26.72 -34.46
N THR C 461 10.21 25.96 -34.30
CA THR C 461 9.19 26.29 -33.33
C THR C 461 9.16 25.19 -32.27
N CYS C 462 9.39 25.59 -31.02
CA CYS C 462 9.41 24.67 -29.89
C CYS C 462 7.98 24.59 -29.35
N ASP C 463 7.23 23.63 -29.90
CA ASP C 463 5.84 23.41 -29.52
C ASP C 463 5.74 22.74 -28.16
N HIS C 464 4.68 23.10 -27.43
CA HIS C 464 4.40 22.63 -26.07
C HIS C 464 5.47 23.05 -25.07
N TYR C 465 6.38 23.94 -25.47
CA TYR C 465 7.37 24.52 -24.58
C TYR C 465 7.01 25.99 -24.37
N GLU C 466 7.67 26.62 -23.40
CA GLU C 466 7.24 27.92 -22.91
C GLU C 466 8.41 28.88 -22.89
N GLU C 467 8.08 30.17 -22.84
CA GLU C 467 9.09 31.21 -22.82
C GLU C 467 9.88 31.15 -21.52
N ALA C 468 10.89 32.00 -21.42
CA ALA C 468 11.79 32.02 -20.27
C ALA C 468 11.57 33.29 -19.46
N LYS C 469 11.32 33.13 -18.16
CA LYS C 469 11.13 34.25 -17.26
C LYS C 469 12.34 34.33 -16.34
N ILE C 470 12.52 35.50 -15.71
CA ILE C 470 13.66 35.75 -14.86
C ILE C 470 13.24 36.70 -13.75
N THR C 471 13.87 36.56 -12.59
CA THR C 471 13.76 37.52 -11.49
C THR C 471 15.11 37.59 -10.80
N CYS C 472 15.93 38.55 -11.22
CA CYS C 472 17.26 38.74 -10.65
C CYS C 472 17.15 39.44 -9.30
N SER C 473 18.25 39.37 -8.54
CA SER C 473 18.24 39.89 -7.18
C SER C 473 17.97 41.40 -7.16
N ALA C 474 18.54 42.14 -8.12
CA ALA C 474 18.41 43.59 -8.11
C ALA C 474 16.97 44.03 -8.35
N HIS C 475 16.04 43.09 -8.47
CA HIS C 475 14.63 43.43 -8.67
C HIS C 475 14.09 44.25 -7.51
N ARG C 476 14.44 43.88 -6.27
CA ARG C 476 14.01 44.56 -5.05
C ARG C 476 15.19 44.57 -4.08
N GLU C 477 15.98 45.65 -4.08
CA GLU C 477 17.14 45.65 -3.19
C GLU C 477 16.89 46.49 -1.96
N PRO C 478 16.84 45.92 -0.77
CA PRO C 478 16.65 46.72 0.44
C PRO C 478 17.93 47.43 0.85
N ARG C 479 17.78 48.38 1.76
CA ARG C 479 18.89 49.15 2.30
C ARG C 479 18.44 49.82 3.59
N LEU C 480 19.35 49.88 4.56
CA LEU C 480 19.11 50.54 5.84
C LEU C 480 20.08 51.71 5.93
N VAL C 481 19.56 52.93 5.75
CA VAL C 481 20.39 54.09 5.47
C VAL C 481 20.68 54.91 6.74
N GLY C 482 19.66 55.17 7.56
CA GLY C 482 19.81 56.06 8.69
C GLY C 482 20.05 55.30 9.98
N GLY C 483 21.14 55.60 10.64
CA GLY C 483 21.45 54.98 11.92
C GLY C 483 22.93 54.95 12.18
N ASP C 484 23.28 54.82 13.45
CA ASP C 484 24.66 54.74 13.91
C ASP C 484 25.17 53.30 13.99
N ILE C 485 24.35 52.33 13.60
CA ILE C 485 24.70 50.91 13.69
C ILE C 485 24.62 50.30 12.30
N PRO C 486 25.52 49.38 11.92
CA PRO C 486 25.54 48.90 10.53
C PRO C 486 24.31 48.08 10.16
N CYS C 487 23.52 47.66 11.14
CA CYS C 487 22.56 46.57 10.97
C CYS C 487 21.15 47.01 11.31
N SER C 488 20.90 48.32 11.35
CA SER C 488 19.57 48.82 11.67
C SER C 488 19.36 50.16 10.99
N GLY C 489 18.10 50.52 10.83
CA GLY C 489 17.75 51.83 10.34
C GLY C 489 16.47 51.80 9.53
N ARG C 490 16.24 52.92 8.86
CA ARG C 490 15.08 53.09 7.99
C ARG C 490 15.18 52.19 6.78
N VAL C 491 14.04 51.64 6.37
CA VAL C 491 13.99 50.67 5.28
C VAL C 491 13.75 51.41 3.97
N GLU C 492 14.59 51.14 2.98
CA GLU C 492 14.43 51.64 1.63
C GLU C 492 14.60 50.47 0.67
N VAL C 493 13.97 50.57 -0.49
CA VAL C 493 14.04 49.51 -1.51
C VAL C 493 14.35 50.16 -2.84
N LYS C 494 15.22 49.52 -3.59
CA LYS C 494 15.58 49.88 -4.95
C LYS C 494 14.74 49.04 -5.89
N HIS C 495 13.88 49.73 -6.67
CA HIS C 495 13.04 49.15 -7.72
C HIS C 495 13.74 49.31 -9.05
N GLY C 496 14.51 48.31 -9.45
CA GLY C 496 15.33 48.46 -10.64
C GLY C 496 16.41 49.45 -10.28
N ASP C 497 16.43 50.60 -10.94
CA ASP C 497 17.34 51.67 -10.59
C ASP C 497 16.52 52.87 -10.10
N THR C 498 15.97 52.76 -8.89
CA THR C 498 15.20 53.81 -8.22
C THR C 498 14.92 53.50 -6.75
N TRP C 499 15.50 54.28 -5.84
CA TRP C 499 15.33 54.07 -4.42
C TRP C 499 14.01 54.66 -3.94
N GLY C 500 13.44 54.07 -2.90
CA GLY C 500 12.22 54.60 -2.31
C GLY C 500 11.96 54.04 -0.94
N SER C 501 11.40 54.88 -0.07
CA SER C 501 11.11 54.48 1.29
C SER C 501 9.81 53.66 1.35
N ILE C 502 9.58 53.02 2.50
CA ILE C 502 8.46 52.10 2.66
C ILE C 502 7.65 52.50 3.90
N CYS C 503 6.33 52.44 3.79
CA CYS C 503 5.45 52.78 4.89
C CYS C 503 5.48 51.67 5.96
N ASP C 504 4.94 51.99 7.12
CA ASP C 504 4.70 50.97 8.14
C ASP C 504 3.42 50.18 7.87
N SER C 505 2.61 50.62 6.91
CA SER C 505 1.39 49.90 6.54
C SER C 505 1.69 48.65 5.73
N ASP C 506 2.66 48.72 4.81
CA ASP C 506 2.94 47.65 3.88
C ASP C 506 4.24 46.92 4.22
N PHE C 507 4.55 46.83 5.52
CA PHE C 507 5.70 46.09 6.00
C PHE C 507 5.30 45.37 7.27
N SER C 508 5.81 44.16 7.45
CA SER C 508 5.44 43.32 8.59
C SER C 508 6.67 42.61 9.11
N LEU C 509 6.49 41.89 10.22
CA LEU C 509 7.61 41.19 10.83
C LEU C 509 8.20 40.14 9.90
N GLU C 510 7.35 39.49 9.09
CA GLU C 510 7.85 38.51 8.13
C GLU C 510 8.73 39.19 7.08
N ALA C 511 8.29 40.34 6.56
CA ALA C 511 9.10 41.08 5.61
C ALA C 511 10.40 41.56 6.26
N ALA C 512 10.34 41.92 7.54
CA ALA C 512 11.56 42.32 8.24
C ALA C 512 12.52 41.14 8.36
N SER C 513 11.99 39.96 8.65
CA SER C 513 12.81 38.75 8.71
C SER C 513 13.50 38.50 7.36
N VAL C 514 12.74 38.59 6.27
CA VAL C 514 13.33 38.37 4.94
C VAL C 514 14.40 39.43 4.65
N LEU C 515 14.09 40.68 4.95
CA LEU C 515 15.02 41.78 4.68
C LEU C 515 16.34 41.56 5.42
N CYS C 516 16.27 41.30 6.72
CA CYS C 516 17.51 41.11 7.47
C CYS C 516 18.17 39.78 7.14
N ARG C 517 17.43 38.83 6.59
CA ARG C 517 18.07 37.60 6.12
C ARG C 517 18.94 37.88 4.90
N GLU C 518 18.39 38.56 3.90
CA GLU C 518 19.17 38.79 2.67
C GLU C 518 20.20 39.91 2.82
N LEU C 519 19.98 40.86 3.72
CA LEU C 519 21.02 41.83 4.03
C LEU C 519 22.12 41.23 4.90
N GLN C 520 21.96 39.99 5.36
CA GLN C 520 22.91 39.34 6.27
C GLN C 520 23.00 40.11 7.59
N CYS C 521 21.84 40.54 8.10
CA CYS C 521 21.71 41.06 9.45
C CYS C 521 21.13 40.04 10.42
N GLY C 522 20.98 38.79 10.01
CA GLY C 522 20.55 37.75 10.93
C GLY C 522 19.05 37.69 11.10
N THR C 523 18.57 38.10 12.28
CA THR C 523 17.17 37.98 12.65
C THR C 523 16.67 39.33 13.15
N VAL C 524 15.38 39.57 12.96
CA VAL C 524 14.77 40.83 13.38
C VAL C 524 14.55 40.80 14.87
N VAL C 525 14.93 41.88 15.55
CA VAL C 525 14.60 42.03 16.95
C VAL C 525 13.56 43.11 17.20
N SER C 526 13.43 44.10 16.31
CA SER C 526 12.35 45.06 16.48
C SER C 526 12.03 45.72 15.14
N ILE C 527 10.74 45.95 14.91
CA ILE C 527 10.25 46.67 13.74
C ILE C 527 9.55 47.94 14.20
N LEU C 528 10.05 49.09 13.78
CA LEU C 528 9.67 50.38 14.33
C LEU C 528 8.92 51.21 13.29
N GLY C 529 7.73 51.66 13.65
CA GLY C 529 6.98 52.59 12.82
C GLY C 529 7.31 54.02 13.14
N GLY C 530 6.90 54.92 12.26
CA GLY C 530 7.23 56.33 12.40
C GLY C 530 8.70 56.56 12.06
N ALA C 531 9.08 57.83 12.10
CA ALA C 531 10.44 58.24 11.76
C ALA C 531 11.37 58.09 12.97
N HIS C 532 11.48 56.85 13.44
CA HIS C 532 12.36 56.58 14.58
C HIS C 532 13.82 56.89 14.23
N PHE C 533 14.21 56.66 12.98
CA PHE C 533 15.55 56.96 12.50
C PHE C 533 15.60 58.24 11.68
N GLY C 534 14.52 59.01 11.62
CA GLY C 534 14.57 60.27 10.94
C GLY C 534 13.77 60.25 9.64
N GLU C 535 13.30 61.43 9.24
CA GLU C 535 12.50 61.55 8.04
C GLU C 535 13.30 61.19 6.80
N GLY C 536 12.64 60.58 5.83
CA GLY C 536 13.23 60.39 4.52
C GLY C 536 13.14 61.63 3.66
N ASN C 537 13.87 61.61 2.56
CA ASN C 537 13.95 62.77 1.67
C ASN C 537 13.87 62.34 0.20
N GLY C 538 12.96 61.43 -0.11
CA GLY C 538 12.84 60.90 -1.45
C GLY C 538 11.43 60.44 -1.78
N GLN C 539 11.35 59.47 -2.69
CA GLN C 539 10.07 58.94 -3.14
C GLN C 539 9.49 57.96 -2.12
N ILE C 540 8.18 57.77 -2.19
CA ILE C 540 7.47 56.85 -1.31
C ILE C 540 6.86 55.75 -2.17
N TRP C 541 7.22 54.51 -1.87
CA TRP C 541 6.60 53.37 -2.54
C TRP C 541 5.26 53.05 -1.88
N ALA C 542 4.42 52.33 -2.62
CA ALA C 542 3.13 51.87 -2.10
C ALA C 542 2.90 50.48 -2.68
N GLU C 543 3.29 49.46 -1.93
CA GLU C 543 3.20 48.09 -2.42
C GLU C 543 3.14 47.16 -1.21
N GLU C 544 2.00 46.51 -1.02
CA GLU C 544 1.81 45.65 0.15
C GLU C 544 2.69 44.42 0.03
N PHE C 545 3.72 44.31 0.87
CA PHE C 545 4.55 43.12 0.91
C PHE C 545 3.79 41.98 1.55
N GLN C 546 3.83 40.81 0.92
CA GLN C 546 3.15 39.63 1.41
C GLN C 546 4.13 38.47 1.61
N CYS C 547 5.29 38.77 2.18
CA CYS C 547 6.28 37.74 2.47
C CYS C 547 5.70 36.68 3.39
N GLU C 548 5.98 35.41 3.08
CA GLU C 548 5.57 34.34 3.98
C GLU C 548 6.51 34.19 5.17
N GLY C 549 7.74 34.69 5.08
CA GLY C 549 8.69 34.68 6.17
C GLY C 549 9.84 33.71 6.01
N HIS C 550 9.82 32.83 5.00
CA HIS C 550 10.91 31.88 4.79
C HIS C 550 11.68 32.13 3.52
N GLU C 551 11.35 33.16 2.76
CA GLU C 551 12.02 33.43 1.50
C GLU C 551 13.44 33.93 1.75
N SER C 552 14.27 33.78 0.71
CA SER C 552 15.66 34.22 0.79
C SER C 552 15.85 35.65 0.33
N HIS C 553 15.08 36.08 -0.66
CA HIS C 553 15.14 37.45 -1.15
C HIS C 553 13.73 38.05 -1.23
N LEU C 554 13.66 39.37 -1.07
CA LEU C 554 12.39 40.06 -1.21
C LEU C 554 11.83 39.94 -2.63
N SER C 555 12.68 39.69 -3.61
CA SER C 555 12.21 39.50 -4.98
C SER C 555 11.30 38.29 -5.11
N LEU C 556 11.44 37.31 -4.21
CA LEU C 556 10.67 36.08 -4.30
C LEU C 556 9.27 36.24 -3.72
N CYS C 557 9.09 37.13 -2.74
CA CYS C 557 7.82 37.22 -2.06
C CYS C 557 6.74 37.82 -2.97
N PRO C 558 5.49 37.40 -2.79
CA PRO C 558 4.40 38.06 -3.51
C PRO C 558 4.22 39.48 -3.01
N VAL C 559 3.80 40.36 -3.92
CA VAL C 559 3.58 41.76 -3.58
C VAL C 559 2.30 42.23 -4.25
N ALA C 560 1.46 42.93 -3.51
CA ALA C 560 0.22 43.45 -4.08
C ALA C 560 0.52 44.68 -4.92
N PRO C 561 -0.03 44.78 -6.14
CA PRO C 561 0.25 45.94 -6.99
C PRO C 561 0.02 47.28 -6.30
N ARG C 562 0.60 48.33 -6.87
CA ARG C 562 0.51 49.65 -6.25
C ARG C 562 -0.93 50.13 -6.20
N PRO C 563 -1.46 50.47 -5.04
CA PRO C 563 -2.80 51.06 -4.97
C PRO C 563 -2.77 52.54 -5.31
N GLU C 564 -3.97 53.12 -5.41
CA GLU C 564 -4.07 54.54 -5.73
C GLU C 564 -3.58 55.41 -4.58
N GLY C 565 -3.79 54.98 -3.34
CA GLY C 565 -3.41 55.78 -2.20
C GLY C 565 -1.90 55.86 -2.04
N THR C 566 -1.48 56.89 -1.31
CA THR C 566 -0.07 57.12 -1.02
C THR C 566 0.07 57.47 0.45
N CYS C 567 1.33 57.46 0.91
CA CYS C 567 1.63 57.63 2.31
C CYS C 567 2.04 59.06 2.62
N SER C 568 1.96 59.41 3.90
CA SER C 568 2.66 60.58 4.43
C SER C 568 4.04 60.13 4.86
N HIS C 569 5.04 60.98 4.61
CA HIS C 569 6.41 60.55 4.84
C HIS C 569 6.65 60.14 6.28
N SER C 570 5.87 60.67 7.21
CA SER C 570 6.07 60.36 8.63
C SER C 570 5.71 58.92 8.96
N ARG C 571 5.34 58.11 7.96
CA ARG C 571 4.98 56.71 8.16
C ARG C 571 6.12 55.76 7.79
N ASP C 572 7.33 56.27 7.60
CA ASP C 572 8.45 55.42 7.21
C ASP C 572 8.70 54.35 8.27
N VAL C 573 9.09 53.17 7.82
CA VAL C 573 9.33 52.07 8.73
C VAL C 573 10.84 51.89 8.89
N GLY C 574 11.23 51.13 9.91
CA GLY C 574 12.62 50.82 10.14
C GLY C 574 12.72 49.51 10.89
N VAL C 575 13.94 48.99 10.98
CA VAL C 575 14.17 47.70 11.63
C VAL C 575 15.49 47.76 12.38
N VAL C 576 15.53 47.06 13.52
CA VAL C 576 16.75 46.82 14.26
C VAL C 576 16.92 45.32 14.39
N CYS C 577 18.09 44.83 13.98
CA CYS C 577 18.39 43.40 13.93
C CYS C 577 19.55 43.06 14.88
N SER C 578 19.92 41.78 14.91
CA SER C 578 20.85 41.26 15.91
C SER C 578 22.33 41.50 15.62
N ARG C 579 22.75 41.54 14.35
CA ARG C 579 24.18 41.64 14.04
C ARG C 579 24.66 43.08 14.09
N TYR C 580 24.80 43.60 15.30
CA TYR C 580 25.14 45.00 15.52
C TYR C 580 26.61 45.24 15.86
N THR C 581 27.46 44.22 15.84
CA THR C 581 28.84 44.39 16.26
C THR C 581 29.71 44.88 15.10
N GLU C 582 30.62 45.81 15.40
CA GLU C 582 31.55 46.36 14.42
C GLU C 582 32.95 45.85 14.74
N ILE C 583 33.46 44.91 13.96
CA ILE C 583 34.79 44.34 14.17
C ILE C 583 35.62 44.54 12.91
N ARG C 584 36.90 44.89 13.11
CA ARG C 584 37.87 45.00 12.02
C ARG C 584 39.26 44.72 12.55
N LEU C 585 40.23 44.61 11.64
CA LEU C 585 41.63 44.40 11.98
C LEU C 585 42.46 45.54 11.44
N VAL C 586 43.52 45.91 12.16
CA VAL C 586 44.38 47.02 11.77
C VAL C 586 45.85 46.65 11.94
N ASN C 587 46.71 47.43 11.31
CA ASN C 587 48.17 47.32 11.42
C ASN C 587 48.73 46.03 10.85
N GLY C 588 47.96 45.35 9.99
CA GLY C 588 48.43 44.15 9.33
C GLY C 588 48.88 44.41 7.91
N LYS C 589 49.95 43.72 7.50
CA LYS C 589 50.49 43.87 6.16
C LYS C 589 49.42 43.58 5.11
N THR C 590 48.96 42.34 5.07
CA THR C 590 47.76 41.99 4.34
C THR C 590 46.54 42.33 5.18
N PRO C 591 45.42 42.72 4.55
CA PRO C 591 44.24 43.12 5.34
C PRO C 591 43.62 41.99 6.13
N CYS C 592 44.09 40.77 5.98
CA CYS C 592 43.58 39.60 6.69
C CYS C 592 44.47 39.23 7.86
N GLU C 593 44.90 40.24 8.61
CA GLU C 593 45.70 40.07 9.83
C GLU C 593 45.83 41.42 10.50
N GLY C 594 45.90 41.41 11.82
CA GLY C 594 46.10 42.65 12.56
C GLY C 594 45.38 42.62 13.89
N ARG C 595 45.49 43.75 14.59
CA ARG C 595 44.88 43.93 15.89
C ARG C 595 43.38 44.06 15.72
N VAL C 596 42.64 43.22 16.43
CA VAL C 596 41.17 43.20 16.43
C VAL C 596 40.62 44.42 17.17
N GLU C 597 39.99 45.32 16.42
CA GLU C 597 39.33 46.49 16.97
C GLU C 597 37.82 46.38 16.82
N LEU C 598 37.13 46.97 17.78
CA LEU C 598 35.68 46.91 17.92
C LEU C 598 35.18 48.32 18.23
N LYS C 599 34.03 48.67 17.65
CA LYS C 599 33.40 49.97 17.87
C LYS C 599 32.21 49.83 18.79
N THR C 600 32.18 50.65 19.85
CA THR C 600 31.10 50.64 20.81
C THR C 600 31.04 52.01 21.47
N LEU C 601 29.82 52.46 21.78
CA LEU C 601 29.59 53.72 22.47
C LEU C 601 30.28 54.89 21.76
N GLY C 602 30.30 54.83 20.43
CA GLY C 602 30.87 55.92 19.68
C GLY C 602 32.37 55.97 19.65
N ALA C 603 33.04 54.94 20.15
CA ALA C 603 34.49 54.92 20.21
C ALA C 603 35.02 53.58 19.70
N TRP C 604 36.16 53.63 19.04
CA TRP C 604 36.89 52.44 18.63
C TRP C 604 37.79 51.97 19.76
N GLY C 605 38.10 50.68 19.74
CA GLY C 605 39.00 50.16 20.75
C GLY C 605 39.56 48.82 20.34
N SER C 606 40.52 48.33 21.12
CA SER C 606 41.16 47.06 20.86
C SER C 606 40.63 46.00 21.82
N LEU C 607 40.26 44.84 21.28
CA LEU C 607 39.63 43.81 22.08
C LEU C 607 40.64 43.14 22.99
N CYS C 608 40.29 42.98 24.28
CA CYS C 608 41.17 42.29 25.21
C CYS C 608 41.22 40.79 24.89
N ASN C 609 42.42 40.21 25.05
CA ASN C 609 42.65 38.82 24.70
C ASN C 609 42.65 37.88 25.91
N SER C 610 42.30 38.37 27.10
CA SER C 610 42.29 37.53 28.29
C SER C 610 41.46 36.27 28.08
N HIS C 611 40.34 36.41 27.37
CA HIS C 611 39.47 35.29 27.00
C HIS C 611 39.18 35.43 25.51
N TRP C 612 40.10 34.92 24.70
CA TRP C 612 39.99 35.05 23.25
C TRP C 612 40.60 33.78 22.66
N ASP C 613 39.74 32.90 22.16
CA ASP C 613 40.12 31.56 21.73
C ASP C 613 40.23 31.51 20.21
N ILE C 614 40.66 30.34 19.71
CA ILE C 614 40.87 30.17 18.29
C ILE C 614 39.56 30.07 17.53
N GLU C 615 38.47 29.67 18.20
CA GLU C 615 37.18 29.61 17.51
C GLU C 615 36.66 31.00 17.20
N ASP C 616 36.86 31.95 18.12
CA ASP C 616 36.53 33.34 17.84
C ASP C 616 37.31 33.87 16.64
N ALA C 617 38.60 33.55 16.58
CA ALA C 617 39.39 33.94 15.41
C ALA C 617 38.86 33.27 14.14
N HIS C 618 38.42 32.02 14.25
CA HIS C 618 37.88 31.32 13.09
C HIS C 618 36.65 32.03 12.55
N VAL C 619 35.71 32.35 13.43
CA VAL C 619 34.48 33.02 12.98
C VAL C 619 34.79 34.42 12.47
N LEU C 620 35.76 35.10 13.09
CA LEU C 620 36.13 36.43 12.60
C LEU C 620 36.72 36.37 11.20
N CYS C 621 37.63 35.43 10.97
CA CYS C 621 38.19 35.26 9.62
C CYS C 621 37.10 34.91 8.62
N GLN C 622 36.17 34.03 9.01
CA GLN C 622 35.09 33.67 8.11
C GLN C 622 34.17 34.85 7.82
N GLN C 623 34.03 35.76 8.78
CA GLN C 623 33.15 36.92 8.61
C GLN C 623 33.67 37.85 7.52
N LEU C 624 34.99 37.99 7.43
CA LEU C 624 35.63 38.91 6.50
C LEU C 624 36.12 38.22 5.23
N LYS C 625 35.69 36.97 5.00
CA LYS C 625 36.05 36.18 3.84
C LYS C 625 37.54 35.85 3.77
N CYS C 626 38.27 36.02 4.88
CA CYS C 626 39.68 35.68 4.93
C CYS C 626 39.93 34.21 5.26
N GLY C 627 38.95 33.34 5.04
CA GLY C 627 39.19 31.92 5.22
C GLY C 627 39.13 31.51 6.69
N VAL C 628 39.84 30.43 7.01
CA VAL C 628 39.94 29.93 8.37
C VAL C 628 41.10 30.62 9.08
N ALA C 629 41.09 30.58 10.41
CA ALA C 629 42.09 31.22 11.23
C ALA C 629 43.31 30.31 11.41
N LEU C 630 44.46 30.94 11.68
CA LEU C 630 45.71 30.22 11.86
C LEU C 630 46.29 30.30 13.27
N SER C 631 46.36 31.49 13.86
CA SER C 631 46.98 31.64 15.17
C SER C 631 46.52 32.93 15.82
N THR C 632 46.84 33.05 17.12
CA THR C 632 46.49 34.23 17.91
C THR C 632 47.72 34.75 18.64
N PRO C 633 48.57 35.51 17.95
CA PRO C 633 49.79 36.02 18.59
C PRO C 633 49.48 36.77 19.88
N GLY C 634 50.27 36.49 20.92
CA GLY C 634 50.10 37.13 22.20
C GLY C 634 51.04 38.31 22.38
N GLY C 635 50.71 39.16 23.35
CA GLY C 635 51.51 40.35 23.59
C GLY C 635 51.20 41.46 22.61
N ALA C 636 51.98 42.54 22.74
CA ALA C 636 51.82 43.71 21.87
C ALA C 636 52.47 43.44 20.51
N ARG C 637 51.96 42.41 19.84
CA ARG C 637 52.49 42.03 18.53
C ARG C 637 52.26 43.13 17.50
N PHE C 638 51.09 43.75 17.51
CA PHE C 638 50.72 44.75 16.52
C PHE C 638 50.51 46.13 17.13
N GLY C 639 51.05 46.37 18.32
CA GLY C 639 50.93 47.66 18.95
C GLY C 639 49.73 47.76 19.86
N LYS C 640 49.91 48.39 21.02
CA LYS C 640 48.80 48.49 21.98
C LYS C 640 47.65 49.31 21.39
N GLY C 641 47.95 50.41 20.72
CA GLY C 641 46.94 51.27 20.15
C GLY C 641 46.53 52.38 21.11
N ASN C 642 46.02 53.47 20.52
CA ASN C 642 45.58 54.62 21.30
C ASN C 642 44.17 54.49 21.82
N GLY C 643 43.41 53.49 21.36
CA GLY C 643 42.03 53.34 21.75
C GLY C 643 41.85 52.73 23.13
N GLN C 644 40.59 52.64 23.53
CA GLN C 644 40.24 52.00 24.79
C GLN C 644 40.35 50.49 24.65
N ILE C 645 40.60 49.84 25.79
CA ILE C 645 40.65 48.37 25.83
C ILE C 645 39.24 47.88 26.12
N TRP C 646 38.57 47.39 25.09
CA TRP C 646 37.22 46.84 25.27
C TRP C 646 37.30 45.46 25.90
N ARG C 647 36.50 45.25 26.94
CA ARG C 647 36.54 44.04 27.75
C ARG C 647 35.45 43.04 27.35
N HIS C 648 35.08 43.01 26.08
CA HIS C 648 34.06 42.08 25.65
C HIS C 648 34.59 40.65 25.72
N MET C 649 33.68 39.72 25.97
CA MET C 649 34.00 38.30 26.04
C MET C 649 33.11 37.55 25.07
N PHE C 650 33.71 37.03 23.99
CA PHE C 650 33.00 36.27 22.98
C PHE C 650 33.05 34.79 23.30
N HIS C 651 31.96 34.08 22.99
CA HIS C 651 31.84 32.67 23.29
C HIS C 651 31.36 31.91 22.06
N CYS C 652 32.00 32.19 20.92
CA CYS C 652 31.63 31.52 19.68
C CYS C 652 31.89 30.02 19.77
N THR C 653 31.01 29.23 19.16
CA THR C 653 31.20 27.80 19.08
C THR C 653 32.12 27.40 17.93
N GLY C 654 32.41 28.31 17.01
CA GLY C 654 33.33 28.07 15.92
C GLY C 654 32.68 27.80 14.58
N THR C 655 31.37 27.55 14.56
CA THR C 655 30.66 27.22 13.34
C THR C 655 29.79 28.34 12.80
N GLU C 656 29.50 29.36 13.59
CA GLU C 656 28.70 30.48 13.12
C GLU C 656 29.50 31.33 12.14
N GLN C 657 28.78 32.15 11.37
CA GLN C 657 29.37 32.90 10.26
C GLN C 657 29.39 34.40 10.52
N HIS C 658 29.27 34.83 11.77
CA HIS C 658 29.31 36.24 12.11
C HIS C 658 29.56 36.38 13.60
N MET C 659 30.42 37.33 13.98
CA MET C 659 30.71 37.52 15.39
C MET C 659 29.47 37.94 16.17
N GLY C 660 28.56 38.66 15.52
CA GLY C 660 27.35 39.11 16.18
C GLY C 660 26.39 37.99 16.51
N ASP C 661 26.49 36.86 15.81
CA ASP C 661 25.68 35.69 16.11
C ASP C 661 26.19 34.93 17.33
N CYS C 662 27.37 35.25 17.82
CA CYS C 662 27.93 34.60 19.00
C CYS C 662 27.30 35.16 20.27
N PRO C 663 27.24 34.35 21.33
CA PRO C 663 26.97 34.92 22.65
C PRO C 663 28.10 35.86 23.08
N VAL C 664 27.72 36.99 23.67
CA VAL C 664 28.68 38.03 24.05
C VAL C 664 28.28 38.56 25.41
N THR C 665 29.30 38.82 26.23
CA THR C 665 29.09 39.36 27.57
C THR C 665 30.14 40.43 27.83
N ALA C 666 29.69 41.56 28.37
CA ALA C 666 30.58 42.63 28.77
C ALA C 666 30.29 43.17 30.16
N LEU C 667 29.18 42.80 30.78
CA LEU C 667 28.81 43.32 32.08
C LEU C 667 29.77 42.83 33.15
N GLY C 668 30.61 43.73 33.65
CA GLY C 668 31.48 43.43 34.76
C GLY C 668 32.77 42.71 34.42
N ALA C 669 33.18 42.68 33.16
CA ALA C 669 34.42 42.01 32.79
C ALA C 669 35.61 42.62 33.52
N SER C 670 36.54 41.77 33.92
CA SER C 670 37.65 42.19 34.77
C SER C 670 38.60 43.10 34.01
N LEU C 671 39.40 43.84 34.78
CA LEU C 671 40.36 44.76 34.19
C LEU C 671 41.37 44.02 33.34
N CYS C 672 41.66 44.57 32.16
CA CYS C 672 42.57 43.98 31.18
C CYS C 672 43.93 44.67 31.25
N PRO C 673 45.02 43.93 31.46
CA PRO C 673 46.35 44.55 31.50
C PRO C 673 46.66 45.32 30.21
N SER C 674 47.77 46.06 30.27
CA SER C 674 48.09 46.99 29.19
C SER C 674 48.40 46.25 27.89
N GLU C 675 49.27 45.25 27.96
CA GLU C 675 49.80 44.58 26.77
C GLU C 675 48.89 43.46 26.27
N GLN C 676 47.78 43.18 26.94
CA GLN C 676 46.90 42.08 26.57
C GLN C 676 45.90 42.59 25.53
N VAL C 677 46.40 42.74 24.32
CA VAL C 677 45.59 43.09 23.15
C VAL C 677 45.45 41.88 22.24
N ALA C 678 44.28 41.76 21.61
CA ALA C 678 44.00 40.60 20.79
C ALA C 678 44.55 40.78 19.38
N SER C 679 44.72 39.67 18.70
CA SER C 679 45.21 39.66 17.32
C SER C 679 44.72 38.40 16.64
N VAL C 680 44.77 38.41 15.31
CA VAL C 680 44.31 37.27 14.52
C VAL C 680 45.17 37.17 13.27
N ILE C 681 45.51 35.94 12.90
CA ILE C 681 46.20 35.64 11.64
C ILE C 681 45.27 34.75 10.83
N CYS C 682 44.86 35.24 9.66
CA CYS C 682 43.88 34.55 8.84
C CYS C 682 44.60 33.76 7.75
N SER C 683 44.04 32.61 7.40
CA SER C 683 44.66 31.78 6.38
C SER C 683 44.68 32.49 5.02
N GLY C 684 43.58 33.16 4.68
CA GLY C 684 43.49 33.85 3.41
C GLY C 684 43.05 32.99 2.26
N ASN C 685 42.82 31.70 2.50
CA ASN C 685 42.43 30.77 1.45
C ASN C 685 41.05 31.13 0.90
N GLN C 718 32.10 19.83 22.45
CA GLN C 718 30.83 19.75 21.74
C GLN C 718 29.66 19.83 22.70
N LEU C 719 29.80 20.66 23.73
CA LEU C 719 28.80 20.75 24.78
C LEU C 719 27.76 21.82 24.45
N ARG C 720 26.60 21.69 25.08
CA ARG C 720 25.59 22.75 25.03
C ARG C 720 24.66 22.61 26.22
N LEU C 721 24.30 23.73 26.81
CA LEU C 721 23.35 23.78 27.91
C LEU C 721 22.00 24.25 27.38
N VAL C 722 20.96 23.45 27.62
CA VAL C 722 19.66 23.72 27.03
C VAL C 722 18.60 23.83 28.11
N ASN C 723 17.57 24.63 27.83
CA ASN C 723 16.32 24.68 28.61
C ASN C 723 16.52 25.28 30.00
N GLY C 724 17.64 25.96 30.25
CA GLY C 724 17.87 26.50 31.58
C GLY C 724 17.76 28.02 31.65
N GLY C 725 17.70 28.66 30.49
CA GLY C 725 17.72 30.10 30.43
C GLY C 725 19.16 30.59 30.52
N GLY C 726 19.56 31.46 29.61
CA GLY C 726 20.96 31.84 29.54
C GLY C 726 21.80 30.76 28.89
N ARG C 727 23.11 31.02 28.85
CA ARG C 727 24.07 30.13 28.23
C ARG C 727 24.81 29.25 29.22
N CYS C 728 24.94 29.69 30.47
CA CYS C 728 25.75 28.99 31.47
C CYS C 728 24.90 28.31 32.53
N ALA C 729 23.78 27.72 32.10
CA ALA C 729 22.93 26.93 32.99
C ALA C 729 21.91 26.14 32.18
N GLY C 730 21.74 24.87 32.51
CA GLY C 730 20.73 24.06 31.90
C GLY C 730 21.18 22.62 31.79
N ARG C 731 20.39 21.84 31.07
CA ARG C 731 20.69 20.45 30.80
C ARG C 731 21.92 20.33 29.91
N VAL C 732 22.83 19.44 30.28
CA VAL C 732 24.07 19.22 29.54
C VAL C 732 23.79 18.29 28.38
N GLU C 733 24.27 18.65 27.19
CA GLU C 733 24.14 17.80 26.03
C GLU C 733 25.46 17.78 25.27
N ILE C 734 25.78 16.63 24.69
CA ILE C 734 27.03 16.41 23.99
C ILE C 734 26.73 15.86 22.61
N TYR C 735 27.49 16.32 21.62
CA TYR C 735 27.30 15.93 20.23
C TYR C 735 28.30 14.84 19.87
N HIS C 736 27.79 13.72 19.35
CA HIS C 736 28.64 12.58 19.01
C HIS C 736 27.89 11.69 18.04
N GLU C 737 28.64 10.93 17.25
CA GLU C 737 28.08 10.10 16.18
C GLU C 737 27.06 10.87 15.33
N GLY C 738 27.27 12.17 15.17
CA GLY C 738 26.42 12.96 14.32
C GLY C 738 25.08 13.34 14.91
N SER C 739 24.90 13.18 16.23
CA SER C 739 23.64 13.54 16.86
C SER C 739 23.90 14.01 18.29
N TRP C 740 22.95 14.79 18.81
CA TRP C 740 23.04 15.30 20.16
C TRP C 740 22.43 14.30 21.14
N GLY C 741 23.04 14.20 22.32
CA GLY C 741 22.55 13.30 23.35
C GLY C 741 22.82 13.86 24.72
N THR C 742 22.26 13.17 25.72
CA THR C 742 22.29 13.64 27.10
C THR C 742 23.32 12.86 27.90
N ILE C 743 23.42 13.19 29.19
CA ILE C 743 24.32 12.55 30.13
C ILE C 743 23.51 12.13 31.34
N CYS C 744 23.75 10.94 31.84
CA CYS C 744 22.96 10.39 32.93
C CYS C 744 23.36 10.99 34.27
N ASP C 745 22.50 10.81 35.26
CA ASP C 745 22.69 11.42 36.57
C ASP C 745 23.72 10.63 37.36
N ASP C 746 23.78 9.31 37.18
CA ASP C 746 24.62 8.44 37.99
C ASP C 746 26.01 9.03 38.16
N SER C 747 26.42 9.22 39.42
CA SER C 747 27.74 9.72 39.80
C SER C 747 27.96 11.19 39.42
N TRP C 748 26.94 11.88 38.93
CA TRP C 748 27.05 13.29 38.57
C TRP C 748 27.21 14.11 39.84
N ASP C 749 28.38 14.72 40.02
CA ASP C 749 28.69 15.49 41.21
C ASP C 749 29.25 16.84 40.76
N LEU C 750 29.63 17.66 41.75
CA LEU C 750 30.09 19.01 41.44
C LEU C 750 31.37 18.99 40.58
N SER C 751 32.20 17.97 40.73
CA SER C 751 33.45 17.92 39.97
C SER C 751 33.20 17.92 38.47
N ASP C 752 32.20 17.16 38.02
CA ASP C 752 31.88 17.19 36.61
C ASP C 752 31.23 18.51 36.22
N ALA C 753 30.51 19.16 37.14
CA ALA C 753 30.00 20.48 36.83
C ALA C 753 31.15 21.45 36.56
N HIS C 754 32.20 21.39 37.39
CA HIS C 754 33.37 22.23 37.16
C HIS C 754 33.98 21.92 35.80
N VAL C 755 34.09 20.65 35.44
CA VAL C 755 34.69 20.30 34.15
C VAL C 755 33.87 20.88 33.00
N VAL C 756 32.55 20.64 33.01
CA VAL C 756 31.72 21.07 31.89
C VAL C 756 31.71 22.59 31.78
N CYS C 757 31.67 23.31 32.91
CA CYS C 757 31.63 24.76 32.84
C CYS C 757 33.00 25.39 32.64
N ARG C 758 34.08 24.63 32.87
CA ARG C 758 35.41 25.08 32.49
C ARG C 758 35.60 24.93 30.99
N GLN C 759 35.01 23.89 30.40
CA GLN C 759 35.04 23.73 28.95
C GLN C 759 34.32 24.89 28.25
N LEU C 760 33.18 25.31 28.79
CA LEU C 760 32.35 26.34 28.17
C LEU C 760 32.78 27.75 28.52
N GLY C 761 33.78 27.92 29.39
CA GLY C 761 34.18 29.26 29.78
C GLY C 761 33.24 29.95 30.71
N CYS C 762 32.42 29.19 31.45
CA CYS C 762 31.43 29.74 32.35
C CYS C 762 31.95 29.88 33.78
N GLY C 763 33.23 29.61 34.00
CA GLY C 763 33.80 29.76 35.32
C GLY C 763 33.44 28.61 36.24
N GLU C 764 33.67 28.83 37.53
CA GLU C 764 33.40 27.80 38.52
C GLU C 764 31.91 27.48 38.59
N ALA C 765 31.61 26.22 38.84
CA ALA C 765 30.24 25.75 38.96
C ALA C 765 29.69 26.08 40.34
N ILE C 766 28.35 26.05 40.46
CA ILE C 766 27.68 26.28 41.73
C ILE C 766 26.80 25.10 42.09
N ASN C 767 26.01 24.59 41.14
CA ASN C 767 25.16 23.42 41.36
C ASN C 767 25.28 22.46 40.19
N ALA C 768 25.21 21.17 40.49
CA ALA C 768 25.08 20.12 39.49
C ALA C 768 23.79 19.37 39.77
N THR C 769 22.86 19.42 38.82
CA THR C 769 21.50 18.94 39.02
C THR C 769 21.26 17.67 38.22
N GLY C 770 20.37 16.83 38.75
CA GLY C 770 19.94 15.63 38.06
C GLY C 770 18.44 15.50 38.07
N SER C 771 17.94 14.29 37.78
CA SER C 771 16.50 13.99 37.81
C SER C 771 15.74 14.91 36.86
N ALA C 772 16.37 15.23 35.74
CA ALA C 772 15.79 16.06 34.68
C ALA C 772 15.24 17.37 35.23
N HIS C 773 16.07 18.08 36.00
CA HIS C 773 15.66 19.34 36.60
C HIS C 773 15.24 20.36 35.55
N PHE C 774 15.81 20.27 34.35
CA PHE C 774 15.53 21.20 33.26
C PHE C 774 14.63 20.59 32.19
N GLY C 775 14.08 19.42 32.44
CA GLY C 775 13.18 18.77 31.52
C GLY C 775 13.82 17.58 30.83
N GLU C 776 13.00 16.58 30.55
CA GLU C 776 13.49 15.37 29.89
C GLU C 776 13.98 15.69 28.49
N GLY C 777 15.07 15.04 28.09
CA GLY C 777 15.58 15.17 26.75
C GLY C 777 14.98 14.15 25.80
N THR C 778 15.42 14.23 24.55
CA THR C 778 14.98 13.32 23.51
C THR C 778 16.17 12.82 22.72
N GLY C 779 16.01 11.65 22.09
CA GLY C 779 17.06 11.07 21.31
C GLY C 779 17.93 10.14 22.13
N PRO C 780 19.18 9.97 21.72
CA PRO C 780 20.07 9.02 22.38
C PRO C 780 20.71 9.59 23.64
N ILE C 781 21.12 8.69 24.51
CA ILE C 781 21.86 9.03 25.73
C ILE C 781 23.21 8.34 25.65
N TRP C 782 24.28 9.12 25.70
CA TRP C 782 25.61 8.66 25.33
C TRP C 782 26.43 8.19 26.53
N LEU C 783 26.64 9.06 27.51
CA LEU C 783 27.54 8.79 28.61
C LEU C 783 26.75 8.52 29.88
N ASP C 784 27.32 7.69 30.76
CA ASP C 784 26.59 7.18 31.92
C ASP C 784 27.16 7.66 33.25
N GLU C 785 28.44 7.39 33.53
CA GLU C 785 29.04 7.71 34.81
C GLU C 785 30.30 8.53 34.63
N MET C 786 30.48 9.52 35.51
CA MET C 786 31.59 10.46 35.44
C MET C 786 32.40 10.44 36.72
N LYS C 787 33.72 10.28 36.58
CA LYS C 787 34.64 10.26 37.69
C LYS C 787 35.75 11.28 37.45
N CYS C 788 35.35 12.48 37.03
CA CYS C 788 36.31 13.55 36.78
C CYS C 788 36.99 13.96 38.06
N ASN C 789 38.22 14.44 37.94
CA ASN C 789 38.91 14.98 39.10
C ASN C 789 38.55 16.43 39.38
N GLY C 790 37.85 17.10 38.47
CA GLY C 790 37.53 18.50 38.61
C GLY C 790 38.56 19.43 38.02
N LYS C 791 39.69 18.90 37.57
CA LYS C 791 40.76 19.68 36.96
C LYS C 791 40.91 19.40 35.47
N GLU C 792 40.11 18.48 34.92
CA GLU C 792 40.18 18.17 33.51
C GLU C 792 39.77 19.38 32.67
N SER C 793 40.41 19.52 31.51
CA SER C 793 40.08 20.61 30.61
C SER C 793 38.92 20.31 29.68
N ARG C 794 38.47 19.06 29.62
CA ARG C 794 37.35 18.72 28.75
C ARG C 794 36.65 17.48 29.30
N ILE C 795 35.38 17.33 28.96
CA ILE C 795 34.58 16.25 29.55
C ILE C 795 34.95 14.90 28.93
N TRP C 796 35.42 14.90 27.68
CA TRP C 796 35.67 13.64 26.98
C TRP C 796 36.84 12.86 27.56
N GLN C 797 37.63 13.46 28.44
CA GLN C 797 38.81 12.81 29.02
C GLN C 797 38.60 12.44 30.49
N CYS C 798 37.36 12.25 30.90
CA CYS C 798 37.04 11.66 32.20
C CYS C 798 36.74 10.18 32.04
N HIS C 799 37.09 9.42 33.07
CA HIS C 799 36.80 7.99 33.08
C HIS C 799 35.29 7.78 33.03
N SER C 800 34.86 6.86 32.17
CA SER C 800 33.44 6.58 32.00
C SER C 800 33.29 5.23 31.33
N HIS C 801 32.04 4.79 31.21
CA HIS C 801 31.73 3.51 30.58
C HIS C 801 31.86 3.56 29.06
N GLY C 802 32.00 4.75 28.49
CA GLY C 802 32.22 4.88 27.06
C GLY C 802 30.93 5.21 26.31
N TRP C 803 31.11 5.74 25.11
CA TRP C 803 29.99 6.22 24.31
C TRP C 803 29.05 5.08 23.98
N GLY C 804 27.76 5.28 24.25
CA GLY C 804 26.74 4.29 23.98
C GLY C 804 26.42 3.37 25.13
N GLN C 805 27.31 3.27 26.12
CA GLN C 805 27.13 2.37 27.26
C GLN C 805 26.35 3.10 28.34
N GLN C 806 25.11 2.68 28.57
CA GLN C 806 24.23 3.38 29.50
C GLN C 806 23.18 2.40 30.02
N ASN C 807 22.55 2.78 31.13
CA ASN C 807 21.46 2.02 31.71
C ASN C 807 20.32 2.93 32.17
N CYS C 808 20.30 4.18 31.74
CA CYS C 808 19.43 5.20 32.30
C CYS C 808 18.23 5.46 31.38
N ARG C 809 17.39 6.39 31.80
CA ARG C 809 16.24 6.85 31.03
C ARG C 809 16.19 8.37 31.06
N HIS C 810 15.42 8.94 30.14
CA HIS C 810 15.43 10.38 29.94
C HIS C 810 14.98 11.15 31.18
N LYS C 811 14.32 10.48 32.12
CA LYS C 811 13.98 11.07 33.41
C LYS C 811 15.16 11.11 34.37
N GLU C 812 16.38 10.88 33.87
CA GLU C 812 17.57 10.88 34.71
C GLU C 812 18.70 11.68 34.06
N ASP C 813 18.35 12.76 33.36
CA ASP C 813 19.34 13.57 32.67
C ASP C 813 20.09 14.48 33.66
N ALA C 814 21.20 15.05 33.19
CA ALA C 814 22.05 15.88 34.02
C ALA C 814 22.03 17.33 33.52
N GLY C 815 22.35 18.24 34.43
CA GLY C 815 22.42 19.66 34.12
C GLY C 815 23.32 20.35 35.11
N VAL C 816 23.59 21.64 34.84
CA VAL C 816 24.48 22.43 35.68
C VAL C 816 23.98 23.86 35.80
N ILE C 817 24.41 24.52 36.88
CA ILE C 817 24.26 25.96 37.06
C ILE C 817 25.60 26.49 37.55
N CYS C 818 26.12 27.51 36.88
CA CYS C 818 27.48 27.98 37.10
C CYS C 818 27.53 29.48 37.34
N SER C 819 28.71 29.94 37.74
CA SER C 819 28.87 31.30 38.24
C SER C 819 28.58 32.34 37.17
N GLU C 820 29.08 32.13 35.94
CA GLU C 820 28.89 33.12 34.89
C GLU C 820 27.44 33.25 34.46
N PHE C 821 26.57 32.34 34.86
CA PHE C 821 25.15 32.48 34.62
C PHE C 821 24.62 33.74 35.29
N MET C 822 23.88 34.55 34.54
CA MET C 822 23.34 35.82 35.01
C MET C 822 21.84 35.84 34.77
N SER C 823 21.14 36.57 35.61
CA SER C 823 19.71 36.78 35.42
C SER C 823 19.33 38.15 35.95
N LEU C 824 18.16 38.63 35.55
CA LEU C 824 17.73 39.97 35.89
C LEU C 824 16.36 39.89 36.55
N ARG C 825 16.07 40.85 37.42
CA ARG C 825 14.79 40.82 38.12
C ARG C 825 14.46 42.21 38.62
N LEU C 826 13.18 42.57 38.57
CA LEU C 826 12.63 43.76 39.23
C LEU C 826 11.72 43.35 40.37
N THR C 827 12.07 43.78 41.59
CA THR C 827 11.39 43.31 42.79
C THR C 827 10.87 44.49 43.61
N SER C 828 9.78 44.22 44.33
CA SER C 828 9.16 45.22 45.18
C SER C 828 8.57 44.52 46.39
N GLU C 829 8.29 45.30 47.44
CA GLU C 829 7.80 44.71 48.68
C GLU C 829 6.53 43.89 48.44
N ALA C 830 5.69 44.30 47.49
CA ALA C 830 4.40 43.67 47.27
C ALA C 830 4.39 42.69 46.10
N SER C 831 5.55 42.33 45.56
CA SER C 831 5.59 41.39 44.44
C SER C 831 6.99 40.81 44.32
N ARG C 832 7.06 39.48 44.20
CA ARG C 832 8.36 38.83 44.00
C ARG C 832 8.99 39.25 42.67
N GLU C 833 8.20 39.30 41.60
CA GLU C 833 8.69 39.69 40.29
C GLU C 833 7.67 40.61 39.62
N ALA C 834 8.10 41.84 39.31
CA ALA C 834 7.27 42.81 38.60
C ALA C 834 8.20 43.64 37.73
N CYS C 835 7.68 44.75 37.21
CA CYS C 835 8.49 45.73 36.48
C CYS C 835 8.17 47.15 36.91
N ALA C 836 8.13 47.34 38.23
CA ALA C 836 8.25 48.66 38.84
C ALA C 836 8.88 48.42 40.21
N GLY C 837 10.20 48.59 40.30
CA GLY C 837 10.86 48.35 41.57
C GLY C 837 12.37 48.31 41.43
N ARG C 838 13.00 47.68 42.42
CA ARG C 838 14.45 47.57 42.46
C ARG C 838 14.93 46.62 41.39
N LEU C 839 16.07 46.95 40.78
CA LEU C 839 16.69 46.14 39.75
C LEU C 839 17.81 45.34 40.39
N GLU C 840 17.77 44.02 40.25
CA GLU C 840 18.81 43.18 40.82
C GLU C 840 19.22 42.09 39.84
N VAL C 841 20.48 41.69 39.97
CA VAL C 841 21.13 40.77 39.05
C VAL C 841 21.54 39.52 39.83
N PHE C 842 21.29 38.36 39.23
CA PHE C 842 21.72 37.08 39.78
C PHE C 842 23.02 36.70 39.08
N TYR C 843 24.12 36.80 39.82
CA TYR C 843 25.45 36.45 39.35
C TYR C 843 26.17 35.68 40.44
N ASN C 844 27.00 34.73 40.03
CA ASN C 844 27.83 33.94 40.96
C ASN C 844 26.98 33.24 42.02
N GLY C 845 25.74 32.89 41.67
CA GLY C 845 24.87 32.21 42.58
C GLY C 845 24.17 33.09 43.60
N ALA C 846 24.27 34.41 43.47
CA ALA C 846 23.67 35.31 44.45
C ALA C 846 23.08 36.52 43.74
N TRP C 847 22.08 37.12 44.39
CA TRP C 847 21.44 38.32 43.91
C TRP C 847 22.15 39.57 44.43
N GLY C 848 22.03 40.66 43.68
CA GLY C 848 22.60 41.92 44.10
C GLY C 848 22.15 43.10 43.29
N THR C 849 22.06 44.28 43.91
CA THR C 849 21.47 45.44 43.23
C THR C 849 22.49 46.06 42.28
N VAL C 850 21.96 46.78 41.29
CA VAL C 850 22.77 47.51 40.32
C VAL C 850 22.96 48.94 40.80
N GLY C 851 24.05 49.57 40.38
CA GLY C 851 24.35 50.91 40.82
C GLY C 851 23.63 51.97 40.02
N LYS C 852 23.47 53.14 40.65
CA LYS C 852 22.80 54.27 40.04
C LYS C 852 23.73 55.18 39.26
N SER C 853 25.04 55.16 39.55
CA SER C 853 25.98 56.07 38.91
C SER C 853 25.98 55.90 37.39
N SER C 854 25.91 57.02 36.68
CA SER C 854 26.04 57.06 35.22
C SER C 854 25.04 56.11 34.54
N MET C 855 23.78 56.22 34.95
CA MET C 855 22.71 55.43 34.36
C MET C 855 22.14 56.19 33.17
N SER C 856 22.42 55.69 31.97
CA SER C 856 21.96 56.36 30.75
C SER C 856 20.47 56.13 30.54
N GLU C 857 19.91 56.87 29.59
CA GLU C 857 18.50 56.72 29.24
C GLU C 857 18.23 55.53 28.34
N THR C 858 19.27 54.91 27.78
CA THR C 858 19.11 53.70 26.99
C THR C 858 19.21 52.43 27.84
N THR C 859 19.98 52.48 28.93
CA THR C 859 20.11 51.31 29.80
C THR C 859 18.77 50.93 30.43
N VAL C 860 18.03 51.94 30.93
CA VAL C 860 16.72 51.66 31.49
C VAL C 860 15.80 51.05 30.44
N GLY C 861 15.88 51.55 29.20
CA GLY C 861 15.11 50.97 28.12
C GLY C 861 15.45 49.51 27.88
N VAL C 862 16.73 49.18 27.92
CA VAL C 862 17.15 47.79 27.72
C VAL C 862 16.65 46.91 28.85
N VAL C 863 16.71 47.41 30.09
CA VAL C 863 16.19 46.66 31.22
C VAL C 863 14.70 46.34 31.02
N CYS C 864 13.91 47.39 30.72
CA CYS C 864 12.48 47.19 30.56
C CYS C 864 12.17 46.25 29.40
N ARG C 865 12.88 46.43 28.29
CA ARG C 865 12.66 45.59 27.13
C ARG C 865 13.02 44.14 27.40
N GLN C 866 14.13 43.90 28.08
CA GLN C 866 14.55 42.54 28.39
C GLN C 866 13.53 41.84 29.29
N LEU C 867 13.05 42.56 30.32
CA LEU C 867 12.08 41.93 31.22
C LEU C 867 10.73 41.72 30.54
N GLY C 868 10.45 42.42 29.45
CA GLY C 868 9.27 42.19 28.66
C GLY C 868 8.05 43.01 28.99
N CYS C 869 8.22 44.19 29.58
CA CYS C 869 7.08 45.05 29.91
C CYS C 869 6.90 46.19 28.91
N ALA C 870 7.94 47.00 28.70
CA ALA C 870 7.81 48.16 27.83
C ALA C 870 9.15 48.45 27.19
N ASP C 871 9.12 49.30 26.16
CA ASP C 871 10.33 49.69 25.45
C ASP C 871 11.11 50.79 26.14
N LYS C 872 10.52 51.47 27.12
CA LYS C 872 11.18 52.54 27.85
C LYS C 872 10.82 52.47 29.32
N GLY C 873 11.47 53.31 30.11
CA GLY C 873 11.23 53.40 31.53
C GLY C 873 11.94 54.60 32.10
N LYS C 874 11.71 54.85 33.38
CA LYS C 874 12.30 56.00 34.04
C LYS C 874 12.82 55.60 35.42
N ILE C 875 13.92 56.23 35.81
CA ILE C 875 14.42 56.15 37.17
C ILE C 875 13.54 56.98 38.10
N ASN C 876 13.52 56.59 39.39
CA ASN C 876 12.74 57.29 40.41
C ASN C 876 13.18 56.84 41.80
N PRO C 877 13.16 57.74 42.79
CA PRO C 877 13.33 57.31 44.18
C PRO C 877 12.22 56.36 44.61
N ALA C 878 12.38 55.81 45.81
CA ALA C 878 11.38 54.88 46.34
C ALA C 878 11.48 54.86 47.87
N SER C 879 10.72 53.95 48.48
CA SER C 879 10.70 53.79 49.92
C SER C 879 12.03 53.25 50.44
N LEU C 880 12.29 53.48 51.72
CA LEU C 880 13.51 53.04 52.37
C LEU C 880 13.41 51.60 52.86
N ASP C 881 12.30 50.92 52.59
CA ASP C 881 12.04 49.58 53.13
C ASP C 881 12.83 48.56 52.32
N LYS C 882 14.10 48.39 52.70
CA LYS C 882 14.91 47.30 52.16
C LYS C 882 14.23 45.96 52.40
N ALA C 883 14.18 45.13 51.35
CA ALA C 883 13.57 43.81 51.51
C ALA C 883 14.52 42.84 52.19
N MET C 884 15.66 42.55 51.56
CA MET C 884 16.68 41.69 52.15
C MET C 884 17.98 42.42 52.42
N SER C 885 18.05 43.72 52.11
CA SER C 885 19.27 44.51 52.27
C SER C 885 20.44 43.83 51.55
N ILE C 886 20.19 43.46 50.30
CA ILE C 886 21.17 42.75 49.47
C ILE C 886 22.32 43.68 49.13
N PRO C 887 23.50 43.17 48.79
CA PRO C 887 24.61 44.02 48.40
C PRO C 887 24.47 44.41 46.92
N MET C 888 25.45 45.17 46.43
CA MET C 888 25.46 45.68 45.07
C MET C 888 26.50 44.92 44.27
N TRP C 889 26.16 44.59 43.02
CA TRP C 889 27.09 43.82 42.20
C TRP C 889 27.83 44.74 41.24
N VAL C 890 27.13 45.16 40.19
CA VAL C 890 27.69 46.02 39.15
C VAL C 890 27.29 47.45 39.48
N ASP C 891 28.05 48.43 38.97
CA ASP C 891 27.63 49.80 39.24
C ASP C 891 27.44 50.67 38.00
N ASN C 892 28.51 50.92 37.23
CA ASN C 892 28.43 51.90 36.14
C ASN C 892 28.08 51.23 34.81
N VAL C 893 26.78 51.07 34.53
CA VAL C 893 26.38 50.39 33.31
C VAL C 893 26.16 51.44 32.21
N GLN C 894 26.63 51.14 31.00
CA GLN C 894 26.52 52.06 29.86
C GLN C 894 26.04 51.28 28.63
N CYS C 895 24.74 51.05 28.52
CA CYS C 895 24.23 50.22 27.43
C CYS C 895 24.28 50.97 26.11
N PRO C 896 24.75 50.35 25.04
CA PRO C 896 24.65 50.97 23.70
C PRO C 896 23.33 50.67 23.01
N LYS C 897 23.19 51.15 21.78
CA LYS C 897 22.01 50.85 20.98
C LYS C 897 22.28 49.56 20.21
N GLY C 898 21.28 48.70 20.15
CA GLY C 898 21.39 47.46 19.42
C GLY C 898 21.23 46.19 20.24
N PRO C 899 21.83 46.10 21.43
CA PRO C 899 21.68 44.88 22.23
C PRO C 899 20.34 44.82 22.93
N ASP C 900 19.84 43.59 23.11
CA ASP C 900 18.56 43.36 23.75
C ASP C 900 18.69 42.77 25.15
N THR C 901 19.91 42.65 25.65
CA THR C 901 20.15 42.11 26.99
C THR C 901 21.15 42.99 27.70
N LEU C 902 20.97 43.12 29.02
CA LEU C 902 21.86 43.95 29.82
C LEU C 902 23.25 43.35 29.92
N TRP C 903 23.39 42.06 29.61
CA TRP C 903 24.66 41.37 29.73
C TRP C 903 25.69 41.85 28.72
N GLN C 904 25.27 42.54 27.66
CA GLN C 904 26.16 42.98 26.59
C GLN C 904 26.56 44.43 26.73
N CYS C 905 26.32 45.05 27.89
CA CYS C 905 26.61 46.45 28.11
C CYS C 905 27.89 46.62 28.90
N PRO C 906 28.84 47.42 28.43
CA PRO C 906 30.07 47.64 29.21
C PRO C 906 29.76 48.21 30.59
N SER C 907 30.53 47.76 31.58
CA SER C 907 30.36 48.21 32.95
C SER C 907 31.64 47.96 33.73
N SER C 908 31.71 48.57 34.91
CA SER C 908 32.82 48.32 35.80
C SER C 908 32.79 46.87 36.30
N PRO C 909 33.95 46.30 36.65
CA PRO C 909 33.97 44.89 37.04
C PRO C 909 33.16 44.63 38.30
N TRP C 910 32.75 43.37 38.45
CA TRP C 910 31.84 42.99 39.53
C TRP C 910 32.54 43.15 40.88
N GLU C 911 31.90 43.84 41.81
CA GLU C 911 32.42 44.00 43.16
C GLU C 911 31.29 43.78 44.14
N LYS C 912 31.42 42.75 44.98
CA LYS C 912 30.39 42.44 45.97
C LYS C 912 30.66 43.32 47.19
N ARG C 913 29.87 44.37 47.34
CA ARG C 913 30.07 45.35 48.40
C ARG C 913 28.73 45.81 48.94
N LEU C 914 28.75 46.31 50.17
CA LEU C 914 27.58 46.93 50.75
C LEU C 914 27.44 48.35 50.24
N ALA C 915 26.19 48.80 50.12
CA ALA C 915 25.92 50.15 49.61
C ALA C 915 24.70 50.71 50.30
N SER C 916 24.67 52.03 50.44
CA SER C 916 23.50 52.69 51.00
C SER C 916 22.35 52.65 50.01
N PRO C 917 21.11 52.75 50.50
CA PRO C 917 19.95 52.69 49.59
C PRO C 917 19.98 53.74 48.50
N SER C 918 20.57 54.92 48.78
CA SER C 918 20.59 56.00 47.81
C SER C 918 21.29 55.62 46.52
N GLU C 919 22.18 54.63 46.56
CA GLU C 919 22.96 54.22 45.41
C GLU C 919 22.28 53.10 44.63
N GLU C 920 21.08 52.70 45.03
CA GLU C 920 20.35 51.65 44.33
C GLU C 920 19.51 52.24 43.21
N THR C 921 19.20 51.40 42.22
CA THR C 921 18.36 51.80 41.08
C THR C 921 16.93 51.30 41.25
N TRP C 922 15.99 52.22 41.34
CA TRP C 922 14.58 51.88 41.30
C TRP C 922 14.01 52.36 39.97
N ILE C 923 13.52 51.42 39.16
CA ILE C 923 13.09 51.72 37.80
C ILE C 923 11.60 51.42 37.68
N THR C 924 10.88 52.30 37.00
CA THR C 924 9.47 52.09 36.68
C THR C 924 9.31 52.12 35.17
N CYS C 925 8.79 51.04 34.62
CA CYS C 925 8.64 50.89 33.18
C CYS C 925 7.34 51.50 32.72
N ASP C 926 7.33 51.97 31.48
CA ASP C 926 6.16 52.62 30.90
C ASP C 926 5.02 51.62 30.70
N ASN C 927 3.84 52.16 30.44
CA ASN C 927 2.68 51.31 30.22
C ASN C 927 2.87 50.45 28.98
N LYS C 928 2.46 49.18 29.08
CA LYS C 928 2.59 48.29 27.94
C LYS C 928 1.64 48.66 26.80
N ILE C 929 0.46 49.19 27.12
CA ILE C 929 -0.53 49.52 26.10
C ILE C 929 -0.70 51.03 26.05
N ARG C 930 -0.89 51.54 24.83
CA ARG C 930 -1.14 52.94 24.59
C ARG C 930 -2.32 53.10 23.64
N LEU C 931 -2.86 54.31 23.60
CA LEU C 931 -3.95 54.67 22.70
C LEU C 931 -3.44 55.71 21.71
N GLN C 932 -3.79 55.52 20.45
CA GLN C 932 -3.26 56.35 19.37
C GLN C 932 -4.41 56.77 18.44
N GLU C 933 -4.18 57.87 17.71
CA GLU C 933 -5.11 58.37 16.70
C GLU C 933 -6.37 58.98 17.30
N GLY C 934 -6.36 59.29 18.60
CA GLY C 934 -7.48 59.96 19.21
C GLY C 934 -7.18 61.39 19.59
N PRO C 935 -8.20 62.25 19.53
CA PRO C 935 -7.99 63.67 19.88
C PRO C 935 -7.61 63.91 21.33
N THR C 936 -7.88 62.96 22.23
CA THR C 936 -7.62 63.15 23.64
C THR C 936 -6.64 62.11 24.14
N SER C 937 -6.24 62.26 25.40
CA SER C 937 -5.28 61.33 26.00
C SER C 937 -5.89 59.95 26.24
N CYS C 938 -7.20 59.88 26.49
CA CYS C 938 -7.82 58.62 26.85
C CYS C 938 -8.87 58.20 25.83
N SER C 939 -8.54 58.28 24.55
CA SER C 939 -9.41 57.78 23.49
C SER C 939 -8.57 57.46 22.27
N GLY C 940 -8.91 56.39 21.57
CA GLY C 940 -8.29 56.03 20.32
C GLY C 940 -8.11 54.52 20.21
N ARG C 941 -7.31 54.13 19.22
CA ARG C 941 -7.00 52.73 18.97
C ARG C 941 -6.01 52.19 20.00
N VAL C 942 -6.20 50.93 20.39
CA VAL C 942 -5.41 50.29 21.42
C VAL C 942 -4.22 49.57 20.78
N GLU C 943 -3.01 49.94 21.18
CA GLU C 943 -1.78 49.28 20.76
C GLU C 943 -1.09 48.72 21.99
N ILE C 944 -0.36 47.62 21.79
CA ILE C 944 0.25 46.87 22.88
C ILE C 944 1.67 46.50 22.49
N TRP C 945 2.61 46.66 23.42
CA TRP C 945 4.00 46.35 23.15
C TRP C 945 4.31 44.93 23.59
N HIS C 946 5.03 44.20 22.75
CA HIS C 946 5.48 42.86 23.09
C HIS C 946 6.46 42.39 22.03
N GLY C 947 7.29 41.42 22.41
CA GLY C 947 8.21 40.80 21.48
C GLY C 947 9.16 41.76 20.84
N GLY C 948 9.38 42.92 21.45
CA GLY C 948 10.27 43.92 20.90
C GLY C 948 9.64 44.91 19.98
N SER C 949 8.32 44.90 19.82
CA SER C 949 7.68 45.82 18.88
C SER C 949 6.27 46.15 19.34
N TRP C 950 5.76 47.25 18.79
CA TRP C 950 4.37 47.65 19.03
C TRP C 950 3.45 46.93 18.06
N GLY C 951 2.29 46.53 18.55
CA GLY C 951 1.29 45.85 17.75
C GLY C 951 -0.11 46.27 18.14
N THR C 952 -1.12 45.57 17.63
CA THR C 952 -2.50 45.98 17.80
C THR C 952 -3.30 44.88 18.50
N VAL C 953 -4.57 45.16 18.75
CA VAL C 953 -5.49 44.25 19.43
C VAL C 953 -6.69 44.01 18.52
N CYS C 954 -6.99 42.74 18.26
CA CYS C 954 -8.11 42.40 17.40
C CYS C 954 -9.43 42.68 18.12
N ASP C 955 -10.51 42.77 17.35
CA ASP C 955 -11.79 43.21 17.86
C ASP C 955 -12.74 42.08 18.24
N ASP C 956 -12.32 40.83 18.12
CA ASP C 956 -13.19 39.73 18.51
C ASP C 956 -13.39 39.74 20.03
N SER C 957 -14.65 39.70 20.45
CA SER C 957 -15.02 39.72 21.86
C SER C 957 -14.54 41.00 22.56
N TRP C 958 -14.41 42.09 21.80
CA TRP C 958 -14.07 43.38 22.36
C TRP C 958 -15.35 44.13 22.73
N ASP C 959 -15.45 44.56 23.98
CA ASP C 959 -16.68 45.16 24.48
C ASP C 959 -16.34 46.20 25.54
N LEU C 960 -17.37 46.65 26.27
CA LEU C 960 -17.17 47.68 27.29
C LEU C 960 -16.38 47.17 28.48
N ASP C 961 -16.61 45.92 28.88
CA ASP C 961 -15.93 45.39 30.06
C ASP C 961 -14.42 45.39 29.86
N ASP C 962 -13.96 45.24 28.61
CA ASP C 962 -12.54 45.30 28.32
C ASP C 962 -12.02 46.73 28.34
N ALA C 963 -12.81 47.66 27.80
CA ALA C 963 -12.42 49.07 27.85
C ALA C 963 -12.34 49.57 29.28
N GLN C 964 -13.12 48.99 30.19
CA GLN C 964 -13.05 49.41 31.59
C GLN C 964 -11.66 49.16 32.17
N VAL C 965 -11.10 47.96 31.96
CA VAL C 965 -9.75 47.70 32.46
C VAL C 965 -8.72 48.50 31.66
N VAL C 966 -8.93 48.63 30.34
CA VAL C 966 -7.98 49.39 29.53
C VAL C 966 -7.82 50.80 30.07
N CYS C 967 -8.93 51.49 30.34
CA CYS C 967 -8.86 52.85 30.85
C CYS C 967 -8.66 52.89 32.36
N GLN C 968 -8.80 51.76 33.05
CA GLN C 968 -8.34 51.67 34.43
C GLN C 968 -6.83 51.76 34.51
N GLN C 969 -6.13 51.12 33.56
CA GLN C 969 -4.67 51.21 33.56
C GLN C 969 -4.21 52.65 33.37
N LEU C 970 -4.75 53.33 32.37
CA LEU C 970 -4.42 54.73 32.18
C LEU C 970 -5.04 55.59 33.28
N GLY C 971 -4.51 56.80 33.43
CA GLY C 971 -4.96 57.70 34.47
C GLY C 971 -6.18 58.52 34.05
N CYS C 972 -7.34 57.88 34.03
CA CYS C 972 -8.60 58.57 33.72
C CYS C 972 -9.75 57.68 34.19
N GLY C 973 -10.97 58.18 33.98
CA GLY C 973 -12.15 57.59 34.59
C GLY C 973 -12.74 56.46 33.78
N PRO C 974 -13.97 56.05 34.17
CA PRO C 974 -14.62 54.89 33.53
C PRO C 974 -14.70 54.97 32.02
N ALA C 975 -15.09 53.87 31.38
CA ALA C 975 -15.15 53.81 29.93
C ALA C 975 -16.53 54.18 29.42
N LEU C 976 -16.59 54.54 28.13
CA LEU C 976 -17.84 54.96 27.50
C LEU C 976 -18.22 54.01 26.38
N LYS C 977 -17.45 53.93 25.30
CA LYS C 977 -17.82 53.11 24.16
C LYS C 977 -16.60 52.36 23.65
N ALA C 978 -16.78 51.08 23.36
CA ALA C 978 -15.69 50.21 22.90
C ALA C 978 -15.91 49.92 21.42
N PHE C 979 -15.19 50.64 20.56
CA PHE C 979 -15.45 50.55 19.14
C PHE C 979 -14.96 49.21 18.59
N LYS C 980 -15.19 49.01 17.30
CA LYS C 980 -14.79 47.79 16.61
C LYS C 980 -14.50 48.13 15.16
N GLU C 981 -13.70 47.27 14.51
CA GLU C 981 -13.41 47.39 13.09
C GLU C 981 -12.76 48.73 12.74
N ALA C 982 -11.74 49.10 13.52
CA ALA C 982 -10.85 50.21 13.21
C ALA C 982 -11.62 51.53 13.07
N GLU C 983 -12.20 51.94 14.19
CA GLU C 983 -12.88 53.24 14.23
C GLU C 983 -11.91 54.39 13.98
N PHE C 984 -10.82 54.43 14.73
CA PHE C 984 -9.80 55.47 14.59
C PHE C 984 -8.62 54.88 13.84
N GLY C 985 -8.59 55.07 12.52
CA GLY C 985 -7.48 54.59 11.72
C GLY C 985 -7.36 53.09 11.73
N GLN C 986 -6.47 52.54 10.90
CA GLN C 986 -6.35 51.09 10.82
C GLN C 986 -5.34 50.54 11.82
N GLY C 987 -4.09 50.97 11.72
CA GLY C 987 -3.03 50.47 12.58
C GLY C 987 -1.92 49.82 11.77
N THR C 988 -0.84 49.50 12.48
CA THR C 988 0.34 48.91 11.87
C THR C 988 1.02 47.97 12.86
N GLY C 989 1.72 46.98 12.32
CA GLY C 989 2.47 46.05 13.12
C GLY C 989 1.77 44.72 13.34
N PRO C 990 2.42 43.81 14.06
CA PRO C 990 1.81 42.51 14.34
C PRO C 990 0.64 42.65 15.29
N ILE C 991 -0.23 41.63 15.29
CA ILE C 991 -1.39 41.60 16.16
C ILE C 991 -1.12 40.61 17.29
N TRP C 992 -1.13 41.10 18.53
CA TRP C 992 -0.71 40.32 19.68
C TRP C 992 -1.85 39.70 20.47
N LEU C 993 -3.09 40.18 20.29
CA LEU C 993 -4.22 39.70 21.07
C LEU C 993 -5.40 39.44 20.13
N ASN C 994 -6.12 38.34 20.38
CA ASN C 994 -7.26 37.96 19.54
C ASN C 994 -8.61 38.20 20.22
N GLU C 995 -8.86 37.60 21.38
CA GLU C 995 -10.16 37.76 22.04
C GLU C 995 -9.89 37.85 23.54
N VAL C 996 -10.35 38.94 24.15
CA VAL C 996 -10.03 39.24 25.54
C VAL C 996 -11.30 39.11 26.36
N LYS C 997 -11.30 38.16 27.29
CA LYS C 997 -12.34 38.01 28.29
C LYS C 997 -11.90 38.71 29.58
N CYS C 998 -12.80 39.50 30.15
CA CYS C 998 -12.48 40.28 31.33
C CYS C 998 -13.66 40.34 32.28
N LYS C 999 -13.35 40.43 33.57
CA LYS C 999 -14.36 40.53 34.62
C LYS C 999 -14.60 41.95 35.09
N GLY C 1000 -13.73 42.90 34.72
CA GLY C 1000 -13.91 44.29 35.10
C GLY C 1000 -13.26 44.70 36.40
N ASN C 1001 -12.73 43.76 37.17
CA ASN C 1001 -12.07 44.06 38.43
C ASN C 1001 -10.60 43.65 38.39
N GLU C 1002 -9.98 43.79 37.23
CA GLU C 1002 -8.59 43.38 37.04
C GLU C 1002 -7.68 44.61 37.09
N SER C 1003 -6.53 44.44 37.74
CA SER C 1003 -5.58 45.55 37.84
C SER C 1003 -4.88 45.84 36.53
N SER C 1004 -4.80 44.86 35.63
CA SER C 1004 -4.09 45.04 34.36
C SER C 1004 -4.78 44.21 33.30
N LEU C 1005 -4.45 44.51 32.03
CA LEU C 1005 -5.04 43.81 30.91
C LEU C 1005 -4.53 42.37 30.76
N TRP C 1006 -3.51 41.98 31.51
CA TRP C 1006 -2.94 40.65 31.40
C TRP C 1006 -3.27 39.76 32.59
N ASP C 1007 -3.81 40.32 33.67
CA ASP C 1007 -4.57 39.52 34.62
C ASP C 1007 -5.85 39.01 34.00
N CYS C 1008 -6.27 39.62 32.89
CA CYS C 1008 -7.49 39.22 32.21
C CYS C 1008 -7.26 37.91 31.47
N PRO C 1009 -8.15 36.93 31.59
CA PRO C 1009 -7.91 35.64 30.93
C PRO C 1009 -8.09 35.71 29.42
N ALA C 1010 -7.26 36.51 28.76
CA ALA C 1010 -7.25 36.54 27.30
C ALA C 1010 -6.86 35.18 26.76
N ARG C 1011 -7.67 34.65 25.85
CA ARG C 1011 -7.52 33.26 25.44
C ARG C 1011 -6.37 33.06 24.45
N ARG C 1012 -5.90 34.10 23.79
CA ARG C 1012 -4.82 33.97 22.82
C ARG C 1012 -3.71 34.96 23.11
N TRP C 1013 -2.48 34.46 23.17
CA TRP C 1013 -1.29 35.29 23.31
C TRP C 1013 -0.33 34.96 22.18
N GLY C 1014 0.30 35.98 21.63
CA GLY C 1014 1.11 35.82 20.43
C GLY C 1014 0.34 36.22 19.18
N HIS C 1015 0.34 35.34 18.18
CA HIS C 1015 -0.38 35.62 16.94
C HIS C 1015 -1.89 35.58 17.17
N SER C 1016 -2.62 36.41 16.43
CA SER C 1016 -4.04 36.61 16.69
C SER C 1016 -4.96 35.91 15.70
N GLU C 1017 -4.47 35.58 14.50
CA GLU C 1017 -5.24 34.92 13.45
C GLU C 1017 -6.31 35.87 12.91
N CYS C 1018 -6.20 37.16 13.20
CA CYS C 1018 -7.10 38.17 12.66
C CYS C 1018 -6.48 38.87 11.45
N GLY C 1019 -7.35 39.48 10.66
CA GLY C 1019 -6.92 40.44 9.67
C GLY C 1019 -6.60 41.78 10.30
N HIS C 1020 -6.10 42.69 9.49
CA HIS C 1020 -5.66 43.98 10.01
C HIS C 1020 -6.79 45.01 10.02
N LYS C 1021 -7.98 44.66 9.54
CA LYS C 1021 -9.12 45.57 9.59
C LYS C 1021 -9.95 45.40 10.85
N GLU C 1022 -9.57 44.49 11.74
CA GLU C 1022 -10.32 44.21 12.96
C GLU C 1022 -9.68 44.85 14.19
N ASP C 1023 -8.93 45.92 14.02
CA ASP C 1023 -8.25 46.52 15.16
C ASP C 1023 -9.24 47.29 16.03
N ALA C 1024 -9.14 47.10 17.34
CA ALA C 1024 -10.06 47.66 18.31
C ALA C 1024 -9.67 49.07 18.72
N ALA C 1025 -10.60 49.74 19.42
CA ALA C 1025 -10.39 51.09 19.90
C ALA C 1025 -11.20 51.26 21.18
N VAL C 1026 -11.11 52.44 21.79
CA VAL C 1026 -11.79 52.74 23.05
C VAL C 1026 -12.03 54.24 23.14
N ASN C 1027 -13.11 54.62 23.82
CA ASN C 1027 -13.38 56.00 24.21
C ASN C 1027 -13.67 56.06 25.70
N CYS C 1028 -13.08 57.04 26.38
CA CYS C 1028 -13.18 57.13 27.83
C CYS C 1028 -13.24 58.58 28.29
N THR C 1029 -13.68 58.76 29.53
CA THR C 1029 -13.86 60.10 30.10
C THR C 1029 -12.52 60.84 30.16
N ASP C 1030 -12.54 62.08 29.69
CA ASP C 1030 -11.35 62.94 29.70
C ASP C 1030 -10.14 62.28 29.03
N VAL D 2 20.99 -19.70 -37.28
CA VAL D 2 21.30 -20.93 -36.54
C VAL D 2 22.13 -20.60 -35.31
N LEU D 3 22.07 -21.48 -34.31
CA LEU D 3 22.84 -21.28 -33.08
C LEU D 3 24.28 -21.72 -33.32
N SER D 4 25.20 -20.77 -33.38
CA SER D 4 26.62 -21.06 -33.49
C SER D 4 27.17 -21.58 -32.17
N PRO D 5 28.28 -22.35 -32.21
CA PRO D 5 28.79 -22.93 -30.95
C PRO D 5 29.08 -21.88 -29.88
N ALA D 6 29.67 -20.75 -30.25
CA ALA D 6 29.85 -19.65 -29.31
C ALA D 6 28.51 -19.17 -28.78
N ASP D 7 27.49 -19.17 -29.64
CA ASP D 7 26.17 -18.76 -29.24
C ASP D 7 25.63 -19.71 -28.17
N LYS D 8 25.87 -21.01 -28.36
CA LYS D 8 25.47 -22.00 -27.36
C LYS D 8 26.21 -21.80 -26.05
N THR D 9 27.52 -21.49 -26.12
CA THR D 9 28.26 -21.26 -24.88
C THR D 9 27.69 -20.07 -24.11
N ASN D 10 27.38 -18.99 -24.83
CA ASN D 10 26.79 -17.82 -24.18
C ASN D 10 25.45 -18.16 -23.54
N VAL D 11 24.59 -18.90 -24.25
CA VAL D 11 23.29 -19.25 -23.69
C VAL D 11 23.45 -20.12 -22.45
N LYS D 12 24.36 -21.10 -22.51
CA LYS D 12 24.61 -21.97 -21.38
C LYS D 12 25.07 -21.18 -20.17
N ALA D 13 26.02 -20.26 -20.37
CA ALA D 13 26.52 -19.45 -19.27
C ALA D 13 25.42 -18.59 -18.67
N ALA D 14 24.61 -17.95 -19.52
CA ALA D 14 23.56 -17.06 -19.03
C ALA D 14 22.53 -17.84 -18.23
N TRP D 15 22.10 -18.99 -18.72
CA TRP D 15 21.09 -19.75 -18.00
C TRP D 15 21.66 -20.47 -16.78
N GLY D 16 22.98 -20.68 -16.74
CA GLY D 16 23.59 -21.07 -15.48
C GLY D 16 23.58 -19.95 -14.47
N LYS D 17 23.83 -18.72 -14.93
CA LYS D 17 23.84 -17.57 -14.03
C LYS D 17 22.46 -17.22 -13.51
N VAL D 18 21.41 -17.53 -14.28
CA VAL D 18 20.05 -17.17 -13.86
C VAL D 18 19.71 -17.86 -12.53
N GLY D 19 20.18 -19.10 -12.35
CA GLY D 19 19.99 -19.81 -11.10
C GLY D 19 18.55 -20.20 -10.82
N ALA D 20 18.26 -20.39 -9.54
CA ALA D 20 16.96 -20.86 -9.10
C ALA D 20 15.87 -19.80 -9.22
N HIS D 21 16.22 -18.56 -9.51
CA HIS D 21 15.24 -17.50 -9.70
C HIS D 21 14.42 -17.66 -10.97
N ALA D 22 14.63 -18.75 -11.72
CA ALA D 22 13.99 -18.92 -13.02
C ALA D 22 12.47 -19.02 -12.89
N GLY D 23 11.98 -19.72 -11.87
CA GLY D 23 10.54 -19.82 -11.69
C GLY D 23 9.89 -18.48 -11.42
N GLU D 24 10.50 -17.69 -10.53
CA GLU D 24 9.97 -16.36 -10.26
C GLU D 24 10.03 -15.48 -11.51
N TYR D 25 11.13 -15.57 -12.27
CA TYR D 25 11.23 -14.78 -13.49
C TYR D 25 10.17 -15.18 -14.51
N GLY D 26 9.90 -16.48 -14.63
CA GLY D 26 8.86 -16.93 -15.54
C GLY D 26 7.47 -16.46 -15.14
N ALA D 27 7.17 -16.53 -13.85
CA ALA D 27 5.88 -16.02 -13.37
C ALA D 27 5.77 -14.53 -13.64
N GLU D 28 6.84 -13.79 -13.38
CA GLU D 28 6.84 -12.36 -13.66
C GLU D 28 6.63 -12.08 -15.14
N ALA D 29 7.27 -12.89 -16.00
CA ALA D 29 7.13 -12.70 -17.44
C ALA D 29 5.69 -12.95 -17.87
N LEU D 30 5.06 -14.00 -17.34
CA LEU D 30 3.66 -14.26 -17.67
C LEU D 30 2.78 -13.08 -17.26
N GLU D 31 2.93 -12.62 -16.01
CA GLU D 31 2.11 -11.51 -15.53
C GLU D 31 2.35 -10.26 -16.39
N ARG D 32 3.61 -10.02 -16.76
CA ARG D 32 3.95 -8.83 -17.52
C ARG D 32 3.35 -8.89 -18.92
N MET D 33 3.42 -10.07 -19.56
CA MET D 33 2.79 -10.23 -20.87
C MET D 33 1.30 -10.02 -20.79
N PHE D 34 0.66 -10.55 -19.75
CA PHE D 34 -0.77 -10.36 -19.56
C PHE D 34 -1.10 -8.88 -19.45
N LEU D 35 -0.40 -8.18 -18.55
CA LEU D 35 -0.69 -6.78 -18.29
C LEU D 35 -0.45 -5.90 -19.52
N SER D 36 0.67 -6.14 -20.23
CA SER D 36 1.00 -5.27 -21.35
C SER D 36 0.03 -5.46 -22.51
N PHE D 37 -0.24 -6.72 -22.87
CA PHE D 37 -1.13 -7.07 -23.97
C PHE D 37 -2.29 -7.90 -23.42
N PRO D 38 -3.43 -7.27 -23.12
CA PRO D 38 -4.56 -8.05 -22.56
C PRO D 38 -5.01 -9.17 -23.47
N THR D 39 -4.83 -9.02 -24.78
CA THR D 39 -5.39 -9.98 -25.74
C THR D 39 -4.83 -11.38 -25.53
N THR D 40 -3.70 -11.52 -24.84
CA THR D 40 -3.08 -12.82 -24.62
C THR D 40 -3.73 -13.58 -23.47
N LYS D 41 -4.68 -12.98 -22.77
CA LYS D 41 -5.41 -13.66 -21.71
C LYS D 41 -6.52 -14.56 -22.22
N THR D 42 -6.86 -14.49 -23.52
CA THR D 42 -7.94 -15.32 -24.04
C THR D 42 -7.65 -16.81 -23.88
N TYR D 43 -6.38 -17.19 -23.82
CA TYR D 43 -6.01 -18.60 -23.70
C TYR D 43 -5.95 -19.08 -22.26
N PHE D 44 -6.32 -18.23 -21.30
CA PHE D 44 -6.37 -18.61 -19.89
C PHE D 44 -7.70 -18.18 -19.30
N PRO D 45 -8.82 -18.78 -19.76
CA PRO D 45 -10.13 -18.36 -19.26
C PRO D 45 -10.42 -18.91 -17.88
N HIS D 46 -9.84 -20.08 -17.57
CA HIS D 46 -10.04 -20.76 -16.29
C HIS D 46 -8.90 -20.49 -15.31
N PHE D 47 -8.32 -19.30 -15.35
CA PHE D 47 -7.12 -18.99 -14.59
C PHE D 47 -7.39 -17.81 -13.66
N ASP D 48 -6.92 -17.95 -12.42
CA ASP D 48 -6.93 -16.85 -11.44
C ASP D 48 -5.76 -15.95 -11.76
N LEU D 49 -6.03 -14.81 -12.41
CA LEU D 49 -4.99 -13.92 -12.92
C LEU D 49 -4.78 -12.71 -12.01
N SER D 50 -5.09 -12.84 -10.73
CA SER D 50 -4.92 -11.74 -9.79
C SER D 50 -3.47 -11.62 -9.36
N HIS D 51 -3.15 -10.49 -8.74
CA HIS D 51 -1.80 -10.25 -8.23
C HIS D 51 -1.42 -11.29 -7.19
N GLY D 52 -0.22 -11.85 -7.32
CA GLY D 52 0.25 -12.86 -6.40
C GLY D 52 -0.42 -14.21 -6.50
N SER D 53 -1.17 -14.46 -7.57
CA SER D 53 -1.87 -15.72 -7.73
C SER D 53 -0.87 -16.88 -7.84
N ALA D 54 -1.15 -17.97 -7.12
CA ALA D 54 -0.28 -19.13 -7.16
C ALA D 54 -0.39 -19.88 -8.48
N GLN D 55 -1.54 -19.78 -9.14
CA GLN D 55 -1.72 -20.47 -10.42
C GLN D 55 -0.72 -19.99 -11.47
N VAL D 56 -0.65 -18.67 -11.67
CA VAL D 56 0.30 -18.15 -12.65
C VAL D 56 1.73 -18.38 -12.20
N LYS D 57 1.97 -18.40 -10.88
CA LYS D 57 3.30 -18.72 -10.37
C LYS D 57 3.72 -20.12 -10.80
N GLY D 58 2.82 -21.10 -10.62
CA GLY D 58 3.13 -22.46 -11.04
C GLY D 58 3.29 -22.57 -12.54
N HIS D 59 2.46 -21.85 -13.30
CA HIS D 59 2.58 -21.88 -14.75
C HIS D 59 3.93 -21.32 -15.20
N GLY D 60 4.36 -20.22 -14.59
CA GLY D 60 5.67 -19.67 -14.90
C GLY D 60 6.79 -20.61 -14.52
N LYS D 61 6.65 -21.31 -13.40
CA LYS D 61 7.64 -22.30 -13.02
C LYS D 61 7.71 -23.41 -14.07
N LYS D 62 6.56 -23.85 -14.56
CA LYS D 62 6.54 -24.88 -15.59
C LYS D 62 7.21 -24.42 -16.87
N VAL D 63 6.93 -23.19 -17.29
CA VAL D 63 7.57 -22.64 -18.50
C VAL D 63 9.08 -22.54 -18.31
N ALA D 64 9.52 -22.07 -17.15
CA ALA D 64 10.95 -21.94 -16.89
C ALA D 64 11.63 -23.30 -16.87
N ASP D 65 10.99 -24.30 -16.28
CA ASP D 65 11.55 -25.66 -16.30
C ASP D 65 11.64 -26.19 -17.72
N ALA D 66 10.61 -25.92 -18.53
CA ALA D 66 10.66 -26.35 -19.93
C ALA D 66 11.85 -25.72 -20.65
N LEU D 67 12.07 -24.42 -20.44
CA LEU D 67 13.19 -23.75 -21.09
C LEU D 67 14.53 -24.28 -20.59
N THR D 68 14.63 -24.58 -19.29
CA THR D 68 15.87 -25.13 -18.77
C THR D 68 16.17 -26.49 -19.39
N ASN D 69 15.12 -27.31 -19.55
CA ASN D 69 15.29 -28.60 -20.23
C ASN D 69 15.73 -28.39 -21.66
N ALA D 70 15.18 -27.37 -22.34
CA ALA D 70 15.60 -27.09 -23.71
C ALA D 70 17.08 -26.69 -23.76
N VAL D 71 17.53 -25.86 -22.82
CA VAL D 71 18.94 -25.49 -22.80
C VAL D 71 19.82 -26.70 -22.59
N ALA D 72 19.44 -27.59 -21.66
CA ALA D 72 20.23 -28.79 -21.44
C ALA D 72 20.38 -29.63 -22.69
N HIS D 73 19.39 -29.58 -23.58
CA HIS D 73 19.39 -30.35 -24.82
C HIS D 73 19.42 -29.45 -26.04
N VAL D 74 20.27 -28.42 -26.02
CA VAL D 74 20.28 -27.42 -27.08
C VAL D 74 20.56 -28.05 -28.43
N ASP D 75 21.24 -29.20 -28.45
CA ASP D 75 21.61 -29.85 -29.70
C ASP D 75 20.49 -30.70 -30.27
N ASP D 76 19.47 -31.02 -29.48
CA ASP D 76 18.39 -31.90 -29.90
C ASP D 76 17.05 -31.33 -29.42
N MET D 77 16.90 -30.02 -29.63
CA MET D 77 15.72 -29.32 -29.11
C MET D 77 14.38 -29.89 -29.58
N PRO D 78 14.18 -30.24 -30.86
CA PRO D 78 12.85 -30.71 -31.28
C PRO D 78 12.34 -31.87 -30.44
N ASN D 79 13.21 -32.82 -30.09
CA ASN D 79 12.77 -33.97 -29.30
C ASN D 79 12.44 -33.57 -27.88
N ALA D 80 13.17 -32.63 -27.30
CA ALA D 80 12.88 -32.21 -25.92
C ALA D 80 11.49 -31.58 -25.81
N LEU D 81 11.08 -30.82 -26.82
CA LEU D 81 9.82 -30.08 -26.77
C LEU D 81 8.73 -30.73 -27.61
N SER D 82 8.77 -32.05 -27.80
CA SER D 82 7.77 -32.71 -28.65
C SER D 82 6.37 -32.57 -28.07
N ALA D 83 6.19 -32.94 -26.80
CA ALA D 83 4.87 -32.89 -26.19
C ALA D 83 4.33 -31.47 -26.13
N LEU D 84 5.19 -30.52 -25.75
CA LEU D 84 4.75 -29.13 -25.67
C LEU D 84 4.44 -28.59 -27.05
N SER D 85 5.21 -28.99 -28.07
CA SER D 85 4.92 -28.56 -29.43
C SER D 85 3.55 -29.06 -29.89
N ASP D 86 3.25 -30.33 -29.61
CA ASP D 86 1.95 -30.87 -30.00
C ASP D 86 0.83 -30.21 -29.22
N LEU D 87 1.08 -29.89 -27.94
CA LEU D 87 0.06 -29.23 -27.12
C LEU D 87 -0.24 -27.83 -27.64
N HIS D 88 0.79 -27.05 -27.95
CA HIS D 88 0.61 -25.68 -28.39
C HIS D 88 0.23 -25.56 -29.86
N ALA D 89 0.40 -26.62 -30.65
CA ALA D 89 0.17 -26.52 -32.09
C ALA D 89 -1.28 -26.86 -32.48
N HIS D 90 -1.78 -28.01 -32.05
CA HIS D 90 -3.10 -28.48 -32.42
C HIS D 90 -4.13 -28.34 -31.30
N LYS D 91 -3.80 -28.79 -30.10
CA LYS D 91 -4.73 -28.77 -28.97
C LYS D 91 -5.14 -27.35 -28.66
N LEU D 92 -4.19 -26.53 -28.19
CA LEU D 92 -4.54 -25.17 -27.77
C LEU D 92 -4.62 -24.21 -28.94
N ARG D 93 -3.90 -24.48 -30.03
CA ARG D 93 -3.87 -23.60 -31.20
C ARG D 93 -3.44 -22.18 -30.81
N VAL D 94 -2.34 -22.08 -30.08
CA VAL D 94 -1.80 -20.78 -29.72
C VAL D 94 -1.20 -20.13 -30.95
N ASP D 95 -1.53 -18.86 -31.17
CA ASP D 95 -1.04 -18.16 -32.34
C ASP D 95 0.46 -17.94 -32.22
N PRO D 96 1.18 -17.91 -33.35
CA PRO D 96 2.63 -17.66 -33.28
C PRO D 96 2.98 -16.35 -32.60
N VAL D 97 2.19 -15.29 -32.82
CA VAL D 97 2.56 -13.96 -32.35
C VAL D 97 2.82 -14.00 -30.85
N ASN D 98 1.92 -14.64 -30.09
CA ASN D 98 2.03 -14.65 -28.64
C ASN D 98 3.41 -15.10 -28.21
N PHE D 99 3.95 -16.11 -28.88
CA PHE D 99 5.23 -16.67 -28.48
C PHE D 99 6.30 -15.58 -28.48
N LYS D 100 6.41 -14.85 -29.59
CA LYS D 100 7.39 -13.77 -29.64
C LYS D 100 7.15 -12.79 -28.50
N LEU D 101 5.88 -12.40 -28.30
CA LEU D 101 5.54 -11.52 -27.19
C LEU D 101 6.13 -12.07 -25.91
N LEU D 102 5.80 -13.32 -25.58
CA LEU D 102 6.29 -13.91 -24.35
C LEU D 102 7.80 -13.82 -24.29
N SER D 103 8.46 -14.19 -25.39
CA SER D 103 9.92 -14.13 -25.42
C SER D 103 10.41 -12.77 -25.00
N HIS D 104 9.90 -11.71 -25.65
CA HIS D 104 10.34 -10.37 -25.29
C HIS D 104 10.16 -10.12 -23.81
N CYS D 105 8.97 -10.45 -23.30
CA CYS D 105 8.69 -10.28 -21.88
C CYS D 105 9.75 -10.99 -21.06
N LEU D 106 9.97 -12.27 -21.36
CA LEU D 106 10.98 -13.02 -20.61
C LEU D 106 12.29 -12.26 -20.65
N LEU D 107 12.70 -11.84 -21.84
CA LEU D 107 13.96 -11.13 -22.00
C LEU D 107 14.02 -9.91 -21.09
N VAL D 108 12.98 -9.07 -21.12
CA VAL D 108 13.03 -7.84 -20.33
C VAL D 108 13.18 -8.19 -18.86
N THR D 109 12.48 -9.24 -18.40
CA THR D 109 12.60 -9.66 -17.03
C THR D 109 14.05 -9.90 -16.66
N LEU D 110 14.78 -10.66 -17.49
CA LEU D 110 16.20 -10.86 -17.21
C LEU D 110 16.92 -9.53 -17.10
N ALA D 111 16.68 -8.64 -18.07
CA ALA D 111 17.35 -7.35 -18.05
C ALA D 111 17.04 -6.59 -16.77
N ALA D 112 15.84 -6.79 -16.22
CA ALA D 112 15.47 -6.05 -15.02
C ALA D 112 16.20 -6.59 -13.79
N HIS D 113 16.59 -7.85 -13.79
CA HIS D 113 17.13 -8.47 -12.60
C HIS D 113 18.62 -8.80 -12.66
N LEU D 114 19.19 -8.97 -13.85
CA LEU D 114 20.61 -9.30 -14.01
C LEU D 114 21.26 -8.36 -15.02
N PRO D 115 21.28 -7.05 -14.75
CA PRO D 115 21.89 -6.11 -15.71
C PRO D 115 23.36 -6.39 -15.96
N ALA D 116 24.09 -6.88 -14.96
CA ALA D 116 25.54 -7.01 -15.11
C ALA D 116 25.91 -8.03 -16.17
N GLU D 117 25.21 -9.16 -16.23
CA GLU D 117 25.55 -10.24 -17.14
C GLU D 117 24.90 -10.09 -18.50
N PHE D 118 23.86 -9.27 -18.62
CA PHE D 118 23.10 -9.12 -19.85
C PHE D 118 23.83 -8.20 -20.83
N THR D 119 24.99 -8.66 -21.27
CA THR D 119 25.77 -7.94 -22.26
C THR D 119 25.13 -8.10 -23.64
N PRO D 120 25.49 -7.23 -24.61
CA PRO D 120 24.87 -7.35 -25.94
C PRO D 120 25.05 -8.71 -26.58
N ALA D 121 26.22 -9.34 -26.42
CA ALA D 121 26.42 -10.67 -26.98
C ALA D 121 25.49 -11.68 -26.31
N VAL D 122 25.38 -11.62 -24.98
CA VAL D 122 24.44 -12.48 -24.27
C VAL D 122 23.01 -12.17 -24.68
N HIS D 123 22.71 -10.90 -24.97
CA HIS D 123 21.37 -10.55 -25.46
C HIS D 123 21.09 -11.24 -26.79
N ALA D 124 22.05 -11.19 -27.71
CA ALA D 124 21.88 -11.86 -28.99
C ALA D 124 21.70 -13.35 -28.81
N SER D 125 22.50 -13.95 -27.91
CA SER D 125 22.42 -15.39 -27.69
C SER D 125 21.06 -15.79 -27.13
N LEU D 126 20.57 -15.05 -26.13
CA LEU D 126 19.28 -15.38 -25.55
C LEU D 126 18.16 -15.18 -26.55
N ASP D 127 18.25 -14.12 -27.36
CA ASP D 127 17.24 -13.91 -28.38
C ASP D 127 17.22 -15.06 -29.38
N LYS D 128 18.40 -15.50 -29.85
CA LYS D 128 18.44 -16.62 -30.79
C LYS D 128 17.89 -17.88 -30.17
N PHE D 129 18.26 -18.17 -28.92
CA PHE D 129 17.77 -19.39 -28.28
C PHE D 129 16.25 -19.36 -28.12
N LEU D 130 15.71 -18.22 -27.67
CA LEU D 130 14.26 -18.12 -27.48
C LEU D 130 13.53 -18.18 -28.80
N ALA D 131 14.11 -17.60 -29.86
CA ALA D 131 13.50 -17.71 -31.18
C ALA D 131 13.48 -19.16 -31.64
N SER D 132 14.55 -19.90 -31.38
CA SER D 132 14.58 -21.31 -31.75
C SER D 132 13.51 -22.11 -31.01
N VAL D 133 13.38 -21.85 -29.70
CA VAL D 133 12.35 -22.53 -28.91
C VAL D 133 10.97 -22.22 -29.46
N SER D 134 10.70 -20.94 -29.72
CA SER D 134 9.40 -20.54 -30.23
C SER D 134 9.11 -21.20 -31.57
N THR D 135 10.11 -21.24 -32.46
CA THR D 135 9.90 -21.86 -33.77
C THR D 135 9.60 -23.34 -33.63
N VAL D 136 10.31 -24.02 -32.74
CA VAL D 136 10.04 -25.45 -32.51
C VAL D 136 8.62 -25.65 -32.00
N LEU D 137 8.19 -24.84 -31.02
CA LEU D 137 6.87 -25.05 -30.43
C LEU D 137 5.74 -24.70 -31.39
N THR D 138 5.98 -23.77 -32.32
CA THR D 138 4.96 -23.29 -33.23
C THR D 138 5.08 -23.89 -34.63
N SER D 139 6.00 -24.84 -34.81
CA SER D 139 6.32 -25.34 -36.14
C SER D 139 5.11 -26.00 -36.80
N LYS D 140 4.41 -26.86 -36.06
CA LYS D 140 3.34 -27.68 -36.63
C LYS D 140 1.99 -26.97 -36.62
N TYR D 141 1.97 -25.67 -36.33
CA TYR D 141 0.73 -24.90 -36.33
C TYR D 141 -0.01 -25.11 -37.65
N ARG D 142 -1.29 -25.43 -37.56
CA ARG D 142 -2.05 -25.79 -38.74
C ARG D 142 -3.54 -25.48 -38.55
N HIS E 3 -4.36 5.96 -25.75
CA HIS E 3 -4.86 6.51 -24.50
C HIS E 3 -3.97 6.10 -23.32
N LEU E 4 -3.93 6.96 -22.31
CA LEU E 4 -3.15 6.68 -21.10
C LEU E 4 -3.88 7.26 -19.90
N THR E 5 -4.12 6.44 -18.89
CA THR E 5 -4.83 6.88 -17.71
C THR E 5 -3.93 7.83 -16.92
N PRO E 6 -4.52 8.73 -16.12
CA PRO E 6 -3.68 9.71 -15.40
C PRO E 6 -2.58 9.08 -14.56
N GLU E 7 -2.85 7.96 -13.90
CA GLU E 7 -1.81 7.27 -13.15
C GLU E 7 -0.66 6.85 -14.06
N GLU E 8 -0.99 6.26 -15.21
CA GLU E 8 0.04 5.86 -16.15
C GLU E 8 0.81 7.05 -16.69
N LYS E 9 0.10 8.15 -17.00
CA LYS E 9 0.77 9.36 -17.46
C LYS E 9 1.76 9.87 -16.43
N SER E 10 1.33 9.96 -15.17
CA SER E 10 2.20 10.44 -14.11
C SER E 10 3.41 9.53 -13.96
N ALA E 11 3.18 8.22 -13.92
CA ALA E 11 4.29 7.28 -13.74
C ALA E 11 5.29 7.38 -14.88
N VAL E 12 4.80 7.41 -16.12
CA VAL E 12 5.69 7.42 -17.28
C VAL E 12 6.48 8.72 -17.32
N THR E 13 5.83 9.86 -17.06
CA THR E 13 6.54 11.13 -17.07
C THR E 13 7.59 11.17 -15.97
N ALA E 14 7.22 10.73 -14.76
CA ALA E 14 8.17 10.75 -13.65
C ALA E 14 9.37 9.87 -13.94
N LEU E 15 9.13 8.67 -14.48
CA LEU E 15 10.24 7.77 -14.77
C LEU E 15 11.12 8.32 -15.89
N TRP E 16 10.50 8.86 -16.95
CA TRP E 16 11.28 9.44 -18.03
C TRP E 16 12.09 10.64 -17.56
N GLY E 17 11.64 11.32 -16.51
CA GLY E 17 12.41 12.41 -15.96
C GLY E 17 13.76 12.01 -15.40
N LYS E 18 13.99 10.71 -15.20
CA LYS E 18 15.22 10.19 -14.62
C LYS E 18 16.16 9.58 -15.65
N VAL E 19 15.84 9.65 -16.94
CA VAL E 19 16.68 9.05 -17.96
C VAL E 19 17.75 10.05 -18.39
N ASN E 20 18.80 9.52 -19.01
CA ASN E 20 19.89 10.32 -19.54
C ASN E 20 19.90 10.21 -21.06
N VAL E 21 20.08 11.35 -21.73
CA VAL E 21 19.94 11.40 -23.18
C VAL E 21 21.10 10.67 -23.86
N ASP E 22 22.32 10.88 -23.37
CA ASP E 22 23.50 10.56 -24.16
C ASP E 22 23.88 9.08 -24.17
N GLU E 23 23.26 8.24 -23.35
CA GLU E 23 23.69 6.85 -23.28
C GLU E 23 22.62 5.83 -23.66
N VAL E 24 21.40 5.98 -23.13
CA VAL E 24 20.41 4.92 -23.26
C VAL E 24 19.96 4.75 -24.71
N GLY E 25 19.74 5.86 -25.41
CA GLY E 25 19.34 5.77 -26.81
C GLY E 25 20.39 5.10 -27.67
N GLY E 26 21.66 5.49 -27.48
CA GLY E 26 22.74 4.86 -28.22
C GLY E 26 22.84 3.38 -27.91
N GLU E 27 22.66 3.01 -26.65
CA GLU E 27 22.71 1.60 -26.28
C GLU E 27 21.59 0.82 -26.94
N ALA E 28 20.38 1.40 -26.97
CA ALA E 28 19.25 0.75 -27.62
C ALA E 28 19.53 0.53 -29.10
N LEU E 29 20.05 1.56 -29.77
CA LEU E 29 20.34 1.42 -31.19
C LEU E 29 21.40 0.35 -31.42
N GLY E 30 22.45 0.34 -30.61
CA GLY E 30 23.48 -0.68 -30.76
C GLY E 30 22.92 -2.08 -30.57
N ARG E 31 22.02 -2.24 -29.60
CA ARG E 31 21.38 -3.53 -29.39
C ARG E 31 20.58 -3.95 -30.62
N LEU E 32 19.85 -3.02 -31.24
CA LEU E 32 19.12 -3.38 -32.45
C LEU E 32 20.08 -3.80 -33.56
N LEU E 33 21.18 -3.07 -33.75
CA LEU E 33 22.12 -3.48 -34.79
C LEU E 33 22.70 -4.86 -34.52
N VAL E 34 23.00 -5.16 -33.26
CA VAL E 34 23.69 -6.42 -32.99
C VAL E 34 22.72 -7.60 -33.03
N VAL E 35 21.46 -7.41 -32.66
CA VAL E 35 20.53 -8.53 -32.58
C VAL E 35 19.84 -8.84 -33.90
N TYR E 36 19.59 -7.83 -34.74
CA TYR E 36 18.92 -8.01 -36.03
C TYR E 36 19.82 -7.49 -37.15
N PRO E 37 20.67 -8.35 -37.72
CA PRO E 37 21.69 -7.87 -38.67
C PRO E 37 21.15 -7.15 -39.89
N TRP E 38 19.96 -7.50 -40.39
CA TRP E 38 19.48 -6.93 -41.64
C TRP E 38 19.23 -5.43 -41.56
N THR E 39 19.23 -4.86 -40.36
CA THR E 39 19.09 -3.43 -40.16
C THR E 39 20.38 -2.64 -40.40
N GLN E 40 21.51 -3.33 -40.61
CA GLN E 40 22.74 -2.62 -40.91
C GLN E 40 22.71 -1.94 -42.28
N ARG E 41 21.93 -2.47 -43.23
CA ARG E 41 21.91 -1.89 -44.57
C ARG E 41 21.62 -0.40 -44.54
N PHE E 42 20.73 0.03 -43.66
CA PHE E 42 20.36 1.44 -43.61
C PHE E 42 21.45 2.28 -42.98
N PHE E 43 22.21 1.72 -42.04
CA PHE E 43 23.24 2.47 -41.34
C PHE E 43 24.63 2.24 -41.91
N GLU E 44 24.71 1.77 -43.17
CA GLU E 44 26.02 1.54 -43.78
C GLU E 44 26.87 2.81 -43.77
N SER E 45 26.22 3.97 -43.79
CA SER E 45 26.94 5.24 -43.77
C SER E 45 27.83 5.36 -42.54
N PHE E 46 27.46 4.74 -41.43
CA PHE E 46 28.22 4.84 -40.19
C PHE E 46 29.48 3.99 -40.19
N GLY E 47 29.83 3.36 -41.29
CA GLY E 47 31.12 2.67 -41.40
C GLY E 47 31.02 1.24 -40.91
N ASP E 48 31.94 0.86 -40.03
CA ASP E 48 32.11 -0.52 -39.61
C ASP E 48 31.03 -0.90 -38.60
N LEU E 49 30.18 -1.85 -38.96
CA LEU E 49 29.17 -2.38 -38.07
C LEU E 49 29.22 -3.91 -38.04
N SER E 50 30.42 -4.47 -38.12
CA SER E 50 30.59 -5.90 -38.32
C SER E 50 30.54 -6.71 -37.02
N THR E 51 30.92 -6.11 -35.90
CA THR E 51 31.07 -6.84 -34.65
C THR E 51 30.46 -6.01 -33.51
N PRO E 52 29.99 -6.67 -32.44
CA PRO E 52 29.30 -5.92 -31.37
C PRO E 52 30.10 -4.77 -30.77
N ASP E 53 31.36 -5.00 -30.42
CA ASP E 53 32.17 -3.92 -29.86
C ASP E 53 32.30 -2.75 -30.83
N ALA E 54 32.28 -3.01 -32.13
CA ALA E 54 32.37 -1.92 -33.10
C ALA E 54 31.16 -1.00 -33.01
N VAL E 55 29.95 -1.59 -33.03
CA VAL E 55 28.76 -0.76 -32.96
C VAL E 55 28.64 -0.08 -31.60
N MET E 56 29.05 -0.77 -30.52
CA MET E 56 28.96 -0.15 -29.21
C MET E 56 29.94 1.02 -29.09
N GLY E 57 31.06 0.95 -29.79
CA GLY E 57 32.12 1.93 -29.76
C GLY E 57 32.04 3.00 -30.82
N ASN E 58 30.94 3.06 -31.57
CA ASN E 58 30.81 4.00 -32.68
C ASN E 58 30.16 5.30 -32.21
N PRO E 59 30.85 6.44 -32.29
CA PRO E 59 30.21 7.71 -31.90
C PRO E 59 28.96 8.04 -32.70
N LYS E 60 28.95 7.73 -34.00
CA LYS E 60 27.78 8.07 -34.82
C LYS E 60 26.53 7.37 -34.29
N VAL E 61 26.69 6.14 -33.81
CA VAL E 61 25.56 5.41 -33.24
C VAL E 61 25.02 6.18 -32.03
N LYS E 62 25.92 6.67 -31.18
CA LYS E 62 25.48 7.42 -30.01
C LYS E 62 24.79 8.72 -30.40
N ALA E 63 25.30 9.41 -31.43
CA ALA E 63 24.66 10.65 -31.87
C ALA E 63 23.25 10.37 -32.41
N HIS E 64 23.10 9.33 -33.22
CA HIS E 64 21.77 9.02 -33.73
C HIS E 64 20.86 8.53 -32.62
N GLY E 65 21.42 7.85 -31.61
CA GLY E 65 20.63 7.52 -30.43
C GLY E 65 20.13 8.76 -29.71
N LYS E 66 20.99 9.78 -29.60
CA LYS E 66 20.57 11.04 -29.00
C LYS E 66 19.40 11.62 -29.79
N LYS E 67 19.51 11.61 -31.12
CA LYS E 67 18.44 12.20 -31.95
C LYS E 67 17.13 11.45 -31.79
N VAL E 68 17.17 10.11 -31.83
CA VAL E 68 15.93 9.35 -31.70
C VAL E 68 15.34 9.51 -30.31
N LEU E 69 16.20 9.60 -29.28
CA LEU E 69 15.68 9.85 -27.93
C LEU E 69 15.06 11.22 -27.82
N GLY E 70 15.63 12.22 -28.50
CA GLY E 70 14.99 13.53 -28.53
C GLY E 70 13.61 13.47 -29.17
N ALA E 71 13.49 12.71 -30.26
CA ALA E 71 12.18 12.50 -30.86
C ALA E 71 11.22 11.82 -29.89
N PHE E 72 11.72 10.83 -29.14
CA PHE E 72 10.88 10.14 -28.17
C PHE E 72 10.42 11.07 -27.05
N SER E 73 11.32 11.94 -26.58
CA SER E 73 10.95 12.91 -25.55
C SER E 73 9.91 13.89 -26.08
N ASP E 74 10.06 14.32 -27.34
CA ASP E 74 9.04 15.16 -27.96
C ASP E 74 7.70 14.45 -27.99
N GLY E 75 7.70 13.19 -28.40
CA GLY E 75 6.46 12.42 -28.40
C GLY E 75 5.84 12.33 -27.02
N LEU E 76 6.65 12.07 -26.00
CA LEU E 76 6.16 12.05 -24.63
C LEU E 76 5.52 13.39 -24.25
N ALA E 77 6.11 14.49 -24.73
CA ALA E 77 5.54 15.81 -24.47
C ALA E 77 4.28 16.08 -25.28
N HIS E 78 3.98 15.23 -26.27
CA HIS E 78 2.81 15.36 -27.12
C HIS E 78 2.01 14.05 -27.13
N LEU E 79 1.83 13.46 -25.95
CA LEU E 79 1.11 12.18 -25.85
C LEU E 79 -0.26 12.25 -26.48
N ASP E 80 -0.97 13.37 -26.29
CA ASP E 80 -2.31 13.50 -26.85
C ASP E 80 -2.28 13.51 -28.37
N ASN E 81 -1.26 14.14 -28.96
CA ASN E 81 -1.22 14.35 -30.41
C ASN E 81 -0.01 13.68 -31.02
N LEU E 82 0.25 12.43 -30.64
CA LEU E 82 1.34 11.67 -31.24
C LEU E 82 1.24 11.61 -32.75
N LYS E 83 0.02 11.40 -33.27
CA LYS E 83 -0.16 11.19 -34.71
C LYS E 83 0.41 12.36 -35.51
N GLY E 84 0.05 13.59 -35.14
CA GLY E 84 0.62 14.74 -35.81
C GLY E 84 2.04 15.09 -35.41
N THR E 85 2.46 14.65 -34.23
CA THR E 85 3.80 14.99 -33.75
C THR E 85 4.88 14.40 -34.64
N PHE E 86 4.70 13.16 -35.08
CA PHE E 86 5.72 12.44 -35.83
C PHE E 86 5.41 12.36 -37.32
N ALA E 87 4.47 13.16 -37.81
CA ALA E 87 4.05 13.04 -39.20
C ALA E 87 5.23 13.25 -40.14
N THR E 88 6.06 14.26 -39.86
CA THR E 88 7.22 14.52 -40.70
C THR E 88 8.15 13.32 -40.73
N LEU E 89 8.39 12.72 -39.56
CA LEU E 89 9.25 11.53 -39.50
C LEU E 89 8.61 10.36 -40.22
N SER E 90 7.28 10.22 -40.10
CA SER E 90 6.58 9.16 -40.83
C SER E 90 6.82 9.30 -42.32
N GLU E 91 6.64 10.52 -42.85
CA GLU E 91 6.89 10.76 -44.27
C GLU E 91 8.34 10.47 -44.62
N LEU E 92 9.28 10.90 -43.76
CA LEU E 92 10.69 10.68 -44.02
C LEU E 92 11.00 9.19 -44.19
N HIS E 93 10.60 8.39 -43.21
CA HIS E 93 10.92 6.97 -43.25
C HIS E 93 10.13 6.23 -44.33
N CYS E 94 8.94 6.72 -44.67
CA CYS E 94 8.13 6.06 -45.70
C CYS E 94 8.62 6.37 -47.11
N ASP E 95 9.19 7.55 -47.34
CA ASP E 95 9.50 8.00 -48.69
C ASP E 95 10.95 7.70 -49.09
N LYS E 96 11.92 8.04 -48.24
CA LYS E 96 13.32 8.02 -48.63
C LYS E 96 14.05 6.74 -48.22
N LEU E 97 13.61 6.07 -47.16
CA LEU E 97 14.36 4.97 -46.59
C LEU E 97 13.75 3.59 -46.81
N HIS E 98 12.43 3.49 -46.89
CA HIS E 98 11.74 2.20 -47.01
C HIS E 98 12.09 1.26 -45.85
N VAL E 99 12.02 1.80 -44.64
CA VAL E 99 12.06 0.99 -43.43
C VAL E 99 10.66 0.46 -43.16
N ASP E 100 10.54 -0.86 -43.03
CA ASP E 100 9.24 -1.48 -42.84
C ASP E 100 8.64 -1.08 -41.48
N PRO E 101 7.32 -1.09 -41.34
CA PRO E 101 6.71 -0.65 -40.09
C PRO E 101 7.10 -1.49 -38.89
N GLU E 102 7.55 -2.72 -39.10
CA GLU E 102 7.87 -3.59 -37.98
C GLU E 102 9.14 -3.13 -37.28
N ASN E 103 10.09 -2.60 -38.03
CA ASN E 103 11.37 -2.20 -37.46
C ASN E 103 11.20 -1.12 -36.39
N PHE E 104 10.17 -0.27 -36.55
CA PHE E 104 9.89 0.74 -35.54
C PHE E 104 9.52 0.07 -34.21
N ARG E 105 8.69 -0.96 -34.28
CA ARG E 105 8.32 -1.69 -33.08
C ARG E 105 9.52 -2.46 -32.53
N LEU E 106 10.40 -2.92 -33.40
CA LEU E 106 11.64 -3.54 -32.95
C LEU E 106 12.46 -2.55 -32.12
N LEU E 107 12.57 -1.31 -32.61
CA LEU E 107 13.24 -0.27 -31.86
C LEU E 107 12.54 -0.04 -30.53
N GLY E 108 11.21 -0.05 -30.53
CA GLY E 108 10.52 0.14 -29.27
C GLY E 108 10.81 -0.95 -28.26
N ASN E 109 10.80 -2.21 -28.70
CA ASN E 109 11.10 -3.30 -27.78
C ASN E 109 12.54 -3.24 -27.26
N VAL E 110 13.52 -2.97 -28.13
CA VAL E 110 14.89 -2.88 -27.63
C VAL E 110 15.04 -1.70 -26.68
N LEU E 111 14.34 -0.60 -26.97
CA LEU E 111 14.39 0.57 -26.10
C LEU E 111 13.83 0.22 -24.73
N VAL E 112 12.70 -0.49 -24.71
CA VAL E 112 12.13 -0.93 -23.42
C VAL E 112 13.11 -1.85 -22.70
N CYS E 113 13.80 -2.71 -23.46
CA CYS E 113 14.78 -3.59 -22.86
C CYS E 113 15.88 -2.80 -22.16
N VAL E 114 16.41 -1.76 -22.82
CA VAL E 114 17.50 -1.03 -22.20
C VAL E 114 16.99 -0.18 -21.03
N LEU E 115 15.76 0.32 -21.11
CA LEU E 115 15.18 1.00 -19.95
C LEU E 115 15.08 0.06 -18.76
N ALA E 116 14.66 -1.19 -18.98
CA ALA E 116 14.71 -2.16 -17.90
C ALA E 116 16.14 -2.36 -17.42
N HIS E 117 17.08 -2.47 -18.36
CA HIS E 117 18.50 -2.66 -18.04
C HIS E 117 19.00 -1.57 -17.09
N HIS E 118 18.61 -0.34 -17.35
CA HIS E 118 19.11 0.79 -16.55
C HIS E 118 18.35 0.92 -15.24
N PHE E 119 17.02 0.76 -15.25
CA PHE E 119 16.23 1.00 -14.06
C PHE E 119 16.33 -0.12 -13.04
N GLY E 120 16.49 -1.37 -13.47
CA GLY E 120 16.53 -2.45 -12.49
C GLY E 120 15.17 -2.69 -11.88
N LYS E 121 15.13 -2.75 -10.55
CA LYS E 121 13.91 -3.11 -9.84
C LYS E 121 12.80 -2.08 -10.08
N GLU E 122 13.17 -0.83 -10.36
CA GLU E 122 12.21 0.27 -10.44
C GLU E 122 11.22 0.11 -11.59
N PHE E 123 11.47 -0.79 -12.54
CA PHE E 123 10.59 -0.93 -13.71
C PHE E 123 9.47 -1.92 -13.39
N THR E 124 8.52 -1.44 -12.58
CA THR E 124 7.41 -2.27 -12.18
C THR E 124 6.49 -2.52 -13.38
N PRO E 125 5.80 -3.66 -13.41
CA PRO E 125 4.99 -4.00 -14.60
C PRO E 125 3.95 -2.95 -14.94
N PRO E 126 3.28 -2.32 -13.95
CA PRO E 126 2.28 -1.29 -14.32
C PRO E 126 2.84 -0.18 -15.20
N VAL E 127 4.06 0.29 -14.92
CA VAL E 127 4.63 1.35 -15.75
C VAL E 127 5.15 0.77 -17.07
N GLN E 128 5.55 -0.51 -17.06
CA GLN E 128 5.96 -1.15 -18.31
C GLN E 128 4.79 -1.27 -19.26
N ALA E 129 3.57 -1.44 -18.75
CA ALA E 129 2.40 -1.43 -19.62
C ALA E 129 2.25 -0.09 -20.33
N ALA E 130 2.39 1.00 -19.59
CA ALA E 130 2.30 2.33 -20.19
C ALA E 130 3.41 2.53 -21.22
N TYR E 131 4.63 2.09 -20.90
CA TYR E 131 5.73 2.22 -21.84
C TYR E 131 5.46 1.43 -23.11
N GLN E 132 4.88 0.23 -22.97
CA GLN E 132 4.51 -0.54 -24.14
C GLN E 132 3.48 0.21 -24.97
N LYS E 133 2.50 0.82 -24.31
CA LYS E 133 1.48 1.57 -25.03
C LYS E 133 2.09 2.75 -25.79
N VAL E 134 3.04 3.47 -25.19
CA VAL E 134 3.59 4.62 -25.89
C VAL E 134 4.47 4.17 -27.06
N VAL E 135 5.27 3.12 -26.88
CA VAL E 135 6.09 2.65 -28.00
C VAL E 135 5.19 2.13 -29.12
N ALA E 136 4.09 1.47 -28.77
CA ALA E 136 3.13 1.05 -29.80
C ALA E 136 2.54 2.26 -30.52
N GLY E 137 2.21 3.31 -29.77
CA GLY E 137 1.66 4.50 -30.41
C GLY E 137 2.62 5.12 -31.40
N VAL E 138 3.89 5.25 -31.01
CA VAL E 138 4.86 5.88 -31.91
C VAL E 138 5.11 4.97 -33.11
N ALA E 139 5.14 3.66 -32.90
CA ALA E 139 5.32 2.74 -34.02
C ALA E 139 4.19 2.86 -35.03
N ASN E 140 2.94 2.88 -34.55
CA ASN E 140 1.80 3.03 -35.45
C ASN E 140 1.83 4.38 -36.16
N ALA E 141 2.14 5.46 -35.43
CA ALA E 141 2.15 6.78 -36.04
C ALA E 141 3.16 6.85 -37.19
N LEU E 142 4.33 6.24 -37.00
CA LEU E 142 5.38 6.28 -38.02
C LEU E 142 5.10 5.35 -39.19
N ALA E 143 4.07 4.50 -39.10
CA ALA E 143 3.91 3.40 -40.04
C ALA E 143 3.76 3.88 -41.48
N HIS E 144 2.81 4.78 -41.72
CA HIS E 144 2.47 5.18 -43.08
C HIS E 144 1.92 6.60 -43.12
N CYS F 90 9.66 -12.49 -72.61
CA CYS F 90 9.09 -12.47 -71.27
C CYS F 90 10.10 -12.15 -70.17
N GLY F 91 9.58 -11.85 -68.97
CA GLY F 91 10.40 -11.57 -67.80
C GLY F 91 10.79 -10.12 -67.60
N LYS F 92 9.94 -9.15 -67.94
CA LYS F 92 10.25 -7.74 -67.70
C LYS F 92 9.51 -7.03 -66.59
N PRO F 93 9.99 -7.09 -65.34
CA PRO F 93 9.35 -6.32 -64.26
C PRO F 93 9.46 -4.83 -64.53
N LYS F 94 8.71 -4.04 -63.75
CA LYS F 94 8.83 -2.60 -63.86
C LYS F 94 10.11 -2.09 -63.21
N ASN F 95 10.45 -2.60 -62.02
CA ASN F 95 11.69 -2.26 -61.32
C ASN F 95 12.38 -3.57 -60.95
N PRO F 96 13.63 -3.77 -61.35
CA PRO F 96 14.34 -4.98 -60.90
C PRO F 96 14.47 -5.09 -59.39
N ALA F 97 14.60 -3.97 -58.69
CA ALA F 97 14.77 -3.98 -57.24
C ALA F 97 14.12 -2.75 -56.60
N HIS F 107 15.87 -8.19 -45.14
CA HIS F 107 14.51 -7.87 -45.55
C HIS F 107 14.42 -6.44 -46.06
N LEU F 108 13.55 -6.20 -47.04
CA LEU F 108 13.41 -4.88 -47.63
C LEU F 108 12.06 -4.79 -48.32
N ASP F 109 11.34 -3.69 -48.07
CA ASP F 109 10.00 -3.55 -48.59
C ASP F 109 10.00 -3.37 -50.10
N ALA F 110 9.22 -4.20 -50.79
CA ALA F 110 9.15 -4.11 -52.25
C ALA F 110 8.37 -2.87 -52.64
N LYS F 111 8.85 -2.17 -53.66
CA LYS F 111 8.20 -0.96 -54.15
C LYS F 111 8.10 -0.99 -55.67
N GLY F 112 7.44 -2.03 -56.19
CA GLY F 112 7.31 -2.16 -57.62
C GLY F 112 8.32 -3.10 -58.26
N SER F 113 8.53 -4.27 -57.66
CA SER F 113 9.53 -5.19 -58.20
C SER F 113 9.06 -6.61 -58.41
N PHE F 114 8.04 -7.08 -57.70
CA PHE F 114 7.62 -8.48 -57.77
C PHE F 114 6.14 -8.55 -58.13
N PRO F 115 5.82 -8.70 -59.41
CA PRO F 115 4.41 -8.80 -59.81
C PRO F 115 3.82 -10.20 -59.67
N TRP F 116 4.61 -11.22 -59.99
CA TRP F 116 4.10 -12.59 -60.01
C TRP F 116 3.57 -13.04 -58.65
N GLN F 117 3.97 -12.40 -57.56
CA GLN F 117 3.55 -12.85 -56.24
C GLN F 117 2.05 -12.74 -56.08
N ALA F 118 1.48 -13.64 -55.28
CA ALA F 118 0.06 -13.61 -54.98
C ALA F 118 -0.17 -14.11 -53.57
N LYS F 119 -1.18 -13.55 -52.92
CA LYS F 119 -1.50 -13.82 -51.53
C LYS F 119 -2.75 -14.70 -51.46
N MET F 120 -2.75 -15.68 -50.57
CA MET F 120 -3.92 -16.53 -50.39
C MET F 120 -4.22 -16.64 -48.91
N VAL F 121 -5.50 -16.73 -48.58
CA VAL F 121 -5.96 -16.97 -47.22
C VAL F 121 -7.02 -18.07 -47.23
N SER F 122 -6.89 -19.01 -46.31
CA SER F 122 -7.86 -20.08 -46.16
C SER F 122 -9.12 -19.58 -45.47
N HIS F 123 -10.05 -20.49 -45.21
CA HIS F 123 -11.26 -20.15 -44.48
C HIS F 123 -11.03 -20.00 -42.98
N HIS F 124 -9.85 -20.35 -42.47
CA HIS F 124 -9.52 -20.15 -41.07
C HIS F 124 -8.30 -19.24 -40.90
N ASN F 125 -8.12 -18.32 -41.85
CA ASN F 125 -7.30 -17.13 -41.67
C ASN F 125 -5.81 -17.47 -41.48
N LEU F 126 -5.27 -18.25 -42.41
CA LEU F 126 -3.83 -18.46 -42.52
C LEU F 126 -3.36 -18.02 -43.89
N THR F 127 -2.29 -17.23 -43.93
CA THR F 127 -1.80 -16.64 -45.17
C THR F 127 -0.74 -17.54 -45.80
N THR F 128 -0.75 -17.60 -47.13
CA THR F 128 0.22 -18.34 -47.90
C THR F 128 0.49 -17.58 -49.19
N GLY F 129 1.49 -18.04 -49.94
CA GLY F 129 1.89 -17.40 -51.17
C GLY F 129 1.64 -18.25 -52.40
N ALA F 130 1.79 -17.60 -53.55
CA ALA F 130 1.63 -18.27 -54.84
C ALA F 130 2.33 -17.43 -55.90
N THR F 131 2.53 -18.03 -57.07
CA THR F 131 3.21 -17.40 -58.19
C THR F 131 2.33 -17.44 -59.43
N LEU F 132 2.30 -16.33 -60.16
CA LEU F 132 1.62 -16.26 -61.44
C LEU F 132 2.48 -16.89 -62.53
N ILE F 133 1.90 -17.84 -63.26
CA ILE F 133 2.61 -18.55 -64.31
C ILE F 133 2.15 -18.14 -65.71
N ASN F 134 0.90 -17.73 -65.87
CA ASN F 134 0.37 -17.27 -67.15
C ASN F 134 -0.89 -16.44 -66.87
N GLU F 135 -1.63 -16.12 -67.93
CA GLU F 135 -2.79 -15.26 -67.79
C GLU F 135 -3.82 -15.81 -66.80
N GLN F 136 -3.85 -17.14 -66.63
CA GLN F 136 -4.95 -17.76 -65.89
C GLN F 136 -4.52 -18.85 -64.92
N TRP F 137 -3.23 -19.19 -64.83
CA TRP F 137 -2.78 -20.30 -64.01
C TRP F 137 -1.76 -19.82 -62.99
N LEU F 138 -1.73 -20.51 -61.84
CA LEU F 138 -0.82 -20.20 -60.74
C LEU F 138 -0.05 -21.44 -60.31
N LEU F 139 0.89 -21.24 -59.39
CA LEU F 139 1.61 -22.31 -58.71
C LEU F 139 1.56 -22.09 -57.21
N THR F 140 1.52 -23.18 -56.46
CA THR F 140 1.41 -23.10 -55.00
C THR F 140 1.91 -24.43 -54.45
N THR F 141 2.06 -24.51 -53.14
CA THR F 141 2.43 -25.75 -52.47
C THR F 141 1.17 -26.50 -52.06
N ALA F 142 1.24 -27.83 -52.13
CA ALA F 142 0.07 -28.65 -51.82
C ALA F 142 -0.37 -28.47 -50.37
N LYS F 143 0.60 -28.29 -49.46
CA LYS F 143 0.28 -28.11 -48.05
C LYS F 143 -0.61 -26.89 -47.78
N ASN F 144 -0.64 -25.94 -48.71
CA ASN F 144 -1.50 -24.77 -48.58
C ASN F 144 -2.94 -25.05 -48.96
N LEU F 145 -3.23 -26.25 -49.46
CA LEU F 145 -4.58 -26.62 -49.87
C LEU F 145 -5.31 -27.50 -48.86
N PHE F 146 -4.58 -28.32 -48.09
CA PHE F 146 -5.20 -29.17 -47.06
C PHE F 146 -5.21 -28.45 -45.71
N LEU F 147 -5.91 -27.33 -45.65
CA LEU F 147 -5.94 -26.50 -44.45
C LEU F 147 -7.28 -26.68 -43.75
N ASN F 148 -7.22 -27.00 -42.45
CA ASN F 148 -8.38 -27.09 -41.57
C ASN F 148 -9.36 -28.19 -41.99
N HIS F 149 -8.89 -29.17 -42.76
CA HIS F 149 -9.74 -30.30 -43.11
C HIS F 149 -8.86 -31.49 -43.48
N SER F 150 -9.45 -32.68 -43.40
CA SER F 150 -8.74 -33.90 -43.70
C SER F 150 -8.35 -33.97 -45.17
N GLU F 151 -7.23 -34.65 -45.45
CA GLU F 151 -6.73 -34.77 -46.81
C GLU F 151 -7.60 -35.67 -47.69
N ASN F 152 -8.54 -36.42 -47.09
CA ASN F 152 -9.42 -37.29 -47.85
C ASN F 152 -10.40 -36.51 -48.74
N ALA F 153 -10.56 -35.21 -48.52
CA ALA F 153 -11.50 -34.43 -49.29
C ALA F 153 -11.00 -34.23 -50.72
N THR F 154 -11.93 -33.95 -51.62
CA THR F 154 -11.63 -33.74 -53.03
C THR F 154 -11.28 -32.27 -53.28
N ALA F 155 -10.59 -32.05 -54.40
CA ALA F 155 -10.18 -30.69 -54.76
C ALA F 155 -11.38 -29.78 -54.98
N LYS F 156 -12.51 -30.33 -55.42
CA LYS F 156 -13.74 -29.55 -55.57
C LYS F 156 -14.14 -28.91 -54.25
N ASP F 157 -13.93 -29.62 -53.14
CA ASP F 157 -14.20 -29.05 -51.82
C ASP F 157 -13.19 -27.99 -51.44
N ILE F 158 -11.97 -28.08 -51.97
CA ILE F 158 -10.92 -27.12 -51.63
C ILE F 158 -11.15 -25.80 -52.34
N ALA F 159 -11.51 -25.86 -53.63
CA ALA F 159 -11.49 -24.67 -54.50
C ALA F 159 -12.26 -23.47 -53.95
N PRO F 160 -13.50 -23.60 -53.46
CA PRO F 160 -14.25 -22.39 -53.10
C PRO F 160 -13.89 -21.80 -51.74
N THR F 161 -13.04 -22.45 -50.96
CA THR F 161 -12.77 -22.05 -49.59
C THR F 161 -11.50 -21.21 -49.45
N LEU F 162 -10.91 -20.78 -50.55
CA LEU F 162 -9.65 -20.03 -50.52
C LEU F 162 -9.83 -18.70 -51.22
N THR F 163 -9.46 -17.62 -50.53
CA THR F 163 -9.54 -16.28 -51.07
C THR F 163 -8.18 -15.83 -51.56
N LEU F 164 -8.14 -15.17 -52.70
CA LEU F 164 -6.91 -14.95 -53.45
C LEU F 164 -6.80 -13.48 -53.84
N TYR F 165 -5.67 -12.87 -53.52
CA TYR F 165 -5.38 -11.48 -53.84
C TYR F 165 -4.14 -11.40 -54.72
N VAL F 166 -4.14 -10.46 -55.67
CA VAL F 166 -3.03 -10.22 -56.57
C VAL F 166 -2.84 -8.71 -56.66
N GLY F 167 -1.66 -8.30 -57.11
CA GLY F 167 -1.35 -6.88 -57.22
C GLY F 167 -1.50 -6.14 -55.91
N LYS F 168 -2.15 -4.98 -55.98
CA LYS F 168 -2.39 -4.15 -54.80
C LYS F 168 -3.80 -4.47 -54.30
N LYS F 169 -3.88 -5.56 -53.54
CA LYS F 169 -5.12 -5.98 -52.89
C LYS F 169 -6.28 -6.08 -53.90
N GLN F 170 -5.99 -6.67 -55.04
CA GLN F 170 -6.99 -6.91 -56.08
C GLN F 170 -7.49 -8.34 -55.97
N LEU F 171 -8.78 -8.50 -55.66
CA LEU F 171 -9.36 -9.81 -55.43
C LEU F 171 -9.49 -10.57 -56.75
N VAL F 172 -9.34 -11.90 -56.68
CA VAL F 172 -9.65 -12.77 -57.81
C VAL F 172 -10.32 -14.01 -57.26
N GLU F 173 -11.10 -14.66 -58.11
CA GLU F 173 -11.88 -15.84 -57.76
C GLU F 173 -11.24 -17.07 -58.37
N ILE F 174 -11.30 -18.19 -57.65
CA ILE F 174 -10.69 -19.43 -58.08
C ILE F 174 -11.74 -20.26 -58.80
N GLU F 175 -11.38 -20.83 -59.96
CA GLU F 175 -12.26 -21.72 -60.69
C GLU F 175 -11.99 -23.19 -60.37
N LYS F 176 -10.74 -23.63 -60.51
CA LYS F 176 -10.39 -25.03 -60.29
C LYS F 176 -9.05 -25.11 -59.60
N VAL F 177 -8.85 -26.21 -58.87
CA VAL F 177 -7.56 -26.52 -58.24
C VAL F 177 -7.20 -27.95 -58.62
N VAL F 178 -5.98 -28.13 -59.13
CA VAL F 178 -5.50 -29.43 -59.58
C VAL F 178 -4.16 -29.72 -58.91
N LEU F 179 -4.09 -30.84 -58.19
CA LEU F 179 -2.86 -31.25 -57.52
C LEU F 179 -2.04 -32.19 -58.38
N HIS F 180 -0.75 -32.26 -58.08
CA HIS F 180 0.12 -33.17 -58.78
C HIS F 180 -0.17 -34.61 -58.34
N PRO F 181 -0.21 -35.56 -59.27
CA PRO F 181 -0.61 -36.93 -58.92
C PRO F 181 0.24 -37.58 -57.83
N ASN F 182 1.50 -37.16 -57.68
CA ASN F 182 2.40 -37.71 -56.67
C ASN F 182 2.66 -36.72 -55.55
N TYR F 183 1.60 -36.05 -55.09
CA TYR F 183 1.76 -34.94 -54.14
C TYR F 183 2.50 -35.37 -52.88
N SER F 184 2.44 -36.66 -52.54
CA SER F 184 3.13 -37.13 -51.33
C SER F 184 4.63 -36.89 -51.38
N GLN F 185 5.21 -36.72 -52.57
CA GLN F 185 6.65 -36.51 -52.70
C GLN F 185 7.02 -35.24 -53.45
N VAL F 186 6.06 -34.57 -54.08
CA VAL F 186 6.29 -33.27 -54.70
C VAL F 186 5.04 -32.41 -54.49
N ASP F 187 5.20 -31.29 -53.78
CA ASP F 187 4.09 -30.49 -53.31
C ASP F 187 3.59 -29.47 -54.32
N ILE F 188 3.85 -29.65 -55.63
CA ILE F 188 3.33 -28.70 -56.59
C ILE F 188 1.80 -28.77 -56.60
N GLY F 189 1.16 -27.61 -56.74
CA GLY F 189 -0.28 -27.53 -56.92
C GLY F 189 -0.67 -26.34 -57.76
N LEU F 190 -1.50 -26.54 -58.78
CA LEU F 190 -1.85 -25.48 -59.72
C LEU F 190 -3.29 -25.04 -59.53
N ILE F 191 -3.54 -23.74 -59.71
CA ILE F 191 -4.83 -23.12 -59.48
C ILE F 191 -5.19 -22.29 -60.70
N LYS F 192 -6.46 -22.38 -61.11
CA LYS F 192 -6.98 -21.72 -62.30
C LYS F 192 -7.90 -20.58 -61.88
N LEU F 193 -7.73 -19.44 -62.53
CA LEU F 193 -8.51 -18.25 -62.20
C LEU F 193 -9.86 -18.30 -62.90
N LYS F 194 -10.85 -17.64 -62.29
CA LYS F 194 -12.18 -17.60 -62.87
C LYS F 194 -12.17 -16.92 -64.24
N GLN F 195 -11.41 -15.83 -64.37
CA GLN F 195 -11.28 -15.11 -65.61
C GLN F 195 -9.83 -14.70 -65.79
N LYS F 196 -9.34 -14.79 -67.03
CA LYS F 196 -7.96 -14.42 -67.32
C LYS F 196 -7.71 -12.96 -66.94
N VAL F 197 -6.60 -12.73 -66.25
CA VAL F 197 -6.33 -11.40 -65.70
C VAL F 197 -5.81 -10.48 -66.79
N SER F 198 -6.08 -9.18 -66.62
CA SER F 198 -5.58 -8.16 -67.53
C SER F 198 -4.16 -7.82 -67.13
N VAL F 199 -3.18 -8.31 -67.90
CA VAL F 199 -1.79 -8.13 -67.54
C VAL F 199 -1.44 -6.65 -67.52
N ASN F 200 -0.89 -6.20 -66.39
CA ASN F 200 -0.51 -4.82 -66.21
C ASN F 200 0.68 -4.78 -65.26
N GLU F 201 1.12 -3.57 -64.89
CA GLU F 201 2.35 -3.44 -64.12
C GLU F 201 2.26 -4.14 -62.77
N ARG F 202 1.07 -4.21 -62.19
CA ARG F 202 0.88 -4.82 -60.88
C ARG F 202 0.43 -6.28 -60.95
N VAL F 203 0.18 -6.80 -62.16
CA VAL F 203 -0.24 -8.18 -62.34
C VAL F 203 0.43 -8.69 -63.61
N MET F 204 1.39 -9.59 -63.45
CA MET F 204 2.20 -10.05 -64.58
C MET F 204 2.93 -11.34 -64.20
N PRO F 205 2.89 -12.37 -65.05
CA PRO F 205 3.40 -13.67 -64.65
C PRO F 205 4.91 -13.74 -64.59
N ILE F 206 5.42 -14.92 -64.25
CA ILE F 206 6.85 -15.24 -64.33
C ILE F 206 6.95 -16.55 -65.11
N CYS F 207 7.65 -16.50 -66.24
CA CYS F 207 7.73 -17.64 -67.12
C CYS F 207 8.94 -18.53 -66.82
N LEU F 208 8.82 -19.79 -67.25
CA LEU F 208 9.54 -20.88 -66.62
C LEU F 208 10.89 -21.15 -67.28
N PRO F 209 11.80 -21.82 -66.57
CA PRO F 209 13.17 -22.00 -67.10
C PRO F 209 13.21 -22.93 -68.30
N SER F 210 13.94 -22.53 -69.32
CA SER F 210 14.36 -23.46 -70.37
C SER F 210 15.64 -24.21 -70.02
N LYS F 211 16.34 -23.80 -68.97
CA LYS F 211 17.58 -24.44 -68.52
C LYS F 211 17.69 -24.30 -67.01
N ASP F 212 18.27 -25.32 -66.37
CA ASP F 212 18.39 -25.32 -64.92
C ASP F 212 19.28 -24.17 -64.48
N TYR F 213 18.94 -23.57 -63.35
CA TYR F 213 19.73 -22.50 -62.75
C TYR F 213 20.17 -22.80 -61.32
N ALA F 214 19.83 -23.97 -60.78
CA ALA F 214 20.14 -24.32 -59.40
C ALA F 214 21.60 -24.74 -59.23
N GLU F 215 22.50 -23.83 -59.61
CA GLU F 215 23.93 -24.05 -59.48
C GLU F 215 24.41 -23.40 -58.20
N VAL F 216 25.18 -24.15 -57.41
CA VAL F 216 25.66 -23.66 -56.12
C VAL F 216 26.31 -22.29 -56.30
N GLY F 217 25.88 -21.33 -55.49
CA GLY F 217 26.40 -19.99 -55.53
C GLY F 217 25.52 -19.00 -56.28
N ARG F 218 24.60 -19.50 -57.10
CA ARG F 218 23.69 -18.61 -57.82
C ARG F 218 22.84 -17.83 -56.83
N VAL F 219 22.65 -16.55 -57.10
CA VAL F 219 21.91 -15.66 -56.23
C VAL F 219 20.53 -15.42 -56.82
N GLY F 220 19.49 -15.66 -56.03
CA GLY F 220 18.13 -15.49 -56.49
C GLY F 220 17.31 -14.70 -55.48
N TYR F 221 16.10 -14.37 -55.89
CA TYR F 221 15.21 -13.52 -55.11
C TYR F 221 13.98 -14.30 -54.68
N VAL F 222 13.56 -14.09 -53.43
CA VAL F 222 12.38 -14.75 -52.89
C VAL F 222 11.54 -13.68 -52.19
N SER F 223 10.27 -13.58 -52.57
CA SER F 223 9.38 -12.59 -52.00
C SER F 223 8.12 -13.28 -51.50
N GLY F 224 7.58 -12.79 -50.38
CA GLY F 224 6.45 -13.47 -49.78
C GLY F 224 5.75 -12.64 -48.74
N TRP F 225 4.53 -13.06 -48.42
CA TRP F 225 3.69 -12.45 -47.39
C TRP F 225 3.77 -13.19 -46.06
N GLY F 226 4.87 -13.88 -45.80
CA GLY F 226 4.95 -14.75 -44.65
C GLY F 226 5.19 -13.98 -43.36
N ARG F 227 5.31 -14.74 -42.28
CA ARG F 227 5.57 -14.17 -40.97
C ARG F 227 6.81 -13.29 -40.98
N ASN F 228 6.93 -12.45 -39.95
CA ASN F 228 8.08 -11.56 -39.78
C ASN F 228 8.73 -11.85 -38.42
N ALA F 229 9.69 -11.00 -38.04
CA ALA F 229 10.46 -11.23 -36.84
C ALA F 229 9.61 -11.30 -35.57
N ASN F 230 8.40 -10.74 -35.59
CA ASN F 230 7.47 -10.87 -34.48
C ASN F 230 6.34 -11.86 -34.74
N PHE F 231 6.49 -12.67 -35.80
CA PHE F 231 5.53 -13.71 -36.15
C PHE F 231 4.14 -13.16 -36.46
N LYS F 232 4.06 -11.91 -36.90
CA LYS F 232 2.84 -11.34 -37.46
C LYS F 232 2.97 -11.24 -38.98
N PHE F 233 1.91 -11.62 -39.68
CA PHE F 233 1.91 -11.54 -41.14
C PHE F 233 2.28 -10.14 -41.59
N THR F 234 3.20 -10.06 -42.54
CA THR F 234 3.70 -8.77 -43.00
C THR F 234 2.59 -7.96 -43.65
N ASP F 235 2.51 -6.67 -43.29
CA ASP F 235 1.52 -5.80 -43.91
C ASP F 235 1.92 -5.44 -45.34
N HIS F 236 3.22 -5.27 -45.58
CA HIS F 236 3.75 -4.90 -46.88
C HIS F 236 4.61 -6.04 -47.42
N LEU F 237 4.64 -6.16 -48.75
CA LEU F 237 5.35 -7.28 -49.37
C LEU F 237 6.84 -7.20 -49.07
N LYS F 238 7.41 -8.35 -48.70
CA LYS F 238 8.83 -8.45 -48.35
C LYS F 238 9.56 -9.29 -49.39
N TYR F 239 10.83 -8.93 -49.64
CA TYR F 239 11.68 -9.64 -50.58
C TYR F 239 13.10 -9.78 -50.02
N VAL F 240 13.70 -10.94 -50.26
CA VAL F 240 14.99 -11.32 -49.68
C VAL F 240 15.82 -11.93 -50.81
N MET F 241 17.14 -11.95 -50.60
CA MET F 241 18.09 -12.48 -51.57
C MET F 241 18.79 -13.69 -50.98
N LEU F 242 18.75 -14.82 -51.69
CA LEU F 242 19.29 -16.08 -51.18
C LEU F 242 20.23 -16.72 -52.19
N PRO F 243 21.36 -17.26 -51.72
CA PRO F 243 22.25 -18.03 -52.59
C PRO F 243 21.92 -19.52 -52.59
N VAL F 244 21.92 -20.11 -53.78
CA VAL F 244 21.68 -21.54 -53.90
C VAL F 244 22.73 -22.30 -53.09
N ALA F 245 22.32 -23.44 -52.52
CA ALA F 245 23.17 -24.20 -51.62
C ALA F 245 23.26 -25.65 -52.09
N ASP F 246 24.36 -26.30 -51.70
CA ASP F 246 24.63 -27.66 -52.15
C ASP F 246 23.54 -28.62 -51.66
N GLN F 247 23.21 -29.58 -52.52
CA GLN F 247 22.13 -30.52 -52.20
C GLN F 247 22.55 -31.51 -51.12
N ASP F 248 23.80 -31.99 -51.21
CA ASP F 248 24.28 -32.99 -50.26
C ASP F 248 24.27 -32.42 -48.84
N GLN F 249 24.70 -31.18 -48.68
CA GLN F 249 24.69 -30.55 -47.37
C GLN F 249 23.29 -30.43 -46.82
N CYS F 250 22.32 -30.10 -47.68
CA CYS F 250 20.93 -30.00 -47.24
C CYS F 250 20.41 -31.35 -46.77
N ILE F 251 20.69 -32.41 -47.54
CA ILE F 251 20.26 -33.74 -47.13
C ILE F 251 20.90 -34.12 -45.80
N ARG F 252 22.18 -33.80 -45.61
CA ARG F 252 22.81 -34.08 -44.33
C ARG F 252 22.16 -33.28 -43.20
N HIS F 253 21.77 -32.04 -43.49
CA HIS F 253 21.20 -31.16 -42.47
C HIS F 253 19.86 -31.69 -41.98
N TYR F 254 19.01 -32.13 -42.91
CA TYR F 254 17.65 -32.51 -42.52
C TYR F 254 17.46 -33.99 -42.28
N GLU F 255 18.31 -34.85 -42.85
CA GLU F 255 18.14 -36.30 -42.73
C GLU F 255 19.40 -37.04 -42.30
N GLY F 256 20.55 -36.37 -42.21
CA GLY F 256 21.76 -36.98 -41.69
C GLY F 256 22.68 -37.64 -42.70
N SER F 257 22.17 -38.62 -43.44
CA SER F 257 22.97 -39.38 -44.38
C SER F 257 22.28 -39.44 -45.73
N THR F 258 23.08 -39.59 -46.79
CA THR F 258 22.51 -39.60 -48.13
C THR F 258 21.90 -40.94 -48.48
N VAL F 259 22.51 -42.03 -48.02
CA VAL F 259 21.99 -43.37 -48.37
C VAL F 259 20.67 -43.60 -47.63
N PRO F 260 19.61 -44.02 -48.33
CA PRO F 260 18.30 -44.12 -47.68
C PRO F 260 18.27 -45.02 -46.45
N GLU F 261 18.99 -46.13 -46.47
CA GLU F 261 18.95 -47.06 -45.33
C GLU F 261 19.42 -46.44 -44.03
N LYS F 262 20.20 -45.38 -44.09
CA LYS F 262 20.84 -44.81 -42.91
C LYS F 262 20.24 -43.48 -42.50
N LYS F 263 19.10 -43.09 -43.09
CA LYS F 263 18.50 -41.81 -42.77
C LYS F 263 17.77 -41.87 -41.43
N THR F 264 17.79 -40.74 -40.72
CA THR F 264 17.13 -40.58 -39.44
C THR F 264 16.81 -39.11 -39.27
N PRO F 265 15.67 -38.76 -38.67
CA PRO F 265 15.23 -37.37 -38.68
C PRO F 265 16.07 -36.47 -37.77
N LYS F 266 16.55 -35.35 -38.32
CA LYS F 266 17.33 -34.39 -37.56
C LYS F 266 17.00 -32.96 -37.93
N SER F 267 15.76 -32.68 -38.32
CA SER F 267 15.36 -31.32 -38.65
C SER F 267 15.36 -30.45 -37.40
N PRO F 268 16.09 -29.35 -37.37
CA PRO F 268 16.13 -28.52 -36.15
C PRO F 268 14.80 -27.89 -35.77
N VAL F 269 13.82 -27.86 -36.67
CA VAL F 269 12.53 -27.24 -36.36
C VAL F 269 11.43 -28.27 -36.19
N GLY F 270 11.78 -29.54 -35.96
CA GLY F 270 10.81 -30.57 -35.74
C GLY F 270 10.25 -31.19 -37.01
N VAL F 271 9.63 -30.36 -37.85
CA VAL F 271 9.03 -30.86 -39.08
C VAL F 271 10.11 -31.19 -40.09
N GLN F 272 9.88 -32.25 -40.86
CA GLN F 272 10.85 -32.68 -41.86
C GLN F 272 10.37 -32.38 -43.27
N PRO F 273 11.21 -31.82 -44.13
CA PRO F 273 10.80 -31.51 -45.48
C PRO F 273 10.86 -32.73 -46.39
N ILE F 274 10.28 -32.57 -47.58
CA ILE F 274 10.28 -33.59 -48.61
C ILE F 274 11.50 -33.36 -49.48
N LEU F 275 12.46 -34.28 -49.43
CA LEU F 275 13.70 -34.14 -50.18
C LEU F 275 13.91 -35.36 -51.05
N ASN F 276 14.22 -35.10 -52.32
CA ASN F 276 14.44 -36.13 -53.33
C ASN F 276 15.08 -35.45 -54.53
N GLU F 277 15.11 -36.15 -55.67
CA GLU F 277 15.67 -35.59 -56.90
C GLU F 277 14.88 -34.39 -57.43
N HIS F 278 13.68 -34.14 -56.93
CA HIS F 278 12.85 -33.04 -57.41
C HIS F 278 12.96 -31.79 -56.55
N THR F 279 14.10 -31.59 -55.88
CA THR F 279 14.23 -30.49 -54.93
C THR F 279 15.65 -29.93 -54.96
N PHE F 280 15.76 -28.71 -54.44
CA PHE F 280 17.05 -28.07 -54.18
C PHE F 280 16.90 -27.13 -53.00
N CYS F 281 18.03 -26.79 -52.38
CA CYS F 281 18.00 -26.02 -51.15
C CYS F 281 18.79 -24.73 -51.29
N ALA F 282 18.48 -23.78 -50.41
CA ALA F 282 19.13 -22.48 -50.40
C ALA F 282 19.41 -22.03 -48.98
N GLY F 283 20.59 -21.44 -48.77
CA GLY F 283 21.01 -20.98 -47.47
C GLY F 283 20.54 -19.58 -47.16
N MET F 284 20.96 -19.08 -46.00
CA MET F 284 20.56 -17.76 -45.55
C MET F 284 21.24 -16.67 -46.39
N SER F 285 20.76 -15.44 -46.20
CA SER F 285 21.31 -14.28 -46.89
C SER F 285 22.60 -13.84 -46.20
N LYS F 286 23.11 -12.67 -46.59
CA LYS F 286 24.32 -12.16 -45.96
C LYS F 286 24.05 -11.67 -44.54
N TYR F 287 22.86 -11.11 -44.31
CA TYR F 287 22.50 -10.53 -43.02
C TYR F 287 21.68 -11.49 -42.16
N GLN F 288 21.72 -12.79 -42.47
CA GLN F 288 21.02 -13.82 -41.71
C GLN F 288 19.50 -13.67 -41.84
N GLU F 289 19.03 -13.48 -43.06
CA GLU F 289 17.60 -13.39 -43.36
C GLU F 289 17.16 -14.70 -43.97
N ASP F 290 16.01 -15.19 -43.52
CA ASP F 290 15.51 -16.48 -43.97
C ASP F 290 13.99 -16.47 -43.94
N THR F 291 13.41 -17.36 -44.74
CA THR F 291 11.96 -17.46 -44.83
C THR F 291 11.38 -18.11 -43.59
N CYS F 292 10.12 -17.78 -43.31
CA CYS F 292 9.40 -18.30 -42.15
C CYS F 292 7.99 -18.66 -42.61
N TYR F 293 7.11 -18.93 -41.65
CA TYR F 293 5.77 -19.41 -41.96
C TYR F 293 5.04 -18.50 -42.94
N GLY F 294 4.44 -19.11 -43.95
CA GLY F 294 3.56 -18.43 -44.87
C GLY F 294 4.16 -18.04 -46.21
N ASP F 295 5.47 -18.15 -46.39
CA ASP F 295 6.06 -17.81 -47.68
C ASP F 295 6.09 -18.99 -48.64
N ALA F 296 5.58 -20.16 -48.23
CA ALA F 296 5.52 -21.30 -49.13
C ALA F 296 4.87 -20.90 -50.44
N GLY F 297 5.27 -21.57 -51.51
CA GLY F 297 4.66 -21.30 -52.79
C GLY F 297 5.31 -20.18 -53.57
N SER F 298 6.15 -19.37 -52.92
CA SER F 298 6.80 -18.24 -53.57
C SER F 298 7.93 -18.70 -54.48
N ALA F 299 8.07 -18.02 -55.61
CA ALA F 299 9.03 -18.44 -56.63
C ALA F 299 10.45 -18.04 -56.25
N PHE F 300 11.40 -18.91 -56.59
CA PHE F 300 12.82 -18.62 -56.46
C PHE F 300 13.31 -18.04 -57.78
N ALA F 301 13.34 -16.71 -57.88
CA ALA F 301 13.55 -16.04 -59.14
C ALA F 301 15.04 -15.82 -59.38
N VAL F 302 15.48 -16.10 -60.60
CA VAL F 302 16.85 -15.89 -61.03
C VAL F 302 16.85 -14.89 -62.18
N HIS F 303 17.72 -13.88 -62.09
CA HIS F 303 17.80 -12.82 -63.10
C HIS F 303 18.93 -13.15 -64.07
N ASP F 304 18.56 -13.54 -65.28
CA ASP F 304 19.52 -13.88 -66.33
C ASP F 304 19.86 -12.59 -67.06
N LEU F 305 21.12 -12.17 -66.96
CA LEU F 305 21.54 -10.92 -67.58
C LEU F 305 21.67 -11.04 -69.09
N GLU F 306 22.08 -12.21 -69.58
CA GLU F 306 22.26 -12.39 -71.02
C GLU F 306 20.98 -12.07 -71.78
N GLU F 307 19.86 -12.61 -71.30
CA GLU F 307 18.56 -12.33 -71.89
C GLU F 307 17.78 -11.26 -71.13
N ASP F 308 18.34 -10.74 -70.04
CA ASP F 308 17.70 -9.71 -69.21
C ASP F 308 16.29 -10.14 -68.81
N THR F 309 16.17 -11.38 -68.34
CA THR F 309 14.87 -11.97 -68.04
C THR F 309 14.89 -12.65 -66.68
N TRP F 310 13.74 -12.61 -66.00
CA TRP F 310 13.57 -13.26 -64.72
C TRP F 310 12.93 -14.62 -64.94
N TYR F 311 13.50 -15.66 -64.35
CA TYR F 311 13.00 -17.02 -64.49
C TYR F 311 12.67 -17.57 -63.11
N ALA F 312 11.50 -18.20 -62.97
CA ALA F 312 11.14 -18.85 -61.73
C ALA F 312 11.85 -20.20 -61.67
N THR F 313 12.83 -20.32 -60.78
CA THR F 313 13.64 -21.53 -60.71
C THR F 313 13.07 -22.57 -59.76
N GLY F 314 12.32 -22.15 -58.75
CA GLY F 314 11.71 -23.11 -57.84
C GLY F 314 10.59 -22.53 -57.04
N ILE F 315 9.75 -23.42 -56.52
CA ILE F 315 8.65 -23.06 -55.62
C ILE F 315 9.02 -23.54 -54.23
N LEU F 316 9.08 -22.60 -53.29
CA LEU F 316 9.43 -22.93 -51.92
C LEU F 316 8.46 -23.95 -51.36
N SER F 317 9.01 -25.05 -50.84
CA SER F 317 8.19 -26.10 -50.26
C SER F 317 8.44 -26.31 -48.78
N PHE F 318 9.44 -25.64 -48.20
CA PHE F 318 9.64 -25.72 -46.76
C PHE F 318 9.95 -24.32 -46.24
N ASP F 319 8.97 -23.71 -45.58
CA ASP F 319 9.12 -22.37 -45.01
C ASP F 319 9.20 -22.39 -43.50
N LYS F 320 9.30 -23.55 -42.88
CA LYS F 320 9.36 -23.59 -41.43
C LYS F 320 10.76 -23.37 -40.88
N SER F 321 11.73 -23.03 -41.75
CA SER F 321 13.09 -22.83 -41.29
C SER F 321 13.17 -21.67 -40.31
N CYS F 322 12.56 -20.54 -40.65
CA CYS F 322 12.50 -19.36 -39.78
C CYS F 322 13.85 -19.03 -39.16
N ALA F 323 14.92 -19.26 -39.93
CA ALA F 323 16.30 -18.98 -39.56
C ALA F 323 16.80 -19.93 -38.48
N VAL F 324 15.94 -20.79 -37.94
CA VAL F 324 16.39 -21.79 -37.00
C VAL F 324 17.10 -22.94 -37.71
N ALA F 325 16.46 -23.49 -38.73
CA ALA F 325 17.16 -24.37 -39.66
C ALA F 325 17.95 -23.53 -40.65
N GLU F 326 18.99 -24.14 -41.22
CA GLU F 326 19.95 -23.37 -41.99
C GLU F 326 19.63 -23.35 -43.48
N TYR F 327 18.73 -24.21 -43.94
CA TYR F 327 18.42 -24.35 -45.37
C TYR F 327 16.92 -24.29 -45.57
N GLY F 328 16.49 -23.61 -46.65
CA GLY F 328 15.13 -23.73 -47.14
C GLY F 328 15.04 -24.58 -48.39
N VAL F 329 13.90 -25.28 -48.53
CA VAL F 329 13.73 -26.36 -49.49
C VAL F 329 12.73 -25.93 -50.56
N TYR F 330 13.10 -26.14 -51.83
CA TYR F 330 12.34 -25.71 -53.00
C TYR F 330 12.21 -26.90 -53.94
N VAL F 331 11.14 -26.88 -54.75
CA VAL F 331 10.91 -27.87 -55.78
C VAL F 331 11.37 -27.32 -57.13
N LYS F 332 12.14 -28.10 -57.87
CA LYS F 332 12.73 -27.63 -59.12
C LYS F 332 11.67 -27.55 -60.21
N VAL F 333 11.55 -26.38 -60.83
CA VAL F 333 10.55 -26.18 -61.88
C VAL F 333 10.88 -27.01 -63.11
N THR F 334 12.16 -27.15 -63.44
CA THR F 334 12.55 -27.91 -64.62
C THR F 334 12.06 -29.34 -64.53
N SER F 335 12.11 -29.92 -63.32
CA SER F 335 11.61 -31.28 -63.13
C SER F 335 10.09 -31.36 -63.18
N ILE F 336 9.40 -30.22 -63.23
CA ILE F 336 7.95 -30.15 -63.22
C ILE F 336 7.40 -29.52 -64.50
N GLN F 337 8.29 -29.06 -65.39
CA GLN F 337 7.88 -28.32 -66.58
C GLN F 337 6.86 -29.10 -67.41
N ASP F 338 7.12 -30.37 -67.65
CA ASP F 338 6.30 -31.16 -68.58
C ASP F 338 4.85 -31.28 -68.10
N TRP F 339 4.65 -31.58 -66.81
CA TRP F 339 3.28 -31.73 -66.31
C TRP F 339 2.58 -30.38 -66.35
N VAL F 340 3.32 -29.30 -66.07
CA VAL F 340 2.75 -27.96 -66.19
C VAL F 340 2.25 -27.71 -67.61
N GLN F 341 3.07 -28.02 -68.60
CA GLN F 341 2.67 -27.78 -69.98
C GLN F 341 1.44 -28.63 -70.32
N LYS F 342 1.44 -29.90 -69.91
CA LYS F 342 0.33 -30.79 -70.21
C LYS F 342 -0.95 -30.31 -69.55
N THR F 343 -0.88 -29.90 -68.29
CA THR F 343 -2.07 -29.43 -67.58
C THR F 343 -2.61 -28.15 -68.21
N ILE F 344 -1.73 -27.23 -68.59
CA ILE F 344 -2.20 -25.99 -69.21
C ILE F 344 -2.86 -26.30 -70.54
N ALA F 345 -2.24 -27.16 -71.35
CA ALA F 345 -2.81 -27.49 -72.65
C ALA F 345 -4.15 -28.19 -72.50
N GLU F 346 -4.26 -29.12 -71.55
CA GLU F 346 -5.50 -29.85 -71.32
C GLU F 346 -6.62 -28.96 -70.80
N ASN F 347 -6.32 -27.75 -70.35
CA ASN F 347 -7.34 -26.85 -69.83
C ASN F 347 -7.18 -25.45 -70.41
C1 NAG G . -29.35 -17.87 42.10
C2 NAG G . -29.07 -16.37 42.20
C3 NAG G . -29.07 -15.97 43.68
C4 NAG G . -30.36 -16.41 44.37
C5 NAG G . -30.67 -17.88 44.04
C6 NAG G . -32.02 -18.33 44.54
C7 NAG G . -27.70 -15.48 40.37
C8 NAG G . -26.29 -15.22 39.92
N2 NAG G . -27.81 -16.03 41.59
O3 NAG G . -28.89 -14.58 43.74
O4 NAG G . -30.16 -16.22 45.74
O5 NAG G . -30.61 -18.12 42.65
O6 NAG G . -32.09 -19.74 44.51
O7 NAG G . -28.66 -15.20 39.67
C1 NAG G . -31.06 -15.20 46.24
C2 NAG G . -30.96 -15.17 47.77
C3 NAG G . -31.87 -14.09 48.33
C4 NAG G . -31.57 -12.76 47.67
C5 NAG G . -31.63 -12.91 46.16
C6 NAG G . -31.31 -11.64 45.39
C7 NAG G . -32.38 -17.17 48.27
C8 NAG G . -32.36 -18.50 48.98
N2 NAG G . -31.24 -16.47 48.35
O3 NAG G . -31.68 -14.04 49.73
O4 NAG G . -32.53 -11.83 48.14
O5 NAG G . -30.73 -13.93 45.75
O6 NAG G . -30.04 -11.18 45.77
O7 NAG G . -33.39 -16.80 47.68
C1 NAG H . 44.95 -20.59 -1.97
C2 NAG H . 45.24 -20.33 -0.47
C3 NAG H . 46.71 -20.34 -0.05
C4 NAG H . 47.60 -21.19 -0.95
C5 NAG H . 47.32 -20.72 -2.38
C6 NAG H . 48.22 -21.25 -3.46
C7 NAG H . 43.39 -18.86 0.32
C8 NAG H . 43.06 -17.43 0.67
N2 NAG H . 44.66 -19.07 -0.08
O3 NAG H . 46.78 -20.76 1.29
O4 NAG H . 48.92 -20.97 -0.51
O5 NAG H . 46.02 -21.16 -2.69
O6 NAG H . 49.47 -20.61 -3.40
O7 NAG H . 42.55 -19.75 0.38
C1 NAG H . 49.68 -22.20 -0.51
C2 NAG H . 51.15 -21.83 -0.70
C3 NAG H . 51.90 -23.13 -0.96
C4 NAG H . 51.72 -24.06 0.22
C5 NAG H . 50.25 -24.19 0.63
C6 NAG H . 50.05 -24.89 1.96
C7 NAG H . 51.65 -19.57 -1.57
C8 NAG H . 51.86 -19.15 -0.14
N2 NAG H . 51.32 -20.87 -1.76
O3 NAG H . 53.25 -22.80 -1.19
O4 NAG H . 52.26 -25.31 -0.17
O5 NAG H . 49.60 -22.92 0.70
O6 NAG H . 50.74 -24.19 2.97
O7 NAG H . 51.78 -18.78 -2.49
C1 NAG I . -33.11 41.68 13.08
C2 NAG I . -32.40 41.29 14.38
C3 NAG I . -33.27 41.70 15.58
C4 NAG I . -33.67 43.15 15.50
C5 NAG I . -34.26 43.45 14.11
C6 NAG I . -34.64 44.90 13.90
C7 NAG I . -30.93 39.34 14.13
C8 NAG I . -30.87 37.83 14.22
N2 NAG I . -32.13 39.88 14.41
O3 NAG I . -32.53 41.40 16.74
O4 NAG I . -34.61 43.38 16.53
O5 NAG I . -33.35 43.06 13.10
O6 NAG I . -35.08 45.07 12.58
O7 NAG I . -29.95 40.01 13.82
C1 NAG I . -34.03 44.16 17.60
C2 NAG I . -35.18 44.69 18.47
C3 NAG I . -34.63 45.45 19.68
C4 NAG I . -33.62 44.60 20.43
C5 NAG I . -32.55 44.10 19.45
C6 NAG I . -31.51 43.22 20.09
C7 NAG I . -35.80 46.67 17.08
C8 NAG I . -36.98 47.29 16.35
N2 NAG I . -36.09 45.50 17.69
O3 NAG I . -35.71 45.83 20.48
O4 NAG I . -33.07 45.39 21.45
O5 NAG I . -33.17 43.37 18.41
O6 NAG I . -30.38 43.11 19.26
O7 NAG I . -34.71 47.21 17.07
C1 NAG J . -26.20 -42.02 -15.42
C2 NAG J . -25.88 -43.50 -15.14
C3 NAG J . -26.78 -44.51 -15.87
C4 NAG J . -28.24 -44.16 -15.67
C5 NAG J . -28.41 -42.76 -16.26
C6 NAG J . -29.83 -42.28 -16.18
C7 NAG J . -23.90 -43.73 -16.62
C8 NAG J . -22.45 -44.13 -16.62
N2 NAG J . -24.50 -43.81 -15.42
O3 NAG J . -26.48 -45.79 -15.38
O4 NAG J . -29.01 -45.13 -16.38
O5 NAG J . -27.59 -41.81 -15.61
O6 NAG J . -30.43 -42.75 -14.99
O7 NAG J . -24.45 -43.37 -17.63
C1 NAG J . -29.81 -45.95 -15.49
C2 NAG J . -30.72 -46.86 -16.32
C3 NAG J . -31.55 -47.78 -15.43
C4 NAG J . -30.71 -48.52 -14.40
C5 NAG J . -29.78 -47.51 -13.71
C6 NAG J . -28.81 -48.17 -12.75
C7 NAG J . -32.62 -45.34 -16.84
C8 NAG J . -33.40 -44.76 -18.00
N2 NAG J . -31.61 -46.15 -17.20
O3 NAG J . -32.26 -48.64 -16.29
O4 NAG J . -31.60 -49.09 -13.46
O5 NAG J . -29.03 -46.79 -14.67
O6 NAG J . -28.59 -47.33 -11.64
O7 NAG J . -32.91 -45.04 -15.69
C1 BMA J . -31.91 -50.47 -13.80
C2 BMA J . -32.26 -51.20 -12.51
C3 BMA J . -32.66 -52.66 -12.84
C4 BMA J . -33.75 -52.75 -13.94
C5 BMA J . -33.52 -51.78 -15.09
C6 BMA J . -34.77 -51.57 -15.94
O2 BMA J . -33.28 -50.49 -11.87
O3 BMA J . -33.04 -53.25 -11.63
O4 BMA J . -33.72 -54.09 -14.38
O5 BMA J . -33.01 -50.52 -14.69
O6 BMA J . -35.16 -52.83 -16.45
C1 NAG K . 21.75 25.77 44.23
C2 NAG K . 20.67 24.90 44.87
C3 NAG K . 19.96 25.68 45.96
C4 NAG K . 20.95 26.16 47.01
C5 NAG K . 22.20 26.79 46.35
C6 NAG K . 23.38 26.95 47.26
C7 NAG K . 18.98 25.10 43.05
C8 NAG K . 18.16 24.24 42.11
N2 NAG K . 19.78 24.40 43.86
O3 NAG K . 18.98 24.79 46.45
O4 NAG K . 20.27 27.09 47.83
O5 NAG K . 22.69 26.03 45.24
O6 NAG K . 23.89 25.68 47.61
O7 NAG K . 18.91 26.32 43.02
C1 NAG K . 20.27 26.76 49.24
C2 NAG K . 19.29 25.60 49.51
C3 NAG K . 19.25 25.28 51.01
C4 NAG K . 20.66 25.06 51.56
C5 NAG K . 21.57 26.21 51.12
C6 NAG K . 23.01 26.07 51.55
C7 NAG K . 17.15 26.89 49.38
C8 NAG K . 15.83 26.91 48.64
N2 NAG K . 17.97 25.88 48.99
O3 NAG K . 18.43 24.16 51.19
O4 NAG K . 20.55 24.98 52.96
O5 NAG K . 21.53 26.34 49.71
O6 NAG K . 23.58 27.35 51.67
O7 NAG K . 17.40 27.72 50.23
C1 NAG L . 18.99 3.40 59.42
C2 NAG L . 18.94 3.13 60.94
C3 NAG L . 20.30 2.64 61.45
C4 NAG L . 20.90 1.57 60.56
C5 NAG L . 20.89 2.04 59.12
C6 NAG L . 21.49 1.06 58.13
C7 NAG L . 18.17 4.41 62.93
C8 NAG L . 17.86 5.80 63.41
N2 NAG L . 18.58 4.34 61.63
O3 NAG L . 20.13 2.19 62.77
O4 NAG L . 22.21 1.33 61.03
O5 NAG L . 19.55 2.29 58.75
O6 NAG L . 22.84 0.84 58.45
O7 NAG L . 18.08 3.43 63.65
C1 NAG M . 19.69 -44.50 4.47
C2 NAG M . 20.11 -45.98 4.49
C3 NAG M . 20.00 -46.58 3.10
C4 NAG M . 18.60 -46.36 2.53
C5 NAG M . 18.28 -44.86 2.58
C6 NAG M . 16.89 -44.52 2.09
C7 NAG M . 21.75 -46.79 6.13
C8 NAG M . 23.22 -46.82 6.49
N2 NAG M . 21.44 -46.12 5.01
O3 NAG M . 20.30 -47.95 3.19
O4 NAG M . 18.59 -46.85 1.22
O5 NAG M . 18.39 -44.43 3.91
O6 NAG M . 15.95 -45.43 2.62
O7 NAG M . 20.92 -47.36 6.83
CA CA N . 14.94 7.63 40.77
CA CA O . -37.72 -23.34 28.32
CA CA P . 5.09 9.38 47.66
CA CA Q . -37.17 -14.80 20.30
CA CA R . -34.75 -11.90 26.47
CA CA S . 27.51 -45.62 -39.03
CA CA T . 28.14 -50.40 -43.63
CA CA U . 28.05 -27.04 -14.88
CA CA V . 30.84 -38.95 -14.16
C1 NAG W . -51.03 -2.96 39.78
C2 NAG W . -51.64 -4.32 39.42
C3 NAG W . -52.88 -4.56 40.26
C4 NAG W . -52.54 -4.46 41.74
C5 NAG W . -51.88 -3.11 42.01
C6 NAG W . -51.42 -2.93 43.44
C7 NAG W . -51.38 -5.23 37.15
C8 NAG W . -51.85 -5.11 35.72
N2 NAG W . -51.94 -4.38 38.01
O3 NAG W . -53.40 -5.82 39.93
O4 NAG W . -53.74 -4.61 42.46
O5 NAG W . -50.75 -2.97 41.16
O6 NAG W . -50.45 -3.90 43.75
O7 NAG W . -50.52 -6.04 37.48
CA CA X . -33.52 -6.54 27.71
CA CA Y . -23.15 46.90 0.45
CA CA Z . -33.39 3.46 34.89
CA CA AA . -12.45 42.94 2.30
CA CA BA . -15.71 41.88 8.77
C1 NAG CA . 10.90 39.35 -43.03
C2 NAG CA . 11.47 40.74 -43.36
C3 NAG CA . 10.57 41.48 -44.35
C4 NAG CA . 10.26 40.60 -45.55
C5 NAG CA . 9.72 39.24 -45.07
C6 NAG CA . 9.39 38.28 -46.19
C7 NAG CA . 10.75 41.96 -41.29
C8 NAG CA . 11.31 42.78 -40.14
N2 NAG CA . 11.69 41.53 -42.16
O3 NAG CA . 11.23 42.66 -44.73
O4 NAG CA . 9.30 41.29 -46.33
O5 NAG CA . 10.68 38.65 -44.22
O6 NAG CA . 10.54 38.04 -46.95
O7 NAG CA . 9.55 41.73 -41.38
C1 NAG DA . -16.05 60.04 23.33
C2 NAG DA . -16.79 60.60 22.10
C3 NAG DA . -16.97 62.10 22.25
C4 NAG DA . -17.63 62.43 23.59
C5 NAG DA . -16.82 61.78 24.72
C6 NAG DA . -17.38 62.04 26.10
C7 NAG DA . -16.60 59.58 19.87
C8 NAG DA . -15.68 59.38 18.70
N2 NAG DA . -16.09 60.28 20.90
O3 NAG DA . -17.73 62.57 21.17
O4 NAG DA . -17.65 63.83 23.72
O5 NAG DA . -16.76 60.38 24.50
O6 NAG DA . -17.20 63.41 26.42
O7 NAG DA . -17.74 59.14 19.87
CA CA EA . 31.59 11.95 39.60
CA CA FA . -14.48 40.88 26.10
CA CA GA . 24.45 3.57 35.49
CA CA HA . 20.41 8.28 39.86
CA CA IA . -14.56 40.83 13.68
CHA HEM JA . 0.87 -25.08 -20.98
CHB HEM JA . 5.56 -24.21 -21.90
CHC HEM JA . 4.31 -20.41 -24.64
CHD HEM JA . -0.29 -20.93 -23.20
C1A HEM JA . 2.25 -25.14 -20.94
C2A HEM JA . 3.04 -26.04 -20.13
C3A HEM JA . 4.32 -25.79 -20.37
C4A HEM JA . 4.40 -24.74 -21.36
CMA HEM JA . 5.53 -26.50 -19.72
CAA HEM JA . 2.49 -27.07 -19.13
CBA HEM JA . 2.06 -28.34 -19.88
CGA HEM JA . 1.57 -29.35 -18.88
O1A HEM JA . 1.21 -30.48 -19.31
O2A HEM JA . 1.54 -29.04 -17.66
C1B HEM JA . 5.63 -23.10 -22.71
C2B HEM JA . 6.86 -22.47 -23.19
C3B HEM JA . 6.52 -21.43 -23.95
C4B HEM JA . 5.07 -21.34 -23.97
CMB HEM JA . 8.26 -23.01 -22.85
CAB HEM JA . 7.42 -20.42 -24.71
CBB HEM JA . 8.71 -20.20 -24.43
C1C HEM JA . 2.97 -20.18 -24.44
C2C HEM JA . 2.22 -19.03 -24.94
C3C HEM JA . 0.94 -19.19 -24.54
C4C HEM JA . 0.85 -20.42 -23.78
CMC HEM JA . 2.83 -17.89 -25.77
CAC HEM JA . -0.30 -18.27 -24.77
CBC HEM JA . -0.24 -17.00 -25.15
C1D HEM JA . -0.39 -22.11 -22.50
C2D HEM JA . -1.61 -22.69 -21.97
C3D HEM JA . -1.29 -23.82 -21.35
C4D HEM JA . 0.14 -24.02 -21.48
CMD HEM JA . -3.02 -22.08 -22.08
CAD HEM JA . -2.28 -24.77 -20.64
CBD HEM JA . -2.27 -24.54 -19.14
CGD HEM JA . -3.30 -25.43 -18.49
O1D HEM JA . -4.06 -26.09 -19.24
O2D HEM JA . -3.37 -25.46 -17.24
NA HEM JA . 3.11 -24.37 -21.70
NB HEM JA . 4.57 -22.38 -23.20
NC HEM JA . 2.10 -20.99 -23.75
ND HEM JA . 0.66 -22.95 -22.18
FE HEM JA . 2.60 -22.72 -22.76
O1 OXY KA . 2.20 -18.65 -21.66
O2 OXY KA . 3.02 -19.46 -21.29
CHA HEM LA . 16.90 9.29 -39.28
CHB HEM LA . 13.80 9.15 -35.55
CHC HEM LA . 13.01 4.45 -36.45
CHD HEM LA . 16.66 4.45 -39.64
C1A HEM LA . 16.11 9.69 -38.22
C2A HEM LA . 15.97 11.03 -37.69
C3A HEM LA . 15.12 10.98 -36.66
C4A HEM LA . 14.68 9.61 -36.50
CMA HEM LA . 14.68 12.18 -35.80
CAA HEM LA . 16.69 12.31 -38.21
CBA HEM LA . 18.20 12.18 -38.12
CGA HEM LA . 18.84 13.31 -38.88
O1A HEM LA . 20.09 13.39 -38.91
O2A HEM LA . 18.08 14.14 -39.45
C1B HEM LA . 13.32 7.86 -35.44
C2B HEM LA . 12.46 7.36 -34.41
C3B HEM LA . 12.22 6.06 -34.64
C4B HEM LA . 12.95 5.69 -35.84
CMB HEM LA . 11.88 8.17 -33.23
CAB HEM LA . 11.34 5.17 -33.74
CBB HEM LA . 10.97 3.93 -34.08
C1C HEM LA . 14.00 4.02 -37.31
C2C HEM LA . 14.35 2.64 -37.57
C3C HEM LA . 15.36 2.64 -38.46
C4C HEM LA . 15.68 4.02 -38.77
CMC HEM LA . 13.63 1.45 -36.92
CAC HEM LA . 16.12 1.44 -39.09
CBC HEM LA . 16.05 0.17 -38.66
C1D HEM LA . 17.05 5.76 -39.83
C2D HEM LA . 18.11 6.24 -40.71
C3D HEM LA . 18.18 7.56 -40.61
C4D HEM LA . 17.16 7.99 -39.66
CMD HEM LA . 19.01 5.36 -41.62
CAD HEM LA . 19.16 8.47 -41.36
CBD HEM LA . 20.53 8.45 -40.70
CGD HEM LA . 21.54 9.08 -41.63
O1D HEM LA . 22.30 9.97 -41.17
O2D HEM LA . 21.59 8.67 -42.82
NA HEM LA . 15.31 8.85 -37.47
NB HEM LA . 13.62 6.81 -36.30
NC HEM LA . 14.83 4.83 -38.05
ND HEM LA . 16.50 6.87 -39.21
FE HEM LA . 14.96 6.86 -37.85
O1 OXY MA . 17.29 5.39 -35.87
O2 OXY MA . 17.25 4.50 -35.04
C1 NAG NA . 4.38 -40.63 -60.02
C2 NAG NA . 4.70 -40.28 -61.48
C3 NAG NA . 4.62 -41.55 -62.33
C4 NAG NA . 5.50 -42.65 -61.73
C5 NAG NA . 5.13 -42.85 -60.25
C6 NAG NA . 5.98 -43.88 -59.55
C7 NAG NA . 4.18 -38.03 -62.31
C8 NAG NA . 3.06 -37.14 -62.81
N2 NAG NA . 3.81 -39.27 -61.97
O3 NAG NA . 5.03 -41.22 -63.63
O4 NAG NA . 5.26 -43.82 -62.48
O5 NAG NA . 5.28 -41.62 -59.58
O6 NAG NA . 5.94 -45.10 -60.26
O7 NAG NA . 5.32 -37.62 -62.23
#